data_3TCG
#
_entry.id   3TCG
#
_cell.length_a   62.487
_cell.length_b   201.308
_cell.length_c   206.947
_cell.angle_alpha   90.000
_cell.angle_beta   95.570
_cell.angle_gamma   90.000
#
_symmetry.space_group_name_H-M   'P 1 21 1'
#
loop_
_entity.id
_entity.type
_entity.pdbx_description
1 polymer 'Periplasmic oligopeptide-binding protein'
2 polymer 'KGE Peptide'
3 water water
#
loop_
_entity_poly.entity_id
_entity_poly.type
_entity_poly.pdbx_seq_one_letter_code
_entity_poly.pdbx_strand_id
1 'polypeptide(L)'
;MADVPAGVTLAEKQTLVRNNGSEVQSLDPHKIEGVPESNISRDLFEGLLVSDLDGHPAPGVAESWDNKDAKVWTFHLRKD
AKWSDGTPVTAQDFVYSWQRSVDPNTASPYASYLQYGHIAGIDEILEGKKPITDLGVKAIDDHTLEVTLSEPVPYFYKLL
VHPSTSPVPKAAIEKFGEKWTQPGNIVTNGAYTLKDWVVNERIVLERSPTYWNNAKTVINQVTYLPIASEVTDVNRYRSG
EIDMTNNSMPIELFQKLKKEIPDEVHVDPYLCTYYYEINNQKPPFNDVRVRTALKLGMDRDIIVNKVKAQGNMPAYGYTP
PYTDGAKLTQPEWFGWSQEKRNEEAKKLLAEAGYTADKPLTINLLYNTSDLHKKLAIAASSLWKKNIGVNVKLVNQEWKT
FLDTRHQGTFDVARAGWCADYNEPTSFLNTMLSNSSMNTAHYKSPAFDSIMAETLKVTDEAQRTALYTKAEQQLDKDSAI
VPVYYYVNARLVKPWVGGYTGKDPLDNTYTRNMYIVKHHHHHHH
;
A,B,C,D,E,F,G,H
2 'polypeptide(L)' KGE I,J,K,L,M,N,O,P
#
# COMPACT_ATOMS: atom_id res chain seq x y z
N ALA A 2 30.54 29.09 64.77
CA ALA A 2 29.75 30.15 64.12
C ALA A 2 29.70 29.89 62.61
N ASP A 3 28.59 30.29 62.01
CA ASP A 3 28.40 30.15 60.58
C ASP A 3 28.25 31.54 60.04
N VAL A 4 29.35 32.09 59.53
CA VAL A 4 29.38 33.47 59.06
C VAL A 4 28.88 33.49 57.62
N PRO A 5 27.84 34.30 57.33
CA PRO A 5 27.30 34.29 55.97
C PRO A 5 28.27 34.83 54.91
N ALA A 6 28.05 34.41 53.67
CA ALA A 6 28.73 34.98 52.51
C ALA A 6 28.46 36.48 52.44
N GLY A 7 29.48 37.27 52.11
CA GLY A 7 29.33 38.72 51.94
C GLY A 7 29.78 39.49 53.17
N VAL A 8 29.53 38.93 54.35
CA VAL A 8 29.96 39.54 55.60
C VAL A 8 31.48 39.66 55.65
N THR A 9 31.96 40.87 55.96
CA THR A 9 33.35 41.11 56.21
C THR A 9 33.54 41.10 57.72
N LEU A 10 34.38 40.17 58.20
CA LEU A 10 34.68 40.09 59.62
C LEU A 10 35.60 41.22 60.05
N ALA A 11 35.44 41.66 61.29
CA ALA A 11 36.32 42.65 61.89
C ALA A 11 37.65 41.98 62.23
N GLU A 12 38.72 42.78 62.26
CA GLU A 12 40.04 42.29 62.66
C GLU A 12 40.06 41.89 64.13
N LYS A 13 39.45 42.70 65.00
CA LYS A 13 39.37 42.36 66.43
C LYS A 13 38.10 41.58 66.70
N GLN A 14 38.24 40.28 66.94
CA GLN A 14 37.11 39.45 67.29
C GLN A 14 37.01 39.27 68.80
N THR A 15 36.47 40.30 69.45
CA THR A 15 36.27 40.33 70.90
C THR A 15 34.83 40.77 71.21
N LEU A 16 34.29 40.27 72.31
CA LEU A 16 32.91 40.54 72.70
C LEU A 16 32.84 40.88 74.19
N VAL A 17 32.06 41.91 74.53
CA VAL A 17 31.78 42.25 75.91
C VAL A 17 30.26 42.11 76.18
N ARG A 18 29.92 41.23 77.12
CA ARG A 18 28.53 40.94 77.49
C ARG A 18 28.31 41.21 78.97
N ASN A 19 27.20 41.85 79.34
CA ASN A 19 26.82 41.88 80.75
C ASN A 19 26.13 40.59 81.18
N ASN A 20 26.66 39.98 82.23
CA ASN A 20 26.13 38.72 82.75
C ASN A 20 25.17 38.95 83.91
N GLY A 21 25.06 40.20 84.36
CA GLY A 21 24.04 40.58 85.33
C GLY A 21 24.43 40.51 86.81
N SER A 22 25.39 39.66 87.15
CA SER A 22 25.81 39.51 88.54
C SER A 22 27.08 38.67 88.63
N GLU A 23 27.68 38.62 89.81
CA GLU A 23 28.87 37.82 90.05
C GLU A 23 28.42 36.37 90.20
N VAL A 24 29.07 35.48 89.47
CA VAL A 24 28.67 34.07 89.47
C VAL A 24 28.85 33.45 90.86
N GLN A 25 27.98 32.48 91.18
CA GLN A 25 28.14 31.66 92.38
C GLN A 25 29.50 30.97 92.33
N SER A 26 29.86 30.49 91.15
CA SER A 26 30.98 29.55 90.96
C SER A 26 31.19 29.30 89.47
N LEU A 27 32.36 28.79 89.11
CA LEU A 27 32.61 28.27 87.76
C LEU A 27 32.66 26.75 87.72
N ASP A 28 32.44 26.12 88.89
CA ASP A 28 32.30 24.66 89.03
C ASP A 28 30.89 24.26 88.59
N PRO A 29 30.77 23.46 87.51
CA PRO A 29 29.45 23.06 87.00
C PRO A 29 28.53 22.31 87.97
N HIS A 30 29.06 21.79 89.06
CA HIS A 30 28.26 21.17 90.11
C HIS A 30 27.90 22.07 91.27
N LYS A 31 28.25 23.35 91.19
CA LYS A 31 28.02 24.29 92.29
C LYS A 31 27.18 25.46 91.83
N ILE A 32 26.45 25.28 90.72
CA ILE A 32 25.74 26.40 90.10
C ILE A 32 24.28 26.06 89.88
N GLU A 33 23.44 27.09 89.91
CA GLU A 33 22.04 26.94 89.61
C GLU A 33 21.41 28.10 88.83
N GLY A 34 22.18 29.14 88.53
CA GLY A 34 21.62 30.36 87.93
C GLY A 34 21.93 30.54 86.45
N VAL A 35 21.15 31.41 85.81
CA VAL A 35 21.36 31.82 84.43
C VAL A 35 22.78 32.36 84.21
N PRO A 36 23.22 33.35 85.02
CA PRO A 36 24.59 33.88 84.87
C PRO A 36 25.67 32.80 84.93
N GLU A 37 25.51 31.86 85.84
CA GLU A 37 26.48 30.77 85.98
C GLU A 37 26.48 29.90 84.73
N SER A 38 25.29 29.60 84.22
CA SER A 38 25.17 28.76 83.03
C SER A 38 25.74 29.44 81.79
N ASN A 39 25.58 30.76 81.70
CA ASN A 39 26.06 31.52 80.57
C ASN A 39 27.55 31.32 80.38
N ILE A 40 28.29 31.45 81.47
CA ILE A 40 29.73 31.28 81.39
C ILE A 40 30.06 29.81 81.23
N SER A 41 29.33 28.95 81.93
CA SER A 41 29.63 27.52 81.92
C SER A 41 29.54 26.92 80.50
N ARG A 42 28.57 27.40 79.71
CA ARG A 42 28.39 26.90 78.35
C ARG A 42 29.57 27.26 77.42
N ASP A 43 30.29 28.33 77.72
CA ASP A 43 31.52 28.64 76.99
C ASP A 43 32.69 27.81 77.46
N LEU A 44 32.73 27.39 78.73
CA LEU A 44 33.88 26.66 79.30
C LEU A 44 33.79 25.16 79.25
N PHE A 45 32.60 24.61 79.41
CA PHE A 45 32.45 23.15 79.45
C PHE A 45 31.34 22.68 78.53
N GLU A 46 31.52 21.50 77.95
CA GLU A 46 30.60 20.97 76.93
C GLU A 46 30.22 19.54 77.26
N GLY A 47 28.92 19.31 77.38
CA GLY A 47 28.42 17.99 77.65
C GLY A 47 28.18 17.15 76.41
N LEU A 48 27.32 16.16 76.57
CA LEU A 48 27.09 15.18 75.53
C LEU A 48 26.41 15.86 74.36
N LEU A 49 25.48 16.78 74.65
CA LEU A 49 24.70 17.51 73.66
C LEU A 49 24.76 19.02 73.94
N VAL A 50 24.52 19.80 72.90
CA VAL A 50 24.42 21.26 73.01
C VAL A 50 23.11 21.68 72.38
N SER A 51 22.74 22.94 72.57
CA SER A 51 21.61 23.51 71.89
C SER A 51 22.04 24.15 70.57
N ASP A 52 21.38 23.78 69.48
CA ASP A 52 21.61 24.49 68.22
C ASP A 52 20.96 25.88 68.33
N LEU A 53 21.04 26.67 67.26
CA LEU A 53 20.60 28.06 67.28
C LEU A 53 19.09 28.22 67.47
N ASP A 54 18.33 27.14 67.23
CA ASP A 54 16.88 27.19 67.39
C ASP A 54 16.47 26.58 68.73
N GLY A 55 17.45 26.12 69.51
CA GLY A 55 17.22 25.55 70.83
C GLY A 55 17.09 24.04 70.85
N HIS A 56 17.25 23.40 69.70
CA HIS A 56 17.03 21.97 69.61
C HIS A 56 18.28 21.26 70.04
N PRO A 57 18.15 20.13 70.75
CA PRO A 57 19.38 19.41 71.08
C PRO A 57 20.19 18.98 69.83
N ALA A 58 21.50 19.11 69.92
CA ALA A 58 22.44 18.79 68.84
C ALA A 58 23.71 18.15 69.40
N PRO A 59 24.52 17.56 68.53
CA PRO A 59 25.71 16.86 69.03
C PRO A 59 26.68 17.78 69.80
N GLY A 60 27.15 17.31 70.95
CA GLY A 60 28.22 17.99 71.70
C GLY A 60 29.40 17.06 71.67
N VAL A 61 29.82 16.61 72.85
CA VAL A 61 30.87 15.58 72.89
C VAL A 61 30.39 14.32 72.19
N ALA A 62 29.13 13.96 72.37
CA ALA A 62 28.53 12.85 71.64
C ALA A 62 28.24 13.24 70.20
N GLU A 63 28.79 12.49 69.25
CA GLU A 63 28.52 12.75 67.85
C GLU A 63 27.30 11.98 67.35
N SER A 64 27.02 10.83 67.96
CA SER A 64 25.74 10.13 67.72
C SER A 64 25.32 9.40 69.01
N TRP A 65 24.07 8.91 69.01
CA TRP A 65 23.53 8.15 70.14
C TRP A 65 22.39 7.22 69.77
N ASP A 66 22.16 6.26 70.65
CA ASP A 66 21.19 5.20 70.49
C ASP A 66 20.34 5.17 71.75
N ASN A 67 19.15 4.60 71.64
CA ASN A 67 18.35 4.27 72.80
C ASN A 67 17.53 2.99 72.56
N LYS A 68 17.40 2.16 73.60
CA LYS A 68 16.44 1.08 73.63
C LYS A 68 15.31 1.44 74.59
N ASP A 69 14.09 1.55 74.05
CA ASP A 69 12.87 1.80 74.82
C ASP A 69 12.99 3.06 75.68
N ALA A 70 13.79 4.02 75.20
CA ALA A 70 14.02 5.27 75.94
C ALA A 70 14.53 5.04 77.38
N LYS A 71 15.14 3.88 77.61
CA LYS A 71 15.54 3.43 78.94
C LYS A 71 17.05 3.12 79.04
N VAL A 72 17.64 2.55 78.00
CA VAL A 72 19.10 2.42 77.92
C VAL A 72 19.56 3.29 76.76
N TRP A 73 20.38 4.29 77.09
CA TRP A 73 20.89 5.27 76.13
C TRP A 73 22.35 5.09 75.98
N THR A 74 22.82 4.99 74.72
CA THR A 74 24.23 4.81 74.43
C THR A 74 24.76 5.98 73.57
N PHE A 75 25.80 6.65 74.08
CA PHE A 75 26.36 7.82 73.41
C PHE A 75 27.73 7.53 72.86
N HIS A 76 27.89 7.76 71.56
CA HIS A 76 29.17 7.57 70.89
C HIS A 76 29.87 8.90 70.89
N LEU A 77 30.93 8.98 71.69
CA LEU A 77 31.69 10.19 71.86
C LEU A 77 32.69 10.34 70.73
N ARG A 78 32.80 11.56 70.22
CA ARG A 78 33.70 11.88 69.12
C ARG A 78 35.15 11.77 69.58
N LYS A 79 35.97 11.18 68.73
CA LYS A 79 37.35 10.82 69.09
C LYS A 79 38.28 12.01 69.25
N ASP A 80 37.92 13.16 68.68
CA ASP A 80 38.75 14.34 68.80
C ASP A 80 38.30 15.28 69.95
N ALA A 81 37.39 14.84 70.81
CA ALA A 81 36.99 15.68 71.96
C ALA A 81 38.18 15.77 72.91
N LYS A 82 38.55 17.00 73.27
CA LYS A 82 39.78 17.22 74.03
C LYS A 82 39.59 18.26 75.12
N TRP A 83 40.27 18.04 76.23
CA TRP A 83 40.42 19.06 77.26
C TRP A 83 41.46 20.09 76.87
N SER A 84 41.44 21.24 77.55
CA SER A 84 42.35 22.36 77.28
C SER A 84 43.83 22.06 77.51
N ASP A 85 44.12 20.94 78.19
CA ASP A 85 45.48 20.46 78.42
C ASP A 85 45.88 19.39 77.42
N GLY A 86 45.07 19.18 76.39
CA GLY A 86 45.44 18.27 75.31
C GLY A 86 44.93 16.86 75.47
N THR A 87 44.57 16.47 76.68
CA THR A 87 44.13 15.10 76.94
C THR A 87 42.70 14.86 76.46
N PRO A 88 42.40 13.59 76.17
CA PRO A 88 41.11 13.27 75.60
C PRO A 88 39.97 13.34 76.61
N VAL A 89 38.82 13.79 76.15
CA VAL A 89 37.60 13.67 76.91
C VAL A 89 37.08 12.26 76.63
N THR A 90 36.80 11.52 77.70
CA THR A 90 36.41 10.12 77.59
C THR A 90 35.06 9.87 78.24
N ALA A 91 34.51 8.68 78.01
CA ALA A 91 33.33 8.20 78.73
C ALA A 91 33.59 8.23 80.22
N GLN A 92 34.77 7.77 80.61
CA GLN A 92 35.17 7.74 82.02
C GLN A 92 35.06 9.12 82.67
N ASP A 93 35.35 10.18 81.93
CA ASP A 93 35.16 11.52 82.46
C ASP A 93 33.71 11.75 82.86
N PHE A 94 32.79 11.31 82.02
CA PHE A 94 31.36 11.54 82.29
C PHE A 94 30.84 10.75 83.46
N VAL A 95 31.37 9.54 83.60
CA VAL A 95 30.99 8.68 84.69
C VAL A 95 31.36 9.38 86.00
N TYR A 96 32.62 9.82 86.08
CA TYR A 96 33.15 10.48 87.25
C TYR A 96 32.32 11.72 87.54
N SER A 97 31.98 12.45 86.49
CA SER A 97 31.34 13.76 86.65
C SER A 97 29.90 13.62 87.16
N TRP A 98 29.15 12.70 86.56
CA TRP A 98 27.76 12.48 86.98
C TRP A 98 27.70 11.92 88.37
N GLN A 99 28.61 11.01 88.69
CA GLN A 99 28.73 10.52 90.04
C GLN A 99 28.98 11.66 91.03
N ARG A 100 29.86 12.58 90.67
CA ARG A 100 30.18 13.72 91.54
C ARG A 100 28.94 14.62 91.70
N SER A 101 28.17 14.77 90.63
N SER A 101 28.16 14.75 90.64
CA SER A 101 26.94 15.58 90.65
CA SER A 101 26.96 15.60 90.68
C SER A 101 25.90 15.13 91.69
C SER A 101 25.91 15.13 91.73
N VAL A 102 25.84 13.83 91.95
CA VAL A 102 24.83 13.24 92.84
C VAL A 102 25.38 12.86 94.23
N ASP A 103 26.69 13.04 94.43
CA ASP A 103 27.32 12.75 95.71
C ASP A 103 26.81 13.75 96.75
N PRO A 104 26.33 13.26 97.90
CA PRO A 104 25.96 14.18 98.97
C PRO A 104 27.07 15.12 99.41
N ASN A 105 28.31 14.66 99.35
CA ASN A 105 29.43 15.51 99.76
C ASN A 105 29.63 16.71 98.83
N THR A 106 29.12 16.65 97.60
CA THR A 106 29.26 17.75 96.66
C THR A 106 28.26 18.83 96.98
N ALA A 107 27.11 18.44 97.54
CA ALA A 107 26.03 19.39 97.88
C ALA A 107 25.61 20.27 96.72
N SER A 108 25.49 19.68 95.54
CA SER A 108 25.15 20.46 94.35
C SER A 108 23.74 20.96 94.44
N PRO A 109 23.52 22.24 94.10
CA PRO A 109 22.13 22.67 94.00
C PRO A 109 21.34 21.93 92.88
N TYR A 110 22.05 21.28 91.97
CA TYR A 110 21.49 20.51 90.85
C TYR A 110 21.70 19.01 91.06
N ALA A 111 21.87 18.61 92.31
CA ALA A 111 22.02 17.18 92.62
C ALA A 111 20.82 16.39 92.09
N SER A 112 19.63 16.99 92.09
CA SER A 112 18.43 16.25 91.67
C SER A 112 18.21 16.21 90.14
N TYR A 113 19.05 16.91 89.39
CA TYR A 113 18.82 17.06 87.94
C TYR A 113 18.86 15.73 87.21
N LEU A 114 19.84 14.88 87.50
CA LEU A 114 19.84 13.58 86.84
C LEU A 114 18.76 12.62 87.38
N GLN A 115 18.21 12.90 88.57
CA GLN A 115 17.04 12.16 89.06
C GLN A 115 15.78 12.52 88.24
N TYR A 116 15.76 13.71 87.64
CA TYR A 116 14.72 14.04 86.69
C TYR A 116 14.74 13.13 85.48
N GLY A 117 15.90 12.53 85.18
CA GLY A 117 16.00 11.54 84.12
C GLY A 117 15.93 10.09 84.58
N HIS A 118 15.89 9.87 85.89
CA HIS A 118 15.69 8.56 86.51
C HIS A 118 16.74 7.56 86.17
N ILE A 119 17.99 7.98 86.29
CA ILE A 119 19.13 7.07 86.10
C ILE A 119 19.07 6.00 87.18
N ALA A 120 19.31 4.75 86.81
CA ALA A 120 19.23 3.62 87.74
C ALA A 120 20.12 3.88 88.96
N GLY A 121 19.60 3.55 90.14
CA GLY A 121 20.33 3.71 91.41
C GLY A 121 20.28 5.09 92.06
N ILE A 122 19.75 6.09 91.37
CA ILE A 122 19.95 7.48 91.84
C ILE A 122 19.23 7.85 93.15
N ASP A 123 18.00 7.37 93.34
CA ASP A 123 17.20 7.72 94.52
C ASP A 123 17.95 7.48 95.84
N GLU A 124 18.50 6.29 96.00
CA GLU A 124 19.20 5.93 97.24
C GLU A 124 20.61 6.53 97.32
N ILE A 125 21.20 6.84 96.17
CA ILE A 125 22.50 7.53 96.14
C ILE A 125 22.31 8.94 96.65
N LEU A 126 21.26 9.62 96.20
CA LEU A 126 21.02 10.98 96.65
C LEU A 126 20.75 11.05 98.15
N GLU A 127 20.14 10.03 98.72
CA GLU A 127 19.87 9.96 100.16
C GLU A 127 21.08 9.50 100.99
N GLY A 128 22.18 9.16 100.35
CA GLY A 128 23.38 8.69 101.07
C GLY A 128 23.34 7.23 101.54
N LYS A 129 22.36 6.46 101.03
CA LYS A 129 22.21 5.06 101.42
C LYS A 129 23.01 4.11 100.53
N LYS A 130 23.40 4.56 99.34
CA LYS A 130 24.16 3.73 98.41
C LYS A 130 25.33 4.54 97.84
N PRO A 131 26.46 3.88 97.55
CA PRO A 131 27.61 4.63 97.04
C PRO A 131 27.37 5.18 95.63
N ILE A 132 28.07 6.27 95.27
CA ILE A 132 27.85 6.93 93.98
C ILE A 132 28.22 6.06 92.80
N THR A 133 29.09 5.09 93.04
CA THR A 133 29.52 4.16 91.99
C THR A 133 28.44 3.18 91.56
N ASP A 134 27.31 3.16 92.27
CA ASP A 134 26.13 2.38 91.87
C ASP A 134 25.29 3.07 90.81
N LEU A 135 25.64 4.31 90.47
CA LEU A 135 24.85 5.09 89.50
C LEU A 135 24.87 4.40 88.13
N GLY A 136 23.73 4.40 87.45
CA GLY A 136 23.56 3.65 86.21
C GLY A 136 24.21 4.27 84.99
N VAL A 137 25.48 4.63 85.12
CA VAL A 137 26.25 5.20 84.03
C VAL A 137 27.59 4.47 83.96
N LYS A 138 27.95 4.01 82.76
CA LYS A 138 29.18 3.29 82.62
C LYS A 138 29.91 3.56 81.31
N ALA A 139 31.23 3.46 81.40
CA ALA A 139 32.09 3.64 80.25
C ALA A 139 32.36 2.26 79.65
N ILE A 140 31.60 1.93 78.60
CA ILE A 140 31.74 0.66 77.88
C ILE A 140 33.13 0.55 77.27
N ASP A 141 33.59 1.64 76.69
CA ASP A 141 35.00 1.83 76.31
C ASP A 141 35.27 3.33 76.35
N ASP A 142 36.44 3.77 75.93
CA ASP A 142 36.84 5.17 76.11
C ASP A 142 35.90 6.18 75.44
N HIS A 143 35.12 5.73 74.44
CA HIS A 143 34.33 6.63 73.59
C HIS A 143 32.88 6.24 73.47
N THR A 144 32.41 5.43 74.42
CA THR A 144 31.04 4.93 74.43
C THR A 144 30.52 4.99 75.86
N LEU A 145 29.56 5.87 76.11
CA LEU A 145 28.93 6.04 77.42
C LEU A 145 27.56 5.38 77.40
N GLU A 146 27.31 4.47 78.33
CA GLU A 146 25.98 3.83 78.44
C GLU A 146 25.28 4.26 79.70
N VAL A 147 24.08 4.79 79.55
CA VAL A 147 23.28 5.25 80.66
C VAL A 147 22.05 4.36 80.75
N THR A 148 21.78 3.84 81.94
CA THR A 148 20.65 2.96 82.17
C THR A 148 19.69 3.67 83.10
N LEU A 149 18.45 3.80 82.64
CA LEU A 149 17.41 4.48 83.41
C LEU A 149 16.57 3.42 84.08
N SER A 150 15.83 3.79 85.12
CA SER A 150 14.99 2.84 85.85
C SER A 150 13.61 2.67 85.16
N GLU A 151 13.35 3.54 84.20
CA GLU A 151 12.15 3.46 83.41
C GLU A 151 12.32 4.30 82.13
N PRO A 152 11.45 4.09 81.13
CA PRO A 152 11.49 4.89 79.92
C PRO A 152 11.32 6.38 80.20
N VAL A 153 12.21 7.21 79.65
CA VAL A 153 12.07 8.66 79.73
C VAL A 153 12.37 9.19 78.33
N PRO A 154 11.33 9.34 77.51
CA PRO A 154 11.58 9.70 76.09
C PRO A 154 12.39 10.99 75.92
N TYR A 155 12.21 11.95 76.83
CA TYR A 155 12.92 13.24 76.76
C TYR A 155 14.29 13.27 77.49
N PHE A 156 14.83 12.12 77.88
CA PHE A 156 16.04 12.09 78.70
C PHE A 156 17.17 12.86 78.00
N TYR A 157 17.30 12.67 76.69
CA TYR A 157 18.37 13.33 75.94
C TYR A 157 18.34 14.86 76.01
N LYS A 158 17.15 15.45 76.12
CA LYS A 158 17.07 16.92 76.19
C LYS A 158 17.66 17.52 77.47
N LEU A 159 17.82 16.70 78.52
CA LEU A 159 18.42 17.19 79.77
C LEU A 159 19.91 17.48 79.60
N LEU A 160 20.52 16.77 78.65
CA LEU A 160 21.97 16.60 78.59
C LEU A 160 22.70 17.80 78.01
N VAL A 161 21.96 18.86 77.69
CA VAL A 161 22.56 20.12 77.31
C VAL A 161 22.87 20.99 78.52
N HIS A 162 22.35 20.64 79.69
CA HIS A 162 22.53 21.48 80.87
C HIS A 162 23.89 21.32 81.43
N PRO A 163 24.52 22.43 81.83
CA PRO A 163 25.90 22.46 82.36
C PRO A 163 26.21 21.55 83.53
N SER A 164 25.22 21.25 84.38
CA SER A 164 25.44 20.33 85.51
C SER A 164 25.74 18.92 85.01
N THR A 165 25.45 18.64 83.73
CA THR A 165 25.78 17.36 83.13
C THR A 165 27.06 17.40 82.26
N SER A 166 27.76 18.52 82.27
CA SER A 166 29.05 18.65 81.60
C SER A 166 30.10 17.82 82.34
N PRO A 167 31.11 17.33 81.62
CA PRO A 167 32.22 16.69 82.30
C PRO A 167 33.11 17.71 83.07
N VAL A 168 33.76 17.23 84.14
CA VAL A 168 34.69 18.02 84.92
C VAL A 168 35.95 17.22 85.14
N PRO A 169 37.10 17.93 85.27
CA PRO A 169 38.42 17.29 85.32
C PRO A 169 38.81 16.74 86.71
N LYS A 170 38.79 15.42 86.83
CA LYS A 170 39.07 14.77 88.11
C LYS A 170 40.37 15.25 88.77
N ALA A 171 41.46 15.27 88.00
CA ALA A 171 42.78 15.56 88.59
C ALA A 171 42.86 16.99 89.12
N ALA A 172 42.36 17.98 88.39
CA ALA A 172 42.35 19.36 88.90
C ALA A 172 41.50 19.50 90.16
N ILE A 173 40.32 18.88 90.18
CA ILE A 173 39.44 18.91 91.34
C ILE A 173 40.12 18.31 92.55
N GLU A 174 40.81 17.19 92.36
CA GLU A 174 41.37 16.50 93.51
C GLU A 174 42.64 17.18 94.03
N LYS A 175 43.45 17.74 93.14
CA LYS A 175 44.63 18.50 93.53
C LYS A 175 44.26 19.83 94.18
N PHE A 176 43.32 20.55 93.59
CA PHE A 176 43.04 21.94 94.01
C PHE A 176 41.77 22.20 94.81
N GLY A 177 40.91 21.18 94.97
CA GLY A 177 39.64 21.37 95.64
C GLY A 177 38.93 22.55 95.02
N GLU A 178 38.39 23.45 95.82
CA GLU A 178 37.59 24.54 95.26
C GLU A 178 38.40 25.54 94.43
N LYS A 179 39.72 25.51 94.53
CA LYS A 179 40.56 26.38 93.71
C LYS A 179 40.76 25.86 92.29
N TRP A 180 40.14 24.74 91.91
CA TRP A 180 40.36 24.16 90.59
C TRP A 180 39.92 25.03 89.44
N THR A 181 39.00 25.95 89.71
CA THR A 181 38.49 26.83 88.66
C THR A 181 39.29 28.15 88.53
N GLN A 182 40.33 28.33 89.31
CA GLN A 182 41.22 29.48 89.18
C GLN A 182 41.96 29.45 87.82
N PRO A 183 42.21 30.63 87.23
CA PRO A 183 42.84 30.71 85.93
C PRO A 183 44.04 29.79 85.72
N GLY A 184 44.93 29.68 86.67
CA GLY A 184 46.07 28.75 86.46
C GLY A 184 45.78 27.26 86.60
N ASN A 185 44.64 26.90 87.17
CA ASN A 185 44.36 25.52 87.54
C ASN A 185 43.30 24.87 86.67
N ILE A 186 42.36 25.68 86.17
CA ILE A 186 41.18 25.16 85.50
C ILE A 186 41.53 24.45 84.21
N VAL A 187 40.89 23.30 83.98
CA VAL A 187 40.98 22.55 82.74
C VAL A 187 39.55 22.42 82.18
N THR A 188 39.37 22.73 80.90
CA THR A 188 38.04 22.91 80.32
C THR A 188 37.96 22.21 79.01
N ASN A 189 36.72 21.98 78.53
CA ASN A 189 36.54 21.32 77.24
C ASN A 189 35.57 22.02 76.30
N GLY A 190 35.16 23.23 76.63
CA GLY A 190 34.30 23.98 75.72
C GLY A 190 35.16 24.77 74.75
N ALA A 191 34.54 25.72 74.03
CA ALA A 191 35.26 26.52 73.02
C ALA A 191 36.22 27.54 73.64
N TYR A 192 36.09 27.80 74.94
CA TYR A 192 36.87 28.80 75.62
C TYR A 192 37.48 28.26 76.89
N THR A 193 38.54 28.91 77.36
CA THR A 193 39.06 28.67 78.68
C THR A 193 39.11 29.98 79.43
N LEU A 194 39.47 29.92 80.71
CA LEU A 194 39.40 31.11 81.55
C LEU A 194 40.75 31.82 81.50
N LYS A 195 40.70 33.12 81.25
CA LYS A 195 41.91 33.95 81.23
C LYS A 195 42.08 34.66 82.55
N ASP A 196 41.02 35.31 82.99
CA ASP A 196 41.07 36.16 84.16
C ASP A 196 39.70 36.20 84.82
N TRP A 197 39.73 36.33 86.15
CA TRP A 197 38.54 36.41 86.98
C TRP A 197 38.78 37.41 88.08
N VAL A 198 38.19 38.59 87.95
CA VAL A 198 38.27 39.61 88.98
C VAL A 198 36.88 39.76 89.62
N VAL A 199 36.78 39.35 90.88
CA VAL A 199 35.51 39.37 91.60
C VAL A 199 34.89 40.75 91.52
N ASN A 200 33.63 40.77 91.10
CA ASN A 200 32.83 42.00 90.99
C ASN A 200 33.32 42.96 89.91
N GLU A 201 34.22 42.50 89.04
CA GLU A 201 34.65 43.33 87.91
C GLU A 201 34.47 42.66 86.54
N ARG A 202 35.07 41.49 86.32
CA ARG A 202 35.01 40.85 85.01
C ARG A 202 35.48 39.40 85.04
N ILE A 203 34.98 38.63 84.08
CA ILE A 203 35.51 37.29 83.78
C ILE A 203 35.88 37.32 82.32
N VAL A 204 37.13 36.99 82.00
CA VAL A 204 37.63 37.07 80.63
C VAL A 204 37.95 35.66 80.18
N LEU A 205 37.30 35.22 79.10
CA LEU A 205 37.59 33.90 78.54
C LEU A 205 38.29 34.05 77.18
N GLU A 206 39.16 33.12 76.86
CA GLU A 206 39.84 33.16 75.58
C GLU A 206 39.67 31.85 74.82
N ARG A 207 39.60 31.99 73.50
CA ARG A 207 39.38 30.88 72.58
C ARG A 207 40.34 29.75 72.90
N SER A 208 39.86 28.51 72.86
CA SER A 208 40.66 27.36 73.23
C SER A 208 40.93 26.48 72.00
N PRO A 209 42.18 26.45 71.51
CA PRO A 209 42.39 25.79 70.23
C PRO A 209 42.30 24.27 70.30
N THR A 210 42.31 23.72 71.52
CA THR A 210 42.12 22.27 71.68
C THR A 210 40.66 21.85 71.50
N TYR A 211 39.73 22.82 71.49
CA TYR A 211 38.33 22.48 71.30
C TYR A 211 38.12 21.79 69.96
N TRP A 212 37.40 20.68 69.96
CA TRP A 212 37.23 19.87 68.73
C TRP A 212 36.67 20.69 67.60
N ASN A 213 35.79 21.63 67.91
CA ASN A 213 35.17 22.41 66.86
C ASN A 213 35.73 23.84 66.78
N ASN A 214 36.97 24.02 67.22
CA ASN A 214 37.65 25.31 67.20
C ASN A 214 37.69 25.98 65.82
N ALA A 215 37.76 25.17 64.76
CA ALA A 215 37.81 25.72 63.40
C ALA A 215 36.61 26.59 63.12
N LYS A 216 35.47 26.31 63.78
CA LYS A 216 34.26 27.08 63.55
C LYS A 216 34.10 28.27 64.50
N THR A 217 34.91 28.35 65.55
CA THR A 217 34.86 29.48 66.47
C THR A 217 35.43 30.72 65.81
N VAL A 218 34.82 31.88 66.07
CA VAL A 218 35.29 33.16 65.51
C VAL A 218 35.76 34.14 66.59
N ILE A 219 34.97 34.35 67.63
CA ILE A 219 35.36 35.27 68.70
C ILE A 219 36.58 34.71 69.48
N ASN A 220 37.60 35.55 69.62
CA ASN A 220 38.86 35.19 70.26
C ASN A 220 38.88 35.39 71.76
N GLN A 221 38.08 36.36 72.21
CA GLN A 221 38.00 36.67 73.62
C GLN A 221 36.60 37.21 73.92
N VAL A 222 35.98 36.71 74.98
CA VAL A 222 34.72 37.25 75.44
C VAL A 222 34.88 37.65 76.90
N THR A 223 34.40 38.83 77.22
CA THR A 223 34.37 39.30 78.59
C THR A 223 32.93 39.32 79.12
N TYR A 224 32.71 38.67 80.27
CA TYR A 224 31.44 38.75 80.99
C TYR A 224 31.53 39.73 82.18
N LEU A 225 30.58 40.67 82.26
CA LEU A 225 30.54 41.65 83.36
C LEU A 225 29.43 41.29 84.37
N PRO A 226 29.59 41.69 85.65
CA PRO A 226 28.62 41.32 86.68
C PRO A 226 27.78 42.53 87.16
N ILE A 227 27.17 43.24 86.24
CA ILE A 227 26.48 44.50 86.59
C ILE A 227 25.01 44.18 86.89
N ALA A 228 24.59 44.41 88.14
CA ALA A 228 23.22 44.10 88.55
C ALA A 228 22.24 45.21 88.20
N SER A 229 22.74 46.43 88.04
CA SER A 229 21.89 47.57 87.70
C SER A 229 21.58 47.58 86.20
N GLU A 230 20.32 47.38 85.85
CA GLU A 230 19.89 47.42 84.45
C GLU A 230 20.20 48.77 83.83
N VAL A 231 19.98 49.84 84.59
CA VAL A 231 20.23 51.19 84.11
C VAL A 231 21.71 51.39 83.81
N THR A 232 22.58 50.89 84.68
CA THR A 232 24.03 50.99 84.44
C THR A 232 24.43 50.17 83.19
N ASP A 233 23.88 48.97 83.07
CA ASP A 233 24.05 48.08 81.91
C ASP A 233 23.79 48.80 80.58
N VAL A 234 22.64 49.48 80.48
CA VAL A 234 22.27 50.23 79.27
C VAL A 234 23.19 51.43 79.06
N ASN A 235 23.47 52.17 80.12
CA ASN A 235 24.42 53.30 80.05
C ASN A 235 25.78 52.89 79.50
N ARG A 236 26.32 51.77 79.98
CA ARG A 236 27.62 51.33 79.51
C ARG A 236 27.54 50.69 78.12
N TYR A 237 26.34 50.25 77.75
CA TYR A 237 26.06 49.84 76.39
C TYR A 237 26.08 51.07 75.45
N ARG A 238 25.35 52.12 75.79
CA ARG A 238 25.26 53.31 74.92
C ARG A 238 26.59 54.04 74.73
N SER A 239 27.49 53.92 75.71
CA SER A 239 28.76 54.64 75.65
C SER A 239 29.84 53.81 74.99
N GLY A 240 29.52 52.58 74.62
CA GLY A 240 30.38 51.79 73.74
C GLY A 240 31.16 50.67 74.39
N GLU A 241 31.07 50.53 75.71
CA GLU A 241 31.78 49.45 76.42
C GLU A 241 31.14 48.07 76.25
N ILE A 242 29.81 48.01 76.30
CA ILE A 242 29.12 46.70 76.25
C ILE A 242 28.54 46.45 74.87
N ASP A 243 28.76 45.24 74.36
CA ASP A 243 28.23 44.82 73.04
C ASP A 243 26.83 44.17 73.14
N MET A 244 26.59 43.49 74.26
CA MET A 244 25.33 42.82 74.53
C MET A 244 24.92 42.98 76.01
N THR A 245 23.79 43.65 76.25
CA THR A 245 23.29 43.79 77.62
C THR A 245 22.76 42.46 78.12
N ASN A 246 22.51 42.41 79.43
CA ASN A 246 21.79 41.29 80.01
C ASN A 246 20.35 41.40 79.52
N ASN A 247 19.58 40.32 79.60
CA ASN A 247 18.19 40.35 79.15
C ASN A 247 17.26 40.83 80.26
N SER A 248 17.61 41.99 80.81
CA SER A 248 16.87 42.62 81.89
C SER A 248 16.87 44.12 81.59
N MET A 249 15.71 44.64 81.21
CA MET A 249 15.60 46.04 80.78
C MET A 249 15.14 46.95 81.92
N PRO A 250 15.61 48.20 81.93
CA PRO A 250 15.02 49.19 82.83
C PRO A 250 13.61 49.54 82.33
N ILE A 251 12.60 49.31 83.18
CA ILE A 251 11.20 49.52 82.83
C ILE A 251 10.97 50.85 82.14
N GLU A 252 11.47 51.90 82.80
CA GLU A 252 11.31 53.29 82.37
C GLU A 252 12.02 53.70 81.08
N LEU A 253 13.06 52.94 80.68
CA LEU A 253 13.87 53.35 79.51
C LEU A 253 13.53 52.61 78.22
N PHE A 254 12.70 51.57 78.30
CA PHE A 254 12.47 50.68 77.18
C PHE A 254 11.95 51.37 75.93
N GLN A 255 10.88 52.16 76.06
CA GLN A 255 10.23 52.77 74.90
C GLN A 255 11.14 53.76 74.20
N LYS A 256 11.92 54.48 75.00
CA LYS A 256 12.92 55.44 74.51
C LYS A 256 14.02 54.71 73.72
N LEU A 257 14.49 53.58 74.24
CA LEU A 257 15.44 52.75 73.50
C LEU A 257 14.79 52.25 72.21
N LYS A 258 13.57 51.74 72.32
CA LYS A 258 12.85 51.22 71.17
C LYS A 258 12.65 52.31 70.10
N LYS A 259 12.52 53.56 70.52
CA LYS A 259 12.40 54.67 69.57
C LYS A 259 13.76 55.10 68.98
N GLU A 260 14.80 55.15 69.81
CA GLU A 260 16.11 55.67 69.40
C GLU A 260 16.99 54.66 68.66
N ILE A 261 16.99 53.42 69.10
CA ILE A 261 17.81 52.41 68.45
C ILE A 261 17.01 51.14 68.20
N PRO A 262 15.92 51.26 67.43
CA PRO A 262 14.97 50.15 67.23
C PRO A 262 15.61 48.85 66.75
N ASP A 263 16.59 48.94 65.85
CA ASP A 263 17.26 47.75 65.29
C ASP A 263 18.23 47.05 66.25
N GLU A 264 18.52 47.68 67.39
CA GLU A 264 19.37 47.04 68.40
C GLU A 264 18.57 46.42 69.56
N VAL A 265 17.26 46.64 69.57
CA VAL A 265 16.40 46.10 70.62
C VAL A 265 15.80 44.78 70.15
N HIS A 266 16.21 43.68 70.78
CA HIS A 266 15.71 42.36 70.45
C HIS A 266 14.73 41.93 71.51
N VAL A 267 13.53 41.51 71.12
CA VAL A 267 12.56 40.92 72.08
C VAL A 267 12.08 39.57 71.54
N ASP A 268 12.42 38.49 72.23
CA ASP A 268 12.04 37.14 71.83
C ASP A 268 11.38 36.35 72.95
N PRO A 269 10.54 35.37 72.58
CA PRO A 269 9.95 34.45 73.56
C PRO A 269 11.00 33.83 74.48
N TYR A 270 10.63 33.61 75.74
CA TYR A 270 11.56 33.17 76.78
C TYR A 270 10.77 32.33 77.80
N LEU A 271 11.14 31.06 77.94
CA LEU A 271 10.37 30.10 78.73
C LEU A 271 10.77 30.23 80.21
N CYS A 272 10.32 31.33 80.80
CA CYS A 272 10.61 31.61 82.19
C CYS A 272 9.45 32.33 82.83
N THR A 273 9.34 32.14 84.14
CA THR A 273 8.23 32.71 84.89
C THR A 273 8.76 33.54 86.06
N TYR A 274 8.25 34.76 86.16
CA TYR A 274 8.53 35.67 87.25
C TYR A 274 7.49 35.43 88.33
N TYR A 275 7.92 35.21 89.57
CA TYR A 275 6.99 34.92 90.64
C TYR A 275 7.53 35.30 92.00
N TYR A 276 6.61 35.40 92.96
CA TYR A 276 6.96 35.56 94.35
C TYR A 276 6.84 34.19 95.00
N GLU A 277 8.01 33.67 95.33
CA GLU A 277 8.15 32.38 95.94
C GLU A 277 7.86 32.51 97.43
N ILE A 278 6.91 31.72 97.90
CA ILE A 278 6.58 31.69 99.30
C ILE A 278 7.39 30.60 99.96
N ASN A 279 8.00 30.92 101.10
CA ASN A 279 8.58 29.88 101.95
C ASN A 279 7.45 29.07 102.63
N ASN A 280 7.04 27.98 102.00
CA ASN A 280 5.94 27.13 102.53
C ASN A 280 6.19 26.52 103.93
N GLN A 281 7.43 26.53 104.42
CA GLN A 281 7.72 26.04 105.77
C GLN A 281 7.84 27.13 106.86
N LYS A 282 7.66 28.40 106.49
CA LYS A 282 7.88 29.50 107.42
C LYS A 282 6.54 30.08 107.86
N PRO A 283 6.20 29.97 109.16
CA PRO A 283 4.92 30.51 109.60
C PRO A 283 4.84 32.01 109.38
N PRO A 284 3.66 32.51 108.97
CA PRO A 284 2.38 31.81 108.80
C PRO A 284 2.12 31.17 107.44
N PHE A 285 3.15 31.07 106.60
CA PHE A 285 2.96 30.61 105.23
C PHE A 285 2.93 29.10 105.10
N ASN A 286 3.03 28.40 106.23
CA ASN A 286 2.67 27.00 106.29
C ASN A 286 1.14 26.81 106.28
N ASP A 287 0.38 27.91 106.29
CA ASP A 287 -1.07 27.86 106.20
C ASP A 287 -1.49 28.17 104.74
N VAL A 288 -2.07 27.17 104.08
CA VAL A 288 -2.54 27.32 102.70
C VAL A 288 -3.50 28.51 102.50
N ARG A 289 -4.28 28.85 103.53
CA ARG A 289 -5.17 30.02 103.43
C ARG A 289 -4.39 31.35 103.34
N VAL A 290 -3.26 31.43 104.04
CA VAL A 290 -2.44 32.63 104.06
C VAL A 290 -1.70 32.78 102.73
N ARG A 291 -1.17 31.68 102.23
CA ARG A 291 -0.52 31.69 100.93
C ARG A 291 -1.50 32.06 99.81
N THR A 292 -2.70 31.49 99.87
CA THR A 292 -3.74 31.77 98.87
C THR A 292 -4.11 33.25 98.90
N ALA A 293 -4.22 33.83 100.10
CA ALA A 293 -4.53 35.24 100.25
C ALA A 293 -3.49 36.08 99.55
N LEU A 294 -2.23 35.73 99.77
CA LEU A 294 -1.11 36.45 99.18
C LEU A 294 -1.12 36.33 97.64
N LYS A 295 -1.44 35.14 97.15
CA LYS A 295 -1.52 34.89 95.71
C LYS A 295 -2.63 35.70 95.04
N LEU A 296 -3.81 35.74 95.66
CA LEU A 296 -4.98 36.42 95.10
C LEU A 296 -4.85 37.95 95.21
N GLY A 297 -4.21 38.42 96.28
CA GLY A 297 -4.13 39.86 96.58
C GLY A 297 -3.18 40.64 95.68
N MET A 298 -2.28 39.91 95.03
CA MET A 298 -1.38 40.50 94.05
C MET A 298 -2.16 40.87 92.79
N ASP A 299 -1.92 42.08 92.29
CA ASP A 299 -2.60 42.55 91.08
C ASP A 299 -1.68 42.41 89.88
N ARG A 300 -1.75 41.27 89.22
CA ARG A 300 -0.92 40.99 88.05
C ARG A 300 -1.09 42.03 86.96
N ASP A 301 -2.32 42.49 86.74
CA ASP A 301 -2.57 43.51 85.69
C ASP A 301 -1.76 44.81 85.92
N ILE A 302 -1.74 45.33 87.14
CA ILE A 302 -0.93 46.51 87.47
C ILE A 302 0.59 46.27 87.28
N ILE A 303 1.10 45.13 87.74
CA ILE A 303 2.51 44.82 87.51
C ILE A 303 2.85 44.72 86.03
N VAL A 304 2.06 43.95 85.27
CA VAL A 304 2.33 43.71 83.84
C VAL A 304 2.25 44.99 83.03
N ASN A 305 1.30 45.85 83.42
CA ASN A 305 1.14 47.16 82.83
C ASN A 305 2.41 48.02 82.86
N LYS A 306 3.33 47.73 83.78
CA LYS A 306 4.58 48.49 83.90
C LYS A 306 5.59 48.12 82.81
N VAL A 307 5.50 46.87 82.37
CA VAL A 307 6.40 46.31 81.36
C VAL A 307 5.63 45.99 80.07
N LYS A 308 4.43 46.53 79.97
CA LYS A 308 3.54 46.33 78.82
C LYS A 308 4.26 46.40 77.46
N ALA A 309 5.07 47.44 77.28
CA ALA A 309 5.80 47.65 76.04
C ALA A 309 6.67 46.45 75.63
N GLN A 310 7.12 45.66 76.61
CA GLN A 310 7.96 44.50 76.31
C GLN A 310 7.14 43.26 75.93
N GLY A 311 5.85 43.28 76.29
CA GLY A 311 4.90 42.25 75.87
C GLY A 311 4.70 41.12 76.87
N ASN A 312 5.11 41.30 78.13
CA ASN A 312 4.95 40.24 79.13
C ASN A 312 3.49 39.91 79.37
N MET A 313 3.17 38.63 79.55
CA MET A 313 1.79 38.21 79.85
C MET A 313 1.67 37.89 81.34
N PRO A 314 0.51 38.23 81.94
CA PRO A 314 0.28 37.98 83.36
C PRO A 314 0.19 36.49 83.61
N ALA A 315 0.77 36.04 84.72
CA ALA A 315 0.95 34.61 84.98
C ALA A 315 -0.15 34.07 85.90
N TYR A 316 -0.61 32.84 85.60
CA TYR A 316 -1.61 32.16 86.45
C TYR A 316 -1.10 30.84 87.01
N GLY A 317 0.12 30.46 86.63
CA GLY A 317 0.75 29.24 87.12
C GLY A 317 2.25 29.35 87.01
N TYR A 318 2.91 28.21 87.12
CA TYR A 318 4.36 28.13 87.20
C TYR A 318 4.95 27.82 85.83
N THR A 319 4.62 26.65 85.28
CA THR A 319 5.06 26.26 83.95
C THR A 319 4.53 27.24 82.92
N PRO A 320 5.41 27.87 82.13
CA PRO A 320 4.98 28.78 81.07
C PRO A 320 4.00 28.06 80.13
N PRO A 321 2.89 28.70 79.75
CA PRO A 321 1.89 28.02 78.88
C PRO A 321 2.40 27.60 77.49
N TYR A 322 3.43 28.30 77.00
N TYR A 322 3.43 28.28 76.98
CA TYR A 322 4.05 28.02 75.71
CA TYR A 322 3.99 27.92 75.68
C TYR A 322 5.18 26.97 75.76
C TYR A 322 5.20 26.97 75.76
N THR A 323 5.41 26.35 76.92
CA THR A 323 6.36 25.22 77.04
C THR A 323 5.91 24.05 76.16
N ASP A 324 6.85 23.39 75.48
CA ASP A 324 6.52 22.23 74.66
C ASP A 324 5.92 21.12 75.51
N GLY A 325 4.72 20.69 75.17
CA GLY A 325 4.02 19.65 75.94
C GLY A 325 3.02 20.16 76.97
N ALA A 326 2.91 21.48 77.11
CA ALA A 326 1.96 22.10 78.04
C ALA A 326 0.66 22.49 77.32
N LYS A 327 -0.48 22.09 77.87
CA LYS A 327 -1.78 22.66 77.49
C LYS A 327 -2.51 23.02 78.77
N LEU A 328 -2.18 24.19 79.30
CA LEU A 328 -2.58 24.55 80.65
C LEU A 328 -3.97 25.16 80.65
N THR A 329 -4.64 25.06 81.79
CA THR A 329 -5.91 25.76 82.02
C THR A 329 -5.68 26.89 83.01
N GLN A 330 -6.42 27.97 82.86
CA GLN A 330 -6.43 29.06 83.82
C GLN A 330 -7.38 28.72 84.97
N PRO A 331 -6.95 28.89 86.24
CA PRO A 331 -7.87 28.61 87.33
C PRO A 331 -8.96 29.68 87.44
N GLU A 332 -10.04 29.34 88.13
CA GLU A 332 -11.20 30.23 88.19
C GLU A 332 -10.85 31.60 88.77
N TRP A 333 -9.98 31.63 89.77
CA TRP A 333 -9.64 32.90 90.42
C TRP A 333 -8.99 33.88 89.47
N PHE A 334 -8.32 33.37 88.45
CA PHE A 334 -7.66 34.25 87.48
C PHE A 334 -8.65 35.00 86.59
N GLY A 335 -9.89 34.51 86.47
CA GLY A 335 -10.95 35.21 85.72
C GLY A 335 -11.79 36.17 86.55
N TRP A 336 -11.56 36.24 87.86
CA TRP A 336 -12.29 37.21 88.69
C TRP A 336 -11.76 38.61 88.50
N SER A 337 -12.49 39.59 89.03
CA SER A 337 -11.97 40.95 89.15
C SER A 337 -11.02 40.99 90.34
N GLN A 338 -10.18 42.00 90.40
CA GLN A 338 -9.24 42.11 91.51
C GLN A 338 -9.98 42.38 92.82
N GLU A 339 -11.04 43.18 92.74
CA GLU A 339 -11.90 43.44 93.88
C GLU A 339 -12.43 42.15 94.52
N LYS A 340 -13.03 41.29 93.70
CA LYS A 340 -13.44 39.95 94.13
C LYS A 340 -12.25 39.14 94.72
N ARG A 341 -11.12 39.12 94.00
CA ARG A 341 -9.90 38.46 94.51
C ARG A 341 -9.49 39.01 95.89
N ASN A 342 -9.56 40.33 96.07
CA ASN A 342 -9.16 40.96 97.32
C ASN A 342 -10.08 40.53 98.48
N GLU A 343 -11.39 40.47 98.18
CA GLU A 343 -12.37 40.09 99.17
C GLU A 343 -12.16 38.65 99.63
N GLU A 344 -11.91 37.76 98.67
CA GLU A 344 -11.60 36.36 98.98
C GLU A 344 -10.38 36.26 99.87
N ALA A 345 -9.31 36.98 99.50
CA ALA A 345 -8.05 36.96 100.24
C ALA A 345 -8.20 37.39 101.71
N LYS A 346 -8.93 38.48 101.96
CA LYS A 346 -9.12 38.97 103.31
C LYS A 346 -9.98 38.04 104.17
N LYS A 347 -10.95 37.35 103.57
CA LYS A 347 -11.72 36.33 104.28
C LYS A 347 -10.80 35.16 104.67
N LEU A 348 -9.92 34.79 103.75
CA LEU A 348 -8.97 33.70 104.01
C LEU A 348 -8.02 34.07 105.15
N LEU A 349 -7.49 35.30 105.12
CA LEU A 349 -6.63 35.79 106.20
C LEU A 349 -7.33 35.73 107.56
N ALA A 350 -8.60 36.12 107.58
CA ALA A 350 -9.39 36.15 108.81
C ALA A 350 -9.63 34.73 109.35
N GLU A 351 -10.01 33.82 108.47
CA GLU A 351 -10.07 32.40 108.82
C GLU A 351 -8.80 31.94 109.54
N ALA A 352 -7.64 32.29 108.98
CA ALA A 352 -6.34 31.95 109.59
C ALA A 352 -6.04 32.78 110.86
N GLY A 353 -6.83 33.83 111.10
CA GLY A 353 -6.70 34.62 112.33
C GLY A 353 -5.96 35.94 112.16
N TYR A 354 -5.66 36.31 110.92
CA TYR A 354 -5.03 37.60 110.64
C TYR A 354 -6.09 38.60 110.14
N THR A 355 -6.31 39.63 110.94
CA THR A 355 -7.39 40.59 110.72
C THR A 355 -6.83 41.98 110.50
N ALA A 356 -7.73 42.92 110.22
CA ALA A 356 -7.39 44.34 110.14
C ALA A 356 -6.68 44.82 111.40
N ASP A 357 -7.23 44.47 112.56
CA ASP A 357 -6.66 44.89 113.84
C ASP A 357 -5.40 44.12 114.22
N LYS A 358 -5.20 42.95 113.64
CA LYS A 358 -4.03 42.11 113.92
C LYS A 358 -3.36 41.70 112.60
N PRO A 359 -2.79 42.69 111.88
CA PRO A 359 -2.25 42.48 110.55
C PRO A 359 -0.95 41.69 110.51
N LEU A 360 -0.64 41.19 109.32
CA LEU A 360 0.57 40.45 109.08
C LEU A 360 1.67 41.40 108.60
N THR A 361 2.87 41.24 109.14
CA THR A 361 4.07 41.87 108.60
C THR A 361 5.01 40.77 108.10
N ILE A 362 5.48 40.91 106.87
CA ILE A 362 6.39 39.94 106.28
C ILE A 362 7.56 40.66 105.63
N ASN A 363 8.61 39.88 105.33
CA ASN A 363 9.77 40.39 104.60
C ASN A 363 9.75 39.87 103.16
N LEU A 364 9.90 40.78 102.20
CA LEU A 364 10.04 40.39 100.79
C LEU A 364 11.51 40.51 100.40
N LEU A 365 12.15 39.36 100.17
CA LEU A 365 13.55 39.29 99.77
C LEU A 365 13.64 39.45 98.24
N TYR A 366 14.64 40.18 97.76
CA TYR A 366 14.94 40.19 96.33
C TYR A 366 16.43 40.37 96.07
N ASN A 367 16.85 39.98 94.86
CA ASN A 367 18.24 40.19 94.45
C ASN A 367 18.44 41.55 93.84
N THR A 368 19.55 42.20 94.22
CA THR A 368 19.86 43.56 93.80
C THR A 368 19.67 43.70 92.30
N SER A 369 18.86 44.70 91.94
CA SER A 369 18.37 44.92 90.58
C SER A 369 17.45 46.13 90.63
N ASP A 370 17.56 47.01 89.64
CA ASP A 370 16.65 48.15 89.55
C ASP A 370 15.22 47.69 89.21
N LEU A 371 15.10 46.67 88.35
CA LEU A 371 13.81 46.11 87.99
C LEU A 371 13.12 45.46 89.18
N HIS A 372 13.80 44.57 89.89
CA HIS A 372 13.15 43.86 90.99
C HIS A 372 12.80 44.83 92.12
N LYS A 373 13.60 45.86 92.31
CA LYS A 373 13.30 46.84 93.33
C LYS A 373 11.99 47.53 93.02
N LYS A 374 11.85 48.06 91.81
CA LYS A 374 10.63 48.79 91.43
C LYS A 374 9.43 47.86 91.58
N LEU A 375 9.53 46.65 91.04
CA LEU A 375 8.44 45.70 91.14
C LEU A 375 8.16 45.29 92.60
N ALA A 376 9.21 45.17 93.42
CA ALA A 376 8.99 44.83 94.82
C ALA A 376 8.28 45.98 95.57
N ILE A 377 8.62 47.23 95.23
CA ILE A 377 7.96 48.37 95.86
C ILE A 377 6.48 48.41 95.49
N ALA A 378 6.18 48.12 94.21
CA ALA A 378 4.78 48.01 93.78
C ALA A 378 4.07 46.84 94.46
N ALA A 379 4.71 45.68 94.51
CA ALA A 379 4.12 44.52 95.17
C ALA A 379 3.76 44.77 96.64
N SER A 380 4.68 45.40 97.38
CA SER A 380 4.43 45.79 98.77
C SER A 380 3.25 46.76 98.88
N SER A 381 3.21 47.71 97.97
CA SER A 381 2.14 48.71 98.02
C SER A 381 0.78 48.04 97.70
N LEU A 382 0.76 47.20 96.67
CA LEU A 382 -0.44 46.43 96.30
C LEU A 382 -0.97 45.57 97.43
N TRP A 383 -0.08 44.82 98.07
CA TRP A 383 -0.50 43.94 99.17
C TRP A 383 -1.05 44.68 100.35
N LYS A 384 -0.45 45.82 100.68
CA LYS A 384 -0.96 46.65 101.79
C LYS A 384 -2.37 47.12 101.51
N LYS A 385 -2.55 47.75 100.35
CA LYS A 385 -3.84 48.30 99.98
C LYS A 385 -4.92 47.23 99.76
N ASN A 386 -4.56 46.14 99.08
CA ASN A 386 -5.53 45.12 98.65
C ASN A 386 -5.95 44.14 99.75
N ILE A 387 -5.00 43.67 100.54
CA ILE A 387 -5.29 42.64 101.54
C ILE A 387 -4.77 42.97 102.95
N GLY A 388 -4.29 44.19 103.14
CA GLY A 388 -3.87 44.64 104.46
C GLY A 388 -2.60 44.03 105.01
N VAL A 389 -1.72 43.53 104.15
CA VAL A 389 -0.46 42.94 104.62
C VAL A 389 0.69 43.97 104.51
N ASN A 390 1.45 44.12 105.59
CA ASN A 390 2.61 45.01 105.63
C ASN A 390 3.83 44.28 105.12
N VAL A 391 4.52 44.84 104.13
CA VAL A 391 5.65 44.15 103.50
C VAL A 391 6.91 45.02 103.49
N LYS A 392 7.96 44.53 104.15
CA LYS A 392 9.24 45.22 104.22
C LYS A 392 10.20 44.60 103.22
N LEU A 393 10.96 45.44 102.52
CA LEU A 393 11.88 44.94 101.48
C LEU A 393 13.25 44.61 102.07
N VAL A 394 13.85 43.55 101.54
CA VAL A 394 15.20 43.16 101.93
C VAL A 394 15.94 42.81 100.67
N ASN A 395 17.12 43.38 100.45
CA ASN A 395 17.85 43.08 99.23
C ASN A 395 19.21 42.44 99.51
N GLN A 396 19.57 41.49 98.67
CA GLN A 396 20.80 40.73 98.83
C GLN A 396 21.44 40.52 97.46
N GLU A 397 22.77 40.42 97.42
CA GLU A 397 23.45 40.09 96.18
C GLU A 397 23.13 38.65 95.75
N TRP A 398 23.22 38.43 94.44
CA TRP A 398 22.80 37.19 93.77
C TRP A 398 23.16 35.92 94.51
N LYS A 399 24.47 35.68 94.68
CA LYS A 399 25.04 34.51 95.37
C LYS A 399 24.46 34.29 96.78
N THR A 400 24.30 35.37 97.53
CA THR A 400 23.76 35.29 98.89
C THR A 400 22.25 35.07 98.88
N PHE A 401 21.57 35.83 98.04
CA PHE A 401 20.15 35.66 97.74
C PHE A 401 19.80 34.19 97.52
N LEU A 402 20.52 33.54 96.63
CA LEU A 402 20.28 32.12 96.36
C LEU A 402 20.50 31.27 97.62
N ASP A 403 21.60 31.52 98.32
CA ASP A 403 21.92 30.86 99.60
C ASP A 403 20.75 30.95 100.60
N THR A 404 20.29 32.18 100.86
CA THR A 404 19.18 32.43 101.77
C THR A 404 17.94 31.59 101.45
N ARG A 405 17.63 31.45 100.18
CA ARG A 405 16.43 30.76 99.78
C ARG A 405 16.56 29.26 100.04
N HIS A 406 17.75 28.71 99.83
CA HIS A 406 18.02 27.32 100.17
C HIS A 406 18.04 27.08 101.66
N GLN A 407 18.50 28.06 102.43
CA GLN A 407 18.53 27.95 103.89
C GLN A 407 17.15 28.20 104.52
N GLY A 408 16.23 28.79 103.76
CA GLY A 408 14.89 29.06 104.25
C GLY A 408 14.78 30.24 105.22
N THR A 409 15.79 31.10 105.25
CA THR A 409 15.78 32.25 106.14
C THR A 409 15.11 33.43 105.45
N PHE A 410 13.89 33.21 104.97
CA PHE A 410 13.10 34.21 104.27
C PHE A 410 11.62 33.86 104.38
N ASP A 411 10.76 34.86 104.17
CA ASP A 411 9.30 34.70 104.17
C ASP A 411 8.79 34.50 102.74
N VAL A 412 8.99 35.55 101.94
CA VAL A 412 8.60 35.63 100.55
C VAL A 412 9.82 36.19 99.77
N ALA A 413 10.00 35.73 98.54
CA ALA A 413 11.17 36.12 97.74
C ALA A 413 10.82 36.31 96.26
N ARG A 414 11.34 37.37 95.65
CA ARG A 414 11.28 37.53 94.20
C ARG A 414 12.03 36.35 93.62
N ALA A 415 11.44 35.68 92.63
CA ALA A 415 12.08 34.57 91.97
C ALA A 415 11.77 34.53 90.48
N GLY A 416 12.70 33.97 89.72
CA GLY A 416 12.51 33.67 88.32
C GLY A 416 13.09 32.31 88.06
N TRP A 417 12.33 31.45 87.38
CA TRP A 417 12.81 30.15 86.96
C TRP A 417 12.70 30.04 85.47
N CYS A 418 13.76 29.52 84.86
CA CYS A 418 13.85 29.35 83.42
C CYS A 418 14.02 27.87 83.10
N ALA A 419 13.35 27.41 82.05
CA ALA A 419 13.47 25.99 81.67
C ALA A 419 14.94 25.66 81.47
N ASP A 420 15.31 24.44 81.87
CA ASP A 420 16.61 23.86 81.54
C ASP A 420 16.54 23.00 80.27
N TYR A 421 15.37 22.41 80.05
CA TYR A 421 15.06 21.71 78.81
C TYR A 421 13.58 21.94 78.55
N ASN A 422 13.17 21.88 77.30
CA ASN A 422 11.85 22.40 76.92
C ASN A 422 10.74 21.35 77.05
N GLU A 423 10.30 21.15 78.29
CA GLU A 423 9.36 20.08 78.62
C GLU A 423 8.91 20.40 80.03
N PRO A 424 7.64 20.14 80.35
CA PRO A 424 7.14 20.77 81.57
C PRO A 424 7.76 20.31 82.89
N THR A 425 8.40 19.13 82.91
CA THR A 425 8.99 18.61 84.13
C THR A 425 10.20 19.45 84.55
N SER A 426 10.81 20.14 83.58
CA SER A 426 11.89 21.07 83.88
C SER A 426 11.49 22.11 84.92
N PHE A 427 10.20 22.47 84.92
CA PHE A 427 9.60 23.26 85.97
C PHE A 427 9.05 22.42 87.10
N LEU A 428 8.16 21.49 86.76
CA LEU A 428 7.36 20.81 87.78
C LEU A 428 8.23 19.95 88.72
N ASN A 429 9.34 19.43 88.20
CA ASN A 429 10.22 18.63 89.04
C ASN A 429 10.91 19.43 90.16
N THR A 430 10.91 20.77 90.06
CA THR A 430 11.51 21.59 91.11
C THR A 430 10.63 21.70 92.35
N MET A 431 9.36 21.30 92.21
CA MET A 431 8.42 21.37 93.32
C MET A 431 8.23 19.97 93.94
N LEU A 432 8.98 18.98 93.46
CA LEU A 432 8.99 17.68 94.11
C LEU A 432 9.54 17.81 95.52
N SER A 433 8.92 17.11 96.46
CA SER A 433 9.30 17.17 97.87
C SER A 433 10.78 16.99 98.04
N ASN A 434 11.37 16.08 97.27
CA ASN A 434 12.77 15.70 97.40
C ASN A 434 13.77 16.52 96.59
N SER A 435 13.33 17.55 95.88
CA SER A 435 14.21 18.18 94.88
C SER A 435 15.22 19.15 95.50
N SER A 436 16.47 19.04 95.05
CA SER A 436 17.52 20.00 95.43
C SER A 436 17.21 21.43 95.01
N MET A 437 16.27 21.61 94.09
CA MET A 437 15.89 22.97 93.61
C MET A 437 14.64 23.54 94.27
N ASN A 438 14.09 22.85 95.26
CA ASN A 438 12.81 23.25 95.87
C ASN A 438 13.00 24.29 96.96
N THR A 439 13.10 25.55 96.52
CA THR A 439 13.35 26.64 97.43
C THR A 439 12.06 27.19 98.02
N ALA A 440 10.93 26.82 97.42
CA ALA A 440 9.63 27.13 98.01
C ALA A 440 9.37 26.28 99.25
N HIS A 441 10.18 25.25 99.44
CA HIS A 441 9.98 24.26 100.50
C HIS A 441 8.58 23.72 100.51
N TYR A 442 8.09 23.44 99.29
CA TYR A 442 6.79 22.89 99.05
C TYR A 442 6.89 21.35 99.03
N LYS A 443 6.11 20.72 99.89
CA LYS A 443 6.10 19.28 100.03
C LYS A 443 4.64 18.78 100.03
N SER A 444 4.19 18.27 98.88
CA SER A 444 2.85 17.67 98.72
C SER A 444 3.01 16.24 98.21
N PRO A 445 2.67 15.25 99.05
CA PRO A 445 2.67 13.88 98.56
C PRO A 445 1.74 13.73 97.34
N ALA A 446 0.62 14.43 97.33
CA ALA A 446 -0.32 14.40 96.19
C ALA A 446 0.34 14.87 94.89
N PHE A 447 1.06 15.99 94.95
CA PHE A 447 1.84 16.50 93.81
C PHE A 447 2.89 15.49 93.33
N ASP A 448 3.68 14.99 94.27
CA ASP A 448 4.71 14.03 93.92
C ASP A 448 4.10 12.82 93.17
N SER A 449 2.95 12.36 93.66
CA SER A 449 2.25 11.23 93.08
C SER A 449 1.76 11.52 91.66
N ILE A 450 1.23 12.71 91.41
CA ILE A 450 0.89 13.10 90.05
C ILE A 450 2.13 13.02 89.14
N MET A 451 3.26 13.57 89.60
CA MET A 451 4.46 13.57 88.80
C MET A 451 5.00 12.15 88.57
N ALA A 452 4.89 11.28 89.56
CA ALA A 452 5.29 9.88 89.34
C ALA A 452 4.43 9.20 88.24
N GLU A 453 3.14 9.57 88.14
CA GLU A 453 2.26 9.05 87.10
C GLU A 453 2.66 9.46 85.67
N THR A 454 3.35 10.58 85.51
CA THR A 454 3.68 11.09 84.17
C THR A 454 4.57 10.13 83.40
N LEU A 455 5.36 9.33 84.10
CA LEU A 455 6.21 8.34 83.43
C LEU A 455 5.66 6.91 83.45
N LYS A 456 4.42 6.75 83.89
CA LYS A 456 3.75 5.45 83.82
C LYS A 456 2.68 5.40 82.74
N VAL A 457 2.33 6.54 82.16
CA VAL A 457 1.36 6.60 81.09
C VAL A 457 2.02 6.23 79.76
N THR A 458 1.21 5.84 78.79
CA THR A 458 1.77 5.29 77.57
C THR A 458 2.00 6.30 76.44
N ASP A 459 1.25 7.40 76.42
CA ASP A 459 1.41 8.35 75.34
C ASP A 459 1.53 9.79 75.81
N GLU A 460 2.06 10.62 74.93
CA GLU A 460 2.43 11.99 75.25
C GLU A 460 1.22 12.87 75.58
N ALA A 461 0.09 12.60 74.93
CA ALA A 461 -1.14 13.32 75.26
C ALA A 461 -1.54 13.10 76.74
N GLN A 462 -1.42 11.88 77.24
CA GLN A 462 -1.72 11.58 78.66
C GLN A 462 -0.74 12.29 79.61
N ARG A 463 0.52 12.31 79.23
CA ARG A 463 1.55 13.01 79.99
C ARG A 463 1.18 14.52 80.09
N THR A 464 0.84 15.10 78.95
CA THR A 464 0.39 16.50 78.88
C THR A 464 -0.82 16.76 79.79
N ALA A 465 -1.78 15.84 79.83
CA ALA A 465 -2.98 16.06 80.65
C ALA A 465 -2.62 15.99 82.14
N LEU A 466 -1.65 15.15 82.47
CA LEU A 466 -1.18 15.05 83.86
C LEU A 466 -0.40 16.28 84.31
N TYR A 467 0.42 16.86 83.42
CA TYR A 467 1.13 18.10 83.76
C TYR A 467 0.13 19.20 84.13
N THR A 468 -1.03 19.20 83.48
CA THR A 468 -2.10 20.15 83.83
C THR A 468 -2.66 19.83 85.23
N LYS A 469 -2.79 18.53 85.55
CA LYS A 469 -3.21 18.13 86.89
C LYS A 469 -2.18 18.55 87.95
N ALA A 470 -0.90 18.45 87.60
CA ALA A 470 0.17 18.90 88.49
C ALA A 470 0.03 20.40 88.78
N GLU A 471 -0.09 21.21 87.73
CA GLU A 471 -0.23 22.67 87.89
C GLU A 471 -1.46 23.03 88.73
N GLN A 472 -2.58 22.35 88.47
CA GLN A 472 -3.80 22.60 89.21
C GLN A 472 -3.62 22.34 90.70
N GLN A 473 -2.87 21.28 91.02
CA GLN A 473 -2.59 20.95 92.40
C GLN A 473 -1.66 21.95 93.06
N LEU A 474 -0.62 22.35 92.33
CA LEU A 474 0.29 23.41 92.78
C LEU A 474 -0.47 24.71 93.11
N ASP A 475 -1.41 25.07 92.22
CA ASP A 475 -2.27 26.25 92.39
C ASP A 475 -3.25 26.09 93.54
N LYS A 476 -3.89 24.92 93.66
CA LYS A 476 -4.81 24.65 94.76
C LYS A 476 -4.10 24.75 96.12
N ASP A 477 -2.80 24.54 96.13
CA ASP A 477 -2.00 24.66 97.36
C ASP A 477 -1.35 26.00 97.53
N SER A 478 -1.54 26.90 96.57
CA SER A 478 -0.89 28.21 96.54
C SER A 478 0.57 28.17 96.99
N ALA A 479 1.33 27.34 96.30
CA ALA A 479 2.74 27.16 96.58
C ALA A 479 3.52 28.46 96.31
N ILE A 480 3.14 29.17 95.25
CA ILE A 480 3.83 30.39 94.86
C ILE A 480 2.82 31.45 94.44
N VAL A 481 3.30 32.66 94.24
CA VAL A 481 2.50 33.77 93.70
C VAL A 481 2.95 34.10 92.28
N PRO A 482 2.30 33.50 91.25
CA PRO A 482 2.68 33.78 89.86
C PRO A 482 2.51 35.25 89.58
N VAL A 483 3.42 35.85 88.83
CA VAL A 483 3.30 37.28 88.49
C VAL A 483 3.20 37.48 86.96
N TYR A 484 4.29 37.24 86.23
CA TYR A 484 4.27 37.27 84.79
C TYR A 484 5.21 36.28 84.13
N TYR A 485 4.89 35.95 82.88
CA TYR A 485 5.78 35.15 82.03
C TYR A 485 6.78 36.10 81.34
N TYR A 486 8.03 35.69 81.36
CA TYR A 486 9.12 36.49 80.81
C TYR A 486 9.02 36.67 79.30
N VAL A 487 9.75 37.67 78.82
CA VAL A 487 10.24 37.72 77.46
C VAL A 487 11.78 37.83 77.57
N ASN A 488 12.49 37.55 76.49
CA ASN A 488 13.94 37.73 76.39
C ASN A 488 14.22 39.03 75.64
N ALA A 489 14.38 40.12 76.39
CA ALA A 489 14.64 41.45 75.82
C ALA A 489 16.07 41.89 76.15
N ARG A 490 16.87 42.19 75.14
CA ARG A 490 18.21 42.75 75.38
C ARG A 490 18.64 43.65 74.23
N LEU A 491 19.66 44.46 74.51
CA LEU A 491 20.29 45.28 73.49
C LEU A 491 21.47 44.53 72.91
N VAL A 492 21.61 44.57 71.58
CA VAL A 492 22.74 43.93 70.88
C VAL A 492 23.24 44.88 69.81
N LYS A 493 24.55 45.17 69.82
CA LYS A 493 25.13 46.11 68.86
C LYS A 493 24.96 45.58 67.43
N PRO A 494 24.85 46.49 66.45
CA PRO A 494 24.62 46.11 65.06
C PRO A 494 25.70 45.21 64.45
N TRP A 495 26.93 45.29 64.95
CA TRP A 495 28.04 44.47 64.41
C TRP A 495 28.17 43.13 65.07
N VAL A 496 27.36 42.85 66.09
CA VAL A 496 27.35 41.53 66.68
C VAL A 496 26.50 40.62 65.82
N GLY A 497 27.07 39.52 65.34
CA GLY A 497 26.33 38.58 64.51
C GLY A 497 26.26 37.23 65.20
N GLY A 498 25.22 36.46 64.87
CA GLY A 498 25.05 35.12 65.43
C GLY A 498 24.07 35.05 66.59
N TYR A 499 23.52 36.20 66.98
CA TYR A 499 22.44 36.22 67.95
C TYR A 499 21.10 36.21 67.22
N THR A 500 20.48 35.03 67.12
CA THR A 500 19.19 34.89 66.43
C THR A 500 18.01 35.13 67.37
N GLY A 501 18.18 34.83 68.65
CA GLY A 501 17.12 34.95 69.65
C GLY A 501 16.02 33.90 69.56
N LYS A 502 16.17 32.90 68.69
CA LYS A 502 15.12 31.93 68.37
C LYS A 502 15.06 30.72 69.33
N ASP A 503 16.04 30.59 70.20
CA ASP A 503 15.97 29.61 71.27
C ASP A 503 15.19 30.19 72.47
N PRO A 504 14.01 29.63 72.76
CA PRO A 504 13.17 30.14 73.85
C PRO A 504 13.77 29.92 75.27
N LEU A 505 14.82 29.10 75.37
CA LEU A 505 15.61 28.95 76.61
C LEU A 505 16.84 29.85 76.65
N ASP A 506 17.20 30.44 75.50
CA ASP A 506 18.28 31.44 75.40
C ASP A 506 19.63 30.87 75.78
N ASN A 507 19.88 29.62 75.37
CA ASN A 507 21.17 29.02 75.59
C ASN A 507 22.12 29.32 74.43
N THR A 508 22.58 30.57 74.40
CA THR A 508 23.53 31.04 73.39
C THR A 508 24.95 30.59 73.76
N TYR A 509 25.80 30.46 72.74
CA TYR A 509 27.20 30.11 72.94
C TYR A 509 28.04 31.15 72.22
N THR A 510 29.12 31.59 72.83
CA THR A 510 29.99 32.59 72.24
C THR A 510 30.61 32.09 70.94
N ARG A 511 30.92 30.79 70.89
CA ARG A 511 31.40 30.15 69.65
C ARG A 511 30.45 30.28 68.44
N ASN A 512 29.19 30.69 68.64
CA ASN A 512 28.28 30.97 67.50
C ASN A 512 28.24 32.43 67.06
N MET A 513 28.97 33.32 67.71
CA MET A 513 28.90 34.71 67.33
C MET A 513 30.16 35.19 66.58
N TYR A 514 30.09 36.40 66.05
CA TYR A 514 31.15 36.98 65.24
C TYR A 514 30.95 38.46 65.21
N ILE A 515 32.02 39.20 64.95
CA ILE A 515 31.96 40.64 64.89
C ILE A 515 32.15 41.08 63.45
N VAL A 516 31.13 41.75 62.92
CA VAL A 516 31.15 42.28 61.56
C VAL A 516 31.99 43.56 61.57
N LYS A 517 32.72 43.82 60.50
CA LYS A 517 33.54 45.04 60.40
C LYS A 517 32.65 46.27 60.52
N HIS A 518 33.11 47.25 61.30
CA HIS A 518 32.34 48.46 61.54
C HIS A 518 33.26 49.62 61.85
N ALA B 2 -15.60 -24.32 -55.98
CA ALA B 2 -14.73 -25.37 -56.57
C ALA B 2 -13.97 -24.83 -57.77
N ASP B 3 -12.70 -25.22 -57.91
CA ASP B 3 -11.90 -24.91 -59.08
C ASP B 3 -11.65 -26.22 -59.81
N VAL B 4 -12.49 -26.53 -60.80
CA VAL B 4 -12.39 -27.79 -61.57
C VAL B 4 -11.19 -27.71 -62.54
N PRO B 5 -10.23 -28.64 -62.42
CA PRO B 5 -9.06 -28.54 -63.29
C PRO B 5 -9.37 -28.72 -64.76
N ALA B 6 -8.54 -28.12 -65.60
CA ALA B 6 -8.63 -28.27 -67.05
C ALA B 6 -8.55 -29.76 -67.41
N GLY B 7 -9.40 -30.18 -68.36
CA GLY B 7 -9.38 -31.55 -68.86
C GLY B 7 -10.17 -32.57 -68.06
N VAL B 8 -10.71 -32.14 -66.91
CA VAL B 8 -11.54 -33.01 -66.10
C VAL B 8 -12.95 -32.96 -66.65
N THR B 9 -13.53 -34.13 -66.91
CA THR B 9 -14.92 -34.23 -67.36
C THR B 9 -15.84 -34.44 -66.16
N LEU B 10 -16.71 -33.47 -65.89
CA LEU B 10 -17.65 -33.54 -64.78
C LEU B 10 -18.81 -34.49 -65.11
N ALA B 11 -19.24 -35.26 -64.10
CA ALA B 11 -20.39 -36.13 -64.22
C ALA B 11 -21.66 -35.30 -64.40
N GLU B 12 -22.63 -35.84 -65.12
CA GLU B 12 -23.90 -35.13 -65.30
C GLU B 12 -24.61 -34.95 -63.97
N LYS B 13 -24.57 -35.97 -63.12
CA LYS B 13 -25.19 -35.90 -61.79
C LYS B 13 -24.17 -35.48 -60.74
N GLN B 14 -24.36 -34.28 -60.19
CA GLN B 14 -23.45 -33.73 -59.19
C GLN B 14 -24.06 -33.85 -57.79
N THR B 15 -23.99 -35.06 -57.26
CA THR B 15 -24.52 -35.37 -55.93
C THR B 15 -23.42 -36.00 -55.10
N LEU B 16 -23.47 -35.76 -53.78
CA LEU B 16 -22.45 -36.27 -52.86
C LEU B 16 -23.10 -36.85 -51.61
N VAL B 17 -22.65 -38.04 -51.21
CA VAL B 17 -23.08 -38.65 -49.95
C VAL B 17 -21.88 -38.79 -49.00
N ARG B 18 -21.97 -38.12 -47.85
CA ARG B 18 -20.94 -38.13 -46.80
C ARG B 18 -21.50 -38.69 -45.49
N ASN B 19 -20.68 -39.45 -44.76
CA ASN B 19 -21.04 -39.80 -43.38
C ASN B 19 -20.52 -38.74 -42.41
N ASN B 20 -21.45 -38.19 -41.63
CA ASN B 20 -21.11 -37.13 -40.69
C ASN B 20 -20.87 -37.67 -39.29
N GLY B 21 -21.02 -38.99 -39.12
CA GLY B 21 -20.63 -39.68 -37.88
C GLY B 21 -21.64 -39.75 -36.73
N SER B 22 -22.61 -38.85 -36.70
CA SER B 22 -23.65 -38.89 -35.68
C SER B 22 -24.74 -37.88 -36.01
N GLU B 23 -25.86 -37.99 -35.30
CA GLU B 23 -26.94 -37.01 -35.42
C GLU B 23 -26.51 -35.71 -34.78
N VAL B 24 -26.63 -34.60 -35.51
CA VAL B 24 -26.18 -33.31 -35.01
C VAL B 24 -26.99 -32.85 -33.81
N GLN B 25 -26.34 -32.12 -32.91
CA GLN B 25 -27.02 -31.47 -31.78
C GLN B 25 -28.12 -30.56 -32.29
N SER B 26 -27.81 -29.85 -33.37
CA SER B 26 -28.57 -28.69 -33.82
C SER B 26 -28.05 -28.23 -35.20
N LEU B 27 -28.86 -27.46 -35.92
CA LEU B 27 -28.43 -26.74 -37.10
C LEU B 27 -28.34 -25.22 -36.83
N ASP B 28 -28.66 -24.84 -35.59
CA ASP B 28 -28.57 -23.46 -35.10
C ASP B 28 -27.10 -23.22 -34.73
N PRO B 29 -26.41 -22.30 -35.44
CA PRO B 29 -24.99 -22.10 -35.19
C PRO B 29 -24.62 -21.64 -33.78
N HIS B 30 -25.61 -21.22 -32.99
CA HIS B 30 -25.37 -20.85 -31.59
C HIS B 30 -25.67 -21.95 -30.60
N LYS B 31 -25.93 -23.17 -31.09
CA LYS B 31 -26.34 -24.28 -30.23
C LYS B 31 -25.48 -25.51 -30.48
N ILE B 32 -24.30 -25.28 -31.03
CA ILE B 32 -23.44 -26.36 -31.47
C ILE B 32 -22.04 -26.17 -30.93
N GLU B 33 -21.37 -27.29 -30.70
CA GLU B 33 -19.98 -27.28 -30.27
C GLU B 33 -19.14 -28.40 -30.93
N GLY B 34 -19.74 -29.19 -31.81
CA GLY B 34 -19.08 -30.41 -32.33
C GLY B 34 -18.72 -30.40 -33.81
N VAL B 35 -17.84 -31.32 -34.20
CA VAL B 35 -17.36 -31.47 -35.58
C VAL B 35 -18.53 -31.80 -36.52
N PRO B 36 -19.33 -32.85 -36.21
CA PRO B 36 -20.49 -33.15 -37.02
C PRO B 36 -21.36 -31.91 -37.31
N GLU B 37 -21.58 -31.13 -36.26
CA GLU B 37 -22.39 -29.92 -36.33
C GLU B 37 -21.78 -28.84 -37.23
N SER B 38 -20.47 -28.64 -37.10
CA SER B 38 -19.75 -27.65 -37.89
C SER B 38 -19.71 -27.97 -39.39
N ASN B 39 -19.51 -29.24 -39.72
CA ASN B 39 -19.53 -29.73 -41.10
C ASN B 39 -20.78 -29.30 -41.85
N ILE B 40 -21.95 -29.57 -41.28
CA ILE B 40 -23.18 -29.14 -41.92
C ILE B 40 -23.31 -27.61 -41.90
N SER B 41 -22.91 -26.99 -40.78
CA SER B 41 -23.03 -25.53 -40.64
C SER B 41 -22.27 -24.77 -41.71
N ARG B 42 -21.08 -25.24 -42.05
CA ARG B 42 -20.25 -24.56 -43.05
C ARG B 42 -20.91 -24.55 -44.44
N ASP B 43 -21.76 -25.53 -44.73
CA ASP B 43 -22.48 -25.52 -46.00
C ASP B 43 -23.67 -24.57 -45.98
N LEU B 44 -24.30 -24.41 -44.80
CA LEU B 44 -25.51 -23.63 -44.66
C LEU B 44 -25.30 -22.17 -44.34
N PHE B 45 -24.27 -21.85 -43.56
CA PHE B 45 -24.08 -20.47 -43.13
C PHE B 45 -22.62 -20.07 -43.32
N GLU B 46 -22.43 -18.83 -43.76
CA GLU B 46 -21.12 -18.30 -44.08
C GLU B 46 -20.91 -17.02 -43.29
N GLY B 47 -19.82 -16.97 -42.54
CA GLY B 47 -19.45 -15.77 -41.80
C GLY B 47 -18.57 -14.84 -42.60
N LEU B 48 -17.84 -13.99 -41.88
CA LEU B 48 -17.07 -12.92 -42.49
C LEU B 48 -15.95 -13.47 -43.34
N LEU B 49 -15.37 -14.58 -42.89
CA LEU B 49 -14.25 -15.20 -43.55
C LEU B 49 -14.48 -16.70 -43.58
N VAL B 50 -13.80 -17.39 -44.50
CA VAL B 50 -13.84 -18.85 -44.60
C VAL B 50 -12.41 -19.38 -44.65
N SER B 51 -12.26 -20.69 -44.54
CA SER B 51 -10.97 -21.37 -44.73
C SER B 51 -10.74 -21.75 -46.20
N ASP B 52 -9.60 -21.38 -46.78
CA ASP B 52 -9.26 -21.82 -48.12
C ASP B 52 -8.86 -23.31 -48.04
N LEU B 53 -8.41 -23.88 -49.16
CA LEU B 53 -8.12 -25.32 -49.21
C LEU B 53 -6.92 -25.73 -48.36
N ASP B 54 -6.06 -24.77 -48.00
CA ASP B 54 -4.94 -25.04 -47.12
C ASP B 54 -5.20 -24.63 -45.67
N GLY B 55 -6.42 -24.19 -45.36
CA GLY B 55 -6.76 -23.80 -43.98
C GLY B 55 -6.53 -22.32 -43.64
N HIS B 56 -6.10 -21.52 -44.61
CA HIS B 56 -5.87 -20.11 -44.38
C HIS B 56 -7.14 -19.31 -44.45
N PRO B 57 -7.33 -18.33 -43.54
CA PRO B 57 -8.49 -17.47 -43.67
C PRO B 57 -8.58 -16.82 -45.04
N ALA B 58 -9.79 -16.78 -45.60
CA ALA B 58 -10.05 -16.16 -46.90
C ALA B 58 -11.37 -15.37 -46.85
N PRO B 59 -11.63 -14.51 -47.84
CA PRO B 59 -12.88 -13.76 -47.89
C PRO B 59 -14.15 -14.65 -47.86
N GLY B 60 -15.05 -14.37 -46.92
CA GLY B 60 -16.37 -15.00 -46.85
C GLY B 60 -17.37 -13.95 -47.28
N VAL B 61 -18.30 -13.60 -46.38
CA VAL B 61 -19.18 -12.44 -46.62
C VAL B 61 -18.36 -11.15 -46.70
N ALA B 62 -17.28 -11.06 -45.93
CA ALA B 62 -16.34 -9.94 -46.03
C ALA B 62 -15.42 -10.09 -47.25
N GLU B 63 -15.44 -9.11 -48.13
CA GLU B 63 -14.56 -9.17 -49.32
C GLU B 63 -13.18 -8.60 -49.01
N SER B 64 -13.11 -7.70 -48.03
CA SER B 64 -11.84 -7.16 -47.55
C SER B 64 -11.99 -6.66 -46.12
N TRP B 65 -10.86 -6.48 -45.45
CA TRP B 65 -10.88 -6.04 -44.07
C TRP B 65 -9.65 -5.29 -43.64
N ASP B 66 -9.83 -4.51 -42.59
CA ASP B 66 -8.82 -3.60 -42.06
C ASP B 66 -8.67 -3.87 -40.59
N ASN B 67 -7.55 -3.44 -40.03
CA ASN B 67 -7.40 -3.44 -38.58
C ASN B 67 -6.49 -2.30 -38.14
N LYS B 68 -6.82 -1.71 -36.99
CA LYS B 68 -5.92 -0.80 -36.29
C LYS B 68 -5.33 -1.48 -35.07
N ASP B 69 -4.00 -1.60 -35.04
CA ASP B 69 -3.29 -2.16 -33.89
C ASP B 69 -3.90 -3.49 -33.42
N ALA B 70 -4.47 -4.25 -34.36
CA ALA B 70 -5.10 -5.52 -34.07
C ALA B 70 -6.23 -5.41 -33.02
N LYS B 71 -6.80 -4.21 -32.91
CA LYS B 71 -7.71 -3.86 -31.81
C LYS B 71 -9.06 -3.37 -32.33
N VAL B 72 -9.05 -2.56 -33.39
CA VAL B 72 -10.28 -2.24 -34.11
C VAL B 72 -10.23 -2.88 -35.51
N TRP B 73 -11.17 -3.79 -35.77
CA TRP B 73 -11.32 -4.44 -37.09
C TRP B 73 -12.55 -4.02 -37.84
N THR B 74 -12.37 -3.65 -39.10
CA THR B 74 -13.45 -3.21 -39.96
C THR B 74 -13.54 -4.18 -41.12
N PHE B 75 -14.74 -4.73 -41.32
CA PHE B 75 -14.97 -5.67 -42.40
C PHE B 75 -15.88 -5.04 -43.41
N HIS B 76 -15.49 -5.14 -44.68
CA HIS B 76 -16.24 -4.57 -45.78
C HIS B 76 -16.97 -5.69 -46.48
N LEU B 77 -18.28 -5.72 -46.30
CA LEU B 77 -19.11 -6.83 -46.73
C LEU B 77 -19.42 -6.67 -48.20
N ARG B 78 -19.31 -7.76 -48.96
CA ARG B 78 -19.62 -7.72 -50.39
C ARG B 78 -21.10 -7.36 -50.61
N LYS B 79 -21.36 -6.56 -51.62
CA LYS B 79 -22.69 -6.02 -51.86
C LYS B 79 -23.70 -7.05 -52.36
N ASP B 80 -23.23 -8.19 -52.86
CA ASP B 80 -24.13 -9.22 -53.40
C ASP B 80 -24.29 -10.43 -52.46
N ALA B 81 -24.03 -10.25 -51.17
CA ALA B 81 -24.24 -11.30 -50.18
C ALA B 81 -25.74 -11.39 -49.92
N LYS B 82 -26.30 -12.59 -50.06
CA LYS B 82 -27.75 -12.77 -50.01
C LYS B 82 -28.15 -13.97 -49.17
N TRP B 83 -29.24 -13.81 -48.44
CA TRP B 83 -29.91 -14.93 -47.81
C TRP B 83 -30.69 -15.71 -48.85
N SER B 84 -31.05 -16.95 -48.51
CA SER B 84 -31.81 -17.82 -49.40
C SER B 84 -33.21 -17.32 -49.77
N ASP B 85 -33.74 -16.33 -49.03
CA ASP B 85 -35.01 -15.71 -49.39
C ASP B 85 -34.80 -14.44 -50.22
N GLY B 86 -33.57 -14.23 -50.68
CA GLY B 86 -33.28 -13.14 -51.60
C GLY B 86 -32.87 -11.83 -50.96
N THR B 87 -33.02 -11.73 -49.65
CA THR B 87 -32.69 -10.51 -48.95
C THR B 87 -31.18 -10.39 -48.74
N PRO B 88 -30.67 -9.15 -48.66
CA PRO B 88 -29.23 -8.95 -48.46
C PRO B 88 -28.76 -9.37 -47.08
N VAL B 89 -27.53 -9.84 -46.98
CA VAL B 89 -26.86 -10.03 -45.71
C VAL B 89 -26.19 -8.72 -45.39
N THR B 90 -26.46 -8.17 -44.22
CA THR B 90 -25.99 -6.84 -43.85
C THR B 90 -25.14 -6.90 -42.60
N ALA B 91 -24.51 -5.76 -42.30
CA ALA B 91 -23.73 -5.61 -41.08
C ALA B 91 -24.63 -5.85 -39.86
N GLN B 92 -25.84 -5.29 -39.91
N GLN B 92 -25.85 -5.31 -39.87
CA GLN B 92 -26.86 -5.46 -38.88
CA GLN B 92 -26.77 -5.51 -38.74
C GLN B 92 -27.11 -6.94 -38.49
C GLN B 92 -27.08 -6.98 -38.46
N ASP B 93 -27.07 -7.83 -39.48
CA ASP B 93 -27.26 -9.26 -39.26
C ASP B 93 -26.16 -9.81 -38.38
N PHE B 94 -24.94 -9.34 -38.60
CA PHE B 94 -23.80 -9.75 -37.78
C PHE B 94 -23.93 -9.19 -36.38
N VAL B 95 -24.40 -7.96 -36.25
CA VAL B 95 -24.56 -7.37 -34.93
C VAL B 95 -25.55 -8.19 -34.11
N TYR B 96 -26.72 -8.45 -34.70
CA TYR B 96 -27.75 -9.29 -34.07
C TYR B 96 -27.21 -10.66 -33.71
N SER B 97 -26.50 -11.27 -34.64
CA SER B 97 -26.04 -12.63 -34.48
C SER B 97 -25.02 -12.76 -33.35
N TRP B 98 -24.00 -11.92 -33.36
CA TRP B 98 -23.00 -11.99 -32.30
C TRP B 98 -23.55 -11.63 -30.94
N GLN B 99 -24.49 -10.68 -30.89
CA GLN B 99 -25.20 -10.39 -29.67
C GLN B 99 -25.96 -11.61 -29.15
N ARG B 100 -26.66 -12.29 -30.05
CA ARG B 100 -27.38 -13.51 -29.68
C ARG B 100 -26.42 -14.59 -29.18
N SER B 101 -25.24 -14.66 -29.77
N SER B 101 -25.23 -14.65 -29.76
CA SER B 101 -24.22 -15.65 -29.39
CA SER B 101 -24.24 -15.67 -29.37
C SER B 101 -23.79 -15.52 -27.92
C SER B 101 -23.83 -15.52 -27.90
N VAL B 102 -23.77 -14.29 -27.40
CA VAL B 102 -23.29 -14.02 -26.04
C VAL B 102 -24.42 -13.84 -25.03
N ASP B 103 -25.65 -13.82 -25.51
CA ASP B 103 -26.81 -13.68 -24.65
C ASP B 103 -26.91 -14.90 -23.74
N PRO B 104 -26.90 -14.68 -22.41
CA PRO B 104 -27.14 -15.80 -21.48
C PRO B 104 -28.45 -16.54 -21.77
N ASN B 105 -29.44 -15.82 -22.27
CA ASN B 105 -30.70 -16.44 -22.66
C ASN B 105 -30.56 -17.46 -23.82
N THR B 106 -29.49 -17.35 -24.61
CA THR B 106 -29.22 -18.31 -25.68
C THR B 106 -28.53 -19.57 -25.16
N ALA B 107 -27.79 -19.41 -24.06
CA ALA B 107 -27.10 -20.54 -23.44
C ALA B 107 -26.24 -21.30 -24.45
N SER B 108 -25.53 -20.58 -25.30
CA SER B 108 -24.71 -21.21 -26.33
C SER B 108 -23.51 -21.92 -25.72
N PRO B 109 -23.21 -23.14 -26.20
CA PRO B 109 -21.98 -23.76 -25.71
C PRO B 109 -20.70 -23.11 -26.24
N TYR B 110 -20.83 -22.21 -27.24
CA TYR B 110 -19.75 -21.34 -27.72
C TYR B 110 -19.95 -19.87 -27.31
N ALA B 111 -20.70 -19.65 -26.23
CA ALA B 111 -20.89 -18.30 -25.71
C ALA B 111 -19.55 -17.57 -25.53
N SER B 112 -18.56 -18.29 -25.04
CA SER B 112 -17.25 -17.74 -24.71
C SER B 112 -16.35 -17.52 -25.94
N TYR B 113 -16.74 -18.04 -27.10
CA TYR B 113 -15.87 -17.98 -28.27
C TYR B 113 -15.46 -16.57 -28.68
N LEU B 114 -16.41 -15.64 -28.74
CA LEU B 114 -16.05 -14.25 -29.03
C LEU B 114 -15.24 -13.61 -27.91
N GLN B 115 -15.33 -14.15 -26.70
CA GLN B 115 -14.51 -13.70 -25.59
C GLN B 115 -13.05 -14.07 -25.81
N TYR B 116 -12.82 -15.18 -26.52
CA TYR B 116 -11.48 -15.57 -26.93
C TYR B 116 -10.86 -14.48 -27.80
N GLY B 117 -11.67 -13.65 -28.44
CA GLY B 117 -11.18 -12.52 -29.22
C GLY B 117 -11.30 -11.18 -28.51
N HIS B 118 -11.91 -11.19 -27.32
CA HIS B 118 -11.90 -10.06 -26.41
C HIS B 118 -12.59 -8.85 -26.95
N ILE B 119 -13.72 -9.07 -27.60
CA ILE B 119 -14.55 -7.99 -28.08
C ILE B 119 -14.93 -7.14 -26.88
N ALA B 120 -14.98 -5.83 -27.05
CA ALA B 120 -15.23 -4.93 -25.94
C ALA B 120 -16.61 -5.19 -25.32
N GLY B 121 -16.68 -5.18 -23.99
CA GLY B 121 -17.94 -5.33 -23.26
C GLY B 121 -18.32 -6.76 -22.95
N ILE B 122 -17.65 -7.71 -23.57
CA ILE B 122 -18.11 -9.08 -23.56
C ILE B 122 -18.12 -9.74 -22.16
N ASP B 123 -17.09 -9.51 -21.34
CA ASP B 123 -16.97 -10.19 -20.04
C ASP B 123 -18.25 -10.05 -19.20
N GLU B 124 -18.72 -8.81 -19.06
CA GLU B 124 -19.90 -8.55 -18.24
C GLU B 124 -21.21 -8.88 -18.96
N ILE B 125 -21.19 -8.96 -20.29
CA ILE B 125 -22.37 -9.39 -21.01
C ILE B 125 -22.57 -10.87 -20.74
N LEU B 126 -21.51 -11.65 -20.84
CA LEU B 126 -21.62 -13.08 -20.62
C LEU B 126 -22.12 -13.39 -19.21
N GLU B 127 -21.67 -12.60 -18.23
CA GLU B 127 -22.13 -12.71 -16.84
C GLU B 127 -23.55 -12.18 -16.57
N GLY B 128 -24.19 -11.59 -17.56
CA GLY B 128 -25.55 -11.05 -17.38
C GLY B 128 -25.63 -9.72 -16.66
N LYS B 129 -24.49 -9.06 -16.46
CA LYS B 129 -24.48 -7.80 -15.74
C LYS B 129 -24.71 -6.61 -16.69
N LYS B 130 -24.52 -6.80 -17.99
CA LYS B 130 -24.76 -5.73 -18.96
C LYS B 130 -25.59 -6.25 -20.14
N PRO B 131 -26.42 -5.39 -20.76
CA PRO B 131 -27.18 -5.87 -21.91
C PRO B 131 -26.33 -6.24 -23.15
N ILE B 132 -26.82 -7.17 -23.96
CA ILE B 132 -26.08 -7.64 -25.14
C ILE B 132 -25.73 -6.54 -26.15
N THR B 133 -26.49 -5.45 -26.16
CA THR B 133 -26.28 -4.33 -27.07
C THR B 133 -25.05 -3.46 -26.75
N ASP B 134 -24.47 -3.66 -25.57
CA ASP B 134 -23.20 -3.05 -25.23
C ASP B 134 -21.98 -3.71 -25.90
N LEU B 135 -22.17 -4.84 -26.59
CA LEU B 135 -21.07 -5.57 -27.20
C LEU B 135 -20.42 -4.71 -28.30
N GLY B 136 -19.08 -4.71 -28.34
CA GLY B 136 -18.34 -3.83 -29.24
C GLY B 136 -18.29 -4.28 -30.68
N VAL B 137 -19.48 -4.46 -31.29
CA VAL B 137 -19.64 -4.77 -32.70
C VAL B 137 -20.74 -3.87 -33.22
N LYS B 138 -20.47 -3.15 -34.31
CA LYS B 138 -21.37 -2.12 -34.79
C LYS B 138 -21.47 -2.09 -36.33
N ALA B 139 -22.68 -1.84 -36.81
CA ALA B 139 -22.91 -1.64 -38.23
C ALA B 139 -22.66 -0.18 -38.55
N ILE B 140 -21.51 0.12 -39.15
CA ILE B 140 -21.21 1.50 -39.58
C ILE B 140 -22.21 1.87 -40.66
N ASP B 141 -22.42 0.94 -41.58
CA ASP B 141 -23.51 1.03 -42.55
C ASP B 141 -23.92 -0.39 -42.96
N ASP B 142 -24.85 -0.49 -43.90
CA ASP B 142 -25.24 -1.77 -44.53
C ASP B 142 -24.13 -2.79 -44.66
N HIS B 143 -22.99 -2.31 -45.15
CA HIS B 143 -21.95 -3.19 -45.65
C HIS B 143 -20.63 -3.03 -44.98
N THR B 144 -20.64 -2.44 -43.79
CA THR B 144 -19.42 -2.18 -43.03
C THR B 144 -19.65 -2.54 -41.57
N LEU B 145 -18.88 -3.51 -41.08
CA LEU B 145 -19.00 -4.01 -39.72
C LEU B 145 -17.71 -3.64 -39.00
N GLU B 146 -17.86 -3.05 -37.81
CA GLU B 146 -16.71 -2.61 -37.01
C GLU B 146 -16.72 -3.30 -35.66
N VAL B 147 -15.66 -4.05 -35.40
CA VAL B 147 -15.52 -4.80 -34.17
C VAL B 147 -14.38 -4.18 -33.35
N THR B 148 -14.71 -3.77 -32.13
CA THR B 148 -13.76 -3.17 -31.23
C THR B 148 -13.41 -4.15 -30.14
N LEU B 149 -12.13 -4.45 -30.03
CA LEU B 149 -11.61 -5.33 -28.98
C LEU B 149 -11.14 -4.52 -27.78
N SER B 150 -10.98 -5.18 -26.64
CA SER B 150 -10.51 -4.50 -25.43
C SER B 150 -8.97 -4.44 -25.37
N GLU B 151 -8.30 -5.24 -26.19
CA GLU B 151 -6.87 -5.18 -26.38
C GLU B 151 -6.49 -5.76 -27.75
N PRO B 152 -5.22 -5.59 -28.18
CA PRO B 152 -4.79 -6.15 -29.47
C PRO B 152 -4.85 -7.67 -29.46
N VAL B 153 -5.42 -8.26 -30.51
CA VAL B 153 -5.46 -9.71 -30.67
C VAL B 153 -5.10 -9.98 -32.13
N PRO B 154 -3.81 -10.18 -32.42
CA PRO B 154 -3.38 -10.30 -33.81
C PRO B 154 -4.07 -11.43 -34.57
N TYR B 155 -4.50 -12.47 -33.87
CA TYR B 155 -5.13 -13.62 -34.52
C TYR B 155 -6.66 -13.51 -34.58
N PHE B 156 -7.22 -12.34 -34.24
CA PHE B 156 -8.66 -12.21 -34.14
C PHE B 156 -9.37 -12.70 -35.40
N TYR B 157 -8.83 -12.36 -36.57
CA TYR B 157 -9.48 -12.71 -37.83
C TYR B 157 -9.56 -14.22 -38.04
N LYS B 158 -8.57 -14.94 -37.53
CA LYS B 158 -8.59 -16.40 -37.67
C LYS B 158 -9.83 -17.03 -36.98
N LEU B 159 -10.40 -16.39 -35.96
CA LEU B 159 -11.57 -16.92 -35.28
C LEU B 159 -12.84 -16.94 -36.14
N LEU B 160 -12.89 -16.06 -37.14
CA LEU B 160 -14.15 -15.65 -37.78
C LEU B 160 -14.58 -16.61 -38.88
N VAL B 161 -13.79 -17.67 -39.08
CA VAL B 161 -14.17 -18.79 -39.92
C VAL B 161 -15.09 -19.80 -39.20
N HIS B 162 -15.18 -19.73 -37.87
CA HIS B 162 -15.94 -20.70 -37.09
C HIS B 162 -17.43 -20.47 -37.19
N PRO B 163 -18.21 -21.53 -37.42
CA PRO B 163 -19.69 -21.45 -37.51
C PRO B 163 -20.43 -20.64 -36.43
N SER B 164 -19.98 -20.65 -35.18
CA SER B 164 -20.61 -19.84 -34.13
C SER B 164 -20.58 -18.34 -34.45
N THR B 165 -19.66 -17.93 -35.31
CA THR B 165 -19.58 -16.54 -35.73
C THR B 165 -20.35 -16.23 -37.04
N SER B 166 -21.03 -17.21 -37.62
CA SER B 166 -21.85 -16.97 -38.83
C SER B 166 -23.11 -16.15 -38.48
N PRO B 167 -23.65 -15.42 -39.45
CA PRO B 167 -24.89 -14.71 -39.21
C PRO B 167 -26.10 -15.68 -39.18
N VAL B 168 -27.14 -15.30 -38.46
CA VAL B 168 -28.38 -16.08 -38.39
C VAL B 168 -29.55 -15.14 -38.59
N PRO B 169 -30.69 -15.65 -39.11
CA PRO B 169 -31.81 -14.82 -39.53
C PRO B 169 -32.82 -14.47 -38.42
N LYS B 170 -32.79 -13.21 -37.99
CA LYS B 170 -33.64 -12.74 -36.89
C LYS B 170 -35.12 -13.09 -37.05
N ALA B 171 -35.68 -12.75 -38.20
CA ALA B 171 -37.14 -12.88 -38.42
C ALA B 171 -37.64 -14.32 -38.27
N ALA B 172 -36.89 -15.29 -38.82
CA ALA B 172 -37.21 -16.70 -38.69
C ALA B 172 -37.00 -17.21 -37.27
N ILE B 173 -35.87 -16.85 -36.66
CA ILE B 173 -35.65 -17.21 -35.25
C ILE B 173 -36.78 -16.72 -34.33
N GLU B 174 -37.19 -15.47 -34.48
CA GLU B 174 -38.19 -14.90 -33.57
C GLU B 174 -39.58 -15.47 -33.85
N LYS B 175 -39.88 -15.81 -35.10
CA LYS B 175 -41.17 -16.39 -35.45
C LYS B 175 -41.29 -17.87 -35.06
N PHE B 176 -40.22 -18.63 -35.26
CA PHE B 176 -40.29 -20.08 -35.14
C PHE B 176 -39.58 -20.69 -33.93
N GLY B 177 -38.82 -19.89 -33.17
CA GLY B 177 -38.08 -20.44 -32.04
C GLY B 177 -37.19 -21.58 -32.54
N GLU B 178 -37.07 -22.65 -31.78
CA GLU B 178 -36.14 -23.72 -32.17
C GLU B 178 -36.54 -24.43 -33.47
N LYS B 179 -37.76 -24.18 -33.97
CA LYS B 179 -38.18 -24.74 -35.25
C LYS B 179 -37.70 -23.91 -36.46
N TRP B 180 -36.94 -22.85 -36.23
CA TRP B 180 -36.46 -22.01 -37.35
C TRP B 180 -35.55 -22.73 -38.29
N THR B 181 -34.90 -23.81 -37.84
CA THR B 181 -34.03 -24.61 -38.72
C THR B 181 -34.73 -25.72 -39.52
N GLN B 182 -36.04 -25.85 -39.39
CA GLN B 182 -36.76 -26.82 -40.18
C GLN B 182 -36.74 -26.44 -41.65
N PRO B 183 -36.70 -27.42 -42.55
CA PRO B 183 -36.72 -27.22 -44.00
C PRO B 183 -37.62 -26.07 -44.49
N GLY B 184 -38.87 -25.98 -44.04
CA GLY B 184 -39.73 -24.89 -44.52
C GLY B 184 -39.43 -23.52 -43.97
N ASN B 185 -38.74 -23.46 -42.83
CA ASN B 185 -38.60 -22.22 -42.07
C ASN B 185 -37.22 -21.61 -42.23
N ILE B 186 -36.20 -22.45 -42.40
CA ILE B 186 -34.82 -22.00 -42.37
C ILE B 186 -34.52 -20.99 -43.47
N VAL B 187 -33.63 -20.07 -43.15
CA VAL B 187 -33.13 -19.09 -44.11
C VAL B 187 -31.61 -19.07 -43.93
N THR B 188 -30.89 -19.28 -45.02
CA THR B 188 -29.43 -19.51 -44.97
C THR B 188 -28.68 -18.58 -45.89
N ASN B 189 -27.38 -18.39 -45.64
CA ASN B 189 -26.53 -17.64 -46.54
C ASN B 189 -25.32 -18.39 -47.06
N GLY B 190 -25.25 -19.69 -46.83
CA GLY B 190 -24.13 -20.49 -47.36
C GLY B 190 -24.38 -20.95 -48.79
N ALA B 191 -23.50 -21.80 -49.31
CA ALA B 191 -23.64 -22.35 -50.65
C ALA B 191 -24.87 -23.26 -50.79
N TYR B 192 -25.39 -23.73 -49.66
CA TYR B 192 -26.47 -24.69 -49.62
C TYR B 192 -27.56 -24.25 -48.66
N THR B 193 -28.77 -24.71 -48.94
CA THR B 193 -29.85 -24.66 -47.99
C THR B 193 -30.31 -26.08 -47.65
N LEU B 194 -31.25 -26.17 -46.70
CA LEU B 194 -31.70 -27.45 -46.17
C LEU B 194 -32.90 -27.97 -46.97
N LYS B 195 -32.77 -29.17 -47.53
CA LYS B 195 -33.86 -29.78 -48.29
C LYS B 195 -34.67 -30.68 -47.38
N ASP B 196 -33.97 -31.55 -46.67
CA ASP B 196 -34.60 -32.58 -45.86
C ASP B 196 -33.81 -32.84 -44.59
N TRP B 197 -34.51 -33.11 -43.49
CA TRP B 197 -33.86 -33.55 -42.25
C TRP B 197 -34.68 -34.62 -41.58
N VAL B 198 -34.20 -35.87 -41.72
CA VAL B 198 -34.78 -37.02 -41.05
C VAL B 198 -33.83 -37.47 -39.95
N VAL B 199 -34.27 -37.31 -38.70
CA VAL B 199 -33.46 -37.64 -37.53
C VAL B 199 -32.97 -39.09 -37.57
N ASN B 200 -31.68 -39.27 -37.31
CA ASN B 200 -31.03 -40.58 -37.34
C ASN B 200 -31.07 -41.25 -38.71
N GLU B 201 -31.29 -40.48 -39.78
CA GLU B 201 -31.36 -41.05 -41.12
C GLU B 201 -30.52 -40.25 -42.11
N ARG B 202 -30.85 -38.97 -42.30
CA ARG B 202 -30.13 -38.16 -43.26
C ARG B 202 -30.44 -36.69 -43.09
N ILE B 203 -29.47 -35.86 -43.46
CA ILE B 203 -29.69 -34.45 -43.75
C ILE B 203 -29.31 -34.23 -45.22
N VAL B 204 -30.26 -33.72 -46.00
CA VAL B 204 -30.03 -33.41 -47.42
C VAL B 204 -29.99 -31.91 -47.60
N LEU B 205 -28.93 -31.43 -48.25
CA LEU B 205 -28.80 -30.01 -48.57
C LEU B 205 -28.81 -29.82 -50.06
N GLU B 206 -29.36 -28.69 -50.52
CA GLU B 206 -29.34 -28.38 -51.93
C GLU B 206 -28.69 -27.05 -52.23
N ARG B 207 -28.04 -27.00 -53.39
CA ARG B 207 -27.35 -25.81 -53.88
C ARG B 207 -28.27 -24.60 -53.83
N SER B 208 -27.72 -23.49 -53.37
CA SER B 208 -28.49 -22.27 -53.21
C SER B 208 -28.08 -21.28 -54.29
N PRO B 209 -28.97 -21.01 -55.25
CA PRO B 209 -28.72 -20.07 -56.34
C PRO B 209 -28.51 -18.64 -55.87
N THR B 210 -29.06 -18.32 -54.70
CA THR B 210 -28.89 -16.97 -54.14
C THR B 210 -27.50 -16.75 -53.56
N TYR B 211 -26.72 -17.81 -53.34
CA TYR B 211 -25.42 -17.66 -52.70
C TYR B 211 -24.52 -16.84 -53.62
N TRP B 212 -23.83 -15.83 -53.08
CA TRP B 212 -23.06 -14.89 -53.90
C TRP B 212 -22.09 -15.53 -54.84
N ASN B 213 -21.51 -16.66 -54.43
CA ASN B 213 -20.51 -17.36 -55.25
C ASN B 213 -21.02 -18.65 -55.83
N ASN B 214 -22.34 -18.74 -55.99
CA ASN B 214 -22.97 -19.90 -56.58
C ASN B 214 -22.39 -20.28 -57.95
N ALA B 215 -21.94 -19.31 -58.74
CA ALA B 215 -21.30 -19.64 -60.02
C ALA B 215 -20.11 -20.59 -59.88
N LYS B 216 -19.49 -20.63 -58.70
CA LYS B 216 -18.34 -21.51 -58.48
C LYS B 216 -18.69 -22.87 -57.85
N THR B 217 -19.89 -22.99 -57.31
CA THR B 217 -20.37 -24.26 -56.77
C THR B 217 -20.62 -25.26 -57.88
N VAL B 218 -20.30 -26.53 -57.64
CA VAL B 218 -20.57 -27.59 -58.61
C VAL B 218 -21.55 -28.64 -58.08
N ILE B 219 -21.37 -29.06 -56.83
CA ILE B 219 -22.26 -30.06 -56.24
C ILE B 219 -23.66 -29.46 -56.00
N ASN B 220 -24.68 -30.14 -56.54
CA ASN B 220 -26.05 -29.68 -56.45
C ASN B 220 -26.79 -30.17 -55.21
N GLN B 221 -26.41 -31.35 -54.74
CA GLN B 221 -27.03 -31.92 -53.56
C GLN B 221 -26.00 -32.69 -52.75
N VAL B 222 -25.95 -32.45 -51.44
CA VAL B 222 -25.11 -33.25 -50.56
C VAL B 222 -25.97 -33.86 -49.45
N THR B 223 -25.74 -35.14 -49.19
CA THR B 223 -26.42 -35.87 -48.14
C THR B 223 -25.41 -36.20 -47.05
N TYR B 224 -25.75 -35.80 -45.82
CA TYR B 224 -25.00 -36.18 -44.63
C TYR B 224 -25.73 -37.27 -43.84
N LEU B 225 -25.01 -38.35 -43.52
CA LEU B 225 -25.57 -39.46 -42.77
C LEU B 225 -25.03 -39.40 -41.33
N PRO B 226 -25.79 -39.95 -40.37
CA PRO B 226 -25.36 -39.91 -38.98
C PRO B 226 -24.88 -41.29 -38.46
N ILE B 227 -24.04 -41.99 -39.23
CA ILE B 227 -23.61 -43.34 -38.84
C ILE B 227 -22.49 -43.26 -37.82
N ALA B 228 -22.76 -43.69 -36.58
CA ALA B 228 -21.75 -43.66 -35.52
C ALA B 228 -20.77 -44.84 -35.61
N SER B 229 -21.24 -45.96 -36.13
CA SER B 229 -20.39 -47.15 -36.28
C SER B 229 -19.41 -47.02 -37.45
N GLU B 230 -18.11 -46.95 -37.13
CA GLU B 230 -17.05 -46.84 -38.12
C GLU B 230 -17.04 -48.04 -39.09
N VAL B 231 -17.43 -49.20 -38.56
CA VAL B 231 -17.51 -50.42 -39.35
C VAL B 231 -18.59 -50.30 -40.43
N THR B 232 -19.78 -49.83 -40.05
CA THR B 232 -20.90 -49.68 -40.97
C THR B 232 -20.58 -48.65 -42.04
N ASP B 233 -20.10 -47.49 -41.60
CA ASP B 233 -19.63 -46.40 -42.48
C ASP B 233 -18.81 -46.98 -43.63
N VAL B 234 -17.73 -47.68 -43.28
CA VAL B 234 -16.86 -48.30 -44.28
C VAL B 234 -17.63 -49.29 -45.16
N ASN B 235 -18.45 -50.15 -44.56
CA ASN B 235 -19.24 -51.13 -45.31
C ASN B 235 -20.14 -50.49 -46.36
N ARG B 236 -20.78 -49.38 -45.99
CA ARG B 236 -21.68 -48.64 -46.88
C ARG B 236 -20.93 -47.81 -47.92
N TYR B 237 -19.68 -47.46 -47.63
CA TYR B 237 -18.79 -46.85 -48.62
C TYR B 237 -18.43 -47.88 -49.71
N ARG B 238 -17.94 -49.04 -49.28
CA ARG B 238 -17.46 -50.08 -50.19
C ARG B 238 -18.61 -50.72 -50.99
N SER B 239 -19.81 -50.72 -50.43
CA SER B 239 -20.98 -51.19 -51.16
C SER B 239 -21.46 -50.16 -52.18
N GLY B 240 -21.02 -48.90 -52.06
CA GLY B 240 -21.30 -47.87 -53.06
C GLY B 240 -22.27 -46.78 -52.64
N GLU B 241 -22.88 -46.91 -51.47
CA GLU B 241 -23.80 -45.89 -50.97
C GLU B 241 -23.08 -44.60 -50.55
N ILE B 242 -21.90 -44.72 -49.93
CA ILE B 242 -21.22 -43.56 -49.36
C ILE B 242 -20.00 -43.14 -50.19
N ASP B 243 -19.91 -41.84 -50.51
CA ASP B 243 -18.79 -41.31 -51.32
C ASP B 243 -17.59 -40.89 -50.44
N MET B 244 -17.86 -40.48 -49.21
CA MET B 244 -16.81 -40.06 -48.29
C MET B 244 -17.18 -40.50 -46.89
N THR B 245 -16.31 -41.30 -46.27
CA THR B 245 -16.50 -41.71 -44.90
C THR B 245 -16.27 -40.54 -43.96
N ASN B 246 -16.72 -40.70 -42.73
CA ASN B 246 -16.29 -39.82 -41.66
C ASN B 246 -14.80 -40.11 -41.43
N ASN B 247 -14.08 -39.17 -40.81
CA ASN B 247 -12.65 -39.37 -40.52
C ASN B 247 -12.40 -40.08 -39.20
N SER B 248 -13.02 -41.25 -39.05
CA SER B 248 -12.81 -42.12 -37.89
C SER B 248 -12.74 -43.53 -38.45
N MET B 249 -11.55 -44.14 -38.38
CA MET B 249 -11.34 -45.45 -38.96
C MET B 249 -11.58 -46.54 -37.93
N PRO B 250 -12.10 -47.71 -38.39
CA PRO B 250 -12.12 -48.85 -37.50
C PRO B 250 -10.70 -49.41 -37.39
N ILE B 251 -10.25 -49.61 -36.15
CA ILE B 251 -8.89 -50.07 -35.86
C ILE B 251 -8.46 -51.24 -36.73
N GLU B 252 -9.33 -52.24 -36.83
CA GLU B 252 -9.01 -53.52 -37.46
C GLU B 252 -8.90 -53.42 -38.98
N LEU B 253 -9.78 -52.63 -39.59
CA LEU B 253 -9.96 -52.67 -41.04
C LEU B 253 -9.04 -51.71 -41.79
N PHE B 254 -8.25 -50.93 -41.06
CA PHE B 254 -7.44 -49.87 -41.69
C PHE B 254 -6.34 -50.43 -42.60
N GLN B 255 -5.64 -51.46 -42.13
CA GLN B 255 -4.57 -52.09 -42.91
C GLN B 255 -5.14 -52.66 -44.20
N LYS B 256 -6.22 -53.42 -44.05
CA LYS B 256 -6.91 -54.03 -45.18
C LYS B 256 -7.27 -52.99 -46.23
N LEU B 257 -7.96 -51.92 -45.81
CA LEU B 257 -8.34 -50.83 -46.71
C LEU B 257 -7.10 -50.26 -47.40
N LYS B 258 -6.08 -49.94 -46.62
CA LYS B 258 -4.82 -49.39 -47.16
C LYS B 258 -4.19 -50.32 -48.22
N LYS B 259 -4.23 -51.63 -47.98
CA LYS B 259 -3.69 -52.60 -48.91
C LYS B 259 -4.53 -52.67 -50.18
N GLU B 260 -5.85 -52.67 -50.00
CA GLU B 260 -6.79 -52.98 -51.08
C GLU B 260 -7.21 -51.77 -51.91
N ILE B 261 -7.36 -50.60 -51.27
CA ILE B 261 -7.69 -49.38 -52.01
C ILE B 261 -6.84 -48.17 -51.55
N PRO B 262 -5.51 -48.28 -51.64
CA PRO B 262 -4.58 -47.23 -51.15
C PRO B 262 -4.85 -45.81 -51.65
N ASP B 263 -5.17 -45.67 -52.93
CA ASP B 263 -5.51 -44.33 -53.50
C ASP B 263 -6.75 -43.70 -52.89
N GLU B 264 -7.64 -44.53 -52.35
CA GLU B 264 -8.85 -44.04 -51.69
C GLU B 264 -8.64 -43.69 -50.21
N VAL B 265 -7.56 -44.18 -49.61
CA VAL B 265 -7.23 -43.88 -48.23
C VAL B 265 -6.45 -42.57 -48.12
N HIS B 266 -7.09 -41.52 -47.61
CA HIS B 266 -6.43 -40.26 -47.34
C HIS B 266 -6.08 -40.18 -45.88
N VAL B 267 -4.81 -39.89 -45.58
CA VAL B 267 -4.37 -39.61 -44.21
C VAL B 267 -3.56 -38.32 -44.19
N ASP B 268 -4.03 -37.34 -43.42
CA ASP B 268 -3.40 -36.02 -43.35
C ASP B 268 -3.29 -35.53 -41.89
N PRO B 269 -2.37 -34.58 -41.63
CA PRO B 269 -2.28 -33.98 -40.30
C PRO B 269 -3.61 -33.40 -39.84
N TYR B 270 -3.87 -33.47 -38.54
CA TYR B 270 -5.14 -33.06 -37.97
C TYR B 270 -4.84 -32.54 -36.57
N LEU B 271 -5.20 -31.29 -36.31
CA LEU B 271 -4.89 -30.62 -35.04
C LEU B 271 -5.99 -30.93 -34.02
N CYS B 272 -6.05 -32.19 -33.60
CA CYS B 272 -6.98 -32.60 -32.56
C CYS B 272 -6.25 -33.50 -31.59
N THR B 273 -6.72 -33.52 -30.34
CA THR B 273 -6.16 -34.40 -29.33
C THR B 273 -7.18 -35.37 -28.75
N TYR B 274 -6.78 -36.64 -28.64
CA TYR B 274 -7.58 -37.71 -28.04
C TYR B 274 -7.16 -37.80 -26.58
N TYR B 275 -8.12 -37.73 -25.68
CA TYR B 275 -7.81 -37.75 -24.27
C TYR B 275 -8.99 -38.21 -23.44
N TYR B 276 -8.68 -38.60 -22.20
CA TYR B 276 -9.70 -38.89 -21.24
C TYR B 276 -9.81 -37.67 -20.32
N GLU B 277 -10.91 -36.97 -20.50
CA GLU B 277 -11.27 -35.80 -19.73
C GLU B 277 -11.70 -36.24 -18.35
N ILE B 278 -11.07 -35.68 -17.32
CA ILE B 278 -11.45 -35.98 -15.94
C ILE B 278 -12.41 -34.89 -15.48
N ASN B 279 -13.49 -35.27 -14.80
CA ASN B 279 -14.38 -34.27 -14.18
C ASN B 279 -13.73 -33.76 -12.91
N ASN B 280 -13.03 -32.64 -13.01
CA ASN B 280 -12.22 -32.10 -11.92
C ASN B 280 -12.98 -31.74 -10.64
N GLN B 281 -14.30 -31.54 -10.75
CA GLN B 281 -15.16 -31.25 -9.59
C GLN B 281 -15.95 -32.45 -9.03
N LYS B 282 -15.78 -33.63 -9.62
CA LYS B 282 -16.47 -34.84 -9.13
C LYS B 282 -15.54 -35.65 -8.23
N PRO B 283 -15.85 -35.75 -6.93
CA PRO B 283 -14.96 -36.52 -6.07
C PRO B 283 -14.82 -37.97 -6.52
N PRO B 284 -13.64 -38.56 -6.36
CA PRO B 284 -12.40 -38.08 -5.76
C PRO B 284 -11.46 -37.40 -6.74
N PHE B 285 -11.94 -37.01 -7.92
CA PHE B 285 -11.11 -36.35 -8.95
C PHE B 285 -10.95 -34.83 -8.75
N ASN B 286 -11.45 -34.36 -7.61
CA ASN B 286 -11.10 -33.05 -7.09
C ASN B 286 -9.74 -33.09 -6.38
N ASP B 287 -9.16 -34.30 -6.28
CA ASP B 287 -7.85 -34.49 -5.68
C ASP B 287 -6.77 -34.64 -6.76
N VAL B 288 -5.85 -33.68 -6.82
CA VAL B 288 -4.83 -33.63 -7.88
C VAL B 288 -4.03 -34.93 -7.93
N ARG B 289 -3.79 -35.52 -6.77
CA ARG B 289 -3.07 -36.80 -6.69
C ARG B 289 -3.80 -37.93 -7.40
N VAL B 290 -5.12 -37.98 -7.25
CA VAL B 290 -5.93 -39.01 -7.92
C VAL B 290 -5.90 -38.82 -9.45
N ARG B 291 -5.99 -37.57 -9.90
CA ARG B 291 -5.94 -37.28 -11.33
C ARG B 291 -4.58 -37.67 -11.91
N THR B 292 -3.52 -37.32 -11.18
CA THR B 292 -2.15 -37.59 -11.61
C THR B 292 -1.90 -39.09 -11.74
N ALA B 293 -2.39 -39.88 -10.79
CA ALA B 293 -2.30 -41.34 -10.87
C ALA B 293 -3.02 -41.86 -12.12
N LEU B 294 -4.21 -41.33 -12.39
CA LEU B 294 -4.98 -41.74 -13.55
C LEU B 294 -4.22 -41.42 -14.84
N LYS B 295 -3.54 -40.27 -14.83
CA LYS B 295 -2.82 -39.77 -15.98
C LYS B 295 -1.56 -40.59 -16.22
N LEU B 296 -0.86 -40.90 -15.15
CA LEU B 296 0.38 -41.69 -15.24
C LEU B 296 0.14 -43.15 -15.58
N GLY B 297 -0.99 -43.69 -15.13
CA GLY B 297 -1.27 -45.13 -15.28
C GLY B 297 -1.73 -45.55 -16.66
N MET B 298 -2.16 -44.58 -17.47
CA MET B 298 -2.57 -44.84 -18.83
C MET B 298 -1.31 -45.18 -19.61
N ASP B 299 -1.30 -46.34 -20.28
CA ASP B 299 -0.17 -46.71 -21.13
C ASP B 299 -0.43 -46.27 -22.57
N ARG B 300 0.14 -45.13 -22.92
CA ARG B 300 -0.05 -44.53 -24.23
C ARG B 300 0.53 -45.37 -25.34
N ASP B 301 1.64 -46.03 -25.06
CA ASP B 301 2.26 -46.86 -26.07
C ASP B 301 1.30 -47.97 -26.52
N ILE B 302 0.60 -48.60 -25.56
CA ILE B 302 -0.32 -49.70 -25.90
C ILE B 302 -1.53 -49.21 -26.70
N ILE B 303 -2.10 -48.05 -26.33
CA ILE B 303 -3.19 -47.50 -27.12
C ILE B 303 -2.71 -47.10 -28.51
N VAL B 304 -1.61 -46.34 -28.57
CA VAL B 304 -1.05 -45.85 -29.84
C VAL B 304 -0.68 -46.97 -30.81
N ASN B 305 -0.21 -48.09 -30.27
CA ASN B 305 0.16 -49.21 -31.12
C ASN B 305 -1.02 -49.79 -31.89
N LYS B 306 -2.19 -49.84 -31.26
CA LYS B 306 -3.43 -50.31 -31.91
C LYS B 306 -3.75 -49.54 -33.19
N VAL B 307 -3.46 -48.24 -33.21
CA VAL B 307 -3.71 -47.39 -34.37
C VAL B 307 -2.42 -46.93 -35.07
N LYS B 308 -1.31 -47.58 -34.77
CA LYS B 308 0.02 -47.14 -35.25
C LYS B 308 0.10 -46.94 -36.76
N ALA B 309 -0.51 -47.85 -37.51
CA ALA B 309 -0.50 -47.81 -38.98
C ALA B 309 -1.09 -46.51 -39.56
N GLN B 310 -2.00 -45.88 -38.80
CA GLN B 310 -2.55 -44.58 -39.17
C GLN B 310 -1.58 -43.42 -38.87
N GLY B 311 -0.52 -43.68 -38.10
CA GLY B 311 0.51 -42.67 -37.84
C GLY B 311 0.32 -41.80 -36.61
N ASN B 312 -0.59 -42.17 -35.72
CA ASN B 312 -0.83 -41.39 -34.50
C ASN B 312 0.39 -41.39 -33.57
N MET B 313 0.64 -40.24 -32.95
CA MET B 313 1.71 -40.05 -31.98
C MET B 313 1.12 -39.97 -30.55
N PRO B 314 1.82 -40.56 -29.55
CA PRO B 314 1.34 -40.49 -28.16
C PRO B 314 1.31 -39.06 -27.60
N ALA B 315 0.30 -38.74 -26.78
CA ALA B 315 0.08 -37.36 -26.30
C ALA B 315 0.61 -37.14 -24.90
N TYR B 316 1.28 -36.01 -24.70
CA TYR B 316 1.79 -35.60 -23.39
C TYR B 316 1.14 -34.31 -22.89
N GLY B 317 0.24 -33.76 -23.70
CA GLY B 317 -0.46 -32.54 -23.32
C GLY B 317 -1.74 -32.39 -24.09
N TYR B 318 -2.30 -31.18 -24.01
CA TYR B 318 -3.60 -30.88 -24.59
C TYR B 318 -3.40 -30.26 -25.97
N THR B 319 -2.80 -29.07 -26.01
CA THR B 319 -2.38 -28.42 -27.25
C THR B 319 -1.51 -29.33 -28.14
N PRO B 320 -1.98 -29.65 -29.36
CA PRO B 320 -1.13 -30.44 -30.25
C PRO B 320 0.20 -29.71 -30.53
N PRO B 321 1.32 -30.42 -30.41
CA PRO B 321 2.62 -29.75 -30.56
C PRO B 321 2.88 -29.06 -31.92
N TYR B 322 2.18 -29.50 -32.96
N TYR B 322 2.17 -29.47 -32.96
CA TYR B 322 2.33 -28.92 -34.30
CA TYR B 322 2.36 -28.87 -34.28
C TYR B 322 1.34 -27.76 -34.57
C TYR B 322 1.33 -27.77 -34.57
N THR B 323 0.62 -27.34 -33.53
CA THR B 323 -0.21 -26.13 -33.61
C THR B 323 0.68 -24.94 -33.98
N ASP B 324 0.16 -24.04 -34.81
CA ASP B 324 0.90 -22.84 -35.21
C ASP B 324 1.10 -21.99 -33.96
N GLY B 325 2.36 -21.72 -33.61
CA GLY B 325 2.70 -20.94 -32.41
C GLY B 325 2.99 -21.74 -31.14
N ALA B 326 2.94 -23.07 -31.23
CA ALA B 326 3.24 -23.93 -30.09
C ALA B 326 4.65 -24.50 -30.21
N LYS B 327 5.48 -24.30 -29.17
CA LYS B 327 6.78 -24.96 -29.05
C LYS B 327 6.83 -25.67 -27.71
N LEU B 328 6.21 -26.83 -27.62
CA LEU B 328 5.90 -27.45 -26.34
C LEU B 328 7.05 -28.28 -25.83
N THR B 329 7.06 -28.51 -24.51
CA THR B 329 8.02 -29.37 -23.84
C THR B 329 7.30 -30.60 -23.31
N GLN B 330 7.98 -31.75 -23.36
CA GLN B 330 7.46 -32.97 -22.74
C GLN B 330 7.76 -32.97 -21.24
N PRO B 331 6.75 -33.21 -20.40
CA PRO B 331 7.05 -33.27 -18.98
C PRO B 331 7.92 -34.49 -18.66
N GLU B 332 8.59 -34.45 -17.52
CA GLU B 332 9.56 -35.48 -17.15
C GLU B 332 8.91 -36.86 -17.11
N TRP B 333 7.67 -36.95 -16.60
CA TRP B 333 6.99 -38.24 -16.47
C TRP B 333 6.80 -38.95 -17.79
N PHE B 334 6.74 -38.20 -18.87
CA PHE B 334 6.59 -38.77 -20.21
C PHE B 334 7.83 -39.54 -20.66
N GLY B 335 8.97 -39.23 -20.04
CA GLY B 335 10.23 -39.93 -20.32
C GLY B 335 10.49 -41.15 -19.48
N TRP B 336 9.68 -41.40 -18.44
CA TRP B 336 9.88 -42.58 -17.61
C TRP B 336 9.44 -43.82 -18.32
N SER B 337 9.79 -44.98 -17.75
CA SER B 337 9.19 -46.24 -18.12
C SER B 337 7.77 -46.23 -17.58
N GLN B 338 6.90 -47.05 -18.16
CA GLN B 338 5.55 -47.18 -17.66
C GLN B 338 5.53 -47.76 -16.25
N GLU B 339 6.46 -48.67 -15.96
CA GLU B 339 6.59 -49.26 -14.63
C GLU B 339 6.78 -48.18 -13.56
N LYS B 340 7.68 -47.24 -13.82
CA LYS B 340 7.96 -46.15 -12.87
C LYS B 340 6.71 -45.28 -12.71
N ARG B 341 6.07 -45.00 -13.84
CA ARG B 341 4.78 -44.31 -13.85
C ARG B 341 3.72 -45.01 -13.00
N ASN B 342 3.68 -46.34 -13.06
CA ASN B 342 2.71 -47.13 -12.30
C ASN B 342 2.97 -47.05 -10.80
N GLU B 343 4.23 -47.23 -10.42
CA GLU B 343 4.67 -47.03 -9.03
C GLU B 343 4.22 -45.69 -8.47
N GLU B 344 4.57 -44.62 -9.17
CA GLU B 344 4.24 -43.28 -8.70
C GLU B 344 2.73 -43.16 -8.57
N ALA B 345 2.02 -43.59 -9.63
CA ALA B 345 0.55 -43.61 -9.66
C ALA B 345 -0.07 -44.22 -8.40
N LYS B 346 0.38 -45.42 -8.05
CA LYS B 346 -0.14 -46.13 -6.89
C LYS B 346 0.21 -45.40 -5.57
N LYS B 347 1.45 -44.90 -5.46
CA LYS B 347 1.85 -44.08 -4.30
C LYS B 347 0.96 -42.82 -4.16
N LEU B 348 0.68 -42.17 -5.28
CA LEU B 348 -0.23 -41.02 -5.26
C LEU B 348 -1.63 -41.43 -4.78
N LEU B 349 -2.14 -42.54 -5.31
CA LEU B 349 -3.45 -43.07 -4.90
C LEU B 349 -3.52 -43.36 -3.40
N ALA B 350 -2.49 -44.01 -2.86
CA ALA B 350 -2.43 -44.33 -1.43
C ALA B 350 -2.47 -43.07 -0.56
N GLU B 351 -1.67 -42.07 -0.93
CA GLU B 351 -1.66 -40.77 -0.23
C GLU B 351 -3.07 -40.21 -0.02
N ALA B 352 -3.89 -40.30 -1.06
CA ALA B 352 -5.27 -39.81 -1.01
C ALA B 352 -6.24 -40.78 -0.34
N GLY B 353 -5.76 -41.96 0.06
CA GLY B 353 -6.58 -42.91 0.81
C GLY B 353 -7.20 -44.05 0.03
N TYR B 354 -6.79 -44.22 -1.23
CA TYR B 354 -7.26 -45.33 -2.07
C TYR B 354 -6.12 -46.34 -2.26
N THR B 355 -6.26 -47.49 -1.59
CA THR B 355 -5.23 -48.51 -1.56
C THR B 355 -5.73 -49.78 -2.25
N ALA B 356 -4.91 -50.82 -2.25
CA ALA B 356 -5.25 -52.08 -2.91
C ALA B 356 -6.54 -52.71 -2.35
N ASP B 357 -6.66 -52.77 -1.02
CA ASP B 357 -7.86 -53.33 -0.39
C ASP B 357 -9.01 -52.34 -0.16
N LYS B 358 -8.80 -51.06 -0.42
CA LYS B 358 -9.88 -50.06 -0.43
C LYS B 358 -9.87 -49.28 -1.74
N PRO B 359 -10.08 -49.97 -2.87
CA PRO B 359 -9.78 -49.39 -4.17
C PRO B 359 -10.83 -48.41 -4.70
N LEU B 360 -10.52 -47.85 -5.87
CA LEU B 360 -11.37 -46.89 -6.53
C LEU B 360 -12.11 -47.57 -7.68
N THR B 361 -13.41 -47.28 -7.80
CA THR B 361 -14.19 -47.70 -8.96
C THR B 361 -14.80 -46.47 -9.63
N ILE B 362 -14.63 -46.36 -10.95
CA ILE B 362 -15.12 -45.18 -11.69
C ILE B 362 -15.87 -45.57 -12.98
N ASN B 363 -16.68 -44.64 -13.48
CA ASN B 363 -17.35 -44.81 -14.76
C ASN B 363 -16.58 -44.06 -15.85
N LEU B 364 -16.40 -44.72 -16.99
CA LEU B 364 -15.79 -44.14 -18.17
C LEU B 364 -16.88 -43.93 -19.22
N LEU B 365 -17.24 -42.67 -19.43
CA LEU B 365 -18.24 -42.27 -20.41
C LEU B 365 -17.58 -42.12 -21.79
N TYR B 366 -18.27 -42.60 -22.82
CA TYR B 366 -17.78 -42.44 -24.18
C TYR B 366 -18.97 -42.41 -25.12
N ASN B 367 -18.80 -41.74 -26.26
CA ASN B 367 -19.83 -41.67 -27.28
C ASN B 367 -19.82 -42.90 -28.17
N THR B 368 -21.01 -43.43 -28.43
CA THR B 368 -21.20 -44.66 -29.18
C THR B 368 -20.32 -44.67 -30.44
N SER B 369 -19.45 -45.67 -30.51
CA SER B 369 -18.45 -45.75 -31.57
C SER B 369 -17.71 -47.07 -31.46
N ASP B 370 -17.38 -47.69 -32.59
CA ASP B 370 -16.59 -48.91 -32.57
C ASP B 370 -15.20 -48.59 -32.06
N LEU B 371 -14.65 -47.46 -32.50
CA LEU B 371 -13.31 -47.06 -32.13
C LEU B 371 -13.21 -46.77 -30.65
N HIS B 372 -14.12 -45.96 -30.13
CA HIS B 372 -14.04 -45.55 -28.74
C HIS B 372 -14.29 -46.69 -27.79
N LYS B 373 -15.28 -47.54 -28.10
CA LYS B 373 -15.53 -48.72 -27.28
C LYS B 373 -14.26 -49.55 -27.10
N LYS B 374 -13.57 -49.85 -28.19
CA LYS B 374 -12.34 -50.70 -28.17
C LYS B 374 -11.24 -50.07 -27.32
N LEU B 375 -11.06 -48.76 -27.50
CA LEU B 375 -10.05 -48.03 -26.74
C LEU B 375 -10.46 -47.90 -25.29
N ALA B 376 -11.78 -47.85 -25.04
CA ALA B 376 -12.29 -47.77 -23.68
C ALA B 376 -12.00 -49.08 -22.95
N ILE B 377 -12.32 -50.20 -23.61
CA ILE B 377 -12.04 -51.52 -23.05
C ILE B 377 -10.55 -51.65 -22.74
N ALA B 378 -9.69 -51.27 -23.67
CA ALA B 378 -8.24 -51.29 -23.43
C ALA B 378 -7.85 -50.38 -22.26
N ALA B 379 -8.36 -49.15 -22.25
CA ALA B 379 -8.08 -48.21 -21.17
C ALA B 379 -8.47 -48.81 -19.82
N SER B 380 -9.66 -49.37 -19.75
CA SER B 380 -10.20 -49.96 -18.53
C SER B 380 -9.33 -51.12 -18.07
N SER B 381 -8.93 -51.97 -19.01
CA SER B 381 -7.99 -53.06 -18.73
C SER B 381 -6.65 -52.53 -18.21
N LEU B 382 -6.17 -51.42 -18.79
CA LEU B 382 -4.88 -50.84 -18.41
C LEU B 382 -4.91 -50.29 -16.99
N TRP B 383 -5.90 -49.50 -16.68
CA TRP B 383 -6.01 -48.91 -15.36
C TRP B 383 -6.15 -49.95 -14.26
N LYS B 384 -6.89 -51.02 -14.53
CA LYS B 384 -7.01 -52.13 -13.55
C LYS B 384 -5.65 -52.73 -13.23
N LYS B 385 -4.96 -53.24 -14.25
CA LYS B 385 -3.65 -53.87 -14.04
C LYS B 385 -2.57 -52.91 -13.53
N ASN B 386 -2.51 -51.71 -14.10
CA ASN B 386 -1.41 -50.80 -13.82
C ASN B 386 -1.52 -50.12 -12.44
N ILE B 387 -2.72 -49.61 -12.11
CA ILE B 387 -2.90 -48.85 -10.86
C ILE B 387 -4.06 -49.32 -9.97
N GLY B 388 -4.66 -50.46 -10.29
CA GLY B 388 -5.68 -51.07 -9.44
C GLY B 388 -7.00 -50.33 -9.36
N VAL B 389 -7.31 -49.53 -10.37
CA VAL B 389 -8.57 -48.79 -10.41
C VAL B 389 -9.58 -49.53 -11.28
N ASN B 390 -10.75 -49.81 -10.72
CA ASN B 390 -11.82 -50.51 -11.44
C ASN B 390 -12.62 -49.51 -12.29
N VAL B 391 -12.81 -49.82 -13.56
CA VAL B 391 -13.40 -48.88 -14.49
C VAL B 391 -14.56 -49.54 -15.20
N LYS B 392 -15.77 -48.99 -15.04
CA LYS B 392 -16.95 -49.49 -15.74
C LYS B 392 -17.28 -48.56 -16.90
N LEU B 393 -17.87 -49.12 -17.95
CA LEU B 393 -18.15 -48.39 -19.20
C LEU B 393 -19.60 -47.93 -19.29
N VAL B 394 -19.77 -46.74 -19.85
CA VAL B 394 -21.10 -46.18 -20.10
C VAL B 394 -21.04 -45.54 -21.48
N ASN B 395 -21.97 -45.89 -22.37
CA ASN B 395 -22.01 -45.25 -23.67
C ASN B 395 -23.32 -44.46 -23.89
N GLN B 396 -23.19 -43.30 -24.52
CA GLN B 396 -24.35 -42.47 -24.87
C GLN B 396 -24.24 -41.96 -26.30
N GLU B 397 -25.38 -41.65 -26.89
CA GLU B 397 -25.44 -40.92 -28.15
C GLU B 397 -24.67 -39.62 -27.99
N TRP B 398 -24.07 -39.19 -29.09
CA TRP B 398 -23.28 -37.95 -29.19
C TRP B 398 -23.90 -36.76 -28.51
N LYS B 399 -25.08 -36.38 -28.97
CA LYS B 399 -25.89 -35.30 -28.43
C LYS B 399 -26.00 -35.36 -26.90
N THR B 400 -26.42 -36.52 -26.40
CA THR B 400 -26.60 -36.76 -24.95
C THR B 400 -25.28 -36.77 -24.20
N PHE B 401 -24.29 -37.39 -24.80
CA PHE B 401 -22.91 -37.42 -24.30
C PHE B 401 -22.36 -36.01 -24.03
N LEU B 402 -22.49 -35.12 -25.01
CA LEU B 402 -21.97 -33.75 -24.83
C LEU B 402 -22.72 -33.07 -23.71
N ASP B 403 -24.03 -33.22 -23.72
CA ASP B 403 -24.90 -32.75 -22.63
C ASP B 403 -24.41 -33.26 -21.27
N THR B 404 -24.16 -34.56 -21.15
CA THR B 404 -23.73 -35.12 -19.88
C THR B 404 -22.47 -34.43 -19.36
N ARG B 405 -21.53 -34.14 -20.26
CA ARG B 405 -20.23 -33.61 -19.84
C ARG B 405 -20.35 -32.14 -19.38
N HIS B 406 -21.25 -31.40 -20.00
CA HIS B 406 -21.56 -30.04 -19.54
C HIS B 406 -22.27 -30.06 -18.21
N GLN B 407 -23.06 -31.10 -17.96
CA GLN B 407 -23.82 -31.18 -16.70
C GLN B 407 -22.97 -31.71 -15.57
N GLY B 408 -21.85 -32.33 -15.90
CA GLY B 408 -20.90 -32.83 -14.91
C GLY B 408 -21.35 -34.15 -14.29
N THR B 409 -22.29 -34.82 -14.93
CA THR B 409 -22.80 -36.09 -14.43
C THR B 409 -21.96 -37.23 -15.00
N PHE B 410 -20.66 -37.19 -14.71
CA PHE B 410 -19.72 -38.21 -15.16
C PHE B 410 -18.43 -38.15 -14.32
N ASP B 411 -17.66 -39.23 -14.33
CA ASP B 411 -16.36 -39.26 -13.65
C ASP B 411 -15.27 -38.90 -14.67
N VAL B 412 -15.10 -39.79 -15.65
CA VAL B 412 -14.12 -39.65 -16.71
C VAL B 412 -14.81 -39.91 -18.03
N ALA B 413 -14.44 -39.14 -19.06
CA ALA B 413 -15.04 -39.28 -20.37
C ALA B 413 -13.98 -39.29 -21.48
N ARG B 414 -14.12 -40.24 -22.42
CA ARG B 414 -13.45 -40.16 -23.72
C ARG B 414 -13.77 -38.80 -24.30
N ALA B 415 -12.75 -38.12 -24.80
CA ALA B 415 -12.94 -36.80 -25.39
C ALA B 415 -11.97 -36.58 -26.54
N GLY B 416 -12.37 -35.67 -27.41
CA GLY B 416 -11.50 -35.16 -28.46
C GLY B 416 -11.77 -33.67 -28.61
N TRP B 417 -10.71 -32.88 -28.64
CA TRP B 417 -10.82 -31.48 -28.99
C TRP B 417 -10.03 -31.21 -30.23
N CYS B 418 -10.67 -30.50 -31.16
CA CYS B 418 -10.07 -30.09 -32.43
C CYS B 418 -10.02 -28.56 -32.45
N ALA B 419 -8.89 -28.02 -32.91
CA ALA B 419 -8.74 -26.57 -33.03
C ALA B 419 -9.85 -25.96 -33.86
N ASP B 420 -10.29 -24.78 -33.45
CA ASP B 420 -11.25 -23.97 -34.19
C ASP B 420 -10.54 -22.91 -35.05
N TYR B 421 -9.42 -22.39 -34.56
CA TYR B 421 -8.49 -21.63 -35.39
C TYR B 421 -7.12 -22.18 -35.03
N ASN B 422 -6.15 -22.00 -35.91
CA ASN B 422 -4.83 -22.61 -35.72
C ASN B 422 -3.89 -21.73 -34.88
N GLU B 423 -4.09 -21.80 -33.56
CA GLU B 423 -3.37 -20.97 -32.61
C GLU B 423 -3.60 -21.59 -31.21
N PRO B 424 -2.59 -21.57 -30.33
CA PRO B 424 -2.74 -22.45 -29.15
C PRO B 424 -3.90 -22.09 -28.21
N THR B 425 -4.37 -20.86 -28.22
CA THR B 425 -5.49 -20.51 -27.36
C THR B 425 -6.79 -21.20 -27.76
N SER B 426 -6.90 -21.64 -29.02
CA SER B 426 -8.10 -22.34 -29.45
C SER B 426 -8.28 -23.62 -28.64
N PHE B 427 -7.17 -24.16 -28.13
CA PHE B 427 -7.20 -25.21 -27.13
C PHE B 427 -7.22 -24.63 -25.70
N LEU B 428 -6.22 -23.80 -25.39
CA LEU B 428 -5.98 -23.41 -23.99
C LEU B 428 -7.13 -22.64 -23.38
N ASN B 429 -7.85 -21.86 -24.18
CA ASN B 429 -8.96 -21.11 -23.64
C ASN B 429 -10.13 -21.99 -23.20
N THR B 430 -10.14 -23.27 -23.59
CA THR B 430 -11.21 -24.14 -23.15
C THR B 430 -11.01 -24.61 -21.71
N MET B 431 -9.82 -24.33 -21.15
CA MET B 431 -9.52 -24.66 -19.76
C MET B 431 -9.60 -23.44 -18.82
N LEU B 432 -9.94 -22.27 -19.35
CA LEU B 432 -10.18 -21.12 -18.48
C LEU B 432 -11.40 -21.42 -17.57
N SER B 433 -11.34 -20.90 -16.34
CA SER B 433 -12.37 -21.16 -15.35
C SER B 433 -13.76 -20.75 -15.84
N ASN B 434 -13.81 -19.65 -16.60
CA ASN B 434 -15.09 -19.05 -17.05
C ASN B 434 -15.58 -19.56 -18.41
N SER B 435 -14.90 -20.54 -19.00
CA SER B 435 -15.15 -20.94 -20.37
C SER B 435 -16.37 -21.84 -20.51
N SER B 436 -17.26 -21.44 -21.42
CA SER B 436 -18.41 -22.27 -21.80
C SER B 436 -18.00 -23.66 -22.36
N MET B 437 -16.74 -23.81 -22.76
CA MET B 437 -16.26 -25.09 -23.31
C MET B 437 -15.55 -25.97 -22.28
N ASN B 438 -15.47 -25.50 -21.04
CA ASN B 438 -14.72 -26.19 -20.01
C ASN B 438 -15.50 -27.37 -19.41
N THR B 439 -15.56 -28.45 -20.16
CA THR B 439 -16.23 -29.67 -19.72
C THR B 439 -15.38 -30.47 -18.72
N ALA B 440 -14.09 -30.17 -18.64
CA ALA B 440 -13.25 -30.77 -17.60
C ALA B 440 -13.58 -30.18 -16.22
N HIS B 441 -14.31 -29.07 -16.20
CA HIS B 441 -14.62 -28.34 -14.95
C HIS B 441 -13.38 -28.00 -14.18
N TYR B 442 -12.33 -27.69 -14.94
CA TYR B 442 -11.04 -27.32 -14.39
C TYR B 442 -11.03 -25.83 -14.13
N LYS B 443 -10.68 -25.45 -12.90
CA LYS B 443 -10.69 -24.07 -12.48
C LYS B 443 -9.42 -23.80 -11.69
N SER B 444 -8.49 -23.09 -12.34
CA SER B 444 -7.20 -22.70 -11.77
C SER B 444 -6.97 -21.21 -12.03
N PRO B 445 -7.04 -20.40 -10.97
CA PRO B 445 -6.65 -19.00 -11.06
C PRO B 445 -5.26 -18.79 -11.68
N ALA B 446 -4.32 -19.67 -11.36
CA ALA B 446 -2.95 -19.59 -11.88
C ALA B 446 -2.94 -19.81 -13.40
N PHE B 447 -3.65 -20.82 -13.86
CA PHE B 447 -3.82 -21.02 -15.30
C PHE B 447 -4.44 -19.79 -15.96
N ASP B 448 -5.50 -19.26 -15.36
CA ASP B 448 -6.18 -18.09 -15.95
C ASP B 448 -5.23 -16.89 -16.06
N SER B 449 -4.40 -16.69 -15.04
CA SER B 449 -3.48 -15.53 -15.03
C SER B 449 -2.40 -15.65 -16.11
N ILE B 450 -1.88 -16.85 -16.34
CA ILE B 450 -0.96 -17.09 -17.46
C ILE B 450 -1.63 -16.75 -18.79
N MET B 451 -2.87 -17.19 -18.99
CA MET B 451 -3.57 -16.95 -20.23
C MET B 451 -3.80 -15.46 -20.44
N ALA B 452 -4.07 -14.73 -19.36
CA ALA B 452 -4.16 -13.27 -19.40
C ALA B 452 -2.83 -12.56 -19.72
N GLU B 453 -1.70 -13.12 -19.30
CA GLU B 453 -0.38 -12.60 -19.70
C GLU B 453 -0.13 -12.69 -21.22
N THR B 454 -0.70 -13.68 -21.89
CA THR B 454 -0.42 -13.88 -23.32
C THR B 454 -0.84 -12.69 -24.18
N LEU B 455 -1.82 -11.94 -23.73
CA LEU B 455 -2.23 -10.77 -24.49
C LEU B 455 -1.64 -9.46 -24.01
N LYS B 456 -0.69 -9.55 -23.08
CA LYS B 456 0.02 -8.39 -22.60
C LYS B 456 1.45 -8.32 -23.13
N VAL B 457 1.97 -9.41 -23.69
CA VAL B 457 3.37 -9.42 -24.15
C VAL B 457 3.54 -8.66 -25.48
N THR B 458 4.78 -8.39 -25.86
CA THR B 458 5.03 -7.57 -27.07
C THR B 458 5.12 -8.42 -28.34
N ASP B 459 5.80 -9.55 -28.25
CA ASP B 459 6.04 -10.32 -29.44
C ASP B 459 5.53 -11.76 -29.33
N GLU B 460 5.48 -12.39 -30.49
CA GLU B 460 4.88 -13.68 -30.61
C GLU B 460 5.70 -14.73 -29.90
N ALA B 461 7.02 -14.57 -29.90
CA ALA B 461 7.91 -15.50 -29.21
C ALA B 461 7.69 -15.51 -27.70
N GLN B 462 7.29 -14.37 -27.12
CA GLN B 462 6.91 -14.33 -25.70
C GLN B 462 5.56 -15.05 -25.52
N ARG B 463 4.63 -14.76 -26.40
CA ARG B 463 3.32 -15.38 -26.37
C ARG B 463 3.47 -16.91 -26.40
N THR B 464 4.35 -17.38 -27.30
CA THR B 464 4.63 -18.79 -27.46
C THR B 464 5.23 -19.41 -26.19
N ALA B 465 6.12 -18.67 -25.52
CA ALA B 465 6.74 -19.16 -24.28
C ALA B 465 5.70 -19.31 -23.18
N LEU B 466 4.78 -18.35 -23.11
CA LEU B 466 3.66 -18.40 -22.15
C LEU B 466 2.68 -19.55 -22.40
N TYR B 467 2.48 -19.94 -23.66
CA TYR B 467 1.60 -21.08 -23.96
C TYR B 467 2.20 -22.38 -23.40
N THR B 468 3.53 -22.46 -23.44
CA THR B 468 4.25 -23.62 -22.89
C THR B 468 4.15 -23.64 -21.35
N LYS B 469 4.13 -22.45 -20.74
CA LYS B 469 3.90 -22.33 -19.29
C LYS B 469 2.47 -22.75 -18.94
N ALA B 470 1.51 -22.32 -19.77
CA ALA B 470 0.12 -22.77 -19.66
C ALA B 470 -0.01 -24.28 -19.67
N GLU B 471 0.56 -24.89 -20.69
CA GLU B 471 0.51 -26.35 -20.81
C GLU B 471 1.16 -27.04 -19.64
N GLN B 472 2.28 -26.49 -19.16
CA GLN B 472 2.93 -27.09 -18.00
C GLN B 472 2.05 -27.00 -16.74
N GLN B 473 1.32 -25.90 -16.55
CA GLN B 473 0.44 -25.80 -15.39
C GLN B 473 -0.71 -26.79 -15.50
N LEU B 474 -1.27 -26.90 -16.71
CA LEU B 474 -2.31 -27.87 -16.99
C LEU B 474 -1.84 -29.26 -16.60
N ASP B 475 -0.61 -29.58 -16.97
CA ASP B 475 -0.02 -30.90 -16.66
C ASP B 475 0.35 -31.08 -15.17
N LYS B 476 0.90 -30.06 -14.52
CA LYS B 476 1.16 -30.13 -13.08
C LYS B 476 -0.16 -30.39 -12.30
N ASP B 477 -1.27 -29.87 -12.83
CA ASP B 477 -2.59 -30.07 -12.25
C ASP B 477 -3.31 -31.34 -12.73
N SER B 478 -2.69 -32.07 -13.68
CA SER B 478 -3.30 -33.25 -14.29
C SER B 478 -4.78 -33.02 -14.56
N ALA B 479 -5.09 -31.93 -15.26
CA ALA B 479 -6.48 -31.63 -15.59
C ALA B 479 -7.10 -32.75 -16.42
N ILE B 480 -6.30 -33.34 -17.32
CA ILE B 480 -6.79 -34.36 -18.24
C ILE B 480 -5.77 -35.49 -18.34
N VAL B 481 -6.17 -36.56 -19.02
CA VAL B 481 -5.25 -37.66 -19.34
C VAL B 481 -5.04 -37.63 -20.85
N PRO B 482 -3.94 -37.01 -21.32
CA PRO B 482 -3.68 -37.05 -22.75
C PRO B 482 -3.41 -38.48 -23.21
N VAL B 483 -3.86 -38.82 -24.43
CA VAL B 483 -3.72 -40.18 -24.96
C VAL B 483 -2.94 -40.18 -26.28
N TYR B 484 -3.52 -39.60 -27.34
CA TYR B 484 -2.80 -39.40 -28.61
C TYR B 484 -3.24 -38.19 -29.40
N TYR B 485 -2.36 -37.71 -30.28
CA TYR B 485 -2.69 -36.66 -31.24
C TYR B 485 -3.32 -37.32 -32.47
N TYR B 486 -4.40 -36.72 -32.96
CA TYR B 486 -5.17 -37.31 -34.06
C TYR B 486 -4.39 -37.27 -35.37
N VAL B 487 -4.89 -38.04 -36.33
CA VAL B 487 -4.67 -37.75 -37.74
C VAL B 487 -6.07 -37.70 -38.40
N ASN B 488 -6.12 -37.27 -39.66
CA ASN B 488 -7.37 -37.15 -40.40
C ASN B 488 -7.35 -38.26 -41.45
N ALA B 489 -7.83 -39.45 -41.08
CA ALA B 489 -7.88 -40.59 -41.99
C ALA B 489 -9.31 -40.83 -42.45
N ARG B 490 -9.52 -40.84 -43.77
CA ARG B 490 -10.85 -41.13 -44.31
C ARG B 490 -10.77 -41.67 -45.72
N LEU B 491 -11.86 -42.32 -46.15
CA LEU B 491 -11.96 -42.89 -47.49
C LEU B 491 -12.72 -41.93 -48.38
N VAL B 492 -12.23 -41.78 -49.60
CA VAL B 492 -12.83 -40.88 -50.57
C VAL B 492 -12.78 -41.56 -51.93
N LYS B 493 -13.94 -41.66 -52.57
CA LYS B 493 -14.04 -42.32 -53.86
C LYS B 493 -13.17 -41.61 -54.92
N PRO B 494 -12.68 -42.36 -55.92
CA PRO B 494 -11.81 -41.77 -56.93
C PRO B 494 -12.45 -40.63 -57.71
N TRP B 495 -13.78 -40.63 -57.80
CA TRP B 495 -14.51 -39.64 -58.60
C TRP B 495 -14.89 -38.39 -57.83
N VAL B 496 -14.60 -38.36 -56.54
CA VAL B 496 -14.83 -37.14 -55.76
C VAL B 496 -13.57 -36.27 -55.86
N GLY B 497 -13.75 -35.07 -56.40
CA GLY B 497 -12.66 -34.11 -56.51
C GLY B 497 -12.83 -32.93 -55.57
N GLY B 498 -11.71 -32.29 -55.24
CA GLY B 498 -11.73 -31.07 -54.45
C GLY B 498 -11.43 -31.29 -52.97
N TYR B 499 -11.14 -32.53 -52.58
CA TYR B 499 -10.72 -32.81 -51.21
C TYR B 499 -9.20 -32.98 -51.22
N THR B 500 -8.49 -31.96 -50.75
CA THR B 500 -7.04 -31.98 -50.72
C THR B 500 -6.55 -32.55 -49.40
N GLY B 501 -7.33 -32.32 -48.35
CA GLY B 501 -6.95 -32.74 -47.00
C GLY B 501 -5.92 -31.84 -46.33
N LYS B 502 -5.50 -30.77 -47.01
CA LYS B 502 -4.34 -29.99 -46.57
C LYS B 502 -4.67 -28.93 -45.50
N ASP B 503 -5.93 -28.81 -45.12
CA ASP B 503 -6.27 -27.99 -43.96
C ASP B 503 -6.16 -28.84 -42.69
N PRO B 504 -5.22 -28.51 -41.79
CA PRO B 504 -5.06 -29.32 -40.57
C PRO B 504 -6.23 -29.20 -39.60
N LEU B 505 -7.13 -28.25 -39.83
CA LEU B 505 -8.39 -28.17 -39.08
C LEU B 505 -9.53 -28.92 -39.81
N ASP B 506 -9.29 -29.31 -41.06
CA ASP B 506 -10.25 -30.05 -41.87
C ASP B 506 -11.59 -29.33 -41.99
N ASN B 507 -11.52 -28.02 -42.20
CA ASN B 507 -12.70 -27.22 -42.48
C ASN B 507 -12.98 -27.19 -43.97
N THR B 508 -13.64 -28.25 -44.44
CA THR B 508 -13.99 -28.38 -45.84
C THR B 508 -15.38 -27.83 -46.12
N TYR B 509 -15.60 -27.54 -47.39
CA TYR B 509 -16.86 -27.07 -47.86
C TYR B 509 -17.28 -27.89 -49.07
N THR B 510 -18.56 -28.25 -49.13
CA THR B 510 -19.12 -28.93 -50.28
C THR B 510 -18.98 -28.08 -51.55
N ARG B 511 -19.01 -26.76 -51.41
CA ARG B 511 -18.87 -25.86 -52.55
C ARG B 511 -17.49 -25.93 -53.22
N ASN B 512 -16.52 -26.61 -52.60
CA ASN B 512 -15.20 -26.80 -53.20
C ASN B 512 -15.00 -28.13 -53.88
N MET B 513 -16.04 -28.93 -53.92
CA MET B 513 -15.90 -30.27 -54.47
C MET B 513 -16.68 -30.49 -55.75
N TYR B 514 -16.38 -31.61 -56.41
CA TYR B 514 -16.99 -31.93 -57.69
C TYR B 514 -16.90 -33.41 -57.97
N ILE B 515 -17.83 -33.90 -58.78
CA ILE B 515 -17.86 -35.30 -59.15
C ILE B 515 -17.32 -35.42 -60.58
N VAL B 516 -16.27 -36.24 -60.72
CA VAL B 516 -15.68 -36.54 -61.99
C VAL B 516 -16.49 -37.66 -62.65
N LYS B 517 -16.64 -37.58 -63.97
CA LYS B 517 -17.32 -38.64 -64.74
C LYS B 517 -16.66 -39.99 -64.50
N HIS B 518 -17.45 -40.97 -64.07
CA HIS B 518 -16.95 -42.32 -63.76
C HIS B 518 -17.93 -43.40 -64.15
N ALA C 2 -65.00 -28.47 -44.22
CA ALA C 2 -63.79 -27.59 -44.22
C ALA C 2 -63.65 -26.84 -45.54
N ASP C 3 -63.03 -25.66 -45.49
CA ASP C 3 -62.69 -24.89 -46.69
C ASP C 3 -61.17 -24.75 -46.76
N VAL C 4 -60.54 -25.58 -47.57
CA VAL C 4 -59.10 -25.56 -47.73
C VAL C 4 -58.75 -24.41 -48.68
N PRO C 5 -57.94 -23.45 -48.20
CA PRO C 5 -57.58 -22.31 -49.05
C PRO C 5 -56.94 -22.73 -50.37
N ALA C 6 -57.02 -21.86 -51.37
CA ALA C 6 -56.34 -22.10 -52.63
C ALA C 6 -54.84 -22.10 -52.41
N GLY C 7 -54.15 -23.06 -53.03
CA GLY C 7 -52.70 -23.16 -52.94
C GLY C 7 -52.19 -24.06 -51.84
N VAL C 8 -53.07 -24.49 -50.94
CA VAL C 8 -52.71 -25.45 -49.90
C VAL C 8 -52.68 -26.85 -50.50
N THR C 9 -51.62 -27.60 -50.23
CA THR C 9 -51.50 -29.00 -50.62
C THR C 9 -51.81 -29.86 -49.41
N LEU C 10 -52.76 -30.77 -49.55
CA LEU C 10 -53.19 -31.61 -48.44
C LEU C 10 -52.28 -32.82 -48.30
N ALA C 11 -51.96 -33.16 -47.06
CA ALA C 11 -51.30 -34.42 -46.73
C ALA C 11 -52.10 -35.61 -47.23
N GLU C 12 -51.40 -36.69 -47.57
CA GLU C 12 -52.06 -37.94 -47.98
C GLU C 12 -52.84 -38.56 -46.81
N LYS C 13 -52.26 -38.55 -45.61
CA LYS C 13 -52.94 -39.06 -44.41
C LYS C 13 -53.69 -37.92 -43.70
N GLN C 14 -54.99 -38.05 -43.60
CA GLN C 14 -55.79 -37.03 -42.96
C GLN C 14 -56.33 -37.52 -41.61
N THR C 15 -55.41 -37.65 -40.66
CA THR C 15 -55.70 -38.09 -39.28
C THR C 15 -55.31 -37.01 -38.28
N LEU C 16 -56.00 -36.97 -37.16
CA LEU C 16 -55.75 -35.94 -36.15
C LEU C 16 -55.78 -36.58 -34.77
N VAL C 17 -54.78 -36.29 -33.95
CA VAL C 17 -54.81 -36.66 -32.53
C VAL C 17 -54.90 -35.42 -31.63
N ARG C 18 -55.91 -35.41 -30.78
CA ARG C 18 -56.19 -34.30 -29.89
C ARG C 18 -56.22 -34.80 -28.47
N ASN C 19 -55.64 -34.06 -27.54
CA ASN C 19 -55.89 -34.34 -26.13
C ASN C 19 -57.18 -33.68 -25.69
N ASN C 20 -58.03 -34.46 -25.04
CA ASN C 20 -59.33 -33.98 -24.61
C ASN C 20 -59.39 -33.68 -23.12
N GLY C 21 -58.32 -34.00 -22.39
CA GLY C 21 -58.19 -33.55 -21.01
C GLY C 21 -58.72 -34.46 -19.91
N SER C 22 -59.67 -35.35 -20.21
CA SER C 22 -60.14 -36.40 -19.27
C SER C 22 -61.02 -37.45 -19.94
N GLU C 23 -61.33 -38.51 -19.22
CA GLU C 23 -62.30 -39.48 -19.68
C GLU C 23 -63.67 -38.82 -19.62
N VAL C 24 -64.45 -38.95 -20.67
CA VAL C 24 -65.74 -38.28 -20.76
C VAL C 24 -66.75 -38.97 -19.88
N GLN C 25 -67.71 -38.19 -19.40
CA GLN C 25 -68.86 -38.72 -18.67
C GLN C 25 -69.60 -39.76 -19.49
N SER C 26 -69.78 -39.46 -20.76
CA SER C 26 -70.69 -40.18 -21.62
C SER C 26 -70.60 -39.61 -23.02
N LEU C 27 -71.13 -40.38 -23.98
CA LEU C 27 -71.31 -39.90 -25.35
C LEU C 27 -72.78 -39.59 -25.65
N ASP C 28 -73.66 -39.81 -24.68
CA ASP C 28 -75.08 -39.53 -24.77
C ASP C 28 -75.27 -38.02 -24.55
N PRO C 29 -75.76 -37.30 -25.58
CA PRO C 29 -75.86 -35.85 -25.43
C PRO C 29 -76.74 -35.37 -24.27
N HIS C 30 -77.57 -36.24 -23.69
CA HIS C 30 -78.40 -35.85 -22.54
C HIS C 30 -77.78 -36.18 -21.20
N LYS C 31 -76.56 -36.74 -21.21
CA LYS C 31 -75.87 -37.17 -20.00
C LYS C 31 -74.53 -36.45 -19.82
N ILE C 32 -74.43 -35.23 -20.30
CA ILE C 32 -73.17 -34.51 -20.30
C ILE C 32 -73.30 -33.07 -19.88
N GLU C 33 -72.23 -32.53 -19.30
CA GLU C 33 -72.17 -31.13 -18.93
C GLU C 33 -70.80 -30.46 -19.14
N GLY C 34 -69.77 -31.22 -19.54
CA GLY C 34 -68.41 -30.67 -19.55
C GLY C 34 -67.84 -30.37 -20.93
N VAL C 35 -66.74 -29.63 -20.94
CA VAL C 35 -66.05 -29.30 -22.19
C VAL C 35 -65.57 -30.56 -22.92
N PRO C 36 -64.96 -31.51 -22.19
CA PRO C 36 -64.48 -32.71 -22.89
C PRO C 36 -65.55 -33.47 -23.63
N GLU C 37 -66.72 -33.55 -22.98
CA GLU C 37 -67.87 -34.25 -23.49
C GLU C 37 -68.41 -33.58 -24.75
N SER C 38 -68.59 -32.25 -24.67
CA SER C 38 -69.01 -31.45 -25.79
C SER C 38 -68.11 -31.47 -27.01
N ASN C 39 -66.79 -31.51 -26.80
CA ASN C 39 -65.83 -31.63 -27.92
C ASN C 39 -66.12 -32.86 -28.78
N ILE C 40 -66.26 -34.02 -28.13
CA ILE C 40 -66.59 -35.25 -28.87
C ILE C 40 -68.02 -35.17 -29.42
N SER C 41 -68.94 -34.58 -28.64
CA SER C 41 -70.33 -34.56 -29.05
C SER C 41 -70.55 -33.76 -30.33
N ARG C 42 -69.78 -32.70 -30.51
CA ARG C 42 -69.91 -31.86 -31.70
C ARG C 42 -69.48 -32.57 -32.99
N ASP C 43 -68.61 -33.56 -32.87
CA ASP C 43 -68.24 -34.41 -33.99
C ASP C 43 -69.28 -35.50 -34.28
N LEU C 44 -69.96 -35.98 -33.23
CA LEU C 44 -70.90 -37.12 -33.35
C LEU C 44 -72.35 -36.70 -33.66
N PHE C 45 -72.78 -35.55 -33.16
CA PHE C 45 -74.15 -35.11 -33.33
C PHE C 45 -74.22 -33.66 -33.77
N GLU C 46 -75.19 -33.37 -34.63
CA GLU C 46 -75.41 -32.04 -35.14
C GLU C 46 -76.84 -31.58 -34.87
N GLY C 47 -76.94 -30.45 -34.18
CA GLY C 47 -78.23 -29.84 -33.86
C GLY C 47 -78.79 -28.99 -34.99
N LEU C 48 -79.77 -28.15 -34.63
CA LEU C 48 -80.39 -27.29 -35.63
C LEU C 48 -79.33 -26.36 -36.21
N LEU C 49 -78.50 -25.81 -35.33
CA LEU C 49 -77.49 -24.84 -35.68
C LEU C 49 -76.12 -25.29 -35.21
N VAL C 50 -75.07 -24.68 -35.80
CA VAL C 50 -73.68 -24.90 -35.41
C VAL C 50 -72.99 -23.57 -35.29
N SER C 51 -71.76 -23.58 -34.76
CA SER C 51 -70.96 -22.37 -34.68
C SER C 51 -70.06 -22.32 -35.89
N ASP C 52 -70.05 -21.19 -36.60
CA ASP C 52 -69.05 -20.93 -37.63
C ASP C 52 -67.69 -20.60 -36.97
N LEU C 53 -66.63 -20.46 -37.78
CA LEU C 53 -65.28 -20.29 -37.25
C LEU C 53 -65.10 -19.05 -36.36
N ASP C 54 -65.96 -18.05 -36.50
CA ASP C 54 -65.93 -16.88 -35.62
C ASP C 54 -66.92 -17.02 -34.44
N GLY C 55 -67.52 -18.20 -34.25
CA GLY C 55 -68.48 -18.42 -33.16
C GLY C 55 -69.91 -17.98 -33.43
N HIS C 56 -70.19 -17.49 -34.63
CA HIS C 56 -71.55 -17.06 -34.94
C HIS C 56 -72.42 -18.24 -35.32
N PRO C 57 -73.67 -18.25 -34.84
CA PRO C 57 -74.53 -19.38 -35.21
C PRO C 57 -74.73 -19.48 -36.71
N ALA C 58 -74.82 -20.69 -37.21
CA ALA C 58 -74.90 -20.91 -38.63
C ALA C 58 -75.64 -22.22 -38.88
N PRO C 59 -76.05 -22.43 -40.14
CA PRO C 59 -76.90 -23.57 -40.44
C PRO C 59 -76.31 -24.92 -40.03
N GLY C 60 -77.12 -25.72 -39.34
CA GLY C 60 -76.78 -27.09 -38.97
C GLY C 60 -77.72 -28.02 -39.71
N VAL C 61 -78.56 -28.75 -38.99
CA VAL C 61 -79.61 -29.50 -39.64
C VAL C 61 -80.65 -28.51 -40.21
N ALA C 62 -80.89 -27.40 -39.52
CA ALA C 62 -81.73 -26.32 -40.05
C ALA C 62 -80.97 -25.47 -41.09
N GLU C 63 -81.44 -25.47 -42.34
CA GLU C 63 -80.79 -24.65 -43.37
C GLU C 63 -81.25 -23.19 -43.31
N SER C 64 -82.43 -22.98 -42.74
CA SER C 64 -82.90 -21.63 -42.42
C SER C 64 -83.87 -21.64 -41.23
N TRP C 65 -84.15 -20.45 -40.69
CA TRP C 65 -85.09 -20.28 -39.60
C TRP C 65 -85.60 -18.88 -39.57
N ASP C 66 -86.66 -18.67 -38.81
CA ASP C 66 -87.27 -17.36 -38.68
C ASP C 66 -88.14 -17.38 -37.44
N ASN C 67 -88.68 -16.22 -37.07
CA ASN C 67 -89.42 -16.11 -35.83
C ASN C 67 -90.44 -14.99 -35.86
N LYS C 68 -91.47 -15.15 -35.04
CA LYS C 68 -92.47 -14.10 -34.81
C LYS C 68 -92.40 -13.63 -33.35
N ASP C 69 -92.10 -12.34 -33.15
CA ASP C 69 -92.05 -11.69 -31.84
C ASP C 69 -90.97 -12.27 -30.93
N ALA C 70 -90.02 -13.00 -31.51
CA ALA C 70 -89.03 -13.77 -30.72
C ALA C 70 -89.69 -14.84 -29.83
N LYS C 71 -90.96 -15.16 -30.10
CA LYS C 71 -91.74 -16.12 -29.29
C LYS C 71 -92.06 -17.46 -29.98
N VAL C 72 -92.23 -17.45 -31.31
CA VAL C 72 -92.47 -18.70 -32.06
C VAL C 72 -91.36 -18.87 -33.08
N TRP C 73 -90.58 -19.95 -32.96
CA TRP C 73 -89.44 -20.18 -33.82
C TRP C 73 -89.67 -21.34 -34.75
N THR C 74 -89.55 -21.07 -36.04
CA THR C 74 -89.73 -22.10 -37.05
C THR C 74 -88.39 -22.39 -37.72
N PHE C 75 -88.00 -23.66 -37.72
CA PHE C 75 -86.77 -24.13 -38.30
C PHE C 75 -87.10 -24.97 -39.52
N HIS C 76 -86.48 -24.63 -40.65
CA HIS C 76 -86.66 -25.35 -41.90
C HIS C 76 -85.48 -26.25 -42.07
N LEU C 77 -85.71 -27.56 -41.91
CA LEU C 77 -84.63 -28.54 -41.90
C LEU C 77 -84.22 -28.91 -43.33
N ARG C 78 -82.93 -29.12 -43.56
CA ARG C 78 -82.47 -29.58 -44.88
C ARG C 78 -82.99 -31.00 -45.15
N LYS C 79 -83.31 -31.29 -46.40
CA LYS C 79 -83.99 -32.55 -46.73
C LYS C 79 -83.05 -33.75 -46.85
N ASP C 80 -81.76 -33.51 -46.93
CA ASP C 80 -80.77 -34.60 -47.03
C ASP C 80 -79.97 -34.84 -45.75
N ALA C 81 -80.39 -34.29 -44.62
CA ALA C 81 -79.76 -34.62 -43.34
C ALA C 81 -80.06 -36.08 -43.02
N LYS C 82 -79.03 -36.83 -42.64
CA LYS C 82 -79.15 -38.26 -42.42
C LYS C 82 -78.40 -38.75 -41.18
N TRP C 83 -78.91 -39.83 -40.61
CA TRP C 83 -78.24 -40.57 -39.57
C TRP C 83 -77.28 -41.52 -40.20
N SER C 84 -76.36 -42.07 -39.41
CA SER C 84 -75.33 -43.00 -39.90
C SER C 84 -75.84 -44.37 -40.37
N ASP C 85 -77.11 -44.67 -40.15
CA ASP C 85 -77.73 -45.86 -40.72
C ASP C 85 -78.43 -45.52 -42.03
N GLY C 86 -78.22 -44.29 -42.50
CA GLY C 86 -78.80 -43.81 -43.76
C GLY C 86 -80.21 -43.24 -43.69
N THR C 87 -80.87 -43.35 -42.53
CA THR C 87 -82.25 -42.87 -42.37
C THR C 87 -82.28 -41.35 -42.20
N PRO C 88 -83.40 -40.72 -42.56
CA PRO C 88 -83.44 -39.25 -42.45
C PRO C 88 -83.50 -38.70 -41.01
N VAL C 89 -82.88 -37.55 -40.80
CA VAL C 89 -83.07 -36.76 -39.60
C VAL C 89 -84.28 -35.88 -39.85
N THR C 90 -85.27 -35.95 -38.98
CA THR C 90 -86.53 -35.25 -39.17
C THR C 90 -86.81 -34.32 -37.99
N ALA C 91 -87.87 -33.52 -38.14
CA ALA C 91 -88.31 -32.64 -37.07
C ALA C 91 -88.77 -33.47 -35.88
N GLN C 92 -89.34 -34.64 -36.16
CA GLN C 92 -89.81 -35.55 -35.12
C GLN C 92 -88.66 -36.07 -34.25
N ASP C 93 -87.47 -36.15 -34.84
CA ASP C 93 -86.26 -36.53 -34.09
C ASP C 93 -85.94 -35.49 -33.03
N PHE C 94 -86.15 -34.22 -33.36
CA PHE C 94 -85.89 -33.15 -32.40
C PHE C 94 -86.97 -33.10 -31.34
N VAL C 95 -88.24 -33.28 -31.73
CA VAL C 95 -89.34 -33.35 -30.75
C VAL C 95 -89.04 -34.43 -29.70
N TYR C 96 -88.77 -35.64 -30.17
CA TYR C 96 -88.42 -36.72 -29.26
C TYR C 96 -87.23 -36.38 -28.36
N SER C 97 -86.16 -35.83 -28.95
CA SER C 97 -84.93 -35.60 -28.23
C SER C 97 -85.07 -34.52 -27.18
N TRP C 98 -85.73 -33.42 -27.52
CA TRP C 98 -85.94 -32.34 -26.55
C TRP C 98 -86.82 -32.77 -25.39
N GLN C 99 -87.87 -33.54 -25.69
CA GLN C 99 -88.71 -34.22 -24.68
C GLN C 99 -87.88 -35.11 -23.75
N ARG C 100 -86.95 -35.87 -24.32
CA ARG C 100 -86.08 -36.73 -23.53
C ARG C 100 -85.17 -35.91 -22.59
N SER C 101 -84.62 -34.82 -23.12
N SER C 101 -84.65 -34.80 -23.09
CA SER C 101 -83.74 -33.91 -22.38
CA SER C 101 -83.73 -33.97 -22.34
C SER C 101 -84.37 -33.39 -21.10
C SER C 101 -84.37 -33.38 -21.09
N VAL C 102 -85.67 -33.10 -21.14
CA VAL C 102 -86.38 -32.49 -20.02
C VAL C 102 -87.13 -33.50 -19.13
N ASP C 103 -87.06 -34.78 -19.48
CA ASP C 103 -87.71 -35.85 -18.71
C ASP C 103 -86.98 -36.07 -17.38
N PRO C 104 -87.70 -35.94 -16.25
CA PRO C 104 -87.05 -36.28 -14.97
C PRO C 104 -86.39 -37.67 -14.97
N ASN C 105 -86.94 -38.62 -15.71
CA ASN C 105 -86.35 -39.97 -15.77
C ASN C 105 -84.97 -39.99 -16.45
N THR C 106 -84.72 -39.05 -17.36
CA THR C 106 -83.39 -38.93 -18.01
C THR C 106 -82.32 -38.38 -17.04
N ALA C 107 -82.74 -37.58 -16.06
CA ALA C 107 -81.84 -36.98 -15.05
C ALA C 107 -80.65 -36.28 -15.70
N SER C 108 -80.92 -35.50 -16.74
CA SER C 108 -79.86 -34.84 -17.49
C SER C 108 -79.25 -33.72 -16.65
N PRO C 109 -77.91 -33.65 -16.59
CA PRO C 109 -77.32 -32.46 -15.98
C PRO C 109 -77.72 -31.16 -16.69
N TYR C 110 -78.07 -31.26 -17.98
CA TYR C 110 -78.56 -30.12 -18.77
C TYR C 110 -80.09 -30.11 -18.98
N ALA C 111 -80.83 -30.74 -18.06
CA ALA C 111 -82.30 -30.71 -18.08
C ALA C 111 -82.83 -29.28 -18.19
N SER C 112 -82.21 -28.37 -17.47
CA SER C 112 -82.68 -26.98 -17.40
C SER C 112 -82.32 -26.15 -18.64
N TYR C 113 -81.46 -26.66 -19.53
CA TYR C 113 -80.95 -25.82 -20.63
C TYR C 113 -82.09 -25.26 -21.50
N LEU C 114 -83.02 -26.11 -21.92
CA LEU C 114 -84.12 -25.62 -22.77
C LEU C 114 -85.07 -24.72 -22.00
N GLN C 115 -85.03 -24.81 -20.66
CA GLN C 115 -85.72 -23.85 -19.81
C GLN C 115 -85.05 -22.47 -19.88
N TYR C 116 -83.75 -22.42 -20.15
CA TYR C 116 -83.08 -21.13 -20.39
C TYR C 116 -83.68 -20.41 -21.59
N GLY C 117 -84.18 -21.16 -22.57
CA GLY C 117 -84.96 -20.55 -23.68
C GLY C 117 -86.48 -20.42 -23.47
N HIS C 118 -86.96 -20.88 -22.31
CA HIS C 118 -88.36 -20.76 -21.89
C HIS C 118 -89.39 -21.29 -22.85
N ILE C 119 -89.12 -22.49 -23.37
CA ILE C 119 -90.07 -23.19 -24.20
C ILE C 119 -91.33 -23.43 -23.37
N ALA C 120 -92.49 -23.28 -24.01
CA ALA C 120 -93.78 -23.40 -23.34
C ALA C 120 -93.95 -24.79 -22.71
N GLY C 121 -94.50 -24.79 -21.50
CA GLY C 121 -94.76 -26.02 -20.75
C GLY C 121 -93.61 -26.54 -19.91
N ILE C 122 -92.41 -26.00 -20.10
CA ILE C 122 -91.23 -26.66 -19.58
C ILE C 122 -91.14 -26.71 -18.06
N ASP C 123 -91.60 -25.65 -17.38
CA ASP C 123 -91.49 -25.56 -15.91
C ASP C 123 -92.12 -26.73 -15.15
N GLU C 124 -93.37 -27.03 -15.48
CA GLU C 124 -94.08 -28.15 -14.85
C GLU C 124 -93.58 -29.52 -15.31
N ILE C 125 -93.06 -29.59 -16.54
CA ILE C 125 -92.48 -30.84 -17.05
C ILE C 125 -91.21 -31.19 -16.30
N LEU C 126 -90.34 -30.21 -16.12
CA LEU C 126 -89.11 -30.42 -15.35
C LEU C 126 -89.39 -30.85 -13.90
N GLU C 127 -90.53 -30.45 -13.35
CA GLU C 127 -90.94 -30.80 -11.99
C GLU C 127 -91.69 -32.12 -11.89
N GLY C 128 -91.99 -32.75 -13.02
CA GLY C 128 -92.71 -34.04 -13.02
C GLY C 128 -94.22 -33.93 -12.91
N LYS C 129 -94.76 -32.70 -12.96
CA LYS C 129 -96.20 -32.49 -12.81
C LYS C 129 -96.97 -32.55 -14.12
N LYS C 130 -96.27 -32.44 -15.25
CA LYS C 130 -96.90 -32.58 -16.57
C LYS C 130 -96.07 -33.51 -17.44
N PRO C 131 -96.73 -34.22 -18.37
CA PRO C 131 -96.00 -35.11 -19.28
C PRO C 131 -95.08 -34.34 -20.24
N ILE C 132 -94.00 -35.00 -20.66
CA ILE C 132 -93.03 -34.39 -21.58
C ILE C 132 -93.62 -34.07 -22.95
N THR C 133 -94.72 -34.74 -23.33
CA THR C 133 -95.40 -34.42 -24.59
C THR C 133 -96.05 -33.04 -24.59
N ASP C 134 -96.16 -32.40 -23.42
CA ASP C 134 -96.67 -31.03 -23.34
C ASP C 134 -95.67 -29.95 -23.75
N LEU C 135 -94.41 -30.32 -23.97
CA LEU C 135 -93.38 -29.33 -24.30
C LEU C 135 -93.72 -28.57 -25.57
N GLY C 136 -93.45 -27.26 -25.61
CA GLY C 136 -93.82 -26.41 -26.75
C GLY C 136 -92.98 -26.56 -28.02
N VAL C 137 -92.68 -27.81 -28.39
CA VAL C 137 -91.98 -28.12 -29.63
C VAL C 137 -92.78 -29.14 -30.43
N LYS C 138 -92.95 -28.89 -31.73
CA LYS C 138 -93.74 -29.78 -32.59
C LYS C 138 -93.20 -29.85 -34.03
N ALA C 139 -93.33 -31.05 -34.61
CA ALA C 139 -93.07 -31.30 -36.03
C ALA C 139 -94.27 -30.87 -36.84
N ILE C 140 -94.16 -29.76 -37.57
CA ILE C 140 -95.24 -29.32 -38.48
C ILE C 140 -95.31 -30.31 -39.65
N ASP C 141 -94.12 -30.70 -40.12
CA ASP C 141 -93.95 -31.83 -41.03
C ASP C 141 -92.53 -32.40 -40.84
N ASP C 142 -92.16 -33.38 -41.66
CA ASP C 142 -90.82 -34.02 -41.58
C ASP C 142 -89.64 -33.06 -41.52
N HIS C 143 -89.79 -31.88 -42.12
CA HIS C 143 -88.68 -30.98 -42.32
C HIS C 143 -88.93 -29.58 -41.78
N THR C 144 -89.87 -29.47 -40.86
CA THR C 144 -90.23 -28.18 -40.28
C THR C 144 -90.49 -28.33 -38.79
N LEU C 145 -89.66 -27.69 -37.96
CA LEU C 145 -89.81 -27.71 -36.52
C LEU C 145 -90.29 -26.36 -36.02
N GLU C 146 -91.36 -26.36 -35.24
CA GLU C 146 -91.90 -25.15 -34.65
C GLU C 146 -91.70 -25.18 -33.14
N VAL C 147 -91.06 -24.15 -32.59
CA VAL C 147 -90.83 -24.05 -31.15
C VAL C 147 -91.55 -22.81 -30.62
N THR C 148 -92.36 -22.99 -29.58
CA THR C 148 -93.15 -21.89 -28.99
C THR C 148 -92.63 -21.60 -27.58
N LEU C 149 -92.14 -20.39 -27.36
CA LEU C 149 -91.63 -19.97 -26.06
C LEU C 149 -92.71 -19.19 -25.29
N SER C 150 -92.64 -19.24 -23.96
CA SER C 150 -93.63 -18.54 -23.13
C SER C 150 -93.31 -17.06 -22.97
N GLU C 151 -92.09 -16.66 -23.30
CA GLU C 151 -91.68 -15.25 -23.29
C GLU C 151 -90.88 -14.93 -24.53
N PRO C 152 -90.81 -13.65 -24.92
CA PRO C 152 -89.89 -13.30 -26.02
C PRO C 152 -88.44 -13.57 -25.62
N VAL C 153 -87.71 -14.29 -26.46
CA VAL C 153 -86.30 -14.59 -26.20
C VAL C 153 -85.52 -14.45 -27.50
N PRO C 154 -85.07 -13.23 -27.80
CA PRO C 154 -84.44 -12.97 -29.09
C PRO C 154 -83.17 -13.78 -29.30
N TYR C 155 -82.54 -14.20 -28.20
CA TYR C 155 -81.30 -14.97 -28.27
C TYR C 155 -81.53 -16.48 -28.30
N PHE C 156 -82.79 -16.91 -28.34
CA PHE C 156 -83.11 -18.35 -28.29
C PHE C 156 -82.31 -19.19 -29.28
N TYR C 157 -82.12 -18.68 -30.49
CA TYR C 157 -81.44 -19.47 -31.54
C TYR C 157 -79.98 -19.80 -31.18
N LYS C 158 -79.33 -18.95 -30.39
CA LYS C 158 -77.92 -19.11 -30.02
C LYS C 158 -77.71 -20.31 -29.11
N LEU C 159 -78.75 -20.68 -28.35
CA LEU C 159 -78.71 -21.85 -27.50
C LEU C 159 -78.52 -23.15 -28.28
N LEU C 160 -78.91 -23.16 -29.54
CA LEU C 160 -79.16 -24.40 -30.26
C LEU C 160 -77.95 -24.98 -30.94
N VAL C 161 -76.78 -24.36 -30.71
CA VAL C 161 -75.52 -24.94 -31.11
C VAL C 161 -75.03 -25.94 -30.08
N HIS C 162 -75.67 -25.99 -28.91
CA HIS C 162 -75.18 -26.80 -27.81
C HIS C 162 -75.58 -28.24 -27.94
N PRO C 163 -74.64 -29.17 -27.66
CA PRO C 163 -74.87 -30.59 -27.81
C PRO C 163 -76.12 -31.15 -27.15
N SER C 164 -76.52 -30.63 -25.99
CA SER C 164 -77.70 -31.15 -25.31
C SER C 164 -78.98 -30.90 -26.10
N THR C 165 -78.91 -30.03 -27.11
CA THR C 165 -80.03 -29.76 -28.02
C THR C 165 -79.90 -30.54 -29.32
N SER C 166 -78.86 -31.35 -29.46
CA SER C 166 -78.68 -32.21 -30.62
C SER C 166 -79.73 -33.32 -30.61
N PRO C 167 -80.05 -33.86 -31.80
CA PRO C 167 -81.00 -34.95 -31.79
C PRO C 167 -80.31 -36.22 -31.37
N VAL C 168 -81.11 -37.16 -30.89
CA VAL C 168 -80.64 -38.49 -30.55
C VAL C 168 -81.60 -39.52 -31.12
N PRO C 169 -81.09 -40.73 -31.44
CA PRO C 169 -81.85 -41.72 -32.18
C PRO C 169 -82.77 -42.55 -31.29
N LYS C 170 -84.08 -42.31 -31.39
CA LYS C 170 -85.05 -43.01 -30.53
C LYS C 170 -84.92 -44.54 -30.59
N ALA C 171 -84.77 -45.08 -31.80
CA ALA C 171 -84.79 -46.53 -31.99
C ALA C 171 -83.60 -47.20 -31.30
N ALA C 172 -82.40 -46.67 -31.51
CA ALA C 172 -81.21 -47.16 -30.83
C ALA C 172 -81.33 -47.04 -29.31
N ILE C 173 -81.84 -45.90 -28.84
CA ILE C 173 -82.00 -45.68 -27.41
C ILE C 173 -82.95 -46.69 -26.77
N GLU C 174 -84.10 -46.91 -27.41
CA GLU C 174 -85.09 -47.82 -26.82
C GLU C 174 -84.69 -49.29 -26.93
N LYS C 175 -83.83 -49.61 -27.89
CA LYS C 175 -83.40 -50.99 -28.11
C LYS C 175 -82.26 -51.35 -27.17
N PHE C 176 -81.27 -50.48 -27.04
CA PHE C 176 -80.03 -50.82 -26.35
C PHE C 176 -79.92 -50.19 -24.95
N GLY C 177 -80.83 -49.29 -24.60
CA GLY C 177 -80.77 -48.63 -23.30
C GLY C 177 -79.47 -47.87 -23.14
N GLU C 178 -78.80 -48.02 -22.00
CA GLU C 178 -77.58 -47.27 -21.76
C GLU C 178 -76.37 -47.76 -22.60
N LYS C 179 -76.51 -48.90 -23.27
CA LYS C 179 -75.48 -49.38 -24.20
C LYS C 179 -75.63 -48.90 -25.63
N TRP C 180 -76.49 -47.91 -25.86
CA TRP C 180 -76.69 -47.40 -27.21
C TRP C 180 -75.54 -46.60 -27.75
N THR C 181 -74.69 -46.09 -26.88
CA THR C 181 -73.52 -45.33 -27.33
C THR C 181 -72.29 -46.19 -27.60
N GLN C 182 -72.41 -47.52 -27.43
CA GLN C 182 -71.29 -48.41 -27.78
C GLN C 182 -71.06 -48.47 -29.30
N PRO C 183 -69.81 -48.74 -29.73
CA PRO C 183 -69.46 -48.74 -31.14
C PRO C 183 -70.36 -49.55 -32.08
N GLY C 184 -70.82 -50.73 -31.68
CA GLY C 184 -71.71 -51.47 -32.58
C GLY C 184 -73.12 -50.90 -32.67
N ASN C 185 -73.52 -50.14 -31.65
CA ASN C 185 -74.93 -49.76 -31.46
C ASN C 185 -75.26 -48.33 -31.81
N ILE C 186 -74.27 -47.45 -31.75
CA ILE C 186 -74.52 -46.01 -31.79
C ILE C 186 -74.95 -45.57 -33.18
N VAL C 187 -75.82 -44.58 -33.22
CA VAL C 187 -76.28 -44.01 -34.47
C VAL C 187 -76.10 -42.50 -34.30
N THR C 188 -75.42 -41.87 -35.26
CA THR C 188 -74.97 -40.47 -35.15
C THR C 188 -75.42 -39.69 -36.39
N ASN C 189 -75.59 -38.36 -36.27
CA ASN C 189 -75.84 -37.52 -37.44
C ASN C 189 -74.76 -36.46 -37.72
N GLY C 190 -73.65 -36.52 -37.00
CA GLY C 190 -72.54 -35.56 -37.20
C GLY C 190 -71.60 -36.01 -38.30
N ALA C 191 -70.52 -35.24 -38.50
CA ALA C 191 -69.55 -35.50 -39.55
C ALA C 191 -68.76 -36.79 -39.28
N TYR C 192 -68.85 -37.29 -38.05
CA TYR C 192 -68.12 -38.48 -37.64
C TYR C 192 -69.03 -39.46 -36.95
N THR C 193 -68.60 -40.70 -36.88
CA THR C 193 -69.23 -41.67 -36.04
C THR C 193 -68.15 -42.36 -35.17
N LEU C 194 -68.60 -43.13 -34.18
CA LEU C 194 -67.71 -43.75 -33.19
C LEU C 194 -67.11 -45.05 -33.72
N LYS C 195 -65.78 -45.15 -33.74
CA LYS C 195 -65.11 -46.37 -34.18
C LYS C 195 -64.61 -47.19 -33.01
N ASP C 196 -63.96 -46.54 -32.04
CA ASP C 196 -63.38 -47.23 -30.89
C ASP C 196 -63.48 -46.39 -29.65
N TRP C 197 -63.64 -47.05 -28.52
CA TRP C 197 -63.69 -46.39 -27.21
C TRP C 197 -63.04 -47.27 -26.18
N VAL C 198 -61.76 -47.02 -25.90
CA VAL C 198 -61.06 -47.73 -24.84
C VAL C 198 -60.94 -46.79 -23.64
N VAL C 199 -61.62 -47.17 -22.57
CA VAL C 199 -61.65 -46.44 -21.30
C VAL C 199 -60.26 -46.04 -20.83
N ASN C 200 -60.07 -44.75 -20.56
CA ASN C 200 -58.80 -44.18 -20.07
C ASN C 200 -57.64 -44.26 -21.05
N GLU C 201 -57.94 -44.52 -22.32
CA GLU C 201 -56.93 -44.65 -23.37
C GLU C 201 -57.20 -43.72 -24.55
N ARG C 202 -58.33 -43.93 -25.23
CA ARG C 202 -58.62 -43.20 -26.45
C ARG C 202 -60.06 -43.39 -26.88
N ILE C 203 -60.62 -42.36 -27.49
CA ILE C 203 -61.82 -42.47 -28.29
C ILE C 203 -61.38 -42.17 -29.74
N VAL C 204 -61.67 -43.09 -30.66
CA VAL C 204 -61.38 -42.91 -32.09
C VAL C 204 -62.68 -42.74 -32.87
N LEU C 205 -62.78 -41.64 -33.60
CA LEU C 205 -63.94 -41.35 -34.44
C LEU C 205 -63.57 -41.49 -35.91
N GLU C 206 -64.52 -41.91 -36.74
CA GLU C 206 -64.27 -41.95 -38.17
C GLU C 206 -65.30 -41.17 -38.99
N ARG C 207 -64.79 -40.57 -40.05
CA ARG C 207 -65.58 -39.85 -41.03
C ARG C 207 -66.83 -40.65 -41.36
N SER C 208 -67.97 -39.99 -41.24
CA SER C 208 -69.28 -40.61 -41.44
C SER C 208 -69.77 -40.19 -42.83
N PRO C 209 -69.79 -41.13 -43.79
CA PRO C 209 -70.09 -40.73 -45.15
C PRO C 209 -71.55 -40.42 -45.43
N THR C 210 -72.43 -40.75 -44.47
CA THR C 210 -73.83 -40.40 -44.58
C THR C 210 -74.08 -38.93 -44.24
N TYR C 211 -73.12 -38.27 -43.60
CA TYR C 211 -73.29 -36.89 -43.19
C TYR C 211 -73.59 -36.01 -44.42
N TRP C 212 -74.57 -35.12 -44.29
CA TRP C 212 -75.00 -34.33 -45.44
C TRP C 212 -73.90 -33.49 -46.05
N ASN C 213 -72.96 -32.98 -45.25
CA ASN C 213 -71.87 -32.18 -45.80
C ASN C 213 -70.55 -32.95 -45.94
N ASN C 214 -70.63 -34.27 -46.05
CA ASN C 214 -69.42 -35.10 -46.07
C ASN C 214 -68.41 -34.73 -47.19
N ALA C 215 -68.89 -34.17 -48.30
CA ALA C 215 -68.03 -33.80 -49.41
C ALA C 215 -66.98 -32.77 -49.01
N LYS C 216 -67.31 -31.92 -48.03
CA LYS C 216 -66.42 -30.87 -47.54
C LYS C 216 -65.56 -31.30 -46.35
N THR C 217 -65.85 -32.46 -45.78
CA THR C 217 -65.04 -33.00 -44.69
C THR C 217 -63.71 -33.47 -45.24
N VAL C 218 -62.63 -33.20 -44.51
CA VAL C 218 -61.32 -33.62 -44.95
C VAL C 218 -60.67 -34.67 -44.04
N ILE C 219 -60.77 -34.48 -42.73
CA ILE C 219 -60.16 -35.38 -41.78
C ILE C 219 -60.89 -36.70 -41.78
N ASN C 220 -60.16 -37.79 -42.02
CA ASN C 220 -60.75 -39.13 -42.06
C ASN C 220 -60.89 -39.82 -40.70
N GLN C 221 -60.04 -39.44 -39.77
CA GLN C 221 -60.06 -40.02 -38.45
C GLN C 221 -59.50 -39.06 -37.39
N VAL C 222 -60.22 -38.94 -36.28
CA VAL C 222 -59.76 -38.13 -35.17
C VAL C 222 -59.76 -38.99 -33.91
N THR C 223 -58.65 -38.90 -33.18
CA THR C 223 -58.47 -39.59 -31.92
C THR C 223 -58.47 -38.56 -30.80
N TYR C 224 -59.27 -38.82 -29.78
CA TYR C 224 -59.34 -37.97 -28.60
C TYR C 224 -58.73 -38.73 -27.42
N LEU C 225 -57.76 -38.12 -26.75
CA LEU C 225 -57.06 -38.74 -25.62
C LEU C 225 -57.55 -38.17 -24.27
N PRO C 226 -57.49 -38.98 -23.20
CA PRO C 226 -58.04 -38.51 -21.93
C PRO C 226 -56.95 -38.13 -20.89
N ILE C 227 -55.92 -37.42 -21.32
CA ILE C 227 -54.77 -37.10 -20.44
C ILE C 227 -55.07 -35.85 -19.60
N ALA C 228 -55.21 -36.04 -18.29
CA ALA C 228 -55.48 -34.93 -17.35
C ALA C 228 -54.22 -34.18 -16.92
N SER C 229 -53.05 -34.82 -17.02
CA SER C 229 -51.79 -34.13 -16.75
C SER C 229 -51.38 -33.24 -17.93
N GLU C 230 -51.50 -31.93 -17.76
CA GLU C 230 -51.05 -30.96 -18.76
C GLU C 230 -49.57 -31.17 -19.13
N VAL C 231 -48.77 -31.54 -18.15
CA VAL C 231 -47.38 -31.88 -18.38
C VAL C 231 -47.25 -33.04 -19.36
N THR C 232 -47.98 -34.12 -19.11
CA THR C 232 -47.91 -35.31 -19.97
C THR C 232 -48.46 -35.02 -21.37
N ASP C 233 -49.54 -34.24 -21.45
CA ASP C 233 -50.11 -33.81 -22.72
C ASP C 233 -49.02 -33.14 -23.57
N VAL C 234 -48.41 -32.09 -23.02
CA VAL C 234 -47.33 -31.37 -23.70
C VAL C 234 -46.15 -32.28 -24.11
N ASN C 235 -45.73 -33.17 -23.22
CA ASN C 235 -44.63 -34.08 -23.53
C ASN C 235 -44.95 -34.95 -24.75
N ARG C 236 -46.17 -35.42 -24.83
CA ARG C 236 -46.58 -36.26 -25.96
C ARG C 236 -46.83 -35.45 -27.25
N TYR C 237 -47.16 -34.18 -27.11
CA TYR C 237 -47.22 -33.27 -28.24
C TYR C 237 -45.80 -33.07 -28.78
N ARG C 238 -44.84 -32.77 -27.91
CA ARG C 238 -43.44 -32.54 -28.34
C ARG C 238 -42.83 -33.79 -28.97
N SER C 239 -43.15 -34.97 -28.44
CA SER C 239 -42.53 -36.21 -28.96
C SER C 239 -43.15 -36.65 -30.30
N GLY C 240 -44.27 -36.03 -30.69
CA GLY C 240 -44.86 -36.26 -32.01
C GLY C 240 -46.24 -36.91 -32.05
N GLU C 241 -46.69 -37.45 -30.92
CA GLU C 241 -47.96 -38.19 -30.88
C GLU C 241 -49.20 -37.31 -30.97
N ILE C 242 -49.21 -36.17 -30.30
CA ILE C 242 -50.40 -35.33 -30.24
C ILE C 242 -50.27 -34.14 -31.16
N ASP C 243 -51.30 -33.89 -31.95
CA ASP C 243 -51.31 -32.79 -32.92
C ASP C 243 -51.85 -31.52 -32.29
N MET C 244 -52.79 -31.68 -31.38
CA MET C 244 -53.41 -30.57 -30.66
C MET C 244 -53.55 -30.89 -29.17
N THR C 245 -52.90 -30.13 -28.31
CA THR C 245 -53.08 -30.34 -26.88
C THR C 245 -54.49 -29.93 -26.46
N ASN C 246 -54.86 -30.30 -25.24
CA ASN C 246 -56.00 -29.70 -24.58
C ASN C 246 -55.65 -28.24 -24.31
N ASN C 247 -56.66 -27.40 -24.11
CA ASN C 247 -56.38 -26.01 -23.80
C ASN C 247 -56.17 -25.77 -22.30
N SER C 248 -55.38 -26.66 -21.70
CA SER C 248 -54.95 -26.46 -20.33
C SER C 248 -53.43 -26.55 -20.34
N MET C 249 -52.78 -25.45 -19.97
CA MET C 249 -51.33 -25.40 -20.02
C MET C 249 -50.74 -25.62 -18.62
N PRO C 250 -49.63 -26.37 -18.55
CA PRO C 250 -48.87 -26.50 -17.30
C PRO C 250 -48.11 -25.22 -16.99
N ILE C 251 -48.30 -24.70 -15.77
CA ILE C 251 -47.76 -23.40 -15.36
C ILE C 251 -46.28 -23.25 -15.61
N GLU C 252 -45.51 -24.30 -15.33
CA GLU C 252 -44.05 -24.22 -15.35
C GLU C 252 -43.51 -24.18 -16.78
N LEU C 253 -44.11 -24.97 -17.65
CA LEU C 253 -43.60 -25.17 -19.00
C LEU C 253 -44.07 -24.13 -20.02
N PHE C 254 -45.10 -23.34 -19.69
CA PHE C 254 -45.67 -22.44 -20.70
C PHE C 254 -44.69 -21.39 -21.19
N GLN C 255 -43.91 -20.80 -20.28
CA GLN C 255 -42.96 -19.75 -20.67
C GLN C 255 -41.94 -20.35 -21.62
N LYS C 256 -41.47 -21.54 -21.29
CA LYS C 256 -40.54 -22.30 -22.12
C LYS C 256 -41.11 -22.63 -23.50
N LEU C 257 -42.40 -22.99 -23.55
CA LEU C 257 -43.07 -23.33 -24.80
C LEU C 257 -43.15 -22.13 -25.72
N LYS C 258 -43.55 -20.99 -25.17
CA LYS C 258 -43.64 -19.75 -25.93
C LYS C 258 -42.28 -19.35 -26.50
N LYS C 259 -41.21 -19.66 -25.76
CA LYS C 259 -39.84 -19.40 -26.24
C LYS C 259 -39.44 -20.38 -27.34
N GLU C 260 -39.73 -21.68 -27.15
CA GLU C 260 -39.19 -22.72 -28.02
C GLU C 260 -39.99 -23.01 -29.29
N ILE C 261 -41.32 -22.99 -29.20
CA ILE C 261 -42.21 -23.27 -30.33
C ILE C 261 -43.30 -22.19 -30.46
N PRO C 262 -42.90 -20.91 -30.58
CA PRO C 262 -43.81 -19.76 -30.56
C PRO C 262 -44.93 -19.78 -31.59
N ASP C 263 -44.62 -20.31 -32.78
CA ASP C 263 -45.60 -20.34 -33.85
C ASP C 263 -46.68 -21.42 -33.66
N GLU C 264 -46.48 -22.31 -32.68
CA GLU C 264 -47.41 -23.40 -32.37
C GLU C 264 -48.26 -23.10 -31.11
N VAL C 265 -47.89 -22.04 -30.38
CA VAL C 265 -48.63 -21.61 -29.22
C VAL C 265 -49.73 -20.64 -29.64
N HIS C 266 -50.97 -21.01 -29.36
CA HIS C 266 -52.14 -20.19 -29.66
C HIS C 266 -52.79 -19.76 -28.39
N VAL C 267 -53.05 -18.47 -28.25
CA VAL C 267 -53.75 -17.93 -27.10
C VAL C 267 -54.84 -16.99 -27.58
N ASP C 268 -56.08 -17.34 -27.31
CA ASP C 268 -57.23 -16.59 -27.81
C ASP C 268 -58.23 -16.27 -26.70
N PRO C 269 -59.04 -15.22 -26.90
CA PRO C 269 -60.08 -14.94 -25.92
C PRO C 269 -60.99 -16.14 -25.72
N TYR C 270 -61.51 -16.28 -24.51
CA TYR C 270 -62.27 -17.47 -24.10
C TYR C 270 -63.26 -17.05 -23.00
N LEU C 271 -64.55 -17.20 -23.28
CA LEU C 271 -65.59 -16.74 -22.34
C LEU C 271 -65.83 -17.77 -21.23
N CYS C 272 -64.83 -17.91 -20.36
CA CYS C 272 -64.95 -18.77 -19.20
C CYS C 272 -64.39 -18.11 -17.96
N THR C 273 -64.92 -18.47 -16.81
CA THR C 273 -64.40 -17.97 -15.55
C THR C 273 -63.86 -19.13 -14.70
N TYR C 274 -62.71 -18.91 -14.09
CA TYR C 274 -62.12 -19.85 -13.14
C TYR C 274 -62.48 -19.39 -11.74
N TYR C 275 -62.99 -20.29 -10.92
CA TYR C 275 -63.46 -19.87 -9.59
C TYR C 275 -63.45 -20.98 -8.60
N TYR C 276 -63.59 -20.61 -7.32
CA TYR C 276 -63.78 -21.61 -6.28
C TYR C 276 -65.24 -21.57 -5.93
N GLU C 277 -65.89 -22.69 -6.27
CA GLU C 277 -67.29 -22.89 -6.04
C GLU C 277 -67.47 -23.30 -4.59
N ILE C 278 -68.27 -22.52 -3.90
CA ILE C 278 -68.62 -22.81 -2.52
C ILE C 278 -69.96 -23.54 -2.50
N ASN C 279 -69.99 -24.69 -1.85
CA ASN C 279 -71.28 -25.36 -1.60
C ASN C 279 -72.05 -24.54 -0.55
N ASN C 280 -72.93 -23.67 -1.02
CA ASN C 280 -73.73 -22.78 -0.16
C ASN C 280 -74.67 -23.53 0.81
N GLN C 281 -74.87 -24.83 0.61
CA GLN C 281 -75.70 -25.62 1.51
C GLN C 281 -74.92 -26.46 2.54
N LYS C 282 -73.59 -26.52 2.43
CA LYS C 282 -72.83 -27.24 3.44
C LYS C 282 -72.32 -26.31 4.53
N PRO C 283 -72.75 -26.53 5.78
CA PRO C 283 -72.26 -25.67 6.84
C PRO C 283 -70.75 -25.77 6.94
N PRO C 284 -70.06 -24.66 7.23
CA PRO C 284 -70.59 -23.35 7.62
C PRO C 284 -70.83 -22.36 6.48
N PHE C 285 -70.77 -22.83 5.24
CA PHE C 285 -70.87 -21.98 4.05
C PHE C 285 -72.29 -21.58 3.72
N ASN C 286 -73.25 -22.06 4.50
CA ASN C 286 -74.58 -21.47 4.53
C ASN C 286 -74.58 -20.09 5.17
N ASP C 287 -73.46 -19.70 5.78
CA ASP C 287 -73.30 -18.36 6.34
C ASP C 287 -72.58 -17.45 5.35
N VAL C 288 -73.25 -16.38 4.95
CA VAL C 288 -72.71 -15.45 3.94
C VAL C 288 -71.46 -14.72 4.42
N ARG C 289 -71.36 -14.50 5.73
CA ARG C 289 -70.16 -13.94 6.33
C ARG C 289 -68.96 -14.83 6.05
N VAL C 290 -69.13 -16.13 6.24
CA VAL C 290 -68.08 -17.11 5.97
C VAL C 290 -67.74 -17.14 4.47
N ARG C 291 -68.77 -17.15 3.63
CA ARG C 291 -68.54 -17.15 2.18
C ARG C 291 -67.76 -15.93 1.76
N THR C 292 -68.21 -14.73 2.20
CA THR C 292 -67.53 -13.45 1.90
C THR C 292 -66.10 -13.40 2.40
N ALA C 293 -65.87 -13.86 3.63
CA ALA C 293 -64.49 -14.01 4.14
C ALA C 293 -63.62 -14.77 3.16
N LEU C 294 -64.14 -15.88 2.64
CA LEU C 294 -63.41 -16.75 1.73
C LEU C 294 -63.12 -16.07 0.38
N LYS C 295 -64.13 -15.35 -0.10
CA LYS C 295 -64.00 -14.53 -1.28
C LYS C 295 -62.93 -13.44 -1.10
N LEU C 296 -63.05 -12.67 -0.03
CA LEU C 296 -62.15 -11.56 0.18
C LEU C 296 -60.70 -12.00 0.40
N GLY C 297 -60.53 -13.12 1.10
CA GLY C 297 -59.20 -13.57 1.51
C GLY C 297 -58.32 -14.17 0.43
N MET C 298 -58.93 -14.64 -0.66
CA MET C 298 -58.17 -15.07 -1.84
C MET C 298 -57.42 -13.88 -2.48
N ASP C 299 -56.15 -14.07 -2.82
CA ASP C 299 -55.36 -13.02 -3.46
C ASP C 299 -55.25 -13.28 -4.95
N ARG C 300 -56.13 -12.62 -5.70
CA ARG C 300 -56.23 -12.80 -7.15
C ARG C 300 -54.98 -12.41 -7.89
N ASP C 301 -54.33 -11.36 -7.41
CA ASP C 301 -53.12 -10.86 -8.04
C ASP C 301 -52.00 -11.89 -7.94
N ILE C 302 -51.90 -12.59 -6.80
CA ILE C 302 -50.88 -13.62 -6.63
C ILE C 302 -51.16 -14.85 -7.50
N ILE C 303 -52.42 -15.23 -7.64
CA ILE C 303 -52.75 -16.34 -8.53
C ILE C 303 -52.51 -15.94 -9.98
N VAL C 304 -53.06 -14.80 -10.38
CA VAL C 304 -52.92 -14.33 -11.77
C VAL C 304 -51.45 -14.19 -12.20
N ASN C 305 -50.57 -13.83 -11.27
CA ASN C 305 -49.14 -13.74 -11.57
C ASN C 305 -48.50 -15.12 -11.85
N LYS C 306 -49.04 -16.18 -11.25
CA LYS C 306 -48.56 -17.53 -11.56
C LYS C 306 -48.82 -17.93 -13.01
N VAL C 307 -49.90 -17.41 -13.59
CA VAL C 307 -50.21 -17.64 -15.01
C VAL C 307 -50.01 -16.35 -15.86
N LYS C 308 -49.11 -15.48 -15.40
CA LYS C 308 -48.86 -14.19 -16.03
C LYS C 308 -48.50 -14.32 -17.51
N ALA C 309 -47.78 -15.37 -17.86
CA ALA C 309 -47.38 -15.61 -19.25
C ALA C 309 -48.62 -15.76 -20.15
N GLN C 310 -49.62 -16.50 -19.66
CA GLN C 310 -50.86 -16.74 -20.40
C GLN C 310 -51.72 -15.48 -20.51
N GLY C 311 -51.55 -14.53 -19.58
CA GLY C 311 -52.23 -13.22 -19.65
C GLY C 311 -53.67 -13.20 -19.13
N ASN C 312 -53.96 -14.00 -18.12
CA ASN C 312 -55.30 -14.03 -17.52
C ASN C 312 -55.56 -12.76 -16.70
N MET C 313 -56.78 -12.26 -16.75
CA MET C 313 -57.19 -11.12 -15.93
C MET C 313 -57.88 -11.59 -14.65
N PRO C 314 -57.62 -10.91 -13.51
CA PRO C 314 -58.24 -11.26 -12.24
C PRO C 314 -59.75 -11.07 -12.27
N ALA C 315 -60.48 -12.01 -11.66
CA ALA C 315 -61.96 -12.03 -11.73
C ALA C 315 -62.61 -11.38 -10.49
N TYR C 316 -63.61 -10.54 -10.75
CA TYR C 316 -64.39 -9.90 -9.70
C TYR C 316 -65.85 -10.36 -9.66
N GLY C 317 -66.20 -11.32 -10.51
CA GLY C 317 -67.57 -11.81 -10.63
C GLY C 317 -67.57 -13.06 -11.47
N TYR C 318 -68.77 -13.47 -11.89
CA TYR C 318 -68.99 -14.77 -12.51
C TYR C 318 -69.01 -14.67 -14.03
N THR C 319 -69.95 -13.88 -14.55
CA THR C 319 -70.09 -13.63 -15.98
C THR C 319 -68.84 -12.90 -16.46
N PRO C 320 -68.18 -13.41 -17.52
CA PRO C 320 -67.06 -12.65 -18.09
C PRO C 320 -67.49 -11.27 -18.56
N PRO C 321 -66.73 -10.22 -18.19
CA PRO C 321 -67.09 -8.84 -18.58
C PRO C 321 -67.11 -8.59 -20.09
N TYR C 322 -66.44 -9.45 -20.86
N TYR C 322 -66.46 -9.43 -20.88
CA TYR C 322 -66.43 -9.38 -22.31
CA TYR C 322 -66.50 -9.28 -22.33
C TYR C 322 -67.53 -10.20 -22.98
C TYR C 322 -67.52 -10.22 -22.99
N THR C 323 -68.41 -10.81 -22.18
CA THR C 323 -69.60 -11.49 -22.71
C THR C 323 -70.48 -10.47 -23.42
N ASP C 324 -70.96 -10.84 -24.61
CA ASP C 324 -71.87 -10.00 -25.39
C ASP C 324 -73.13 -9.66 -24.59
N GLY C 325 -73.43 -8.38 -24.46
CA GLY C 325 -74.57 -7.92 -23.67
C GLY C 325 -74.26 -7.58 -22.21
N ALA C 326 -73.00 -7.78 -21.79
CA ALA C 326 -72.59 -7.49 -20.41
C ALA C 326 -71.95 -6.13 -20.30
N LYS C 327 -72.41 -5.34 -19.32
CA LYS C 327 -71.76 -4.09 -18.91
C LYS C 327 -71.58 -4.09 -17.38
N LEU C 328 -70.59 -4.86 -16.90
CA LEU C 328 -70.43 -5.15 -15.48
C LEU C 328 -69.70 -4.03 -14.72
N THR C 329 -70.05 -3.87 -13.44
CA THR C 329 -69.35 -2.96 -12.52
C THR C 329 -68.47 -3.77 -11.59
N GLN C 330 -67.31 -3.24 -11.21
CA GLN C 330 -66.45 -3.90 -10.24
C GLN C 330 -66.94 -3.51 -8.85
N PRO C 331 -67.18 -4.50 -7.97
CA PRO C 331 -67.58 -4.15 -6.61
C PRO C 331 -66.48 -3.44 -5.84
N GLU C 332 -66.87 -2.74 -4.78
CA GLU C 332 -65.96 -1.89 -4.03
C GLU C 332 -64.77 -2.67 -3.47
N TRP C 333 -65.03 -3.87 -2.94
CA TRP C 333 -63.97 -4.69 -2.33
C TRP C 333 -62.85 -5.04 -3.28
N PHE C 334 -63.13 -5.09 -4.57
CA PHE C 334 -62.12 -5.42 -5.57
C PHE C 334 -61.06 -4.32 -5.70
N GLY C 335 -61.43 -3.09 -5.31
CA GLY C 335 -60.51 -1.96 -5.32
C GLY C 335 -59.69 -1.78 -4.03
N TRP C 336 -60.00 -2.58 -3.00
CA TRP C 336 -59.24 -2.50 -1.75
C TRP C 336 -57.87 -3.09 -1.91
N SER C 337 -57.00 -2.83 -0.94
CA SER C 337 -55.76 -3.57 -0.82
C SER C 337 -56.07 -4.97 -0.28
N GLN C 338 -55.17 -5.92 -0.53
CA GLN C 338 -55.36 -7.26 -0.02
C GLN C 338 -55.32 -7.26 1.49
N GLU C 339 -54.48 -6.40 2.09
CA GLU C 339 -54.42 -6.26 3.54
C GLU C 339 -55.81 -5.94 4.10
N LYS C 340 -56.49 -4.97 3.47
CA LYS C 340 -57.83 -4.53 3.90
C LYS C 340 -58.86 -5.65 3.73
N ARG C 341 -58.78 -6.36 2.60
CA ARG C 341 -59.65 -7.51 2.37
C ARG C 341 -59.45 -8.58 3.44
N ASN C 342 -58.20 -8.82 3.82
CA ASN C 342 -57.89 -9.81 4.85
C ASN C 342 -58.47 -9.43 6.22
N GLU C 343 -58.36 -8.15 6.57
CA GLU C 343 -58.90 -7.65 7.85
C GLU C 343 -60.40 -7.84 7.91
N GLU C 344 -61.07 -7.49 6.80
CA GLU C 344 -62.52 -7.65 6.71
C GLU C 344 -62.91 -9.12 6.79
N ALA C 345 -62.22 -9.97 6.05
CA ALA C 345 -62.43 -11.42 6.09
C ALA C 345 -62.37 -12.01 7.51
N LYS C 346 -61.33 -11.66 8.26
CA LYS C 346 -61.15 -12.20 9.61
C LYS C 346 -62.23 -11.71 10.57
N LYS C 347 -62.66 -10.46 10.39
CA LYS C 347 -63.77 -9.92 11.17
C LYS C 347 -65.05 -10.72 10.92
N LEU C 348 -65.36 -10.95 9.64
CA LEU C 348 -66.55 -11.70 9.25
C LEU C 348 -66.53 -13.12 9.79
N LEU C 349 -65.38 -13.78 9.66
CA LEU C 349 -65.20 -15.13 10.20
C LEU C 349 -65.44 -15.17 11.70
N ALA C 350 -64.95 -14.15 12.41
CA ALA C 350 -65.13 -14.04 13.87
C ALA C 350 -66.58 -13.82 14.28
N GLU C 351 -67.33 -13.01 13.51
CA GLU C 351 -68.76 -12.82 13.73
C GLU C 351 -69.51 -14.16 13.62
N ALA C 352 -69.06 -14.99 12.70
CA ALA C 352 -69.67 -16.30 12.47
C ALA C 352 -69.29 -17.32 13.53
N GLY C 353 -68.27 -17.01 14.33
CA GLY C 353 -67.81 -17.91 15.39
C GLY C 353 -66.52 -18.66 15.08
N TYR C 354 -65.92 -18.37 13.92
CA TYR C 354 -64.61 -18.95 13.56
C TYR C 354 -63.51 -17.93 13.84
N THR C 355 -62.86 -18.11 14.98
CA THR C 355 -61.95 -17.12 15.54
C THR C 355 -60.52 -17.60 15.41
N ALA C 356 -59.57 -16.73 15.74
CA ALA C 356 -58.17 -17.09 15.80
C ALA C 356 -58.00 -18.38 16.62
N ASP C 357 -58.63 -18.45 17.79
CA ASP C 357 -58.48 -19.62 18.66
C ASP C 357 -59.33 -20.83 18.26
N LYS C 358 -60.43 -20.59 17.56
CA LYS C 358 -61.32 -21.66 17.10
C LYS C 358 -61.51 -21.52 15.58
N PRO C 359 -60.44 -21.79 14.81
CA PRO C 359 -60.40 -21.52 13.38
C PRO C 359 -61.14 -22.54 12.50
N LEU C 360 -61.49 -22.12 11.29
CA LEU C 360 -62.20 -22.97 10.32
C LEU C 360 -61.25 -23.89 9.55
N THR C 361 -61.61 -25.16 9.43
CA THR C 361 -60.93 -26.11 8.54
C THR C 361 -61.91 -26.50 7.44
N ILE C 362 -61.46 -26.48 6.18
CA ILE C 362 -62.27 -26.89 5.04
C ILE C 362 -61.53 -27.86 4.12
N ASN C 363 -62.27 -28.58 3.28
CA ASN C 363 -61.67 -29.36 2.21
C ASN C 363 -61.84 -28.66 0.86
N LEU C 364 -60.77 -28.59 0.08
CA LEU C 364 -60.82 -28.06 -1.29
C LEU C 364 -60.74 -29.20 -2.30
N LEU C 365 -61.85 -29.42 -2.99
CA LEU C 365 -61.94 -30.46 -4.01
C LEU C 365 -61.49 -29.90 -5.36
N TYR C 366 -60.69 -30.67 -6.08
CA TYR C 366 -60.30 -30.27 -7.43
C TYR C 366 -60.17 -31.49 -8.33
N ASN C 367 -60.42 -31.30 -9.62
CA ASN C 367 -60.20 -32.38 -10.59
C ASN C 367 -58.73 -32.58 -10.94
N THR C 368 -58.31 -33.84 -10.99
CA THR C 368 -56.92 -34.18 -11.28
C THR C 368 -56.34 -33.40 -12.47
N SER C 369 -55.20 -32.76 -12.22
CA SER C 369 -54.61 -31.77 -13.12
C SER C 369 -53.37 -31.15 -12.49
N ASP C 370 -52.31 -31.00 -13.27
CA ASP C 370 -51.09 -30.34 -12.78
C ASP C 370 -51.39 -28.89 -12.49
N LEU C 371 -52.20 -28.28 -13.33
CA LEU C 371 -52.57 -26.87 -13.23
C LEU C 371 -53.37 -26.61 -11.97
N HIS C 372 -54.42 -27.39 -11.77
CA HIS C 372 -55.33 -27.15 -10.65
C HIS C 372 -54.70 -27.47 -9.33
N LYS C 373 -53.90 -28.54 -9.30
CA LYS C 373 -53.20 -28.95 -8.08
C LYS C 373 -52.25 -27.84 -7.62
N LYS C 374 -51.51 -27.24 -8.55
CA LYS C 374 -50.59 -26.16 -8.21
C LYS C 374 -51.35 -24.93 -7.74
N LEU C 375 -52.41 -24.58 -8.45
CA LEU C 375 -53.21 -23.43 -8.01
C LEU C 375 -53.93 -23.67 -6.68
N ALA C 376 -54.33 -24.91 -6.41
CA ALA C 376 -55.01 -25.27 -5.17
C ALA C 376 -54.03 -25.25 -3.97
N ILE C 377 -52.80 -25.68 -4.21
CA ILE C 377 -51.75 -25.52 -3.21
C ILE C 377 -51.60 -24.02 -2.90
N ALA C 378 -51.50 -23.20 -3.94
CA ALA C 378 -51.41 -21.74 -3.71
C ALA C 378 -52.62 -21.21 -2.95
N ALA C 379 -53.82 -21.61 -3.35
CA ALA C 379 -55.04 -21.14 -2.69
C ALA C 379 -55.05 -21.52 -1.22
N SER C 380 -54.74 -22.78 -0.93
CA SER C 380 -54.69 -23.25 0.44
C SER C 380 -53.72 -22.40 1.26
N SER C 381 -52.59 -22.07 0.66
CA SER C 381 -51.54 -21.33 1.32
C SER C 381 -52.01 -19.89 1.59
N LEU C 382 -52.68 -19.29 0.61
CA LEU C 382 -53.15 -17.91 0.71
C LEU C 382 -54.23 -17.78 1.77
N TRP C 383 -55.13 -18.74 1.81
CA TRP C 383 -56.19 -18.74 2.79
C TRP C 383 -55.66 -18.90 4.19
N LYS C 384 -54.71 -19.81 4.36
CA LYS C 384 -54.11 -20.05 5.67
C LYS C 384 -53.45 -18.79 6.16
N LYS C 385 -52.63 -18.18 5.31
CA LYS C 385 -51.84 -17.02 5.70
C LYS C 385 -52.71 -15.77 5.86
N ASN C 386 -53.64 -15.57 4.95
CA ASN C 386 -54.41 -14.32 4.90
C ASN C 386 -55.56 -14.27 5.91
N ILE C 387 -56.29 -15.36 6.06
CA ILE C 387 -57.48 -15.36 6.92
C ILE C 387 -57.48 -16.50 7.95
N GLY C 388 -56.36 -17.19 8.10
CA GLY C 388 -56.24 -18.23 9.12
C GLY C 388 -57.15 -19.43 8.93
N VAL C 389 -57.49 -19.75 7.67
CA VAL C 389 -58.32 -20.92 7.37
C VAL C 389 -57.44 -22.09 6.89
N ASN C 390 -57.66 -23.26 7.48
CA ASN C 390 -56.92 -24.46 7.13
C ASN C 390 -57.64 -25.19 6.01
N VAL C 391 -56.95 -25.42 4.90
CA VAL C 391 -57.58 -26.02 3.71
C VAL C 391 -56.87 -27.33 3.34
N LYS C 392 -57.60 -28.45 3.37
CA LYS C 392 -57.04 -29.75 2.98
C LYS C 392 -57.46 -30.03 1.54
N LEU C 393 -56.57 -30.63 0.77
CA LEU C 393 -56.78 -30.87 -0.66
C LEU C 393 -57.32 -32.27 -0.92
N VAL C 394 -58.34 -32.34 -1.78
CA VAL C 394 -58.93 -33.59 -2.23
C VAL C 394 -58.98 -33.55 -3.76
N ASN C 395 -58.43 -34.57 -4.41
CA ASN C 395 -58.53 -34.63 -5.85
C ASN C 395 -59.28 -35.87 -6.33
N GLN C 396 -60.05 -35.67 -7.39
CA GLN C 396 -60.91 -36.71 -7.95
C GLN C 396 -60.86 -36.69 -9.47
N GLU C 397 -60.98 -37.87 -10.07
CA GLU C 397 -61.17 -37.98 -11.51
C GLU C 397 -62.35 -37.11 -11.98
N TRP C 398 -62.22 -36.57 -13.19
CA TRP C 398 -63.21 -35.62 -13.77
C TRP C 398 -64.65 -36.01 -13.56
N LYS C 399 -65.00 -37.23 -13.97
CA LYS C 399 -66.37 -37.76 -13.89
C LYS C 399 -66.89 -37.79 -12.44
N THR C 400 -66.07 -38.28 -11.52
CA THR C 400 -66.38 -38.36 -10.10
C THR C 400 -66.49 -36.95 -9.47
N PHE C 401 -65.53 -36.10 -9.82
CA PHE C 401 -65.52 -34.69 -9.44
C PHE C 401 -66.86 -33.98 -9.73
N LEU C 402 -67.39 -34.12 -10.94
CA LEU C 402 -68.68 -33.50 -11.29
C LEU C 402 -69.87 -34.11 -10.51
N ASP C 403 -69.82 -35.42 -10.29
CA ASP C 403 -70.83 -36.14 -9.52
C ASP C 403 -70.87 -35.65 -8.08
N THR C 404 -69.69 -35.54 -7.47
CA THR C 404 -69.56 -35.07 -6.11
C THR C 404 -70.19 -33.68 -5.95
N ARG C 405 -69.96 -32.80 -6.92
CA ARG C 405 -70.49 -31.43 -6.83
C ARG C 405 -72.00 -31.42 -6.94
N HIS C 406 -72.56 -32.26 -7.81
CA HIS C 406 -74.02 -32.41 -7.88
C HIS C 406 -74.58 -32.96 -6.60
N GLN C 407 -73.90 -33.93 -6.01
CA GLN C 407 -74.38 -34.53 -4.78
C GLN C 407 -74.14 -33.66 -3.57
N GLY C 408 -73.24 -32.68 -3.69
CA GLY C 408 -73.02 -31.71 -2.62
C GLY C 408 -72.11 -32.21 -1.52
N THR C 409 -71.38 -33.28 -1.79
CA THR C 409 -70.47 -33.85 -0.79
C THR C 409 -69.10 -33.19 -0.89
N PHE C 410 -69.10 -31.86 -0.81
CA PHE C 410 -67.88 -31.06 -0.86
C PHE C 410 -68.12 -29.75 -0.11
N ASP C 411 -67.01 -29.08 0.23
CA ASP C 411 -67.03 -27.82 0.95
C ASP C 411 -66.86 -26.74 -0.09
N VAL C 412 -65.66 -26.71 -0.69
CA VAL C 412 -65.31 -25.78 -1.75
C VAL C 412 -64.68 -26.63 -2.82
N ALA C 413 -64.94 -26.29 -4.07
CA ALA C 413 -64.38 -26.98 -5.23
C ALA C 413 -63.84 -26.01 -6.29
N ARG C 414 -62.68 -26.38 -6.84
CA ARG C 414 -62.14 -25.77 -8.05
C ARG C 414 -63.18 -25.88 -9.14
N ALA C 415 -63.48 -24.78 -9.81
CA ALA C 415 -64.49 -24.77 -10.84
C ALA C 415 -64.10 -23.92 -12.04
N GLY C 416 -64.58 -24.35 -13.19
CA GLY C 416 -64.48 -23.58 -14.42
C GLY C 416 -65.82 -23.69 -15.14
N TRP C 417 -66.41 -22.54 -15.46
CA TRP C 417 -67.60 -22.50 -16.29
C TRP C 417 -67.34 -21.70 -17.54
N CYS C 418 -67.70 -22.30 -18.67
CA CYS C 418 -67.53 -21.73 -19.98
C CYS C 418 -68.91 -21.52 -20.58
N ALA C 419 -69.10 -20.40 -21.26
CA ALA C 419 -70.39 -20.12 -21.89
C ALA C 419 -70.78 -21.21 -22.90
N ASP C 420 -72.07 -21.52 -22.93
CA ASP C 420 -72.68 -22.35 -23.99
C ASP C 420 -73.17 -21.53 -25.18
N TYR C 421 -73.56 -20.28 -24.89
CA TYR C 421 -73.88 -19.29 -25.89
C TYR C 421 -73.45 -17.93 -25.37
N ASN C 422 -73.18 -17.00 -26.27
CA ASN C 422 -72.54 -15.74 -25.91
C ASN C 422 -73.58 -14.69 -25.52
N GLU C 423 -74.05 -14.78 -24.28
CA GLU C 423 -75.10 -13.93 -23.74
C GLU C 423 -75.06 -14.15 -22.23
N PRO C 424 -75.27 -13.08 -21.44
CA PRO C 424 -75.00 -13.30 -20.02
C PRO C 424 -75.81 -14.38 -19.29
N THR C 425 -77.01 -14.73 -19.78
CA THR C 425 -77.81 -15.77 -19.12
C THR C 425 -77.19 -17.16 -19.17
N SER C 426 -76.27 -17.37 -20.10
CA SER C 426 -75.54 -18.65 -20.16
C SER C 426 -74.70 -18.89 -18.89
N PHE C 427 -74.34 -17.81 -18.20
CA PHE C 427 -73.76 -17.93 -16.87
C PHE C 427 -74.84 -17.80 -15.81
N LEU C 428 -75.57 -16.69 -15.87
CA LEU C 428 -76.42 -16.33 -14.76
C LEU C 428 -77.48 -17.40 -14.43
N ASN C 429 -78.05 -18.03 -15.47
CA ASN C 429 -79.11 -19.02 -15.29
C ASN C 429 -78.63 -20.25 -14.52
N THR C 430 -77.33 -20.49 -14.49
CA THR C 430 -76.80 -21.61 -13.70
C THR C 430 -76.91 -21.37 -12.19
N MET C 431 -77.20 -20.12 -11.78
CA MET C 431 -77.36 -19.80 -10.35
C MET C 431 -78.83 -19.66 -9.92
N LEU C 432 -79.76 -19.84 -10.86
CA LEU C 432 -81.18 -19.93 -10.55
C LEU C 432 -81.45 -21.08 -9.58
N SER C 433 -82.29 -20.83 -8.58
CA SER C 433 -82.61 -21.86 -7.58
C SER C 433 -82.93 -23.23 -8.20
N ASN C 434 -83.66 -23.22 -9.32
CA ASN C 434 -84.19 -24.45 -9.92
C ASN C 434 -83.27 -25.06 -10.99
N SER C 435 -82.07 -24.52 -11.16
CA SER C 435 -81.24 -24.91 -12.29
C SER C 435 -80.53 -26.22 -12.03
N SER C 436 -80.65 -27.11 -13.00
CA SER C 436 -79.95 -28.39 -12.98
C SER C 436 -78.42 -28.25 -12.99
N MET C 437 -77.91 -27.05 -13.31
CA MET C 437 -76.47 -26.81 -13.36
C MET C 437 -75.92 -26.07 -12.13
N ASN C 438 -76.78 -25.81 -11.16
CA ASN C 438 -76.42 -25.07 -9.95
C ASN C 438 -75.69 -25.99 -8.94
N THR C 439 -74.41 -26.23 -9.22
CA THR C 439 -73.58 -27.01 -8.31
C THR C 439 -73.07 -26.19 -7.12
N ALA C 440 -73.25 -24.88 -7.14
CA ALA C 440 -73.01 -24.03 -5.97
C ALA C 440 -74.10 -24.21 -4.91
N HIS C 441 -75.23 -24.81 -5.33
CA HIS C 441 -76.41 -24.97 -4.48
C HIS C 441 -76.79 -23.64 -3.89
N TYR C 442 -76.77 -22.64 -4.75
CA TYR C 442 -77.09 -21.27 -4.37
C TYR C 442 -78.56 -21.02 -4.64
N LYS C 443 -79.30 -20.64 -3.61
CA LYS C 443 -80.74 -20.41 -3.73
C LYS C 443 -81.14 -19.05 -3.17
N SER C 444 -81.39 -18.11 -4.08
CA SER C 444 -81.83 -16.75 -3.73
C SER C 444 -83.12 -16.40 -4.46
N PRO C 445 -84.23 -16.28 -3.74
CA PRO C 445 -85.42 -15.73 -4.40
C PRO C 445 -85.17 -14.36 -5.09
N ALA C 446 -84.40 -13.50 -4.44
CA ALA C 446 -84.10 -12.18 -4.98
C ALA C 446 -83.34 -12.25 -6.30
N PHE C 447 -82.34 -13.13 -6.38
CA PHE C 447 -81.60 -13.35 -7.63
C PHE C 447 -82.53 -13.87 -8.71
N ASP C 448 -83.34 -14.87 -8.38
CA ASP C 448 -84.23 -15.52 -9.34
C ASP C 448 -85.21 -14.48 -9.91
N SER C 449 -85.62 -13.55 -9.06
CA SER C 449 -86.58 -12.52 -9.42
C SER C 449 -85.99 -11.47 -10.39
N ILE C 450 -84.75 -11.06 -10.13
CA ILE C 450 -83.99 -10.19 -11.03
C ILE C 450 -83.93 -10.80 -12.42
N MET C 451 -83.60 -12.09 -12.46
CA MET C 451 -83.52 -12.80 -13.73
C MET C 451 -84.87 -12.88 -14.46
N ALA C 452 -85.96 -13.11 -13.73
CA ALA C 452 -87.30 -13.07 -14.34
C ALA C 452 -87.58 -11.71 -14.99
N GLU C 453 -87.11 -10.63 -14.37
CA GLU C 453 -87.28 -9.29 -14.95
C GLU C 453 -86.64 -9.15 -16.33
N THR C 454 -85.51 -9.85 -16.55
CA THR C 454 -84.74 -9.72 -17.79
C THR C 454 -85.57 -10.10 -19.03
N LEU C 455 -86.52 -11.01 -18.88
CA LEU C 455 -87.41 -11.40 -19.99
C LEU C 455 -88.58 -10.43 -20.22
N LYS C 456 -88.82 -9.52 -19.28
CA LYS C 456 -89.94 -8.54 -19.38
C LYS C 456 -89.53 -7.16 -19.90
N VAL C 457 -88.27 -7.01 -20.29
CA VAL C 457 -87.72 -5.73 -20.73
C VAL C 457 -88.38 -5.29 -22.04
N THR C 458 -88.45 -3.98 -22.25
CA THR C 458 -88.87 -3.41 -23.52
C THR C 458 -87.66 -2.97 -24.41
N ASP C 459 -86.43 -3.04 -23.88
CA ASP C 459 -85.23 -2.79 -24.69
C ASP C 459 -83.97 -3.49 -24.14
N GLU C 460 -82.94 -3.57 -24.96
CA GLU C 460 -81.75 -4.34 -24.62
C GLU C 460 -80.89 -3.68 -23.54
N ALA C 461 -80.88 -2.34 -23.50
CA ALA C 461 -80.22 -1.60 -22.43
C ALA C 461 -80.80 -1.96 -21.05
N GLN C 462 -82.12 -2.02 -20.95
CA GLN C 462 -82.80 -2.48 -19.72
C GLN C 462 -82.34 -3.88 -19.32
N ARG C 463 -82.23 -4.76 -20.30
CA ARG C 463 -81.81 -6.13 -20.07
C ARG C 463 -80.37 -6.22 -19.54
N THR C 464 -79.46 -5.56 -20.25
CA THR C 464 -78.05 -5.47 -19.84
C THR C 464 -77.94 -4.93 -18.42
N ALA C 465 -78.71 -3.89 -18.11
CA ALA C 465 -78.67 -3.30 -16.76
C ALA C 465 -79.16 -4.31 -15.74
N LEU C 466 -80.20 -5.07 -16.07
CA LEU C 466 -80.68 -6.12 -15.17
C LEU C 466 -79.61 -7.17 -14.91
N TYR C 467 -78.79 -7.47 -15.91
CA TYR C 467 -77.70 -8.44 -15.72
C TYR C 467 -76.64 -7.95 -14.74
N THR C 468 -76.32 -6.66 -14.78
CA THR C 468 -75.40 -6.09 -13.81
C THR C 468 -75.99 -6.15 -12.40
N LYS C 469 -77.30 -5.91 -12.25
CA LYS C 469 -77.96 -6.10 -10.94
C LYS C 469 -77.84 -7.52 -10.43
N ALA C 470 -78.04 -8.48 -11.31
CA ALA C 470 -77.95 -9.89 -10.96
C ALA C 470 -76.55 -10.26 -10.47
N GLU C 471 -75.52 -9.79 -11.19
CA GLU C 471 -74.13 -10.02 -10.75
C GLU C 471 -73.88 -9.37 -9.40
N GLN C 472 -74.43 -8.19 -9.20
CA GLN C 472 -74.26 -7.48 -7.95
C GLN C 472 -74.87 -8.26 -6.78
N GLN C 473 -76.03 -8.90 -6.97
CA GLN C 473 -76.63 -9.67 -5.87
C GLN C 473 -75.83 -10.93 -5.62
N LEU C 474 -75.39 -11.58 -6.70
CA LEU C 474 -74.58 -12.78 -6.59
C LEU C 474 -73.31 -12.48 -5.78
N ASP C 475 -72.68 -11.35 -6.07
CA ASP C 475 -71.52 -10.88 -5.33
C ASP C 475 -71.85 -10.51 -3.87
N LYS C 476 -72.96 -9.82 -3.64
CA LYS C 476 -73.36 -9.47 -2.28
C LYS C 476 -73.69 -10.70 -1.43
N ASP C 477 -74.12 -11.78 -2.08
CA ASP C 477 -74.39 -13.05 -1.40
C ASP C 477 -73.17 -13.96 -1.34
N SER C 478 -72.03 -13.46 -1.84
CA SER C 478 -70.81 -14.25 -2.07
C SER C 478 -71.10 -15.72 -2.45
N ALA C 479 -71.87 -15.92 -3.51
CA ALA C 479 -72.18 -17.27 -4.00
C ALA C 479 -70.91 -18.06 -4.32
N ILE C 480 -69.93 -17.40 -4.93
CA ILE C 480 -68.67 -18.07 -5.29
C ILE C 480 -67.46 -17.19 -4.95
N VAL C 481 -66.27 -17.75 -5.16
CA VAL C 481 -65.01 -17.02 -5.02
C VAL C 481 -64.46 -16.88 -6.45
N PRO C 482 -64.69 -15.71 -7.10
CA PRO C 482 -64.05 -15.54 -8.43
C PRO C 482 -62.52 -15.48 -8.34
N VAL C 483 -61.83 -16.14 -9.27
CA VAL C 483 -60.38 -16.12 -9.32
C VAL C 483 -59.85 -15.39 -10.56
N TYR C 484 -60.06 -15.96 -11.75
CA TYR C 484 -59.65 -15.26 -12.97
C TYR C 484 -60.50 -15.61 -14.19
N TYR C 485 -60.40 -14.75 -15.21
CA TYR C 485 -61.01 -15.04 -16.49
C TYR C 485 -60.01 -15.80 -17.35
N TYR C 486 -60.51 -16.84 -17.99
CA TYR C 486 -59.74 -17.70 -18.85
C TYR C 486 -59.20 -16.98 -20.09
N VAL C 487 -58.22 -17.64 -20.70
CA VAL C 487 -57.84 -17.47 -22.09
C VAL C 487 -57.87 -18.89 -22.66
N ASN C 488 -57.97 -18.99 -23.98
CA ASN C 488 -57.90 -20.27 -24.69
C ASN C 488 -56.47 -20.46 -25.19
N ALA C 489 -55.68 -21.19 -24.41
CA ALA C 489 -54.28 -21.41 -24.70
C ALA C 489 -53.98 -22.87 -25.01
N ARG C 490 -53.51 -23.17 -26.21
CA ARG C 490 -53.11 -24.54 -26.57
C ARG C 490 -52.02 -24.59 -27.62
N LEU C 491 -51.45 -25.79 -27.79
CA LEU C 491 -50.44 -26.04 -28.80
C LEU C 491 -51.07 -26.75 -30.00
N VAL C 492 -50.73 -26.28 -31.19
CA VAL C 492 -51.26 -26.83 -32.44
C VAL C 492 -50.09 -27.01 -33.41
N LYS C 493 -49.90 -28.23 -33.90
CA LYS C 493 -48.85 -28.48 -34.88
C LYS C 493 -49.04 -27.63 -36.15
N PRO C 494 -47.94 -27.22 -36.79
CA PRO C 494 -48.01 -26.32 -37.97
C PRO C 494 -48.83 -26.85 -39.14
N TRP C 495 -48.90 -28.17 -39.29
CA TRP C 495 -49.65 -28.77 -40.40
C TRP C 495 -51.14 -28.91 -40.16
N VAL C 496 -51.63 -28.56 -38.97
CA VAL C 496 -53.06 -28.59 -38.68
C VAL C 496 -53.71 -27.29 -39.15
N GLY C 497 -54.55 -27.39 -40.19
CA GLY C 497 -55.28 -26.23 -40.71
C GLY C 497 -56.70 -26.14 -40.19
N GLY C 498 -57.26 -24.94 -40.22
CA GLY C 498 -58.67 -24.69 -39.88
C GLY C 498 -58.97 -24.31 -38.43
N TYR C 499 -57.97 -24.35 -37.56
CA TYR C 499 -58.12 -23.82 -36.22
C TYR C 499 -57.80 -22.33 -36.24
N THR C 500 -58.82 -21.48 -36.28
CA THR C 500 -58.61 -20.02 -36.26
C THR C 500 -58.48 -19.44 -34.86
N GLY C 501 -59.22 -19.98 -33.90
CA GLY C 501 -59.26 -19.44 -32.54
C GLY C 501 -60.02 -18.11 -32.42
N LYS C 502 -60.88 -17.81 -33.38
CA LYS C 502 -61.69 -16.60 -33.31
C LYS C 502 -63.01 -16.85 -32.57
N ASP C 503 -63.31 -18.10 -32.25
CA ASP C 503 -64.53 -18.39 -31.54
C ASP C 503 -64.28 -18.36 -30.03
N PRO C 504 -64.78 -17.33 -29.35
CA PRO C 504 -64.55 -17.18 -27.92
C PRO C 504 -65.26 -18.22 -27.07
N LEU C 505 -66.09 -19.07 -27.66
CA LEU C 505 -66.62 -20.25 -26.97
C LEU C 505 -65.86 -21.54 -27.31
N ASP C 506 -64.90 -21.44 -28.23
CA ASP C 506 -64.05 -22.58 -28.65
C ASP C 506 -64.85 -23.82 -29.07
N ASN C 507 -65.93 -23.59 -29.80
CA ASN C 507 -66.76 -24.68 -30.28
C ASN C 507 -66.25 -25.13 -31.63
N THR C 508 -65.15 -25.88 -31.61
CA THR C 508 -64.51 -26.33 -32.84
C THR C 508 -65.14 -27.63 -33.32
N TYR C 509 -64.97 -27.90 -34.61
CA TYR C 509 -65.44 -29.13 -35.23
C TYR C 509 -64.30 -29.71 -36.04
N THR C 510 -64.12 -31.02 -35.95
CA THR C 510 -63.10 -31.68 -36.74
C THR C 510 -63.37 -31.54 -38.25
N ARG C 511 -64.64 -31.42 -38.62
CA ARG C 511 -65.01 -31.30 -40.01
C ARG C 511 -64.50 -30.01 -40.66
N ASN C 512 -64.07 -29.04 -39.87
CA ASN C 512 -63.48 -27.79 -40.38
C ASN C 512 -61.98 -27.82 -40.54
N MET C 513 -61.36 -28.90 -40.10
CA MET C 513 -59.92 -28.95 -40.07
C MET C 513 -59.35 -29.82 -41.20
N TYR C 514 -58.06 -29.69 -41.42
CA TYR C 514 -57.36 -30.45 -42.46
C TYR C 514 -55.89 -30.47 -42.15
N ILE C 515 -55.20 -31.48 -42.70
CA ILE C 515 -53.79 -31.63 -42.48
C ILE C 515 -53.04 -31.20 -43.73
N VAL C 516 -52.14 -30.23 -43.56
CA VAL C 516 -51.36 -29.68 -44.65
C VAL C 516 -50.18 -30.60 -44.85
N LYS C 517 -49.83 -30.84 -46.11
CA LYS C 517 -48.70 -31.69 -46.43
C LYS C 517 -47.46 -31.12 -45.73
N HIS C 518 -46.70 -31.99 -45.10
CA HIS C 518 -45.49 -31.59 -44.37
C HIS C 518 -44.49 -32.70 -44.43
N ALA D 2 17.70 -8.04 -24.45
CA ALA D 2 17.83 -9.46 -24.03
C ALA D 2 16.97 -9.72 -22.80
N ASP D 3 16.62 -10.98 -22.60
CA ASP D 3 15.88 -11.40 -21.42
C ASP D 3 16.67 -12.48 -20.73
N VAL D 4 17.38 -12.10 -19.67
CA VAL D 4 18.22 -13.03 -18.93
C VAL D 4 17.33 -13.84 -17.96
N PRO D 5 17.36 -15.17 -18.06
CA PRO D 5 16.48 -15.96 -17.18
C PRO D 5 16.85 -15.77 -15.72
N ALA D 6 15.86 -15.78 -14.84
CA ALA D 6 16.12 -15.63 -13.41
C ALA D 6 17.06 -16.74 -12.96
N GLY D 7 18.00 -16.41 -12.09
CA GLY D 7 18.97 -17.37 -11.58
C GLY D 7 20.34 -17.27 -12.24
N VAL D 8 20.37 -16.91 -13.51
CA VAL D 8 21.62 -16.76 -14.25
C VAL D 8 22.44 -15.63 -13.64
N THR D 9 23.71 -15.91 -13.34
CA THR D 9 24.65 -14.86 -12.95
C THR D 9 25.37 -14.43 -14.21
N LEU D 10 25.27 -13.13 -14.51
CA LEU D 10 25.98 -12.55 -15.65
C LEU D 10 27.47 -12.42 -15.33
N ALA D 11 28.30 -12.63 -16.34
CA ALA D 11 29.74 -12.38 -16.19
C ALA D 11 29.97 -10.88 -16.06
N GLU D 12 31.12 -10.51 -15.51
CA GLU D 12 31.46 -9.10 -15.32
C GLU D 12 31.78 -8.39 -16.63
N LYS D 13 32.60 -9.02 -17.46
CA LYS D 13 32.91 -8.49 -18.78
C LYS D 13 31.84 -8.98 -19.75
N GLN D 14 31.06 -8.05 -20.30
CA GLN D 14 30.02 -8.40 -21.27
C GLN D 14 30.49 -8.00 -22.67
N THR D 15 31.34 -8.86 -23.23
CA THR D 15 31.86 -8.70 -24.59
C THR D 15 31.71 -10.01 -25.39
N LEU D 16 31.69 -9.88 -26.70
CA LEU D 16 31.39 -11.00 -27.59
C LEU D 16 32.30 -10.90 -28.81
N VAL D 17 32.89 -12.03 -29.21
CA VAL D 17 33.66 -12.11 -30.45
C VAL D 17 32.99 -13.12 -31.37
N ARG D 18 32.56 -12.65 -32.55
CA ARG D 18 31.88 -13.48 -33.54
C ARG D 18 32.69 -13.50 -34.83
N ASN D 19 32.76 -14.64 -35.51
CA ASN D 19 33.22 -14.61 -36.90
C ASN D 19 32.09 -14.31 -37.88
N ASN D 20 32.32 -13.33 -38.74
CA ASN D 20 31.35 -12.93 -39.74
C ASN D 20 31.58 -13.61 -41.09
N GLY D 21 32.70 -14.31 -41.24
CA GLY D 21 32.99 -15.08 -42.46
C GLY D 21 33.68 -14.31 -43.58
N SER D 22 33.53 -12.98 -43.60
CA SER D 22 34.09 -12.16 -44.68
C SER D 22 34.20 -10.69 -44.31
N GLU D 23 35.03 -9.98 -45.06
CA GLU D 23 35.06 -8.52 -45.00
C GLU D 23 33.82 -8.01 -45.70
N VAL D 24 33.07 -7.15 -45.03
CA VAL D 24 31.80 -6.67 -45.56
C VAL D 24 31.97 -5.75 -46.76
N GLN D 25 31.01 -5.85 -47.67
CA GLN D 25 30.86 -4.91 -48.79
C GLN D 25 30.85 -3.46 -48.32
N SER D 26 30.12 -3.19 -47.24
CA SER D 26 29.79 -1.83 -46.82
C SER D 26 28.99 -1.85 -45.52
N LEU D 27 28.99 -0.73 -44.80
CA LEU D 27 28.15 -0.55 -43.62
C LEU D 27 26.92 0.29 -43.97
N ASP D 28 26.85 0.76 -45.20
CA ASP D 28 25.69 1.51 -45.72
C ASP D 28 24.55 0.54 -46.06
N PRO D 29 23.43 0.65 -45.36
CA PRO D 29 22.28 -0.26 -45.59
C PRO D 29 21.77 -0.38 -47.05
N HIS D 30 21.99 0.63 -47.88
CA HIS D 30 21.61 0.59 -49.30
C HIS D 30 22.67 0.09 -50.25
N LYS D 31 23.81 -0.38 -49.71
CA LYS D 31 24.91 -0.87 -50.53
C LYS D 31 25.26 -2.32 -50.18
N ILE D 32 24.30 -3.07 -49.61
CA ILE D 32 24.60 -4.43 -49.14
C ILE D 32 23.60 -5.47 -49.64
N GLU D 33 24.08 -6.72 -49.74
CA GLU D 33 23.23 -7.85 -50.13
C GLU D 33 23.54 -9.17 -49.45
N GLY D 34 24.54 -9.21 -48.60
CA GLY D 34 25.00 -10.47 -48.06
C GLY D 34 24.68 -10.69 -46.61
N VAL D 35 24.81 -11.94 -46.21
CA VAL D 35 24.62 -12.36 -44.83
C VAL D 35 25.59 -11.60 -43.89
N PRO D 36 26.90 -11.60 -44.19
CA PRO D 36 27.83 -10.85 -43.32
C PRO D 36 27.42 -9.37 -43.15
N GLU D 37 27.08 -8.73 -44.25
CA GLU D 37 26.69 -7.32 -44.24
C GLU D 37 25.45 -7.11 -43.36
N SER D 38 24.50 -8.02 -43.45
CA SER D 38 23.26 -7.90 -42.68
C SER D 38 23.45 -8.07 -41.18
N ASN D 39 24.31 -9.01 -40.81
CA ASN D 39 24.59 -9.28 -39.42
C ASN D 39 25.05 -8.01 -38.73
N ILE D 40 25.93 -7.27 -39.39
CA ILE D 40 26.39 -6.02 -38.81
C ILE D 40 25.29 -4.96 -38.84
N SER D 41 24.53 -4.91 -39.92
CA SER D 41 23.53 -3.83 -40.10
C SER D 41 22.43 -3.93 -39.04
N ARG D 42 22.09 -5.16 -38.66
CA ARG D 42 21.06 -5.41 -37.64
C ARG D 42 21.46 -4.89 -36.23
N ASP D 43 22.77 -4.82 -35.94
CA ASP D 43 23.24 -4.19 -34.70
C ASP D 43 23.29 -2.66 -34.81
N LEU D 44 23.51 -2.13 -36.01
CA LEU D 44 23.72 -0.68 -36.18
C LEU D 44 22.46 0.09 -36.47
N PHE D 45 21.56 -0.52 -37.25
CA PHE D 45 20.42 0.19 -37.78
C PHE D 45 19.17 -0.62 -37.51
N GLU D 46 18.09 0.06 -37.16
CA GLU D 46 16.81 -0.59 -36.82
C GLU D 46 15.67 -0.02 -37.65
N GLY D 47 14.97 -0.91 -38.33
CA GLY D 47 13.81 -0.53 -39.12
C GLY D 47 12.53 -0.52 -38.33
N LEU D 48 11.43 -0.46 -39.07
CA LEU D 48 10.11 -0.35 -38.48
C LEU D 48 9.84 -1.55 -37.58
N LEU D 49 10.25 -2.72 -38.03
CA LEU D 49 10.02 -3.99 -37.32
C LEU D 49 11.35 -4.75 -37.18
N VAL D 50 11.42 -5.69 -36.23
CA VAL D 50 12.58 -6.59 -36.10
C VAL D 50 12.12 -8.03 -36.04
N SER D 51 13.05 -8.97 -36.14
CA SER D 51 12.72 -10.38 -35.92
C SER D 51 12.84 -10.74 -34.41
N ASP D 52 11.82 -11.39 -33.87
CA ASP D 52 11.89 -11.86 -32.51
C ASP D 52 12.70 -13.16 -32.47
N LEU D 53 12.86 -13.74 -31.30
CA LEU D 53 13.74 -14.89 -31.14
C LEU D 53 13.32 -16.11 -31.95
N ASP D 54 12.04 -16.16 -32.35
CA ASP D 54 11.50 -17.26 -33.15
C ASP D 54 11.34 -16.88 -34.63
N GLY D 55 11.77 -15.68 -35.01
CA GLY D 55 11.69 -15.23 -36.41
C GLY D 55 10.46 -14.42 -36.77
N HIS D 56 9.57 -14.13 -35.81
CA HIS D 56 8.35 -13.40 -36.12
C HIS D 56 8.57 -11.91 -36.12
N PRO D 57 7.96 -11.20 -37.08
CA PRO D 57 8.06 -9.75 -37.04
C PRO D 57 7.59 -9.20 -35.74
N ALA D 58 8.35 -8.29 -35.16
CA ALA D 58 8.01 -7.66 -33.90
C ALA D 58 8.28 -6.15 -34.02
N PRO D 59 7.74 -5.36 -33.10
CA PRO D 59 7.97 -3.91 -33.03
C PRO D 59 9.45 -3.51 -33.03
N GLY D 60 9.84 -2.68 -33.98
CA GLY D 60 11.17 -2.06 -34.01
C GLY D 60 10.95 -0.60 -33.67
N VAL D 61 11.24 0.30 -34.61
CA VAL D 61 10.97 1.73 -34.41
C VAL D 61 9.47 1.96 -34.33
N ALA D 62 8.69 1.20 -35.10
CA ALA D 62 7.24 1.24 -34.98
C ALA D 62 6.75 0.38 -33.80
N GLU D 63 5.99 1.00 -32.91
CA GLU D 63 5.44 0.29 -31.75
C GLU D 63 4.10 -0.36 -32.07
N SER D 64 3.35 0.21 -33.01
CA SER D 64 2.12 -0.40 -33.49
C SER D 64 1.95 -0.07 -34.96
N TRP D 65 1.07 -0.80 -35.62
CA TRP D 65 0.70 -0.48 -36.99
C TRP D 65 -0.69 -0.92 -37.37
N ASP D 66 -1.15 -0.34 -38.47
CA ASP D 66 -2.49 -0.52 -39.01
C ASP D 66 -2.37 -0.97 -40.45
N ASN D 67 -3.42 -1.60 -40.97
CA ASN D 67 -3.52 -1.79 -42.43
C ASN D 67 -4.97 -1.77 -42.91
N LYS D 68 -5.17 -1.17 -44.08
CA LYS D 68 -6.43 -1.21 -44.80
C LYS D 68 -6.28 -2.08 -46.03
N ASP D 69 -7.02 -3.20 -46.06
CA ASP D 69 -6.99 -4.15 -47.17
C ASP D 69 -5.56 -4.52 -47.60
N ALA D 70 -4.64 -4.64 -46.64
CA ALA D 70 -3.23 -4.99 -46.89
C ALA D 70 -2.59 -4.10 -47.98
N LYS D 71 -3.14 -2.90 -48.14
CA LYS D 71 -2.83 -2.00 -49.24
C LYS D 71 -2.35 -0.64 -48.74
N VAL D 72 -2.96 -0.12 -47.67
CA VAL D 72 -2.45 1.08 -47.01
C VAL D 72 -2.01 0.70 -45.60
N TRP D 73 -0.73 0.82 -45.33
CA TRP D 73 -0.15 0.49 -44.06
C TRP D 73 0.30 1.72 -43.35
N THR D 74 -0.12 1.86 -42.09
CA THR D 74 0.28 2.99 -41.25
C THR D 74 1.05 2.55 -40.02
N PHE D 75 2.24 3.12 -39.85
CA PHE D 75 3.11 2.73 -38.75
C PHE D 75 3.27 3.84 -37.73
N HIS D 76 2.98 3.51 -36.47
CA HIS D 76 3.04 4.49 -35.39
C HIS D 76 4.35 4.34 -34.67
N LEU D 77 5.24 5.29 -34.93
CA LEU D 77 6.63 5.27 -34.42
C LEU D 77 6.69 5.68 -32.96
N ARG D 78 7.43 4.92 -32.15
CA ARG D 78 7.55 5.20 -30.72
C ARG D 78 8.26 6.53 -30.54
N LYS D 79 7.77 7.32 -29.60
CA LYS D 79 8.32 8.67 -29.44
C LYS D 79 9.77 8.74 -28.89
N ASP D 80 10.28 7.66 -28.28
CA ASP D 80 11.67 7.68 -27.76
C ASP D 80 12.71 7.06 -28.71
N ALA D 81 12.31 6.77 -29.95
CA ALA D 81 13.23 6.29 -30.98
C ALA D 81 14.30 7.38 -31.24
N LYS D 82 15.57 7.01 -31.12
CA LYS D 82 16.68 7.99 -31.21
C LYS D 82 17.88 7.54 -32.02
N TRP D 83 18.46 8.47 -32.78
CA TRP D 83 19.77 8.28 -33.36
C TRP D 83 20.86 8.45 -32.32
N SER D 84 22.07 8.00 -32.66
CA SER D 84 23.20 8.02 -31.72
C SER D 84 23.71 9.43 -31.39
N ASP D 85 23.28 10.43 -32.14
CA ASP D 85 23.60 11.82 -31.82
C ASP D 85 22.52 12.46 -30.95
N GLY D 86 21.57 11.66 -30.47
CA GLY D 86 20.48 12.12 -29.61
C GLY D 86 19.22 12.65 -30.30
N THR D 87 19.26 12.81 -31.62
CA THR D 87 18.12 13.36 -32.37
C THR D 87 17.08 12.27 -32.62
N PRO D 88 15.80 12.66 -32.75
CA PRO D 88 14.75 11.67 -32.87
C PRO D 88 14.68 10.95 -34.21
N VAL D 89 14.35 9.66 -34.20
CA VAL D 89 14.08 8.96 -35.44
C VAL D 89 12.64 9.26 -35.81
N THR D 90 12.43 9.85 -36.98
CA THR D 90 11.12 10.31 -37.42
C THR D 90 10.63 9.58 -38.68
N ALA D 91 9.35 9.77 -39.01
CA ALA D 91 8.78 9.26 -40.25
C ALA D 91 9.48 9.79 -41.48
N GLN D 92 9.84 11.08 -41.42
N GLN D 92 9.88 11.07 -41.47
CA GLN D 92 10.65 11.75 -42.43
CA GLN D 92 10.66 11.63 -42.59
C GLN D 92 11.94 10.99 -42.78
C GLN D 92 11.97 10.91 -42.83
N ASP D 93 12.62 10.44 -41.77
CA ASP D 93 13.81 9.61 -41.93
C ASP D 93 13.52 8.41 -42.83
N PHE D 94 12.40 7.75 -42.57
CA PHE D 94 11.96 6.63 -43.38
C PHE D 94 11.62 7.02 -44.82
N VAL D 95 10.91 8.13 -44.99
CA VAL D 95 10.61 8.61 -46.33
C VAL D 95 11.91 8.81 -47.10
N TYR D 96 12.80 9.61 -46.52
CA TYR D 96 14.10 9.86 -47.12
C TYR D 96 14.79 8.56 -47.49
N SER D 97 14.87 7.67 -46.51
CA SER D 97 15.62 6.43 -46.67
C SER D 97 15.09 5.53 -47.78
N TRP D 98 13.78 5.32 -47.82
CA TRP D 98 13.18 4.43 -48.82
C TRP D 98 13.32 4.96 -50.23
N GLN D 99 13.05 6.24 -50.41
CA GLN D 99 13.36 6.95 -51.64
C GLN D 99 14.81 6.72 -52.11
N ARG D 100 15.78 6.85 -51.19
CA ARG D 100 17.20 6.67 -51.51
C ARG D 100 17.50 5.23 -51.94
N SER D 101 16.79 4.28 -51.34
N SER D 101 16.79 4.26 -51.37
CA SER D 101 16.92 2.86 -51.67
CA SER D 101 17.03 2.87 -51.72
C SER D 101 16.59 2.58 -53.14
C SER D 101 16.59 2.56 -53.16
N VAL D 102 15.62 3.32 -53.68
CA VAL D 102 15.09 3.06 -55.04
C VAL D 102 15.68 4.00 -56.10
N ASP D 103 16.48 4.96 -55.67
CA ASP D 103 17.07 5.95 -56.57
C ASP D 103 18.07 5.21 -57.45
N PRO D 104 17.96 5.31 -58.79
CA PRO D 104 18.99 4.73 -59.65
C PRO D 104 20.39 5.23 -59.31
N ASN D 105 20.48 6.47 -58.84
CA ASN D 105 21.79 7.02 -58.48
C ASN D 105 22.43 6.35 -57.28
N THR D 106 21.63 5.69 -56.45
CA THR D 106 22.17 4.99 -55.31
C THR D 106 22.71 3.64 -55.78
N ALA D 107 22.12 3.09 -56.84
CA ALA D 107 22.55 1.81 -57.42
C ALA D 107 22.55 0.67 -56.39
N SER D 108 21.51 0.58 -55.56
CA SER D 108 21.47 -0.42 -54.51
C SER D 108 21.36 -1.82 -55.08
N PRO D 109 22.15 -2.78 -54.57
CA PRO D 109 21.85 -4.15 -54.94
C PRO D 109 20.46 -4.60 -54.46
N TYR D 110 19.87 -3.86 -53.51
CA TYR D 110 18.52 -4.13 -53.00
C TYR D 110 17.46 -3.09 -53.43
N ALA D 111 17.72 -2.45 -54.57
CA ALA D 111 16.79 -1.46 -55.14
C ALA D 111 15.39 -2.04 -55.34
N SER D 112 15.32 -3.29 -55.76
CA SER D 112 14.07 -3.93 -56.11
C SER D 112 13.32 -4.44 -54.90
N TYR D 113 13.93 -4.37 -53.71
CA TYR D 113 13.34 -4.99 -52.53
C TYR D 113 11.95 -4.43 -52.21
N LEU D 114 11.80 -3.12 -52.20
CA LEU D 114 10.48 -2.53 -51.92
C LEU D 114 9.48 -2.73 -53.07
N GLN D 115 9.97 -3.13 -54.23
CA GLN D 115 9.10 -3.46 -55.35
C GLN D 115 8.46 -4.83 -55.13
N TYR D 116 9.16 -5.68 -54.37
CA TYR D 116 8.60 -6.97 -53.95
C TYR D 116 7.37 -6.73 -53.07
N GLY D 117 7.34 -5.55 -52.42
CA GLY D 117 6.18 -5.10 -51.65
C GLY D 117 5.23 -4.19 -52.41
N HIS D 118 5.61 -3.80 -53.62
CA HIS D 118 4.75 -3.06 -54.55
C HIS D 118 4.22 -1.77 -54.03
N ILE D 119 5.12 -0.99 -53.43
CA ILE D 119 4.78 0.37 -53.03
C ILE D 119 4.38 1.17 -54.26
N ALA D 120 3.37 2.02 -54.10
CA ALA D 120 2.86 2.81 -55.23
C ALA D 120 3.98 3.63 -55.87
N GLY D 121 3.95 3.68 -57.21
CA GLY D 121 4.90 4.48 -57.99
C GLY D 121 6.28 3.86 -58.21
N ILE D 122 6.57 2.73 -57.57
CA ILE D 122 7.94 2.23 -57.58
C ILE D 122 8.44 1.80 -58.98
N ASP D 123 7.60 1.17 -59.80
CA ASP D 123 8.06 0.56 -61.03
C ASP D 123 8.76 1.60 -61.94
N GLU D 124 8.12 2.74 -62.15
CA GLU D 124 8.70 3.75 -63.00
C GLU D 124 9.87 4.48 -62.34
N ILE D 125 9.87 4.53 -61.01
CA ILE D 125 10.98 5.16 -60.29
C ILE D 125 12.24 4.30 -60.47
N LEU D 126 12.09 2.99 -60.36
CA LEU D 126 13.21 2.08 -60.57
C LEU D 126 13.74 2.16 -62.01
N GLU D 127 12.85 2.46 -62.95
CA GLU D 127 13.23 2.59 -64.37
C GLU D 127 13.80 3.96 -64.73
N GLY D 128 13.81 4.90 -63.78
CA GLY D 128 14.33 6.26 -64.02
C GLY D 128 13.36 7.18 -64.73
N LYS D 129 12.10 6.76 -64.84
CA LYS D 129 11.12 7.52 -65.59
C LYS D 129 10.38 8.51 -64.72
N LYS D 130 10.42 8.32 -63.40
CA LYS D 130 9.72 9.18 -62.44
C LYS D 130 10.61 9.51 -61.25
N PRO D 131 10.39 10.65 -60.60
CA PRO D 131 11.22 11.08 -59.46
C PRO D 131 10.98 10.25 -58.20
N ILE D 132 12.01 10.10 -57.38
CA ILE D 132 11.91 9.26 -56.18
C ILE D 132 10.87 9.77 -55.19
N THR D 133 10.56 11.06 -55.27
CA THR D 133 9.53 11.68 -54.46
C THR D 133 8.10 11.26 -54.82
N ASP D 134 7.92 10.53 -55.91
CA ASP D 134 6.62 9.94 -56.24
C ASP D 134 6.36 8.62 -55.48
N LEU D 135 7.36 8.10 -54.79
CA LEU D 135 7.19 6.84 -54.03
C LEU D 135 6.04 6.98 -53.04
N GLY D 136 5.19 5.96 -52.98
CA GLY D 136 4.01 5.95 -52.09
C GLY D 136 4.32 5.76 -50.61
N VAL D 137 5.14 6.63 -50.04
CA VAL D 137 5.40 6.59 -48.61
C VAL D 137 5.48 8.01 -48.12
N LYS D 138 4.78 8.31 -47.04
CA LYS D 138 4.68 9.68 -46.55
C LYS D 138 4.59 9.79 -45.02
N ALA D 139 5.08 10.92 -44.51
CA ALA D 139 4.99 11.26 -43.10
C ALA D 139 3.70 12.03 -42.91
N ILE D 140 2.70 11.39 -42.32
CA ILE D 140 1.49 12.08 -41.88
C ILE D 140 1.84 13.12 -40.80
N ASP D 141 2.79 12.76 -39.96
CA ASP D 141 3.40 13.66 -38.98
C ASP D 141 4.73 13.02 -38.55
N ASP D 142 5.39 13.59 -37.55
CA ASP D 142 6.71 13.09 -37.13
C ASP D 142 6.77 11.61 -36.70
N HIS D 143 5.67 11.07 -36.17
CA HIS D 143 5.64 9.71 -35.61
C HIS D 143 4.68 8.78 -36.30
N THR D 144 4.28 9.14 -37.52
CA THR D 144 3.29 8.33 -38.27
C THR D 144 3.62 8.25 -39.74
N LEU D 145 3.96 7.04 -40.17
CA LEU D 145 4.38 6.77 -41.53
C LEU D 145 3.30 5.99 -42.26
N GLU D 146 2.92 6.46 -43.45
CA GLU D 146 1.89 5.83 -44.26
C GLU D 146 2.46 5.34 -45.59
N VAL D 147 2.44 4.03 -45.79
CA VAL D 147 2.92 3.40 -47.01
C VAL D 147 1.70 2.96 -47.82
N THR D 148 1.61 3.39 -49.08
CA THR D 148 0.52 3.01 -49.97
C THR D 148 1.05 2.06 -51.03
N LEU D 149 0.49 0.86 -51.09
CA LEU D 149 0.87 -0.11 -52.11
C LEU D 149 -0.07 0.02 -53.29
N SER D 150 0.34 -0.47 -54.47
CA SER D 150 -0.52 -0.47 -55.67
C SER D 150 -1.45 -1.69 -55.76
N GLU D 151 -1.41 -2.55 -54.74
CA GLU D 151 -2.34 -3.68 -54.64
C GLU D 151 -2.16 -4.33 -53.26
N PRO D 152 -3.13 -5.15 -52.83
CA PRO D 152 -2.94 -5.72 -51.51
C PRO D 152 -1.72 -6.62 -51.48
N VAL D 153 -0.91 -6.52 -50.43
CA VAL D 153 0.21 -7.46 -50.23
C VAL D 153 0.19 -7.89 -48.77
N PRO D 154 -0.53 -8.98 -48.47
CA PRO D 154 -0.73 -9.36 -47.07
C PRO D 154 0.54 -9.57 -46.27
N TYR D 155 1.63 -9.96 -46.94
CA TYR D 155 2.90 -10.23 -46.25
C TYR D 155 3.83 -9.02 -46.21
N PHE D 156 3.33 -7.84 -46.54
CA PHE D 156 4.18 -6.66 -46.74
C PHE D 156 5.00 -6.37 -45.49
N TYR D 157 4.36 -6.46 -44.33
CA TYR D 157 5.00 -6.14 -43.07
C TYR D 157 6.22 -7.05 -42.81
N LYS D 158 6.21 -8.27 -43.33
CA LYS D 158 7.35 -9.19 -43.13
C LYS D 158 8.65 -8.69 -43.77
N LEU D 159 8.54 -7.84 -44.81
CA LEU D 159 9.71 -7.32 -45.52
C LEU D 159 10.55 -6.38 -44.66
N LEU D 160 9.89 -5.75 -43.70
CA LEU D 160 10.39 -4.52 -43.08
C LEU D 160 11.40 -4.76 -41.94
N VAL D 161 11.74 -6.02 -41.68
CA VAL D 161 12.82 -6.37 -40.77
C VAL D 161 14.19 -6.36 -41.46
N HIS D 162 14.19 -6.26 -42.79
CA HIS D 162 15.43 -6.31 -43.58
C HIS D 162 16.17 -5.00 -43.54
N PRO D 163 17.50 -5.07 -43.36
CA PRO D 163 18.37 -3.88 -43.31
C PRO D 163 18.20 -2.80 -44.39
N SER D 164 17.85 -3.18 -45.62
CA SER D 164 17.70 -2.22 -46.72
C SER D 164 16.50 -1.31 -46.51
N THR D 165 15.59 -1.74 -45.62
CA THR D 165 14.46 -0.92 -45.19
C THR D 165 14.70 -0.14 -43.88
N SER D 166 15.89 -0.24 -43.30
CA SER D 166 16.27 0.60 -42.16
C SER D 166 16.40 2.08 -42.55
N PRO D 167 16.19 2.98 -41.57
CA PRO D 167 16.40 4.38 -41.90
C PRO D 167 17.91 4.71 -41.89
N VAL D 168 18.29 5.74 -42.62
CA VAL D 168 19.68 6.20 -42.65
C VAL D 168 19.69 7.73 -42.53
N PRO D 169 20.75 8.30 -41.92
CA PRO D 169 20.82 9.73 -41.58
C PRO D 169 21.16 10.60 -42.79
N LYS D 170 20.18 11.38 -43.24
CA LYS D 170 20.37 12.25 -44.41
C LYS D 170 21.56 13.19 -44.26
N ALA D 171 21.69 13.81 -43.09
CA ALA D 171 22.69 14.86 -42.86
C ALA D 171 24.08 14.32 -43.08
N ALA D 172 24.41 13.24 -42.37
CA ALA D 172 25.70 12.56 -42.53
C ALA D 172 25.96 12.10 -43.97
N ILE D 173 24.94 11.52 -44.61
CA ILE D 173 25.09 11.01 -45.95
C ILE D 173 25.42 12.13 -46.93
N GLU D 174 24.72 13.25 -46.84
CA GLU D 174 24.90 14.35 -47.79
C GLU D 174 26.15 15.18 -47.50
N LYS D 175 26.54 15.28 -46.24
CA LYS D 175 27.79 15.95 -45.87
C LYS D 175 29.01 15.13 -46.27
N PHE D 176 28.98 13.84 -45.98
CA PHE D 176 30.18 12.99 -46.06
C PHE D 176 30.22 11.99 -47.23
N GLY D 177 29.12 11.83 -47.94
CA GLY D 177 29.11 10.92 -49.08
C GLY D 177 29.50 9.53 -48.60
N GLU D 178 30.40 8.87 -49.31
CA GLU D 178 30.75 7.50 -48.95
C GLU D 178 31.54 7.38 -47.64
N LYS D 179 32.02 8.49 -47.08
CA LYS D 179 32.76 8.44 -45.81
C LYS D 179 31.81 8.47 -44.62
N TRP D 180 30.50 8.47 -44.87
CA TRP D 180 29.53 8.66 -43.78
C TRP D 180 29.52 7.57 -42.76
N THR D 181 29.97 6.38 -43.17
CA THR D 181 29.98 5.22 -42.29
C THR D 181 31.30 5.06 -41.53
N GLN D 182 32.22 5.99 -41.68
CA GLN D 182 33.42 6.04 -40.85
C GLN D 182 33.08 6.28 -39.36
N PRO D 183 33.83 5.66 -38.44
CA PRO D 183 33.60 5.81 -37.00
C PRO D 183 33.23 7.24 -36.58
N GLY D 184 34.02 8.21 -37.01
CA GLY D 184 33.76 9.59 -36.63
C GLY D 184 32.54 10.26 -37.27
N ASN D 185 32.05 9.70 -38.37
CA ASN D 185 30.96 10.34 -39.13
C ASN D 185 29.59 9.65 -38.97
N ILE D 186 29.63 8.36 -38.65
CA ILE D 186 28.43 7.55 -38.68
C ILE D 186 27.43 7.94 -37.60
N VAL D 187 26.15 7.96 -37.97
CA VAL D 187 25.06 8.15 -37.02
C VAL D 187 24.14 6.94 -37.15
N THR D 188 23.79 6.32 -36.02
CA THR D 188 23.09 5.04 -36.06
C THR D 188 21.89 5.00 -35.11
N ASN D 189 20.94 4.09 -35.35
CA ASN D 189 19.75 3.96 -34.47
C ASN D 189 19.52 2.57 -33.90
N GLY D 190 20.51 1.69 -34.03
CA GLY D 190 20.41 0.33 -33.50
C GLY D 190 20.89 0.27 -32.07
N ALA D 191 21.02 -0.95 -31.53
CA ALA D 191 21.48 -1.13 -30.15
C ALA D 191 22.96 -0.78 -30.00
N TYR D 192 23.67 -0.71 -31.12
CA TYR D 192 25.11 -0.45 -31.15
C TYR D 192 25.50 0.66 -32.14
N THR D 193 26.68 1.24 -31.94
CA THR D 193 27.27 2.11 -32.94
C THR D 193 28.67 1.60 -33.25
N LEU D 194 29.28 2.15 -34.30
CA LEU D 194 30.59 1.71 -34.76
C LEU D 194 31.69 2.36 -33.91
N LYS D 195 32.49 1.52 -33.27
CA LYS D 195 33.67 2.01 -32.54
C LYS D 195 34.86 2.07 -33.50
N ASP D 196 35.12 0.97 -34.18
CA ASP D 196 36.33 0.79 -34.98
C ASP D 196 36.13 -0.16 -36.16
N TRP D 197 36.81 0.14 -37.26
CA TRP D 197 36.80 -0.70 -38.46
C TRP D 197 38.17 -0.75 -39.07
N VAL D 198 38.86 -1.86 -38.85
CA VAL D 198 40.13 -2.15 -39.50
C VAL D 198 39.88 -3.19 -40.60
N VAL D 199 40.11 -2.77 -41.84
CA VAL D 199 39.84 -3.61 -43.01
C VAL D 199 40.59 -4.94 -42.91
N ASN D 200 39.88 -6.03 -43.15
CA ASN D 200 40.40 -7.40 -43.05
C ASN D 200 40.92 -7.83 -41.68
N GLU D 201 40.62 -7.07 -40.62
CA GLU D 201 41.01 -7.48 -39.27
C GLU D 201 39.79 -7.65 -38.36
N ARG D 202 39.03 -6.58 -38.18
CA ARG D 202 37.92 -6.60 -37.26
C ARG D 202 37.02 -5.39 -37.41
N ILE D 203 35.77 -5.58 -37.04
CA ILE D 203 34.82 -4.49 -36.84
C ILE D 203 34.31 -4.59 -35.40
N VAL D 204 34.40 -3.49 -34.66
CA VAL D 204 34.02 -3.48 -33.25
C VAL D 204 32.90 -2.48 -33.05
N LEU D 205 31.83 -2.93 -32.39
CA LEU D 205 30.69 -2.08 -32.11
C LEU D 205 30.56 -1.91 -30.60
N GLU D 206 30.13 -0.73 -30.19
CA GLU D 206 29.92 -0.45 -28.78
C GLU D 206 28.44 -0.20 -28.55
N ARG D 207 27.94 -0.71 -27.43
CA ARG D 207 26.55 -0.50 -27.01
C ARG D 207 26.18 0.98 -26.99
N SER D 208 24.95 1.28 -27.44
CA SER D 208 24.48 2.64 -27.68
C SER D 208 23.50 3.10 -26.60
N PRO D 209 23.94 3.99 -25.69
CA PRO D 209 22.99 4.44 -24.66
C PRO D 209 21.78 5.22 -25.19
N THR D 210 21.85 5.77 -26.40
CA THR D 210 20.69 6.48 -26.97
C THR D 210 19.59 5.55 -27.54
N TYR D 211 19.91 4.28 -27.75
CA TYR D 211 18.95 3.32 -28.30
C TYR D 211 17.75 3.19 -27.36
N TRP D 212 16.54 3.29 -27.92
CA TRP D 212 15.32 3.38 -27.11
C TRP D 212 15.19 2.25 -26.13
N ASN D 213 15.61 1.05 -26.54
CA ASN D 213 15.52 -0.14 -25.70
C ASN D 213 16.86 -0.56 -25.08
N ASN D 214 17.79 0.39 -24.92
CA ASN D 214 19.11 0.11 -24.29
C ASN D 214 19.01 -0.53 -22.92
N ALA D 215 17.92 -0.25 -22.21
CA ALA D 215 17.71 -0.85 -20.87
C ALA D 215 17.70 -2.38 -20.93
N LYS D 216 17.35 -2.96 -22.07
CA LYS D 216 17.31 -4.41 -22.23
C LYS D 216 18.62 -5.04 -22.75
N THR D 217 19.51 -4.24 -23.33
CA THR D 217 20.79 -4.75 -23.84
C THR D 217 21.70 -5.19 -22.69
N VAL D 218 22.50 -6.23 -22.92
CA VAL D 218 23.44 -6.69 -21.93
C VAL D 218 24.87 -6.64 -22.43
N ILE D 219 25.10 -7.13 -23.66
CA ILE D 219 26.44 -7.07 -24.27
C ILE D 219 26.88 -5.62 -24.51
N ASN D 220 28.04 -5.23 -23.95
CA ASN D 220 28.60 -3.88 -24.08
C ASN D 220 29.46 -3.68 -25.34
N GLN D 221 30.14 -4.73 -25.77
CA GLN D 221 30.96 -4.66 -26.97
C GLN D 221 30.92 -5.99 -27.71
N VAL D 222 30.80 -5.90 -29.04
CA VAL D 222 30.88 -7.07 -29.90
C VAL D 222 31.83 -6.81 -31.04
N THR D 223 32.62 -7.83 -31.32
CA THR D 223 33.61 -7.76 -32.37
C THR D 223 33.24 -8.77 -33.45
N TYR D 224 33.11 -8.30 -34.68
CA TYR D 224 32.98 -9.17 -35.85
C TYR D 224 34.34 -9.34 -36.53
N LEU D 225 34.72 -10.59 -36.80
CA LEU D 225 35.96 -10.91 -37.52
C LEU D 225 35.60 -11.30 -38.97
N PRO D 226 36.52 -11.11 -39.94
CA PRO D 226 36.23 -11.44 -41.33
C PRO D 226 36.96 -12.70 -41.82
N ILE D 227 36.89 -13.79 -41.04
CA ILE D 227 37.64 -15.00 -41.35
C ILE D 227 36.86 -15.88 -42.32
N ALA D 228 37.37 -16.01 -43.55
CA ALA D 228 36.69 -16.78 -44.60
C ALA D 228 37.09 -18.26 -44.56
N SER D 229 38.20 -18.57 -43.89
CA SER D 229 38.62 -19.97 -43.67
C SER D 229 37.87 -20.58 -42.48
N GLU D 230 36.96 -21.51 -42.77
CA GLU D 230 36.19 -22.19 -41.72
C GLU D 230 37.12 -22.92 -40.77
N VAL D 231 38.24 -23.42 -41.28
CA VAL D 231 39.25 -24.08 -40.44
C VAL D 231 39.84 -23.11 -39.44
N THR D 232 40.29 -21.94 -39.90
CA THR D 232 40.85 -20.93 -39.01
C THR D 232 39.82 -20.46 -37.97
N ASP D 233 38.58 -20.31 -38.41
CA ASP D 233 37.47 -19.89 -37.55
C ASP D 233 37.34 -20.84 -36.35
N VAL D 234 37.34 -22.14 -36.63
CA VAL D 234 37.27 -23.18 -35.61
C VAL D 234 38.57 -23.27 -34.81
N ASN D 235 39.71 -23.01 -35.45
CA ASN D 235 40.98 -22.95 -34.72
C ASN D 235 40.98 -21.84 -33.67
N ARG D 236 40.56 -20.64 -34.05
CA ARG D 236 40.51 -19.50 -33.11
C ARG D 236 39.37 -19.59 -32.08
N TYR D 237 38.30 -20.31 -32.41
CA TYR D 237 37.25 -20.63 -31.45
C TYR D 237 37.86 -21.53 -30.37
N ARG D 238 38.43 -22.65 -30.79
CA ARG D 238 39.00 -23.65 -29.87
C ARG D 238 40.15 -23.12 -29.02
N SER D 239 40.97 -22.23 -29.59
CA SER D 239 42.07 -21.61 -28.85
C SER D 239 41.58 -20.56 -27.83
N GLY D 240 40.36 -20.08 -28.00
CA GLY D 240 39.73 -19.17 -27.03
C GLY D 240 39.44 -17.76 -27.49
N GLU D 241 39.85 -17.40 -28.71
CA GLU D 241 39.60 -16.04 -29.22
C GLU D 241 38.15 -15.77 -29.62
N ILE D 242 37.52 -16.74 -30.31
CA ILE D 242 36.18 -16.53 -30.86
C ILE D 242 35.10 -17.21 -30.00
N ASP D 243 34.05 -16.46 -29.67
CA ASP D 243 32.91 -16.99 -28.89
C ASP D 243 31.87 -17.70 -29.75
N MET D 244 31.65 -17.19 -30.97
CA MET D 244 30.70 -17.79 -31.90
C MET D 244 31.26 -17.82 -33.30
N THR D 245 31.45 -19.02 -33.83
CA THR D 245 31.92 -19.19 -35.21
C THR D 245 30.86 -18.70 -36.18
N ASN D 246 31.27 -18.52 -37.44
CA ASN D 246 30.31 -18.30 -38.50
C ASN D 246 29.53 -19.59 -38.68
N ASN D 247 28.37 -19.52 -39.33
CA ASN D 247 27.59 -20.74 -39.59
C ASN D 247 27.99 -21.36 -40.93
N SER D 248 29.27 -21.72 -41.00
CA SER D 248 29.83 -22.42 -42.14
C SER D 248 30.87 -23.37 -41.57
N MET D 249 30.59 -24.66 -41.63
CA MET D 249 31.44 -25.65 -40.97
C MET D 249 32.43 -26.28 -41.94
N PRO D 250 33.65 -26.57 -41.47
CA PRO D 250 34.61 -27.27 -42.32
C PRO D 250 34.31 -28.76 -42.34
N ILE D 251 34.27 -29.33 -43.53
CA ILE D 251 33.73 -30.69 -43.75
C ILE D 251 34.43 -31.71 -42.88
N GLU D 252 35.75 -31.77 -42.98
CA GLU D 252 36.54 -32.78 -42.28
C GLU D 252 36.55 -32.59 -40.76
N LEU D 253 36.29 -31.36 -40.29
CA LEU D 253 36.38 -31.04 -38.85
C LEU D 253 35.08 -31.20 -38.07
N PHE D 254 33.95 -31.34 -38.77
CA PHE D 254 32.66 -31.29 -38.09
C PHE D 254 32.37 -32.52 -37.22
N GLN D 255 32.63 -33.72 -37.73
CA GLN D 255 32.36 -34.94 -36.97
C GLN D 255 33.15 -34.95 -35.67
N LYS D 256 34.44 -34.64 -35.79
CA LYS D 256 35.34 -34.54 -34.63
C LYS D 256 34.83 -33.53 -33.60
N LEU D 257 34.39 -32.37 -34.08
CA LEU D 257 33.84 -31.35 -33.18
C LEU D 257 32.61 -31.87 -32.45
N LYS D 258 31.65 -32.41 -33.20
CA LYS D 258 30.42 -32.93 -32.60
C LYS D 258 30.74 -33.99 -31.56
N LYS D 259 31.74 -34.83 -31.82
CA LYS D 259 32.11 -35.85 -30.86
C LYS D 259 32.74 -35.27 -29.57
N GLU D 260 33.54 -34.20 -29.70
CA GLU D 260 34.30 -33.66 -28.56
C GLU D 260 33.57 -32.61 -27.73
N ILE D 261 32.93 -31.66 -28.40
CA ILE D 261 32.23 -30.57 -27.70
C ILE D 261 30.78 -30.48 -28.18
N PRO D 262 30.00 -31.58 -28.01
CA PRO D 262 28.67 -31.71 -28.62
C PRO D 262 27.70 -30.63 -28.17
N ASP D 263 27.84 -30.19 -26.93
CA ASP D 263 26.97 -29.16 -26.37
C ASP D 263 27.26 -27.77 -26.96
N GLU D 264 28.41 -27.60 -27.60
CA GLU D 264 28.73 -26.33 -28.25
C GLU D 264 28.38 -26.30 -29.75
N VAL D 265 27.95 -27.44 -30.31
CA VAL D 265 27.59 -27.53 -31.72
C VAL D 265 26.08 -27.32 -31.89
N HIS D 266 25.69 -26.18 -32.44
CA HIS D 266 24.30 -25.89 -32.73
C HIS D 266 24.00 -26.16 -34.18
N VAL D 267 22.95 -26.95 -34.44
CA VAL D 267 22.47 -27.17 -35.81
C VAL D 267 20.95 -26.93 -35.82
N ASP D 268 20.50 -26.04 -36.71
CA ASP D 268 19.13 -25.59 -36.74
C ASP D 268 18.66 -25.40 -38.18
N PRO D 269 17.35 -25.50 -38.42
CA PRO D 269 16.82 -25.19 -39.75
C PRO D 269 17.26 -23.81 -40.23
N TYR D 270 17.45 -23.70 -41.54
CA TYR D 270 17.98 -22.50 -42.17
C TYR D 270 17.43 -22.46 -43.59
N LEU D 271 16.66 -21.41 -43.90
CA LEU D 271 15.96 -21.28 -45.18
C LEU D 271 16.90 -20.70 -46.23
N CYS D 272 17.88 -21.51 -46.63
CA CYS D 272 18.84 -21.10 -47.65
C CYS D 272 19.16 -22.28 -48.51
N THR D 273 19.50 -21.96 -49.76
CA THR D 273 19.79 -22.98 -50.74
C THR D 273 21.21 -22.78 -51.29
N TYR D 274 21.92 -23.89 -51.35
CA TYR D 274 23.23 -23.94 -51.96
C TYR D 274 23.03 -24.38 -53.40
N TYR D 275 23.43 -23.53 -54.34
CA TYR D 275 23.35 -23.89 -55.76
C TYR D 275 24.58 -23.46 -56.54
N TYR D 276 24.69 -23.96 -57.77
CA TYR D 276 25.59 -23.38 -58.76
C TYR D 276 24.75 -22.55 -59.71
N GLU D 277 24.99 -21.25 -59.64
CA GLU D 277 24.28 -20.26 -60.41
C GLU D 277 24.88 -20.22 -61.81
N ILE D 278 24.03 -20.35 -62.82
CA ILE D 278 24.48 -20.26 -64.20
C ILE D 278 24.24 -18.84 -64.69
N ASN D 279 25.24 -18.21 -65.30
CA ASN D 279 25.04 -16.94 -66.01
C ASN D 279 24.24 -17.21 -67.29
N ASN D 280 22.93 -17.01 -67.22
CA ASN D 280 22.02 -17.41 -68.32
C ASN D 280 22.24 -16.59 -69.61
N GLN D 281 22.98 -15.49 -69.53
CA GLN D 281 23.31 -14.69 -70.71
C GLN D 281 24.71 -14.88 -71.30
N LYS D 282 25.50 -15.79 -70.75
CA LYS D 282 26.85 -16.01 -71.28
C LYS D 282 26.91 -17.28 -72.09
N PRO D 283 27.20 -17.16 -73.38
CA PRO D 283 27.32 -18.34 -74.20
C PRO D 283 28.36 -19.30 -73.61
N PRO D 284 28.08 -20.61 -73.65
CA PRO D 284 26.93 -21.31 -74.22
C PRO D 284 25.73 -21.50 -73.28
N PHE D 285 25.74 -20.84 -72.13
CA PHE D 285 24.70 -21.04 -71.12
C PHE D 285 23.42 -20.29 -71.38
N ASN D 286 23.38 -19.54 -72.48
CA ASN D 286 22.09 -19.08 -73.04
C ASN D 286 21.30 -20.22 -73.69
N ASP D 287 21.90 -21.40 -73.82
CA ASP D 287 21.22 -22.57 -74.38
C ASP D 287 20.63 -23.40 -73.23
N VAL D 288 19.32 -23.57 -73.23
CA VAL D 288 18.64 -24.32 -72.17
C VAL D 288 19.08 -25.79 -72.11
N ARG D 289 19.51 -26.36 -73.23
CA ARG D 289 19.95 -27.75 -73.24
C ARG D 289 21.28 -27.91 -72.50
N VAL D 290 22.15 -26.92 -72.65
CA VAL D 290 23.42 -26.91 -71.92
C VAL D 290 23.16 -26.72 -70.43
N ARG D 291 22.30 -25.76 -70.05
CA ARG D 291 22.01 -25.56 -68.64
C ARG D 291 21.42 -26.80 -67.97
N THR D 292 20.48 -27.46 -68.65
CA THR D 292 19.85 -28.69 -68.18
C THR D 292 20.87 -29.82 -68.01
N ALA D 293 21.79 -29.97 -68.97
CA ALA D 293 22.88 -30.95 -68.83
C ALA D 293 23.72 -30.69 -67.59
N LEU D 294 24.03 -29.42 -67.36
CA LEU D 294 24.78 -28.98 -66.19
C LEU D 294 23.99 -29.35 -64.93
N LYS D 295 22.69 -29.09 -64.95
CA LYS D 295 21.81 -29.43 -63.83
C LYS D 295 21.82 -30.94 -63.55
N LEU D 296 21.62 -31.73 -64.60
CA LEU D 296 21.45 -33.19 -64.45
C LEU D 296 22.74 -33.90 -64.09
N GLY D 297 23.86 -33.40 -64.62
CA GLY D 297 25.18 -34.03 -64.41
C GLY D 297 25.68 -34.01 -62.97
N MET D 298 25.33 -32.98 -62.23
CA MET D 298 25.68 -32.86 -60.82
C MET D 298 25.05 -34.01 -60.05
N ASP D 299 25.86 -34.72 -59.26
CA ASP D 299 25.40 -35.80 -58.40
C ASP D 299 25.28 -35.27 -56.98
N ARG D 300 24.04 -34.89 -56.63
CA ARG D 300 23.72 -34.26 -55.36
C ARG D 300 23.90 -35.15 -54.15
N ASP D 301 23.64 -36.45 -54.32
CA ASP D 301 23.80 -37.41 -53.23
C ASP D 301 25.26 -37.58 -52.84
N ILE D 302 26.15 -37.51 -53.82
CA ILE D 302 27.60 -37.47 -53.56
C ILE D 302 28.03 -36.20 -52.80
N ILE D 303 27.56 -35.03 -53.23
CA ILE D 303 27.91 -33.79 -52.54
C ILE D 303 27.28 -33.66 -51.15
N VAL D 304 26.04 -34.10 -51.00
CA VAL D 304 25.37 -34.08 -49.69
C VAL D 304 26.06 -35.02 -48.70
N ASN D 305 26.59 -36.12 -49.23
CA ASN D 305 27.26 -37.10 -48.39
C ASN D 305 28.64 -36.69 -47.89
N LYS D 306 29.26 -35.69 -48.52
CA LYS D 306 30.44 -35.05 -47.95
C LYS D 306 30.06 -34.30 -46.67
N VAL D 307 28.93 -33.60 -46.69
CA VAL D 307 28.44 -32.88 -45.50
C VAL D 307 27.38 -33.67 -44.67
N LYS D 308 27.34 -35.00 -44.83
CA LYS D 308 26.27 -35.83 -44.23
C LYS D 308 26.08 -35.59 -42.74
N ALA D 309 27.18 -35.40 -42.02
CA ALA D 309 27.17 -35.16 -40.57
C ALA D 309 26.26 -33.99 -40.18
N GLN D 310 26.28 -32.94 -41.02
CA GLN D 310 25.45 -31.75 -40.82
C GLN D 310 23.99 -31.98 -41.21
N GLY D 311 23.77 -32.96 -42.09
CA GLY D 311 22.43 -33.45 -42.40
C GLY D 311 21.70 -32.59 -43.40
N ASN D 312 22.41 -32.09 -44.40
CA ASN D 312 21.80 -31.31 -45.46
C ASN D 312 21.02 -32.20 -46.39
N MET D 313 19.90 -31.68 -46.87
CA MET D 313 19.06 -32.44 -47.79
C MET D 313 19.38 -32.05 -49.23
N PRO D 314 19.35 -33.02 -50.17
CA PRO D 314 19.61 -32.68 -51.57
C PRO D 314 18.54 -31.74 -52.13
N ALA D 315 18.96 -30.79 -52.96
CA ALA D 315 18.06 -29.77 -53.47
C ALA D 315 17.62 -30.13 -54.87
N TYR D 316 16.34 -29.90 -55.14
CA TYR D 316 15.75 -30.16 -56.44
C TYR D 316 15.18 -28.87 -57.05
N GLY D 317 15.41 -27.74 -56.38
CA GLY D 317 14.89 -26.45 -56.81
C GLY D 317 15.51 -25.32 -56.00
N TYR D 318 14.95 -24.12 -56.12
CA TYR D 318 15.51 -22.88 -55.54
C TYR D 318 14.94 -22.58 -54.16
N THR D 319 13.64 -22.29 -54.10
CA THR D 319 12.95 -21.99 -52.85
C THR D 319 13.02 -23.20 -51.93
N PRO D 320 13.50 -23.02 -50.69
CA PRO D 320 13.51 -24.13 -49.75
C PRO D 320 12.11 -24.69 -49.52
N PRO D 321 11.95 -26.02 -49.55
CA PRO D 321 10.63 -26.61 -49.37
C PRO D 321 9.95 -26.36 -48.01
N TYR D 322 10.71 -25.98 -46.98
N TYR D 322 10.70 -25.98 -46.97
CA TYR D 322 10.16 -25.69 -45.66
CA TYR D 322 10.13 -25.69 -45.65
C TYR D 322 9.84 -24.20 -45.46
C TYR D 322 9.78 -24.20 -45.47
N THR D 323 9.96 -23.42 -46.53
CA THR D 323 9.57 -22.01 -46.50
C THR D 323 8.06 -21.91 -46.23
N ASP D 324 7.68 -21.02 -45.33
CA ASP D 324 6.27 -20.79 -45.01
C ASP D 324 5.51 -20.46 -46.29
N GLY D 325 4.52 -21.28 -46.64
CA GLY D 325 3.72 -21.05 -47.84
C GLY D 325 4.15 -21.84 -49.10
N ALA D 326 5.25 -22.60 -49.02
CA ALA D 326 5.65 -23.48 -50.12
C ALA D 326 5.10 -24.89 -49.93
N LYS D 327 4.53 -25.43 -51.00
CA LYS D 327 4.15 -26.83 -51.07
C LYS D 327 4.72 -27.40 -52.37
N LEU D 328 6.03 -27.58 -52.40
CA LEU D 328 6.74 -27.82 -53.68
C LEU D 328 6.66 -29.25 -54.14
N THR D 329 6.82 -29.43 -55.46
CA THR D 329 6.87 -30.75 -56.06
C THR D 329 8.30 -31.02 -56.54
N GLN D 330 8.67 -32.29 -56.56
CA GLN D 330 9.99 -32.69 -57.01
C GLN D 330 9.89 -33.01 -58.48
N PRO D 331 10.80 -32.49 -59.32
CA PRO D 331 10.74 -32.81 -60.74
C PRO D 331 11.03 -34.28 -61.03
N GLU D 332 10.48 -34.78 -62.13
CA GLU D 332 10.67 -36.18 -62.54
C GLU D 332 12.15 -36.57 -62.62
N TRP D 333 13.03 -35.65 -63.03
CA TRP D 333 14.45 -35.98 -63.16
C TRP D 333 15.10 -36.24 -61.82
N PHE D 334 14.57 -35.67 -60.75
CA PHE D 334 15.17 -35.82 -59.42
C PHE D 334 15.11 -37.28 -58.94
N GLY D 335 14.10 -38.03 -59.40
CA GLY D 335 13.92 -39.42 -59.00
C GLY D 335 14.65 -40.46 -59.85
N TRP D 336 15.29 -40.03 -60.93
CA TRP D 336 16.06 -40.97 -61.76
C TRP D 336 17.30 -41.39 -61.06
N SER D 337 17.97 -42.40 -61.62
CA SER D 337 19.35 -42.69 -61.27
C SER D 337 20.27 -41.61 -61.85
N GLN D 338 21.40 -41.37 -61.18
CA GLN D 338 22.38 -40.43 -61.70
C GLN D 338 22.89 -40.87 -63.09
N GLU D 339 22.95 -42.18 -63.30
CA GLU D 339 23.35 -42.75 -64.59
C GLU D 339 22.44 -42.28 -65.73
N LYS D 340 21.13 -42.33 -65.50
CA LYS D 340 20.15 -41.90 -66.48
C LYS D 340 20.26 -40.38 -66.66
N ARG D 341 20.44 -39.67 -65.55
CA ARG D 341 20.67 -38.22 -65.60
C ARG D 341 21.88 -37.91 -66.47
N ASN D 342 22.97 -38.64 -66.27
CA ASN D 342 24.19 -38.42 -67.05
C ASN D 342 24.00 -38.64 -68.55
N GLU D 343 23.35 -39.76 -68.89
CA GLU D 343 23.01 -40.09 -70.27
C GLU D 343 22.15 -39.00 -70.89
N GLU D 344 21.12 -38.58 -70.18
CA GLU D 344 20.27 -37.51 -70.69
C GLU D 344 21.10 -36.22 -70.89
N ALA D 345 21.91 -35.88 -69.91
CA ALA D 345 22.80 -34.72 -69.95
C ALA D 345 23.71 -34.71 -71.18
N LYS D 346 24.33 -35.85 -71.48
CA LYS D 346 25.24 -35.93 -72.61
C LYS D 346 24.51 -35.83 -73.95
N LYS D 347 23.27 -36.32 -74.00
CA LYS D 347 22.45 -36.20 -75.20
C LYS D 347 22.11 -34.73 -75.45
N LEU D 348 21.74 -34.03 -74.40
CA LEU D 348 21.41 -32.60 -74.52
C LEU D 348 22.63 -31.79 -74.96
N LEU D 349 23.80 -32.08 -74.39
CA LEU D 349 25.04 -31.43 -74.81
C LEU D 349 25.29 -31.68 -76.30
N ALA D 350 25.13 -32.91 -76.74
CA ALA D 350 25.36 -33.30 -78.12
C ALA D 350 24.47 -32.52 -79.08
N GLU D 351 23.20 -32.37 -78.73
CA GLU D 351 22.24 -31.61 -79.54
C GLU D 351 22.69 -30.15 -79.74
N ALA D 352 23.26 -29.55 -78.69
CA ALA D 352 23.76 -28.18 -78.77
C ALA D 352 25.13 -28.09 -79.44
N GLY D 353 25.75 -29.25 -79.68
CA GLY D 353 27.01 -29.32 -80.42
C GLY D 353 28.27 -29.57 -79.61
N TYR D 354 28.10 -29.95 -78.34
CA TYR D 354 29.23 -30.24 -77.45
C TYR D 354 29.34 -31.75 -77.20
N THR D 355 30.50 -32.31 -77.55
CA THR D 355 30.70 -33.77 -77.61
C THR D 355 32.03 -34.17 -76.99
N ALA D 356 32.30 -35.48 -76.94
CA ALA D 356 33.57 -35.98 -76.42
C ALA D 356 34.74 -35.29 -77.11
N ASP D 357 34.73 -35.27 -78.43
CA ASP D 357 35.88 -34.76 -79.19
C ASP D 357 35.82 -33.24 -79.44
N LYS D 358 34.69 -32.62 -79.09
CA LYS D 358 34.57 -31.17 -79.15
C LYS D 358 33.93 -30.71 -77.83
N PRO D 359 34.66 -30.90 -76.71
CA PRO D 359 34.05 -30.75 -75.40
C PRO D 359 33.83 -29.31 -74.97
N LEU D 360 33.03 -29.15 -73.93
CA LEU D 360 32.81 -27.86 -73.28
C LEU D 360 33.83 -27.68 -72.15
N THR D 361 34.42 -26.48 -72.07
CA THR D 361 35.27 -26.08 -70.95
C THR D 361 34.67 -24.85 -70.29
N ILE D 362 34.51 -24.86 -68.98
CA ILE D 362 33.92 -23.71 -68.29
C ILE D 362 34.76 -23.30 -67.07
N ASN D 363 34.48 -22.10 -66.57
CA ASN D 363 35.08 -21.62 -65.33
C ASN D 363 34.05 -21.62 -64.19
N LEU D 364 34.39 -22.25 -63.07
CA LEU D 364 33.53 -22.23 -61.89
C LEU D 364 34.07 -21.23 -60.87
N LEU D 365 33.31 -20.15 -60.65
CA LEU D 365 33.67 -19.07 -59.73
C LEU D 365 33.13 -19.38 -58.33
N TYR D 366 33.98 -19.24 -57.32
CA TYR D 366 33.54 -19.34 -55.93
C TYR D 366 34.27 -18.35 -55.03
N ASN D 367 33.64 -18.03 -53.91
CA ASN D 367 34.22 -17.12 -52.93
C ASN D 367 35.12 -17.87 -51.96
N THR D 368 36.29 -17.28 -51.68
CA THR D 368 37.31 -17.92 -50.86
C THR D 368 36.73 -18.52 -49.58
N SER D 369 37.01 -19.82 -49.39
CA SER D 369 36.40 -20.62 -48.34
C SER D 369 36.96 -22.03 -48.48
N ASP D 370 37.23 -22.68 -47.35
CA ASP D 370 37.67 -24.06 -47.37
C ASP D 370 36.52 -24.96 -47.81
N LEU D 371 35.30 -24.65 -47.35
CA LEU D 371 34.12 -25.44 -47.68
C LEU D 371 33.85 -25.38 -49.18
N HIS D 372 33.64 -24.17 -49.70
CA HIS D 372 33.30 -23.99 -51.12
C HIS D 372 34.38 -24.54 -52.03
N LYS D 373 35.64 -24.39 -51.65
CA LYS D 373 36.76 -24.95 -52.44
C LYS D 373 36.67 -26.48 -52.56
N LYS D 374 36.45 -27.17 -51.45
CA LYS D 374 36.30 -28.63 -51.48
C LYS D 374 35.09 -29.08 -52.29
N LEU D 375 33.97 -28.38 -52.16
CA LEU D 375 32.78 -28.75 -52.94
C LEU D 375 32.96 -28.42 -54.43
N ALA D 376 33.63 -27.31 -54.74
CA ALA D 376 33.94 -26.93 -56.13
C ALA D 376 34.86 -27.95 -56.81
N ILE D 377 35.80 -28.50 -56.07
CA ILE D 377 36.70 -29.52 -56.63
C ILE D 377 35.92 -30.81 -56.91
N ALA D 378 34.98 -31.14 -56.02
CA ALA D 378 34.11 -32.28 -56.20
C ALA D 378 33.23 -32.05 -57.41
N ALA D 379 32.60 -30.87 -57.48
CA ALA D 379 31.70 -30.56 -58.59
C ALA D 379 32.42 -30.66 -59.92
N SER D 380 33.60 -30.02 -60.00
CA SER D 380 34.40 -30.06 -61.21
C SER D 380 34.67 -31.50 -61.61
N SER D 381 34.97 -32.32 -60.61
CA SER D 381 35.33 -33.72 -60.82
C SER D 381 34.13 -34.53 -61.32
N LEU D 382 32.99 -34.36 -60.69
CA LEU D 382 31.75 -35.05 -61.11
C LEU D 382 31.34 -34.66 -62.54
N TRP D 383 31.35 -33.36 -62.83
CA TRP D 383 30.97 -32.88 -64.17
C TRP D 383 31.81 -33.43 -65.28
N LYS D 384 33.12 -33.50 -65.06
CA LYS D 384 34.04 -34.12 -66.01
C LYS D 384 33.67 -35.57 -66.21
N LYS D 385 33.64 -36.34 -65.12
CA LYS D 385 33.39 -37.77 -65.18
C LYS D 385 31.99 -38.13 -65.68
N ASN D 386 30.98 -37.39 -65.23
CA ASN D 386 29.59 -37.71 -65.56
C ASN D 386 29.11 -37.27 -66.95
N ILE D 387 29.57 -36.11 -67.43
CA ILE D 387 29.09 -35.54 -68.69
C ILE D 387 30.19 -34.92 -69.60
N GLY D 388 31.46 -35.15 -69.27
CA GLY D 388 32.59 -34.70 -70.09
C GLY D 388 32.82 -33.20 -70.17
N VAL D 389 32.29 -32.43 -69.22
CA VAL D 389 32.53 -30.99 -69.19
C VAL D 389 33.76 -30.68 -68.33
N ASN D 390 34.73 -30.01 -68.95
CA ASN D 390 35.92 -29.54 -68.24
C ASN D 390 35.61 -28.29 -67.45
N VAL D 391 36.02 -28.27 -66.18
CA VAL D 391 35.69 -27.17 -65.29
C VAL D 391 36.96 -26.63 -64.63
N LYS D 392 37.25 -25.35 -64.81
CA LYS D 392 38.41 -24.71 -64.17
C LYS D 392 37.93 -23.89 -62.98
N LEU D 393 38.66 -23.92 -61.87
CA LEU D 393 38.27 -23.17 -60.67
C LEU D 393 38.88 -21.78 -60.64
N VAL D 394 38.05 -20.78 -60.30
CA VAL D 394 38.51 -19.42 -60.04
C VAL D 394 37.92 -18.97 -58.71
N ASN D 395 38.74 -18.36 -57.87
CA ASN D 395 38.27 -17.91 -56.57
C ASN D 395 38.52 -16.42 -56.35
N GLN D 396 37.62 -15.78 -55.62
CA GLN D 396 37.67 -14.34 -55.39
C GLN D 396 37.17 -13.98 -54.00
N GLU D 397 37.70 -12.89 -53.46
CA GLU D 397 37.15 -12.26 -52.26
C GLU D 397 35.66 -12.02 -52.35
N TRP D 398 34.97 -12.23 -51.23
CA TRP D 398 33.54 -12.09 -51.12
C TRP D 398 33.00 -10.84 -51.79
N LYS D 399 33.57 -9.70 -51.43
CA LYS D 399 33.20 -8.40 -52.02
C LYS D 399 33.30 -8.42 -53.55
N THR D 400 34.43 -8.91 -54.05
CA THR D 400 34.73 -8.97 -55.49
C THR D 400 33.81 -9.97 -56.19
N PHE D 401 33.71 -11.15 -55.60
CA PHE D 401 32.87 -12.25 -56.07
C PHE D 401 31.45 -11.77 -56.38
N LEU D 402 30.90 -10.99 -55.45
CA LEU D 402 29.55 -10.48 -55.62
C LEU D 402 29.47 -9.51 -56.79
N ASP D 403 30.47 -8.64 -56.90
CA ASP D 403 30.55 -7.69 -58.02
C ASP D 403 30.63 -8.41 -59.38
N THR D 404 31.49 -9.42 -59.46
CA THR D 404 31.63 -10.26 -60.66
C THR D 404 30.27 -10.80 -61.14
N ARG D 405 29.50 -11.38 -60.23
CA ARG D 405 28.19 -11.93 -60.56
C ARG D 405 27.21 -10.88 -61.08
N HIS D 406 27.25 -9.70 -60.47
CA HIS D 406 26.41 -8.62 -60.97
C HIS D 406 26.85 -8.16 -62.33
N GLN D 407 28.15 -8.19 -62.60
CA GLN D 407 28.65 -7.75 -63.89
C GLN D 407 28.52 -8.83 -64.96
N GLY D 408 28.38 -10.08 -64.53
CA GLY D 408 28.19 -11.17 -65.47
C GLY D 408 29.47 -11.64 -66.12
N THR D 409 30.59 -11.35 -65.48
CA THR D 409 31.87 -11.79 -65.96
C THR D 409 32.19 -13.16 -65.35
N PHE D 410 31.26 -14.10 -65.51
CA PHE D 410 31.42 -15.48 -65.04
C PHE D 410 30.60 -16.44 -65.89
N ASP D 411 30.99 -17.71 -65.88
CA ASP D 411 30.24 -18.78 -66.50
C ASP D 411 29.21 -19.34 -65.48
N VAL D 412 29.75 -19.94 -64.42
CA VAL D 412 28.99 -20.61 -63.39
C VAL D 412 29.61 -20.19 -62.07
N ALA D 413 28.77 -19.97 -61.06
CA ALA D 413 29.27 -19.54 -59.74
C ALA D 413 28.68 -20.36 -58.60
N ARG D 414 29.50 -20.70 -57.61
CA ARG D 414 29.00 -21.12 -56.31
C ARG D 414 28.06 -20.02 -55.84
N ALA D 415 26.86 -20.41 -55.41
CA ALA D 415 25.94 -19.44 -54.84
C ALA D 415 25.17 -20.01 -53.66
N GLY D 416 24.78 -19.09 -52.78
CA GLY D 416 23.89 -19.41 -51.68
C GLY D 416 22.95 -18.25 -51.50
N TRP D 417 21.65 -18.55 -51.40
CA TRP D 417 20.67 -17.52 -51.12
C TRP D 417 19.84 -17.89 -49.94
N CYS D 418 19.64 -16.92 -49.04
CA CYS D 418 18.94 -17.12 -47.79
C CYS D 418 17.76 -16.16 -47.80
N ALA D 419 16.60 -16.62 -47.35
CA ALA D 419 15.41 -15.74 -47.33
C ALA D 419 15.66 -14.48 -46.51
N ASP D 420 15.03 -13.38 -46.95
CA ASP D 420 14.99 -12.12 -46.21
C ASP D 420 13.70 -12.00 -45.37
N TYR D 421 12.63 -12.62 -45.86
CA TYR D 421 11.39 -12.79 -45.10
C TYR D 421 10.89 -14.18 -45.45
N ASN D 422 10.15 -14.79 -44.54
CA ASN D 422 9.74 -16.20 -44.69
C ASN D 422 8.48 -16.33 -45.53
N GLU D 423 8.65 -16.17 -46.84
CA GLU D 423 7.56 -16.27 -47.80
C GLU D 423 8.21 -16.55 -49.17
N PRO D 424 7.59 -17.41 -50.01
CA PRO D 424 8.36 -17.86 -51.16
C PRO D 424 8.85 -16.77 -52.11
N THR D 425 8.21 -15.60 -52.14
CA THR D 425 8.64 -14.53 -53.02
C THR D 425 10.00 -13.96 -52.67
N SER D 426 10.44 -14.16 -51.42
CA SER D 426 11.76 -13.71 -51.02
C SER D 426 12.85 -14.42 -51.85
N PHE D 427 12.55 -15.63 -52.35
CA PHE D 427 13.38 -16.34 -53.32
C PHE D 427 12.95 -16.00 -54.74
N LEU D 428 11.67 -16.28 -55.03
CA LEU D 428 11.17 -16.23 -56.42
C LEU D 428 11.32 -14.88 -57.10
N ASN D 429 11.17 -13.81 -56.33
CA ASN D 429 11.31 -12.48 -56.89
C ASN D 429 12.73 -12.17 -57.35
N THR D 430 13.73 -12.94 -56.89
CA THR D 430 15.10 -12.68 -57.31
C THR D 430 15.28 -13.09 -58.77
N MET D 431 14.38 -13.93 -59.26
CA MET D 431 14.50 -14.46 -60.61
C MET D 431 13.62 -13.70 -61.60
N LEU D 432 12.95 -12.64 -61.16
CA LEU D 432 12.24 -11.75 -62.08
C LEU D 432 13.23 -11.07 -63.03
N SER D 433 12.80 -10.85 -64.28
CA SER D 433 13.65 -10.25 -65.31
C SER D 433 14.19 -8.90 -64.86
N ASN D 434 13.35 -8.12 -64.19
CA ASN D 434 13.71 -6.79 -63.72
C ASN D 434 14.41 -6.69 -62.35
N SER D 435 14.77 -7.81 -61.72
CA SER D 435 15.25 -7.75 -60.33
C SER D 435 16.73 -7.37 -60.18
N SER D 436 16.99 -6.39 -59.32
CA SER D 436 18.36 -6.00 -58.95
C SER D 436 19.16 -7.15 -58.37
N MET D 437 18.48 -8.20 -57.92
CA MET D 437 19.17 -9.38 -57.31
C MET D 437 19.36 -10.53 -58.29
N ASN D 438 18.95 -10.35 -59.55
CA ASN D 438 19.02 -11.42 -60.55
C ASN D 438 20.43 -11.56 -61.14
N THR D 439 21.31 -12.20 -60.38
CA THR D 439 22.67 -12.42 -60.81
C THR D 439 22.77 -13.68 -61.67
N ALA D 440 21.67 -14.43 -61.79
CA ALA D 440 21.59 -15.52 -62.76
C ALA D 440 21.41 -14.96 -64.16
N HIS D 441 21.04 -13.69 -64.26
CA HIS D 441 20.64 -13.08 -65.53
C HIS D 441 19.57 -13.86 -66.26
N TYR D 442 18.64 -14.41 -65.49
CA TYR D 442 17.52 -15.20 -65.98
C TYR D 442 16.37 -14.28 -66.32
N LYS D 443 15.93 -14.33 -67.57
CA LYS D 443 14.83 -13.48 -68.04
C LYS D 443 13.82 -14.34 -68.81
N SER D 444 12.67 -14.57 -68.20
CA SER D 444 11.60 -15.38 -68.75
C SER D 444 10.31 -14.61 -68.56
N PRO D 445 9.69 -14.13 -69.66
CA PRO D 445 8.39 -13.49 -69.55
C PRO D 445 7.35 -14.40 -68.91
N ALA D 446 7.48 -15.71 -69.16
CA ALA D 446 6.55 -16.71 -68.60
C ALA D 446 6.63 -16.79 -67.08
N PHE D 447 7.85 -16.84 -66.55
CA PHE D 447 8.08 -16.78 -65.11
C PHE D 447 7.53 -15.47 -64.51
N ASP D 448 7.93 -14.36 -65.09
CA ASP D 448 7.46 -13.07 -64.61
C ASP D 448 5.94 -13.07 -64.50
N SER D 449 5.27 -13.58 -65.53
CA SER D 449 3.83 -13.57 -65.58
C SER D 449 3.15 -14.39 -64.48
N ILE D 450 3.73 -15.55 -64.18
CA ILE D 450 3.22 -16.38 -63.08
C ILE D 450 3.32 -15.59 -61.77
N MET D 451 4.47 -14.96 -61.54
CA MET D 451 4.67 -14.18 -60.32
C MET D 451 3.70 -13.02 -60.27
N ALA D 452 3.43 -12.39 -61.41
CA ALA D 452 2.41 -11.32 -61.45
C ALA D 452 1.01 -11.83 -61.04
N GLU D 453 0.69 -13.09 -61.37
CA GLU D 453 -0.60 -13.68 -60.98
C GLU D 453 -0.74 -13.87 -59.45
N THR D 454 0.38 -14.05 -58.75
CA THR D 454 0.34 -14.36 -57.31
C THR D 454 -0.32 -13.27 -56.48
N LEU D 455 -0.27 -12.02 -56.94
CA LEU D 455 -0.95 -10.94 -56.23
C LEU D 455 -2.29 -10.57 -56.86
N LYS D 456 -2.78 -11.40 -57.77
CA LYS D 456 -4.14 -11.25 -58.28
C LYS D 456 -5.13 -12.28 -57.72
N VAL D 457 -4.64 -13.39 -57.20
CA VAL D 457 -5.52 -14.44 -56.66
C VAL D 457 -6.07 -13.99 -55.32
N THR D 458 -7.20 -14.53 -54.90
CA THR D 458 -7.84 -14.07 -53.67
C THR D 458 -7.40 -14.84 -52.42
N ASP D 459 -6.94 -16.08 -52.60
CA ASP D 459 -6.61 -17.00 -51.50
C ASP D 459 -5.12 -17.26 -51.38
N GLU D 460 -4.67 -17.51 -50.15
CA GLU D 460 -3.29 -17.89 -49.89
C GLU D 460 -3.00 -19.24 -50.50
N ALA D 461 -3.97 -20.16 -50.47
CA ALA D 461 -3.81 -21.48 -51.08
C ALA D 461 -3.55 -21.35 -52.59
N GLN D 462 -4.18 -20.37 -53.22
CA GLN D 462 -3.93 -20.09 -54.64
C GLN D 462 -2.53 -19.52 -54.91
N ARG D 463 -2.04 -18.63 -54.04
CA ARG D 463 -0.65 -18.16 -54.12
C ARG D 463 0.35 -19.30 -54.02
N THR D 464 0.12 -20.17 -53.05
CA THR D 464 0.96 -21.35 -52.86
C THR D 464 1.04 -22.20 -54.13
N ALA D 465 -0.11 -22.47 -54.74
CA ALA D 465 -0.17 -23.25 -55.98
C ALA D 465 0.64 -22.57 -57.09
N LEU D 466 0.51 -21.25 -57.21
CA LEU D 466 1.26 -20.51 -58.22
C LEU D 466 2.78 -20.55 -57.97
N TYR D 467 3.19 -20.49 -56.69
CA TYR D 467 4.64 -20.55 -56.39
C TYR D 467 5.21 -21.88 -56.86
N THR D 468 4.40 -22.93 -56.80
CA THR D 468 4.84 -24.24 -57.32
C THR D 468 4.99 -24.19 -58.85
N LYS D 469 4.06 -23.51 -59.53
CA LYS D 469 4.15 -23.35 -60.98
C LYS D 469 5.43 -22.57 -61.33
N ALA D 470 5.72 -21.53 -60.56
CA ALA D 470 6.93 -20.70 -60.74
C ALA D 470 8.22 -21.53 -60.62
N GLU D 471 8.30 -22.35 -59.58
CA GLU D 471 9.44 -23.25 -59.41
C GLU D 471 9.52 -24.26 -60.55
N GLN D 472 8.35 -24.69 -61.03
CA GLN D 472 8.33 -25.68 -62.10
C GLN D 472 8.87 -25.05 -63.38
N GLN D 473 8.53 -23.79 -63.59
CA GLN D 473 9.03 -23.08 -64.76
C GLN D 473 10.55 -22.86 -64.66
N LEU D 474 11.00 -22.38 -63.50
CA LEU D 474 12.42 -22.13 -63.26
C LEU D 474 13.25 -23.39 -63.51
N ASP D 475 12.71 -24.52 -63.09
CA ASP D 475 13.36 -25.81 -63.32
C ASP D 475 13.35 -26.27 -64.78
N LYS D 476 12.22 -26.08 -65.46
CA LYS D 476 12.09 -26.43 -66.88
C LYS D 476 13.05 -25.60 -67.74
N ASP D 477 13.42 -24.42 -67.25
CA ASP D 477 14.37 -23.55 -67.90
C ASP D 477 15.81 -23.75 -67.40
N SER D 478 16.02 -24.70 -66.49
CA SER D 478 17.30 -24.91 -65.83
C SER D 478 18.06 -23.60 -65.59
N ALA D 479 17.41 -22.68 -64.87
CA ALA D 479 18.02 -21.40 -64.52
C ALA D 479 19.23 -21.59 -63.63
N ILE D 480 19.19 -22.63 -62.79
CA ILE D 480 20.27 -22.89 -61.84
C ILE D 480 20.50 -24.38 -61.69
N VAL D 481 21.58 -24.72 -60.99
CA VAL D 481 21.84 -26.10 -60.60
C VAL D 481 21.67 -26.18 -59.09
N PRO D 482 20.49 -26.63 -58.61
CA PRO D 482 20.38 -26.75 -57.17
C PRO D 482 21.27 -27.86 -56.68
N VAL D 483 21.84 -27.70 -55.49
CA VAL D 483 22.76 -28.66 -54.90
C VAL D 483 22.22 -29.19 -53.57
N TYR D 484 22.08 -28.33 -52.57
CA TYR D 484 21.47 -28.76 -51.30
C TYR D 484 20.86 -27.61 -50.52
N TYR D 485 19.99 -27.98 -49.59
CA TYR D 485 19.35 -26.99 -48.72
C TYR D 485 20.20 -26.89 -47.48
N TYR D 486 20.40 -25.66 -47.02
CA TYR D 486 21.24 -25.39 -45.86
C TYR D 486 20.67 -25.91 -44.54
N VAL D 487 21.56 -26.06 -43.58
CA VAL D 487 21.24 -26.02 -42.15
C VAL D 487 22.05 -24.85 -41.61
N ASN D 488 21.73 -24.41 -40.40
CA ASN D 488 22.48 -23.39 -39.67
C ASN D 488 23.30 -24.09 -38.59
N ALA D 489 24.55 -24.39 -38.92
CA ALA D 489 25.48 -25.07 -38.00
C ALA D 489 26.55 -24.11 -37.54
N ARG D 490 26.72 -23.97 -36.22
CA ARG D 490 27.85 -23.22 -35.69
C ARG D 490 28.27 -23.68 -34.30
N LEU D 491 29.44 -23.22 -33.88
CA LEU D 491 29.94 -23.43 -32.54
C LEU D 491 29.60 -22.20 -31.70
N VAL D 492 29.00 -22.41 -30.54
CA VAL D 492 28.76 -21.33 -29.60
C VAL D 492 29.28 -21.77 -28.25
N LYS D 493 30.08 -20.92 -27.63
CA LYS D 493 30.68 -21.25 -26.35
C LYS D 493 29.56 -21.44 -25.31
N PRO D 494 29.81 -22.28 -24.29
CA PRO D 494 28.79 -22.58 -23.27
C PRO D 494 28.27 -21.35 -22.50
N TRP D 495 29.09 -20.31 -22.40
CA TRP D 495 28.72 -19.09 -21.67
C TRP D 495 27.98 -18.08 -22.51
N VAL D 496 27.88 -18.30 -23.81
CA VAL D 496 27.10 -17.41 -24.66
C VAL D 496 25.62 -17.74 -24.52
N GLY D 497 24.87 -16.79 -24.00
CA GLY D 497 23.43 -16.97 -23.77
C GLY D 497 22.62 -16.12 -24.73
N GLY D 498 21.41 -16.59 -25.04
CA GLY D 498 20.49 -15.85 -25.91
C GLY D 498 20.50 -16.26 -27.37
N TYR D 499 21.30 -17.27 -27.72
CA TYR D 499 21.29 -17.84 -29.05
C TYR D 499 20.43 -19.11 -29.03
N THR D 500 19.20 -18.97 -29.51
CA THR D 500 18.24 -20.06 -29.45
C THR D 500 18.25 -20.88 -30.73
N GLY D 501 18.56 -20.23 -31.84
CA GLY D 501 18.64 -20.90 -33.13
C GLY D 501 17.28 -21.23 -33.71
N LYS D 502 16.24 -20.55 -33.25
CA LYS D 502 14.86 -20.91 -33.64
C LYS D 502 14.31 -20.04 -34.75
N ASP D 503 15.07 -19.01 -35.14
CA ASP D 503 14.73 -18.25 -36.30
C ASP D 503 15.31 -18.96 -37.54
N PRO D 504 14.42 -19.44 -38.44
CA PRO D 504 14.97 -20.12 -39.62
C PRO D 504 15.66 -19.18 -40.61
N LEU D 505 15.51 -17.86 -40.44
CA LEU D 505 16.27 -16.89 -41.25
C LEU D 505 17.58 -16.45 -40.57
N ASP D 506 17.81 -16.92 -39.35
CA ASP D 506 18.99 -16.59 -38.54
C ASP D 506 19.25 -15.10 -38.46
N ASN D 507 18.19 -14.32 -38.25
CA ASN D 507 18.30 -12.89 -38.04
C ASN D 507 18.46 -12.58 -36.55
N THR D 508 19.64 -12.90 -35.99
CA THR D 508 19.95 -12.62 -34.58
C THR D 508 20.44 -11.19 -34.38
N TYR D 509 20.31 -10.72 -33.14
CA TYR D 509 20.80 -9.42 -32.73
C TYR D 509 21.66 -9.56 -31.49
N THR D 510 22.81 -8.89 -31.47
CA THR D 510 23.67 -8.86 -30.28
C THR D 510 22.92 -8.40 -29.03
N ARG D 511 21.97 -7.48 -29.18
CA ARG D 511 21.14 -7.01 -28.04
C ARG D 511 20.28 -8.08 -27.34
N ASN D 512 20.18 -9.27 -27.92
CA ASN D 512 19.43 -10.39 -27.33
C ASN D 512 20.34 -11.39 -26.59
N MET D 513 21.65 -11.16 -26.62
CA MET D 513 22.56 -12.09 -25.99
C MET D 513 23.19 -11.58 -24.69
N TYR D 514 23.93 -12.46 -24.03
CA TYR D 514 24.55 -12.15 -22.75
C TYR D 514 25.62 -13.19 -22.46
N ILE D 515 26.60 -12.84 -21.62
CA ILE D 515 27.62 -13.79 -21.19
C ILE D 515 27.39 -14.19 -19.72
N VAL D 516 27.22 -15.49 -19.51
CA VAL D 516 27.03 -16.08 -18.18
C VAL D 516 28.39 -16.22 -17.52
N LYS D 517 28.43 -16.03 -16.20
CA LYS D 517 29.69 -16.12 -15.46
C LYS D 517 30.35 -17.49 -15.67
N HIS D 518 31.66 -17.48 -15.89
CA HIS D 518 32.43 -18.71 -16.14
C HIS D 518 33.85 -18.59 -15.69
N ALA E 2 -10.89 4.64 73.69
CA ALA E 2 -11.53 5.85 74.23
C ALA E 2 -11.32 5.89 75.73
N ASP E 3 -11.28 7.10 76.28
CA ASP E 3 -11.20 7.33 77.72
C ASP E 3 -12.35 8.26 78.10
N VAL E 4 -13.42 7.67 78.60
CA VAL E 4 -14.62 8.40 78.92
C VAL E 4 -14.41 9.12 80.26
N PRO E 5 -14.51 10.45 80.28
CA PRO E 5 -14.33 11.15 81.56
C PRO E 5 -15.26 10.60 82.64
N ALA E 6 -14.77 10.54 83.88
CA ALA E 6 -15.63 10.20 85.01
C ALA E 6 -16.77 11.20 85.04
N GLY E 7 -17.97 10.75 85.37
CA GLY E 7 -19.14 11.61 85.45
C GLY E 7 -20.00 11.63 84.19
N VAL E 8 -19.51 11.04 83.11
CA VAL E 8 -20.24 10.97 81.87
C VAL E 8 -21.05 9.67 81.82
N THR E 9 -22.34 9.79 81.56
CA THR E 9 -23.20 8.64 81.30
C THR E 9 -23.20 8.35 79.80
N LEU E 10 -22.89 7.12 79.44
CA LEU E 10 -22.84 6.73 78.04
C LEU E 10 -24.25 6.40 77.57
N ALA E 11 -24.53 6.68 76.30
CA ALA E 11 -25.79 6.29 75.68
C ALA E 11 -25.78 4.78 75.52
N GLU E 12 -26.98 4.18 75.47
CA GLU E 12 -27.12 2.74 75.26
C GLU E 12 -26.65 2.36 73.86
N LYS E 13 -27.02 3.16 72.86
CA LYS E 13 -26.68 2.88 71.47
C LYS E 13 -25.35 3.59 71.15
N GLN E 14 -24.29 2.82 70.95
CA GLN E 14 -22.97 3.42 70.66
C GLN E 14 -22.66 3.34 69.17
N THR E 15 -23.30 4.23 68.42
CA THR E 15 -23.19 4.25 66.97
C THR E 15 -22.94 5.68 66.50
N LEU E 16 -22.24 5.82 65.39
CA LEU E 16 -21.74 7.11 64.98
C LEU E 16 -21.87 7.24 63.48
N VAL E 17 -22.44 8.35 63.01
CA VAL E 17 -22.51 8.58 61.57
C VAL E 17 -21.76 9.84 61.14
N ARG E 18 -20.82 9.66 60.23
CA ARG E 18 -19.88 10.69 59.82
C ARG E 18 -19.93 10.86 58.33
N ASN E 19 -19.92 12.10 57.85
CA ASN E 19 -19.69 12.31 56.44
C ASN E 19 -18.21 12.30 56.09
N ASN E 20 -17.86 11.51 55.06
CA ASN E 20 -16.48 11.35 54.64
C ASN E 20 -16.09 12.20 53.44
N GLY E 21 -17.06 12.89 52.81
CA GLY E 21 -16.77 13.88 51.78
C GLY E 21 -16.85 13.40 50.33
N SER E 22 -16.58 12.12 50.10
CA SER E 22 -16.74 11.54 48.77
C SER E 22 -16.45 10.04 48.85
N GLU E 23 -16.65 9.34 47.75
CA GLU E 23 -16.44 7.90 47.67
C GLU E 23 -14.95 7.59 47.58
N VAL E 24 -14.48 6.64 48.41
CA VAL E 24 -13.05 6.34 48.52
C VAL E 24 -12.50 5.72 47.23
N GLN E 25 -11.23 5.96 46.95
CA GLN E 25 -10.54 5.32 45.84
C GLN E 25 -10.52 3.82 46.07
N SER E 26 -10.34 3.42 47.32
CA SER E 26 -10.02 2.04 47.67
C SER E 26 -9.99 1.93 49.18
N LEU E 27 -10.15 0.70 49.68
CA LEU E 27 -9.89 0.38 51.09
C LEU E 27 -8.54 -0.33 51.24
N ASP E 28 -7.84 -0.54 50.12
CA ASP E 28 -6.52 -1.16 50.12
C ASP E 28 -5.50 -0.07 50.51
N PRO E 29 -4.78 -0.25 51.63
CA PRO E 29 -3.84 0.78 52.10
C PRO E 29 -2.70 1.16 51.13
N HIS E 30 -2.40 0.32 50.14
CA HIS E 30 -1.37 0.62 49.14
C HIS E 30 -1.96 1.19 47.87
N LYS E 31 -3.27 1.43 47.87
CA LYS E 31 -3.94 2.00 46.70
C LYS E 31 -4.60 3.35 47.00
N ILE E 32 -4.15 4.05 48.04
CA ILE E 32 -4.84 5.25 48.49
C ILE E 32 -3.89 6.42 48.66
N GLU E 33 -4.43 7.62 48.48
CA GLU E 33 -3.66 8.85 48.70
C GLU E 33 -4.42 9.98 49.37
N GLY E 34 -5.72 9.82 49.60
CA GLY E 34 -6.55 10.93 50.07
C GLY E 34 -6.99 10.88 51.52
N VAL E 35 -7.48 12.02 52.00
CA VAL E 35 -8.04 12.15 53.35
C VAL E 35 -9.18 11.16 53.59
N PRO E 36 -10.19 11.11 52.69
CA PRO E 36 -11.32 10.19 52.85
C PRO E 36 -10.87 8.74 53.05
N GLU E 37 -9.95 8.32 52.20
CA GLU E 37 -9.39 6.98 52.26
C GLU E 37 -8.72 6.75 53.60
N SER E 38 -7.95 7.72 54.07
CA SER E 38 -7.19 7.55 55.30
C SER E 38 -8.08 7.43 56.53
N ASN E 39 -9.16 8.22 56.55
CA ASN E 39 -10.13 8.20 57.65
C ASN E 39 -10.66 6.80 57.93
N ILE E 40 -11.09 6.12 56.89
CA ILE E 40 -11.60 4.78 57.03
C ILE E 40 -10.44 3.80 57.31
N SER E 41 -9.29 4.02 56.67
CA SER E 41 -8.16 3.09 56.81
C SER E 41 -7.67 3.04 58.26
N ARG E 42 -7.72 4.18 58.93
CA ARG E 42 -7.31 4.27 60.34
C ARG E 42 -8.21 3.44 61.24
N ASP E 43 -9.47 3.25 60.86
CA ASP E 43 -10.33 2.42 61.67
C ASP E 43 -10.10 0.94 61.38
N LEU E 44 -9.68 0.63 60.15
CA LEU E 44 -9.55 -0.77 59.70
C LEU E 44 -8.18 -1.40 59.88
N PHE E 45 -7.12 -0.63 59.67
CA PHE E 45 -5.77 -1.16 59.75
C PHE E 45 -4.91 -0.33 60.69
N GLU E 46 -4.06 -1.01 61.46
CA GLU E 46 -3.19 -0.33 62.41
C GLU E 46 -1.74 -0.72 62.16
N GLY E 47 -0.89 0.28 62.03
CA GLY E 47 0.54 0.09 61.77
C GLY E 47 1.34 0.03 63.05
N LEU E 48 2.64 0.27 62.95
CA LEU E 48 3.52 0.14 64.10
C LEU E 48 3.18 1.18 65.17
N LEU E 49 2.86 2.39 64.72
CA LEU E 49 2.56 3.52 65.58
C LEU E 49 1.24 4.17 65.18
N VAL E 50 0.62 4.87 66.13
CA VAL E 50 -0.62 5.62 65.88
C VAL E 50 -0.41 7.04 66.38
N SER E 51 -1.29 7.96 65.99
CA SER E 51 -1.35 9.30 66.58
C SER E 51 -2.18 9.29 67.85
N ASP E 52 -1.68 9.86 68.93
CA ASP E 52 -2.49 10.09 70.12
C ASP E 52 -3.41 11.31 69.90
N LEU E 53 -4.16 11.69 70.94
CA LEU E 53 -5.18 12.75 70.79
C LEU E 53 -4.59 14.13 70.48
N ASP E 54 -3.30 14.32 70.75
CA ASP E 54 -2.64 15.58 70.42
C ASP E 54 -1.77 15.43 69.18
N GLY E 55 -1.91 14.31 68.47
CA GLY E 55 -1.19 14.10 67.23
C GLY E 55 0.22 13.57 67.38
N HIS E 56 0.64 13.22 68.60
CA HIS E 56 1.98 12.65 68.80
C HIS E 56 2.00 11.16 68.54
N PRO E 57 3.09 10.67 67.95
CA PRO E 57 3.16 9.23 67.75
C PRO E 57 3.06 8.46 69.06
N ALA E 58 2.26 7.40 69.04
CA ALA E 58 2.03 6.53 70.18
C ALA E 58 2.07 5.05 69.76
N PRO E 59 2.17 4.13 70.71
CA PRO E 59 2.23 2.71 70.37
C PRO E 59 1.01 2.24 69.56
N GLY E 60 1.27 1.53 68.46
CA GLY E 60 0.24 0.83 67.70
C GLY E 60 0.51 -0.63 67.89
N VAL E 61 0.82 -1.33 66.80
CA VAL E 61 1.23 -2.74 66.89
C VAL E 61 2.54 -2.82 67.68
N ALA E 62 3.43 -1.83 67.52
CA ALA E 62 4.66 -1.74 68.31
C ALA E 62 4.39 -1.23 69.73
N GLU E 63 4.77 -2.03 70.72
CA GLU E 63 4.61 -1.61 72.14
C GLU E 63 5.84 -0.81 72.61
N SER E 64 6.98 -1.06 72.00
CA SER E 64 8.18 -0.28 72.29
C SER E 64 9.11 -0.35 71.07
N TRP E 65 10.03 0.60 70.98
CA TRP E 65 11.04 0.61 69.91
C TRP E 65 12.38 1.17 70.32
N ASP E 66 13.36 0.84 69.48
CA ASP E 66 14.74 1.23 69.66
C ASP E 66 15.26 1.89 68.39
N ASN E 67 16.31 2.69 68.52
CA ASN E 67 17.04 3.15 67.34
C ASN E 67 18.51 3.32 67.65
N LYS E 68 19.35 2.97 66.67
CA LYS E 68 20.75 3.27 66.69
C LYS E 68 20.99 4.38 65.69
N ASP E 69 21.40 5.54 66.19
CA ASP E 69 21.76 6.68 65.34
C ASP E 69 20.66 7.08 64.35
N ALA E 70 19.41 6.84 64.71
CA ALA E 70 18.27 7.16 63.86
C ALA E 70 18.37 6.47 62.48
N LYS E 71 19.05 5.34 62.42
CA LYS E 71 19.41 4.69 61.16
C LYS E 71 18.96 3.23 61.17
N VAL E 72 19.14 2.55 62.31
CA VAL E 72 18.55 1.22 62.49
C VAL E 72 17.48 1.29 63.58
N TRP E 73 16.23 1.00 63.18
CA TRP E 73 15.08 1.03 64.10
C TRP E 73 14.53 -0.35 64.32
N THR E 74 14.26 -0.70 65.56
CA THR E 74 13.80 -2.03 65.94
C THR E 74 12.48 -1.88 66.68
N PHE E 75 11.44 -2.54 66.15
CA PHE E 75 10.13 -2.48 66.75
C PHE E 75 9.75 -3.79 67.42
N HIS E 76 9.34 -3.68 68.68
CA HIS E 76 8.93 -4.83 69.47
C HIS E 76 7.44 -4.88 69.44
N LEU E 77 6.93 -5.87 68.71
CA LEU E 77 5.49 -5.98 68.46
C LEU E 77 4.81 -6.61 69.67
N ARG E 78 3.70 -6.02 70.09
CA ARG E 78 2.91 -6.59 71.20
C ARG E 78 2.42 -7.99 70.82
N LYS E 79 2.44 -8.90 71.79
CA LYS E 79 2.22 -10.32 71.51
C LYS E 79 0.76 -10.67 71.24
N ASP E 80 -0.14 -9.76 71.60
CA ASP E 80 -1.57 -10.03 71.44
C ASP E 80 -2.18 -9.25 70.28
N ALA E 81 -1.35 -8.71 69.39
CA ALA E 81 -1.85 -8.05 68.20
C ALA E 81 -2.43 -9.13 67.29
N LYS E 82 -3.66 -8.93 66.84
CA LYS E 82 -4.38 -9.96 66.08
C LYS E 82 -5.12 -9.39 64.90
N TRP E 83 -5.19 -10.19 63.85
CA TRP E 83 -6.11 -9.95 62.73
C TRP E 83 -7.53 -10.34 63.10
N SER E 84 -8.49 -9.86 62.32
CA SER E 84 -9.92 -10.16 62.53
C SER E 84 -10.32 -11.63 62.40
N ASP E 85 -9.48 -12.42 61.73
CA ASP E 85 -9.68 -13.87 61.62
C ASP E 85 -9.00 -14.61 62.78
N GLY E 86 -8.53 -13.87 63.78
CA GLY E 86 -7.92 -14.47 64.96
C GLY E 86 -6.44 -14.80 64.87
N THR E 87 -5.83 -14.62 63.70
CA THR E 87 -4.41 -14.93 63.55
C THR E 87 -3.52 -13.79 64.09
N PRO E 88 -2.30 -14.12 64.53
CA PRO E 88 -1.42 -13.06 65.04
C PRO E 88 -0.87 -12.14 63.95
N VAL E 89 -0.77 -10.85 64.27
CA VAL E 89 -0.02 -9.92 63.46
C VAL E 89 1.46 -10.11 63.79
N THR E 90 2.28 -10.31 62.76
CA THR E 90 3.69 -10.62 63.00
C THR E 90 4.59 -9.62 62.26
N ALA E 91 5.88 -9.66 62.59
CA ALA E 91 6.86 -8.88 61.86
C ALA E 91 6.84 -9.24 60.37
N GLN E 92 6.65 -10.52 60.05
CA GLN E 92 6.58 -10.96 58.65
C GLN E 92 5.47 -10.23 57.89
N ASP E 93 4.34 -9.96 58.56
CA ASP E 93 3.25 -9.20 57.94
C ASP E 93 3.77 -7.85 57.50
N PHE E 94 4.61 -7.21 58.30
CA PHE E 94 5.09 -5.87 57.93
C PHE E 94 6.11 -5.96 56.81
N VAL E 95 6.93 -7.00 56.85
CA VAL E 95 7.91 -7.23 55.81
C VAL E 95 7.24 -7.39 54.47
N TYR E 96 6.19 -8.23 54.41
CA TYR E 96 5.42 -8.45 53.20
C TYR E 96 4.75 -7.16 52.72
N SER E 97 4.17 -6.43 53.65
CA SER E 97 3.35 -5.25 53.31
C SER E 97 4.18 -4.10 52.76
N TRP E 98 5.28 -3.80 53.44
CA TRP E 98 6.19 -2.73 52.98
C TRP E 98 6.80 -3.07 51.63
N GLN E 99 7.18 -4.34 51.44
CA GLN E 99 7.62 -4.83 50.13
C GLN E 99 6.57 -4.61 49.03
N ARG E 100 5.30 -4.83 49.36
CA ARG E 100 4.21 -4.65 48.40
C ARG E 100 4.01 -3.16 48.10
N SER E 101 4.17 -2.33 49.13
N SER E 101 4.16 -2.32 49.11
CA SER E 101 4.01 -0.89 49.01
CA SER E 101 3.99 -0.87 48.95
C SER E 101 5.03 -0.24 48.06
C SER E 101 4.98 -0.32 47.92
N VAL E 102 6.21 -0.85 47.91
CA VAL E 102 7.25 -0.33 47.02
C VAL E 102 7.35 -1.06 45.68
N ASP E 103 6.61 -2.15 45.52
CA ASP E 103 6.68 -2.99 44.33
C ASP E 103 6.04 -2.23 43.17
N PRO E 104 6.78 -2.03 42.07
CA PRO E 104 6.22 -1.35 40.91
C PRO E 104 4.93 -1.98 40.43
N ASN E 105 4.81 -3.29 40.56
CA ASN E 105 3.58 -4.02 40.20
C ASN E 105 2.36 -3.55 40.99
N THR E 106 2.54 -3.05 42.22
CA THR E 106 1.41 -2.51 43.00
C THR E 106 0.99 -1.11 42.51
N ALA E 107 1.93 -0.40 41.91
CA ALA E 107 1.68 0.95 41.40
C ALA E 107 1.00 1.82 42.44
N SER E 108 1.51 1.79 43.68
CA SER E 108 0.94 2.58 44.75
C SER E 108 1.21 4.07 44.52
N PRO E 109 0.18 4.90 44.66
CA PRO E 109 0.42 6.33 44.70
C PRO E 109 1.31 6.78 45.89
N TYR E 110 1.36 5.99 46.97
CA TYR E 110 2.28 6.20 48.08
C TYR E 110 3.57 5.33 48.05
N ALA E 111 3.92 4.83 46.87
CA ALA E 111 5.14 4.02 46.69
C ALA E 111 6.37 4.76 47.24
N SER E 112 6.44 6.07 47.04
CA SER E 112 7.61 6.85 47.47
C SER E 112 7.67 7.14 48.99
N TYR E 113 6.61 6.82 49.71
CA TYR E 113 6.47 7.27 51.09
C TYR E 113 7.57 6.73 51.97
N LEU E 114 7.86 5.44 51.88
CA LEU E 114 8.96 4.87 52.65
C LEU E 114 10.32 5.33 52.14
N GLN E 115 10.39 5.84 50.91
CA GLN E 115 11.63 6.45 50.43
C GLN E 115 11.87 7.81 51.09
N TYR E 116 10.79 8.49 51.51
CA TYR E 116 10.89 9.69 52.34
C TYR E 116 11.63 9.34 53.64
N GLY E 117 11.51 8.08 54.07
CA GLY E 117 12.26 7.56 55.22
C GLY E 117 13.62 6.94 54.92
N HIS E 118 13.94 6.72 53.66
CA HIS E 118 15.25 6.24 53.20
C HIS E 118 15.62 4.86 53.67
N ILE E 119 14.65 3.96 53.61
CA ILE E 119 14.88 2.57 53.93
C ILE E 119 15.91 2.03 52.94
N ALA E 120 16.88 1.28 53.43
CA ALA E 120 17.97 0.79 52.58
C ALA E 120 17.45 0.03 51.36
N GLY E 121 18.09 0.26 50.22
CA GLY E 121 17.77 -0.43 48.97
C GLY E 121 16.56 0.09 48.19
N ILE E 122 15.82 1.04 48.77
CA ILE E 122 14.52 1.41 48.19
C ILE E 122 14.59 2.11 46.82
N ASP E 123 15.64 2.87 46.57
CA ASP E 123 15.70 3.72 45.38
C ASP E 123 15.67 2.88 44.10
N GLU E 124 16.53 1.86 44.05
CA GLU E 124 16.57 0.96 42.91
C GLU E 124 15.33 0.07 42.82
N ILE E 125 14.70 -0.24 43.96
CA ILE E 125 13.55 -1.15 43.98
C ILE E 125 12.38 -0.44 43.36
N LEU E 126 12.23 0.82 43.69
CA LEU E 126 11.17 1.63 43.13
C LEU E 126 11.34 1.75 41.62
N GLU E 127 12.58 1.86 41.17
CA GLU E 127 12.90 1.94 39.74
C GLU E 127 12.84 0.59 39.02
N GLY E 128 12.63 -0.49 39.77
CA GLY E 128 12.51 -1.82 39.18
C GLY E 128 13.85 -2.48 38.88
N LYS E 129 14.93 -1.92 39.41
CA LYS E 129 16.26 -2.47 39.14
C LYS E 129 16.71 -3.52 40.17
N LYS E 130 16.03 -3.57 41.31
CA LYS E 130 16.29 -4.60 42.30
C LYS E 130 14.97 -5.17 42.83
N PRO E 131 14.97 -6.42 43.30
CA PRO E 131 13.77 -7.07 43.77
C PRO E 131 13.30 -6.50 45.11
N ILE E 132 12.00 -6.63 45.37
CA ILE E 132 11.40 -6.08 46.57
C ILE E 132 11.96 -6.68 47.85
N THR E 133 12.49 -7.90 47.79
CA THR E 133 13.05 -8.56 48.95
C THR E 133 14.42 -7.99 49.39
N ASP E 134 15.03 -7.16 48.55
CA ASP E 134 16.23 -6.43 48.97
C ASP E 134 15.88 -5.23 49.91
N LEU E 135 14.61 -4.93 50.14
CA LEU E 135 14.25 -3.76 50.97
C LEU E 135 14.81 -3.97 52.39
N GLY E 136 15.30 -2.90 53.00
CA GLY E 136 15.94 -3.01 54.32
C GLY E 136 15.01 -3.15 55.52
N VAL E 137 14.08 -4.10 55.42
N VAL E 137 14.07 -4.10 55.44
CA VAL E 137 13.14 -4.43 56.48
CA VAL E 137 13.13 -4.39 56.52
C VAL E 137 13.22 -5.93 56.69
C VAL E 137 13.11 -5.91 56.71
N LYS E 138 13.35 -6.35 57.94
CA LYS E 138 13.48 -7.78 58.25
C LYS E 138 12.80 -8.14 59.57
N ALA E 139 12.16 -9.31 59.58
CA ALA E 139 11.58 -9.88 60.78
C ALA E 139 12.68 -10.61 61.52
N ILE E 140 13.16 -10.03 62.61
CA ILE E 140 14.15 -10.69 63.45
C ILE E 140 13.46 -11.94 64.02
N ASP E 141 12.24 -11.78 64.48
CA ASP E 141 11.41 -12.92 64.84
C ASP E 141 9.94 -12.52 64.69
N ASP E 142 9.01 -13.35 65.17
CA ASP E 142 7.56 -13.08 65.05
C ASP E 142 7.17 -11.69 65.54
N HIS E 143 7.91 -11.18 66.54
CA HIS E 143 7.51 -9.97 67.25
C HIS E 143 8.56 -8.91 67.24
N THR E 144 9.49 -9.00 66.29
CA THR E 144 10.58 -8.06 66.24
C THR E 144 10.87 -7.72 64.79
N LEU E 145 10.60 -6.46 64.44
CA LEU E 145 10.87 -5.90 63.13
C LEU E 145 12.05 -4.92 63.18
N GLU E 146 13.08 -5.19 62.39
CA GLU E 146 14.23 -4.31 62.28
C GLU E 146 14.20 -3.61 60.93
N VAL E 147 14.24 -2.29 60.95
CA VAL E 147 14.27 -1.47 59.75
C VAL E 147 15.64 -0.79 59.65
N THR E 148 16.34 -0.97 58.54
CA THR E 148 17.66 -0.33 58.31
C THR E 148 17.50 0.75 57.23
N LEU E 149 17.94 1.97 57.56
CA LEU E 149 17.90 3.05 56.62
C LEU E 149 19.29 3.31 56.03
N SER E 150 19.37 4.03 54.90
CA SER E 150 20.64 4.37 54.23
C SER E 150 21.37 5.54 54.90
N GLU E 151 20.67 6.26 55.77
CA GLU E 151 21.26 7.35 56.54
C GLU E 151 20.36 7.68 57.74
N PRO E 152 20.88 8.43 58.73
CA PRO E 152 20.03 8.85 59.86
C PRO E 152 18.81 9.67 59.41
N VAL E 153 17.62 9.29 59.87
CA VAL E 153 16.42 10.10 59.67
C VAL E 153 15.73 10.25 61.03
N PRO E 154 16.05 11.36 61.76
CA PRO E 154 15.55 11.49 63.13
C PRO E 154 14.04 11.39 63.28
N TYR E 155 13.31 11.70 62.21
CA TYR E 155 11.84 11.71 62.26
C TYR E 155 11.21 10.51 61.57
N PHE E 156 12.00 9.46 61.30
CA PHE E 156 11.47 8.27 60.63
C PHE E 156 10.21 7.73 61.31
N TYR E 157 10.26 7.65 62.66
CA TYR E 157 9.15 7.10 63.44
C TYR E 157 7.82 7.82 63.21
N LYS E 158 7.89 9.11 62.95
CA LYS E 158 6.69 9.90 62.71
C LYS E 158 5.98 9.44 61.43
N LEU E 159 6.72 8.92 60.46
CA LEU E 159 6.09 8.41 59.25
C LEU E 159 5.12 7.26 59.53
N LEU E 160 5.37 6.52 60.59
CA LEU E 160 4.81 5.16 60.66
C LEU E 160 3.37 5.09 61.14
N VAL E 161 2.76 6.25 61.37
CA VAL E 161 1.33 6.35 61.64
C VAL E 161 0.47 6.35 60.36
N HIS E 162 1.10 6.56 59.20
CA HIS E 162 0.35 6.71 57.96
C HIS E 162 -0.17 5.38 57.49
N PRO E 163 -1.42 5.34 57.03
CA PRO E 163 -2.08 4.12 56.56
C PRO E 163 -1.34 3.30 55.51
N SER E 164 -0.56 3.93 54.63
CA SER E 164 0.26 3.19 53.65
C SER E 164 1.33 2.29 54.28
N THR E 165 1.63 2.53 55.56
CA THR E 165 2.59 1.73 56.29
C THR E 165 1.92 0.63 57.18
N SER E 166 0.59 0.52 57.09
CA SER E 166 -0.16 -0.49 57.83
C SER E 166 0.09 -1.87 57.20
N PRO E 167 -0.06 -2.92 58.00
CA PRO E 167 0.12 -4.26 57.45
C PRO E 167 -1.14 -4.68 56.69
N VAL E 168 -0.97 -5.56 55.72
CA VAL E 168 -2.10 -6.09 54.93
C VAL E 168 -1.98 -7.62 54.83
N PRO E 169 -3.15 -8.30 54.68
CA PRO E 169 -3.20 -9.75 54.69
C PRO E 169 -2.87 -10.41 53.33
N LYS E 170 -1.71 -11.07 53.26
CA LYS E 170 -1.25 -11.68 52.02
C LYS E 170 -2.29 -12.65 51.46
N ALA E 171 -2.81 -13.53 52.32
CA ALA E 171 -3.67 -14.64 51.86
C ALA E 171 -4.90 -14.10 51.14
N ALA E 172 -5.53 -13.07 51.72
CA ALA E 172 -6.70 -12.45 51.16
C ALA E 172 -6.34 -11.80 49.85
N ILE E 173 -5.25 -11.06 49.84
CA ILE E 173 -4.83 -10.31 48.65
C ILE E 173 -4.58 -11.21 47.44
N GLU E 174 -3.93 -12.35 47.68
CA GLU E 174 -3.57 -13.30 46.64
C GLU E 174 -4.77 -14.14 46.18
N LYS E 175 -5.65 -14.51 47.10
CA LYS E 175 -6.87 -15.22 46.73
C LYS E 175 -7.86 -14.33 45.97
N PHE E 176 -8.06 -13.09 46.44
CA PHE E 176 -9.14 -12.24 45.93
C PHE E 176 -8.74 -11.06 45.05
N GLY E 177 -7.44 -10.76 44.97
CA GLY E 177 -6.99 -9.61 44.19
C GLY E 177 -7.68 -8.35 44.69
N GLU E 178 -8.18 -7.53 43.78
CA GLU E 178 -8.78 -6.25 44.18
C GLU E 178 -10.07 -6.43 45.02
N LYS E 179 -10.68 -7.61 44.98
CA LYS E 179 -11.84 -7.87 45.82
C LYS E 179 -11.50 -8.27 47.25
N TRP E 180 -10.21 -8.25 47.62
CA TRP E 180 -9.86 -8.63 48.99
C TRP E 180 -10.46 -7.73 50.04
N THR E 181 -10.81 -6.49 49.69
CA THR E 181 -11.40 -5.56 50.64
C THR E 181 -12.94 -5.61 50.77
N GLN E 182 -13.60 -6.56 50.11
CA GLN E 182 -15.06 -6.69 50.24
C GLN E 182 -15.45 -7.26 51.60
N PRO E 183 -16.64 -6.90 52.11
CA PRO E 183 -17.07 -7.38 53.41
C PRO E 183 -16.83 -8.87 53.70
N GLY E 184 -17.02 -9.73 52.74
CA GLY E 184 -16.79 -11.15 53.01
C GLY E 184 -15.33 -11.57 53.00
N ASN E 185 -14.48 -10.81 52.33
CA ASN E 185 -13.11 -11.21 52.07
C ASN E 185 -12.07 -10.53 52.96
N ILE E 186 -12.32 -9.28 53.35
CA ILE E 186 -11.36 -8.47 54.09
C ILE E 186 -10.94 -9.07 55.42
N VAL E 187 -9.66 -8.94 55.74
CA VAL E 187 -9.14 -9.26 57.07
C VAL E 187 -8.43 -8.02 57.58
N THR E 188 -8.68 -7.65 58.82
CA THR E 188 -8.28 -6.34 59.33
C THR E 188 -7.64 -6.45 60.73
N ASN E 189 -6.88 -5.42 61.12
CA ASN E 189 -6.23 -5.41 62.43
C ASN E 189 -6.41 -4.11 63.22
N GLY E 190 -7.24 -3.20 62.71
CA GLY E 190 -7.62 -2.00 63.46
C GLY E 190 -8.78 -2.31 64.41
N ALA E 191 -9.30 -1.26 65.05
CA ALA E 191 -10.36 -1.45 66.06
C ALA E 191 -11.68 -1.89 65.42
N TYR E 192 -11.77 -1.78 64.09
CA TYR E 192 -13.00 -2.11 63.38
C TYR E 192 -12.71 -3.04 62.22
N THR E 193 -13.74 -3.74 61.74
CA THR E 193 -13.67 -4.39 60.45
C THR E 193 -14.85 -3.88 59.61
N LEU E 194 -14.92 -4.27 58.35
CA LEU E 194 -15.91 -3.75 57.41
C LEU E 194 -17.19 -4.59 57.46
N LYS E 195 -18.32 -3.95 57.73
CA LYS E 195 -19.63 -4.65 57.74
C LYS E 195 -20.30 -4.56 56.38
N ASP E 196 -20.39 -3.36 55.84
CA ASP E 196 -21.03 -3.15 54.54
C ASP E 196 -20.38 -2.02 53.77
N TRP E 197 -20.51 -2.09 52.44
CA TRP E 197 -19.95 -1.08 51.55
C TRP E 197 -20.84 -0.98 50.33
N VAL E 198 -21.64 0.08 50.28
CA VAL E 198 -22.49 0.35 49.12
C VAL E 198 -21.89 1.59 48.47
N VAL E 199 -21.42 1.43 47.24
CA VAL E 199 -20.68 2.50 46.55
C VAL E 199 -21.61 3.68 46.38
N ASN E 200 -21.10 4.87 46.70
CA ASN E 200 -21.87 6.13 46.66
C ASN E 200 -22.99 6.24 47.69
N GLU E 201 -23.00 5.36 48.68
CA GLU E 201 -24.04 5.47 49.71
C GLU E 201 -23.50 5.42 51.14
N ARG E 202 -22.79 4.36 51.49
CA ARG E 202 -22.24 4.25 52.85
C ARG E 202 -21.20 3.16 52.96
N ILE E 203 -20.31 3.36 53.92
CA ILE E 203 -19.45 2.32 54.41
C ILE E 203 -19.79 2.17 55.89
N VAL E 204 -19.97 0.93 56.31
CA VAL E 204 -20.34 0.63 57.69
C VAL E 204 -19.30 -0.29 58.28
N LEU E 205 -18.70 0.13 59.39
CA LEU E 205 -17.68 -0.64 60.08
C LEU E 205 -18.19 -1.08 61.44
N GLU E 206 -17.79 -2.27 61.86
CA GLU E 206 -18.19 -2.74 63.17
C GLU E 206 -16.95 -3.09 63.99
N ARG E 207 -17.09 -2.85 65.29
CA ARG E 207 -16.07 -3.06 66.30
C ARG E 207 -15.55 -4.49 66.25
N SER E 208 -14.24 -4.65 66.32
CA SER E 208 -13.63 -5.95 66.12
C SER E 208 -13.13 -6.49 67.44
N PRO E 209 -13.80 -7.51 68.01
CA PRO E 209 -13.37 -8.00 69.33
C PRO E 209 -11.97 -8.63 69.34
N THR E 210 -11.40 -8.93 68.17
CA THR E 210 -10.03 -9.43 68.10
C THR E 210 -8.97 -8.32 68.24
N TYR E 211 -9.39 -7.05 68.11
CA TYR E 211 -8.46 -5.95 68.22
C TYR E 211 -7.83 -5.92 69.62
N TRP E 212 -6.49 -5.89 69.68
CA TRP E 212 -5.79 -6.01 70.97
C TRP E 212 -6.24 -5.02 72.01
N ASN E 213 -6.63 -3.83 71.60
CA ASN E 213 -7.11 -2.82 72.55
C ASN E 213 -8.63 -2.61 72.50
N ASN E 214 -9.37 -3.65 72.09
CA ASN E 214 -10.83 -3.61 72.03
C ASN E 214 -11.49 -3.27 73.37
N ALA E 215 -10.83 -3.62 74.49
CA ALA E 215 -11.35 -3.29 75.81
C ALA E 215 -11.58 -1.80 75.99
N LYS E 216 -10.84 -0.96 75.27
CA LYS E 216 -10.98 0.50 75.44
C LYS E 216 -11.91 1.14 74.40
N THR E 217 -12.26 0.38 73.37
CA THR E 217 -13.16 0.85 72.32
C THR E 217 -14.56 0.99 72.90
N VAL E 218 -15.29 2.03 72.51
CA VAL E 218 -16.66 2.26 72.97
C VAL E 218 -17.69 2.19 71.83
N ILE E 219 -17.45 2.89 70.74
CA ILE E 219 -18.35 2.87 69.58
C ILE E 219 -18.37 1.48 68.94
N ASN E 220 -19.58 0.95 68.79
CA ASN E 220 -19.80 -0.38 68.23
C ASN E 220 -19.95 -0.40 66.71
N GLN E 221 -20.41 0.71 66.15
CA GLN E 221 -20.63 0.83 64.70
C GLN E 221 -20.44 2.28 64.28
N VAL E 222 -19.60 2.52 63.27
CA VAL E 222 -19.49 3.83 62.64
C VAL E 222 -19.86 3.74 61.17
N THR E 223 -20.63 4.72 60.70
CA THR E 223 -20.99 4.79 59.29
C THR E 223 -20.35 6.02 58.70
N TYR E 224 -19.73 5.81 57.53
CA TYR E 224 -19.12 6.87 56.74
C TYR E 224 -19.92 7.09 55.45
N LEU E 225 -20.35 8.32 55.21
CA LEU E 225 -21.11 8.66 54.01
C LEU E 225 -20.18 9.36 53.02
N PRO E 226 -20.53 9.35 51.72
CA PRO E 226 -19.67 9.87 50.66
C PRO E 226 -20.24 11.13 50.03
N ILE E 227 -20.79 12.01 50.85
CA ILE E 227 -21.53 13.17 50.35
C ILE E 227 -20.56 14.28 49.96
N ALA E 228 -20.51 14.62 48.67
CA ALA E 228 -19.58 15.62 48.17
C ALA E 228 -20.09 17.06 48.37
N SER E 229 -21.40 17.24 48.42
CA SER E 229 -22.01 18.53 48.66
C SER E 229 -21.90 18.91 50.13
N GLU E 230 -21.17 19.99 50.42
CA GLU E 230 -21.08 20.52 51.78
C GLU E 230 -22.45 20.99 52.26
N VAL E 231 -23.27 21.47 51.34
CA VAL E 231 -24.61 21.96 51.67
C VAL E 231 -25.52 20.80 52.11
N THR E 232 -25.47 19.68 51.37
CA THR E 232 -26.22 18.47 51.73
C THR E 232 -25.74 17.85 53.06
N ASP E 233 -24.42 17.80 53.23
CA ASP E 233 -23.77 17.32 54.46
C ASP E 233 -24.39 18.07 55.63
N VAL E 234 -24.33 19.40 55.58
CA VAL E 234 -24.86 20.21 56.67
C VAL E 234 -26.36 19.96 56.85
N ASN E 235 -27.09 19.89 55.75
CA ASN E 235 -28.53 19.62 55.81
C ASN E 235 -28.87 18.35 56.55
N ARG E 236 -28.16 17.28 56.24
CA ARG E 236 -28.41 16.01 56.90
C ARG E 236 -27.93 16.00 58.34
N TYR E 237 -26.89 16.80 58.63
CA TYR E 237 -26.49 17.06 60.01
C TYR E 237 -27.62 17.76 60.77
N ARG E 238 -28.16 18.84 60.20
CA ARG E 238 -29.23 19.59 60.86
C ARG E 238 -30.51 18.77 61.05
N SER E 239 -30.80 17.88 60.11
CA SER E 239 -32.01 17.06 60.16
C SER E 239 -31.84 15.85 61.10
N GLY E 240 -30.61 15.62 61.58
CA GLY E 240 -30.37 14.57 62.59
C GLY E 240 -29.77 13.27 62.08
N GLU E 241 -29.56 13.16 60.77
CA GLU E 241 -28.93 11.94 60.21
C GLU E 241 -27.44 11.84 60.49
N ILE E 242 -26.72 12.96 60.47
CA ILE E 242 -25.26 12.94 60.56
C ILE E 242 -24.79 13.49 61.90
N ASP E 243 -23.89 12.74 62.56
CA ASP E 243 -23.34 13.15 63.85
C ASP E 243 -22.16 14.10 63.72
N MET E 244 -21.35 13.89 62.69
CA MET E 244 -20.19 14.72 62.42
C MET E 244 -20.09 14.97 60.93
N THR E 245 -20.08 16.24 60.53
CA THR E 245 -19.89 16.56 59.13
C THR E 245 -18.46 16.26 58.72
N ASN E 246 -18.22 16.22 57.41
CA ASN E 246 -16.88 16.32 56.89
C ASN E 246 -16.37 17.74 57.21
N ASN E 247 -15.05 17.90 57.27
CA ASN E 247 -14.45 19.22 57.57
C ASN E 247 -14.25 20.08 56.32
N SER E 248 -15.34 20.28 55.60
CA SER E 248 -15.41 21.23 54.51
C SER E 248 -16.73 21.95 54.70
N MET E 249 -16.66 23.24 55.00
CA MET E 249 -17.86 24.00 55.28
C MET E 249 -18.36 24.69 54.03
N PRO E 250 -19.70 24.75 53.87
CA PRO E 250 -20.28 25.60 52.83
C PRO E 250 -20.13 27.08 53.21
N ILE E 251 -19.71 27.88 52.24
CA ILE E 251 -19.26 29.24 52.49
C ILE E 251 -20.37 30.12 53.03
N GLU E 252 -21.53 29.99 52.41
CA GLU E 252 -22.69 30.83 52.69
C GLU E 252 -23.44 30.42 53.96
N LEU E 253 -23.28 29.17 54.42
CA LEU E 253 -24.01 28.68 55.59
C LEU E 253 -23.22 28.85 56.89
N PHE E 254 -21.92 29.14 56.82
CA PHE E 254 -21.06 29.04 58.00
C PHE E 254 -21.36 30.05 59.10
N GLN E 255 -21.64 31.28 58.70
CA GLN E 255 -21.95 32.35 59.64
C GLN E 255 -23.23 31.98 60.39
N LYS E 256 -24.24 31.61 59.62
CA LYS E 256 -25.54 31.19 60.15
C LYS E 256 -25.37 30.08 61.18
N LEU E 257 -24.59 29.05 60.83
CA LEU E 257 -24.36 27.92 61.70
C LEU E 257 -23.66 28.36 62.97
N LYS E 258 -22.65 29.21 62.82
CA LYS E 258 -21.88 29.67 63.98
C LYS E 258 -22.76 30.46 64.95
N LYS E 259 -23.63 31.30 64.41
CA LYS E 259 -24.59 32.05 65.24
C LYS E 259 -25.58 31.13 65.93
N GLU E 260 -26.12 30.15 65.21
CA GLU E 260 -27.25 29.36 65.70
C GLU E 260 -26.86 28.18 66.60
N ILE E 261 -25.76 27.50 66.27
CA ILE E 261 -25.29 26.35 67.06
C ILE E 261 -23.77 26.43 67.35
N PRO E 262 -23.35 27.54 67.98
CA PRO E 262 -21.92 27.81 68.18
C PRO E 262 -21.14 26.69 68.86
N ASP E 263 -21.74 26.00 69.82
CA ASP E 263 -21.03 24.95 70.56
C ASP E 263 -20.72 23.73 69.70
N GLU E 264 -21.49 23.55 68.64
CA GLU E 264 -21.30 22.44 67.72
C GLU E 264 -20.34 22.80 66.59
N VAL E 265 -20.00 24.09 66.47
CA VAL E 265 -19.06 24.51 65.45
C VAL E 265 -17.61 24.45 65.95
N HIS E 266 -16.86 23.47 65.46
CA HIS E 266 -15.47 23.25 65.84
C HIS E 266 -14.51 23.70 64.77
N VAL E 267 -13.57 24.56 65.16
CA VAL E 267 -12.53 25.04 64.23
C VAL E 267 -11.18 24.96 64.93
N ASP E 268 -10.27 24.22 64.32
CA ASP E 268 -8.95 24.01 64.91
C ASP E 268 -7.89 24.12 63.82
N PRO E 269 -6.63 24.34 64.22
CA PRO E 269 -5.60 24.44 63.19
C PRO E 269 -5.50 23.14 62.37
N TYR E 270 -5.12 23.27 61.10
CA TYR E 270 -5.04 22.15 60.16
C TYR E 270 -3.85 22.34 59.23
N LEU E 271 -2.93 21.37 59.21
CA LEU E 271 -1.70 21.53 58.42
C LEU E 271 -1.91 21.10 56.96
N CYS E 272 -2.63 21.94 56.25
CA CYS E 272 -2.99 21.70 54.86
C CYS E 272 -3.02 23.00 54.11
N THR E 273 -2.71 22.91 52.83
CA THR E 273 -2.66 24.06 51.96
C THR E 273 -3.57 23.86 50.77
N TYR E 274 -4.38 24.89 50.50
CA TYR E 274 -5.27 24.92 49.35
C TYR E 274 -4.55 25.68 48.25
N TYR E 275 -4.41 25.05 47.10
CA TYR E 275 -3.72 25.68 45.97
C TYR E 275 -4.26 25.24 44.61
N TYR E 276 -3.80 25.92 43.57
CA TYR E 276 -4.08 25.48 42.21
C TYR E 276 -2.78 24.92 41.68
N GLU E 277 -2.79 23.61 41.53
CA GLU E 277 -1.66 22.85 41.01
C GLU E 277 -1.58 23.05 39.50
N ILE E 278 -0.40 23.41 39.01
CA ILE E 278 -0.20 23.59 37.57
C ILE E 278 0.48 22.31 37.11
N ASN E 279 0.05 21.78 35.96
CA ASN E 279 0.73 20.63 35.36
C ASN E 279 2.00 21.12 34.68
N ASN E 280 3.12 21.05 35.40
CA ASN E 280 4.40 21.62 34.91
C ASN E 280 4.94 21.06 33.59
N GLN E 281 4.40 19.94 33.12
CA GLN E 281 4.81 19.37 31.84
C GLN E 281 3.80 19.55 30.73
N LYS E 282 2.67 20.22 30.99
CA LYS E 282 1.72 20.47 29.92
C LYS E 282 1.92 21.86 29.33
N PRO E 283 2.37 21.93 28.06
CA PRO E 283 2.49 23.27 27.47
C PRO E 283 1.15 24.00 27.50
N PRO E 284 1.17 25.33 27.72
CA PRO E 284 2.33 26.20 27.88
C PRO E 284 2.84 26.32 29.31
N PHE E 285 2.43 25.41 30.20
CA PHE E 285 2.77 25.54 31.61
C PHE E 285 4.13 24.94 31.94
N ASN E 286 4.81 24.42 30.90
CA ASN E 286 6.25 24.17 30.98
C ASN E 286 7.04 25.47 30.94
N ASP E 287 6.38 26.60 30.67
CA ASP E 287 7.02 27.92 30.69
C ASP E 287 6.84 28.58 32.07
N VAL E 288 7.96 28.77 32.79
CA VAL E 288 7.94 29.37 34.13
C VAL E 288 7.30 30.75 34.13
N ARG E 289 7.45 31.49 33.05
CA ARG E 289 6.83 32.81 32.94
C ARG E 289 5.30 32.74 32.95
N VAL E 290 4.73 31.77 32.24
CA VAL E 290 3.29 31.54 32.26
C VAL E 290 2.82 31.10 33.65
N ARG E 291 3.52 30.15 34.27
CA ARG E 291 3.18 29.69 35.63
C ARG E 291 3.21 30.84 36.64
N THR E 292 4.22 31.71 36.51
CA THR E 292 4.40 32.83 37.42
C THR E 292 3.27 33.85 37.22
N ALA E 293 2.89 34.09 35.97
CA ALA E 293 1.72 34.92 35.65
C ALA E 293 0.45 34.45 36.37
N LEU E 294 0.23 33.14 36.36
CA LEU E 294 -0.93 32.55 37.00
C LEU E 294 -0.84 32.67 38.52
N LYS E 295 0.36 32.47 39.07
CA LYS E 295 0.59 32.60 40.51
C LYS E 295 0.28 34.04 40.98
N LEU E 296 0.76 35.03 40.23
CA LEU E 296 0.63 36.45 40.60
C LEU E 296 -0.78 37.00 40.38
N GLY E 297 -1.45 36.54 39.32
CA GLY E 297 -2.77 37.06 38.94
C GLY E 297 -3.90 36.66 39.88
N MET E 298 -3.72 35.54 40.58
CA MET E 298 -4.66 35.10 41.60
C MET E 298 -4.66 36.12 42.72
N ASP E 299 -5.86 36.57 43.12
CA ASP E 299 -6.00 37.55 44.21
C ASP E 299 -6.47 36.81 45.48
N ARG E 300 -5.48 36.43 46.29
CA ARG E 300 -5.70 35.64 47.52
C ARG E 300 -6.61 36.32 48.53
N ASP E 301 -6.53 37.65 48.60
CA ASP E 301 -7.33 38.45 49.52
C ASP E 301 -8.81 38.21 49.24
N ILE E 302 -9.21 38.35 47.98
CA ILE E 302 -10.60 38.20 47.57
C ILE E 302 -11.10 36.80 47.86
N ILE E 303 -10.24 35.80 47.65
CA ILE E 303 -10.63 34.43 47.92
C ILE E 303 -10.71 34.15 49.43
N VAL E 304 -9.69 34.54 50.19
CA VAL E 304 -9.72 34.33 51.66
C VAL E 304 -10.86 35.07 52.37
N ASN E 305 -11.21 36.25 51.83
CA ASN E 305 -12.33 37.05 52.37
C ASN E 305 -13.69 36.36 52.22
N LYS E 306 -13.81 35.42 51.29
CA LYS E 306 -15.01 34.59 51.15
C LYS E 306 -15.12 33.51 52.24
N VAL E 307 -13.97 33.09 52.78
CA VAL E 307 -13.94 32.15 53.91
C VAL E 307 -13.39 32.79 55.19
N LYS E 308 -13.39 34.13 55.24
CA LYS E 308 -12.77 34.89 56.34
C LYS E 308 -13.25 34.50 57.75
N ALA E 309 -14.54 34.16 57.89
CA ALA E 309 -15.10 33.87 59.21
C ALA E 309 -14.54 32.58 59.82
N GLN E 310 -14.09 31.65 58.96
CA GLN E 310 -13.48 30.39 59.38
C GLN E 310 -12.02 30.55 59.84
N GLY E 311 -11.40 31.66 59.47
CA GLY E 311 -10.06 32.02 59.94
C GLY E 311 -8.92 31.57 59.04
N ASN E 312 -9.19 31.44 57.74
CA ASN E 312 -8.15 31.03 56.80
C ASN E 312 -7.16 32.17 56.54
N MET E 313 -5.89 31.81 56.42
CA MET E 313 -4.84 32.77 56.10
C MET E 313 -4.39 32.56 54.66
N PRO E 314 -4.17 33.67 53.93
CA PRO E 314 -3.73 33.57 52.54
C PRO E 314 -2.33 32.98 52.44
N ALA E 315 -2.11 32.18 51.40
CA ALA E 315 -0.90 31.37 51.28
C ALA E 315 0.13 31.93 50.30
N TYR E 316 1.40 31.87 50.71
CA TYR E 316 2.52 32.33 49.89
C TYR E 316 3.45 31.19 49.50
N GLY E 317 3.13 29.98 49.92
CA GLY E 317 3.91 28.82 49.56
C GLY E 317 3.12 27.55 49.74
N TYR E 318 3.86 26.44 49.74
CA TYR E 318 3.30 25.11 49.80
C TYR E 318 3.25 24.58 51.25
N THR E 319 4.42 24.35 51.86
CA THR E 319 4.48 24.00 53.29
C THR E 319 3.74 25.02 54.14
N PRO E 320 2.77 24.57 54.96
CA PRO E 320 2.18 25.53 55.88
C PRO E 320 3.22 26.04 56.92
N PRO E 321 3.23 27.35 57.19
CA PRO E 321 4.24 27.93 58.07
C PRO E 321 4.21 27.46 59.51
N TYR E 322 3.09 26.94 60.02
N TYR E 322 3.06 26.95 59.98
CA TYR E 322 3.06 26.44 61.40
CA TYR E 322 2.92 26.44 61.34
C TYR E 322 3.37 24.96 61.49
C TYR E 322 3.37 24.98 61.48
N THR E 323 3.89 24.41 60.39
CA THR E 323 4.45 23.05 60.41
C THR E 323 5.63 23.02 61.36
N ASP E 324 5.73 21.97 62.19
CA ASP E 324 6.82 21.83 63.11
C ASP E 324 8.11 21.74 62.29
N GLY E 325 9.08 22.58 62.62
CA GLY E 325 10.36 22.64 61.88
C GLY E 325 10.43 23.67 60.76
N ALA E 326 9.31 24.36 60.49
CA ALA E 326 9.28 25.39 59.45
C ALA E 326 9.47 26.79 60.04
N LYS E 327 10.28 27.61 59.38
CA LYS E 327 10.43 29.02 59.72
C LYS E 327 10.54 29.78 58.39
N LEU E 328 9.39 29.94 57.75
CA LEU E 328 9.33 30.35 56.35
C LEU E 328 9.43 31.85 56.19
N THR E 329 9.84 32.28 55.00
CA THR E 329 9.90 33.69 54.63
C THR E 329 8.83 33.95 53.59
N GLN E 330 8.29 35.17 53.59
CA GLN E 330 7.35 35.55 52.55
C GLN E 330 8.11 36.14 51.36
N PRO E 331 7.75 35.74 50.13
CA PRO E 331 8.44 36.28 48.97
C PRO E 331 8.04 37.72 48.74
N GLU E 332 8.85 38.47 48.00
CA GLU E 332 8.62 39.90 47.79
C GLU E 332 7.28 40.15 47.09
N TRP E 333 6.87 39.26 46.18
CA TRP E 333 5.61 39.46 45.45
C TRP E 333 4.40 39.39 46.33
N PHE E 334 4.49 38.74 47.48
CA PHE E 334 3.35 38.68 48.42
C PHE E 334 3.04 40.04 49.04
N GLY E 335 4.05 40.90 49.16
CA GLY E 335 3.92 42.22 49.78
C GLY E 335 3.51 43.31 48.80
N TRP E 336 3.46 42.97 47.52
CA TRP E 336 3.00 43.93 46.51
C TRP E 336 1.52 44.10 46.57
N SER E 337 1.05 45.20 46.02
CA SER E 337 -0.34 45.34 45.69
C SER E 337 -0.70 44.35 44.59
N GLN E 338 -1.95 43.90 44.61
CA GLN E 338 -2.48 43.06 43.56
C GLN E 338 -2.35 43.68 42.17
N GLU E 339 -2.55 44.99 42.09
CA GLU E 339 -2.39 45.69 40.83
C GLU E 339 -0.99 45.47 40.23
N LYS E 340 0.01 45.52 41.11
CA LYS E 340 1.38 45.41 40.67
C LYS E 340 1.64 43.98 40.23
N ARG E 341 1.09 43.01 40.96
CA ARG E 341 1.14 41.61 40.55
C ARG E 341 0.52 41.39 39.16
N ASN E 342 -0.65 41.97 38.91
CA ASN E 342 -1.32 41.84 37.61
C ASN E 342 -0.48 42.37 36.43
N GLU E 343 -0.07 43.62 36.55
CA GLU E 343 0.89 44.26 35.62
C GLU E 343 2.08 43.33 35.32
N GLU E 344 2.75 42.90 36.37
CA GLU E 344 3.90 42.03 36.22
C GLU E 344 3.51 40.72 35.53
N ALA E 345 2.32 40.21 35.80
CA ALA E 345 1.84 38.95 35.21
C ALA E 345 1.56 39.08 33.71
N LYS E 346 0.96 40.20 33.31
CA LYS E 346 0.66 40.47 31.91
C LYS E 346 1.94 40.60 31.08
N LYS E 347 2.96 41.20 31.68
CA LYS E 347 4.27 41.30 31.06
C LYS E 347 4.88 39.91 30.78
N LEU E 348 4.85 39.04 31.78
CA LEU E 348 5.44 37.70 31.66
C LEU E 348 4.74 36.88 30.58
N LEU E 349 3.40 36.91 30.59
CA LEU E 349 2.58 36.31 29.53
C LEU E 349 2.91 36.82 28.12
N ALA E 350 3.10 38.12 28.00
CA ALA E 350 3.44 38.73 26.72
C ALA E 350 4.80 38.25 26.24
N GLU E 351 5.78 38.18 27.14
CA GLU E 351 7.10 37.62 26.79
C GLU E 351 6.96 36.17 26.31
N ALA E 352 6.06 35.40 26.90
CA ALA E 352 5.86 34.01 26.51
C ALA E 352 5.09 33.89 25.19
N GLY E 353 4.48 34.99 24.74
CA GLY E 353 3.79 35.05 23.45
C GLY E 353 2.28 35.11 23.53
N TYR E 354 1.74 35.27 24.75
CA TYR E 354 0.31 35.37 24.97
C TYR E 354 -0.09 36.82 25.25
N THR E 355 -0.89 37.38 24.33
CA THR E 355 -1.29 38.78 24.36
C THR E 355 -2.81 38.93 24.31
N ALA E 356 -3.26 40.18 24.50
CA ALA E 356 -4.68 40.50 24.39
C ALA E 356 -5.24 40.00 23.05
N ASP E 357 -4.46 40.13 21.98
CA ASP E 357 -4.90 39.68 20.64
C ASP E 357 -4.95 38.16 20.51
N LYS E 358 -4.01 37.46 21.14
CA LYS E 358 -3.98 36.00 21.13
C LYS E 358 -3.81 35.46 22.57
N PRO E 359 -4.92 35.34 23.31
CA PRO E 359 -4.86 35.10 24.74
C PRO E 359 -4.68 33.64 25.12
N LEU E 360 -4.33 33.39 26.37
CA LEU E 360 -4.25 32.04 26.91
C LEU E 360 -5.62 31.56 27.39
N THR E 361 -6.03 30.38 26.94
CA THR E 361 -7.23 29.71 27.43
C THR E 361 -6.83 28.43 28.16
N ILE E 362 -7.34 28.24 29.37
CA ILE E 362 -6.98 27.04 30.17
C ILE E 362 -8.21 26.35 30.75
N ASN E 363 -8.06 25.04 31.00
CA ASN E 363 -9.06 24.26 31.72
C ASN E 363 -8.69 24.16 33.22
N LEU E 364 -9.61 24.57 34.08
CA LEU E 364 -9.43 24.43 35.53
C LEU E 364 -10.19 23.20 36.03
N LEU E 365 -9.45 22.19 36.50
CA LEU E 365 -10.02 20.94 36.98
C LEU E 365 -10.26 21.01 38.49
N TYR E 366 -11.39 20.47 38.94
CA TYR E 366 -11.66 20.38 40.37
C TYR E 366 -12.56 19.19 40.66
N ASN E 367 -12.51 18.73 41.91
CA ASN E 367 -13.38 17.65 42.36
C ASN E 367 -14.73 18.20 42.80
N THR E 368 -15.79 17.50 42.39
CA THR E 368 -17.15 17.89 42.70
C THR E 368 -17.26 18.30 44.16
N SER E 369 -17.68 19.54 44.35
CA SER E 369 -17.82 20.13 45.67
C SER E 369 -18.53 21.47 45.49
N ASP E 370 -19.36 21.86 46.45
CA ASP E 370 -19.97 23.20 46.43
C ASP E 370 -18.93 24.26 46.72
N LEU E 371 -17.97 23.94 47.58
CA LEU E 371 -16.94 24.89 47.95
C LEU E 371 -16.03 25.15 46.77
N HIS E 372 -15.41 24.09 46.23
CA HIS E 372 -14.43 24.26 45.16
C HIS E 372 -15.05 24.85 43.92
N LYS E 373 -16.31 24.51 43.63
CA LYS E 373 -17.02 25.11 42.50
C LYS E 373 -17.08 26.62 42.67
N LYS E 374 -17.58 27.08 43.81
CA LYS E 374 -17.63 28.52 44.10
C LYS E 374 -16.24 29.14 43.99
N LEU E 375 -15.23 28.45 44.49
CA LEU E 375 -13.88 29.02 44.42
C LEU E 375 -13.36 29.04 42.97
N ALA E 376 -13.67 28.00 42.20
CA ALA E 376 -13.19 27.90 40.83
C ALA E 376 -13.87 28.96 39.96
N ILE E 377 -15.14 29.21 40.21
CA ILE E 377 -15.83 30.28 39.52
C ILE E 377 -15.20 31.64 39.85
N ALA E 378 -14.81 31.86 41.10
CA ALA E 378 -14.17 33.14 41.46
C ALA E 378 -12.77 33.25 40.84
N ALA E 379 -12.02 32.14 40.85
CA ALA E 379 -10.66 32.13 40.29
C ALA E 379 -10.67 32.38 38.79
N SER E 380 -11.64 31.79 38.10
CA SER E 380 -11.79 31.93 36.66
C SER E 380 -12.07 33.40 36.35
N SER E 381 -12.97 33.99 37.12
CA SER E 381 -13.32 35.41 37.00
C SER E 381 -12.12 36.33 37.28
N LEU E 382 -11.41 36.11 38.39
CA LEU E 382 -10.23 36.94 38.72
C LEU E 382 -9.12 36.84 37.64
N TRP E 383 -8.83 35.63 37.17
CA TRP E 383 -7.78 35.45 36.17
C TRP E 383 -8.12 36.11 34.85
N LYS E 384 -9.39 36.14 34.47
CA LYS E 384 -9.82 36.80 33.23
C LYS E 384 -9.69 38.32 33.36
N LYS E 385 -10.25 38.87 34.42
CA LYS E 385 -10.20 40.31 34.68
C LYS E 385 -8.76 40.78 34.93
N ASN E 386 -8.02 40.09 35.79
CA ASN E 386 -6.69 40.54 36.21
C ASN E 386 -5.58 40.36 35.19
N ILE E 387 -5.50 39.19 34.56
CA ILE E 387 -4.40 38.91 33.64
C ILE E 387 -4.84 38.47 32.22
N GLY E 388 -6.14 38.52 31.91
CA GLY E 388 -6.65 38.22 30.57
C GLY E 388 -6.59 36.75 30.16
N VAL E 389 -6.63 35.84 31.12
CA VAL E 389 -6.63 34.41 30.85
C VAL E 389 -8.05 33.87 30.96
N ASN E 390 -8.51 33.20 29.91
CA ASN E 390 -9.82 32.56 29.88
C ASN E 390 -9.73 31.20 30.53
N VAL E 391 -10.64 30.92 31.46
CA VAL E 391 -10.59 29.71 32.24
C VAL E 391 -11.89 28.96 32.05
N LYS E 392 -11.79 27.71 31.60
CA LYS E 392 -12.97 26.85 31.48
C LYS E 392 -12.96 25.83 32.60
N LEU E 393 -14.11 25.63 33.23
CA LEU E 393 -14.24 24.73 34.37
C LEU E 393 -14.56 23.29 33.95
N VAL E 394 -13.97 22.35 34.66
CA VAL E 394 -14.26 20.93 34.48
C VAL E 394 -14.27 20.30 35.87
N ASN E 395 -15.32 19.55 36.20
CA ASN E 395 -15.37 18.88 37.48
C ASN E 395 -15.46 17.36 37.32
N GLN E 396 -14.85 16.66 38.25
CA GLN E 396 -14.84 15.20 38.22
C GLN E 396 -15.03 14.66 39.62
N GLU E 397 -15.60 13.46 39.70
CA GLU E 397 -15.67 12.73 40.98
C GLU E 397 -14.26 12.58 41.53
N TRP E 398 -14.16 12.62 42.86
CA TRP E 398 -12.91 12.47 43.59
C TRP E 398 -11.96 11.43 43.04
N LYS E 399 -12.41 10.19 42.94
CA LYS E 399 -11.54 9.08 42.49
C LYS E 399 -10.98 9.38 41.10
N THR E 400 -11.87 9.75 40.17
CA THR E 400 -11.47 10.12 38.79
C THR E 400 -10.53 11.33 38.73
N PHE E 401 -10.89 12.36 39.49
CA PHE E 401 -10.09 13.58 39.69
C PHE E 401 -8.62 13.25 40.06
N LEU E 402 -8.43 12.40 41.06
CA LEU E 402 -7.08 12.03 41.49
C LEU E 402 -6.33 11.31 40.37
N ASP E 403 -7.03 10.39 39.71
CA ASP E 403 -6.49 9.65 38.55
C ASP E 403 -6.01 10.60 37.43
N THR E 404 -6.86 11.56 37.06
CA THR E 404 -6.54 12.56 36.04
C THR E 404 -5.23 13.32 36.35
N ARG E 405 -5.00 13.65 37.61
CA ARG E 405 -3.80 14.40 37.98
C ARG E 405 -2.54 13.56 37.83
N HIS E 406 -2.59 12.31 38.27
CA HIS E 406 -1.49 11.38 38.01
C HIS E 406 -1.22 11.16 36.56
N GLN E 407 -2.28 11.05 35.77
CA GLN E 407 -2.13 10.82 34.32
C GLN E 407 -1.65 12.07 33.58
N GLY E 408 -1.82 13.25 34.17
CA GLY E 408 -1.33 14.48 33.56
C GLY E 408 -2.26 15.01 32.50
N THR E 409 -3.51 14.57 32.52
CA THR E 409 -4.50 15.01 31.52
C THR E 409 -5.27 16.23 32.05
N PHE E 410 -4.53 17.23 32.50
CA PHE E 410 -5.10 18.48 32.99
C PHE E 410 -4.12 19.64 32.75
N ASP E 411 -4.64 20.86 32.79
CA ASP E 411 -3.81 22.06 32.74
C ASP E 411 -3.48 22.49 34.18
N VAL E 412 -4.52 22.99 34.87
CA VAL E 412 -4.46 23.47 36.24
C VAL E 412 -5.55 22.74 37.02
N ALA E 413 -5.26 22.34 38.26
CA ALA E 413 -6.25 21.68 39.12
C ALA E 413 -6.29 22.25 40.53
N ARG E 414 -7.51 22.45 41.03
CA ARG E 414 -7.73 22.72 42.46
C ARG E 414 -7.11 21.54 43.18
N ALA E 415 -6.32 21.82 44.20
CA ALA E 415 -5.66 20.82 44.99
C ALA E 415 -5.64 21.21 46.46
N GLY E 416 -5.47 20.21 47.30
CA GLY E 416 -5.18 20.41 48.71
C GLY E 416 -4.26 19.31 49.18
N TRP E 417 -3.19 19.70 49.87
CA TRP E 417 -2.29 18.71 50.50
C TRP E 417 -2.30 18.91 51.98
N CYS E 418 -2.45 17.80 52.71
CA CYS E 418 -2.38 17.77 54.18
C CYS E 418 -1.19 16.94 54.61
N ALA E 419 -0.49 17.36 55.66
CA ALA E 419 0.70 16.64 56.13
C ALA E 419 0.37 15.21 56.50
N ASP E 420 1.31 14.30 56.24
CA ASP E 420 1.15 12.93 56.68
C ASP E 420 1.89 12.73 58.02
N TYR E 421 2.92 13.54 58.21
CA TYR E 421 3.59 13.64 59.49
C TYR E 421 3.97 15.09 59.64
N ASN E 422 4.10 15.55 60.86
CA ASN E 422 4.30 16.96 61.12
C ASN E 422 5.77 17.33 61.01
N GLU E 423 6.24 17.47 59.77
CA GLU E 423 7.62 17.86 59.50
C GLU E 423 7.60 18.34 58.03
N PRO E 424 8.41 19.36 57.69
CA PRO E 424 8.20 19.97 56.36
C PRO E 424 8.44 19.04 55.18
N THR E 425 9.20 17.97 55.34
CA THR E 425 9.40 17.08 54.22
C THR E 425 8.12 16.34 53.82
N SER E 426 7.15 16.22 54.73
CA SER E 426 5.87 15.59 54.39
C SER E 426 5.17 16.30 53.23
N PHE E 427 5.41 17.62 53.12
CA PHE E 427 5.06 18.42 51.94
C PHE E 427 6.14 18.42 50.84
N LEU E 428 7.37 18.80 51.20
CA LEU E 428 8.42 19.11 50.21
C LEU E 428 8.84 17.88 49.38
N ASN E 429 8.81 16.70 49.98
CA ASN E 429 9.16 15.47 49.27
C ASN E 429 8.18 15.15 48.14
N THR E 430 6.98 15.72 48.19
CA THR E 430 6.01 15.54 47.11
C THR E 430 6.38 16.36 45.87
N MET E 431 7.43 17.17 45.96
CA MET E 431 7.89 17.92 44.80
C MET E 431 9.21 17.42 44.23
N LEU E 432 9.76 16.34 44.82
CA LEU E 432 10.93 15.69 44.25
C LEU E 432 10.55 15.10 42.89
N SER E 433 11.52 15.14 41.98
CA SER E 433 11.34 14.66 40.64
C SER E 433 10.85 13.23 40.61
N ASN E 434 11.32 12.42 41.54
CA ASN E 434 11.00 11.00 41.54
C ASN E 434 9.77 10.62 42.36
N SER E 435 9.07 11.59 42.93
CA SER E 435 8.04 11.25 43.91
C SER E 435 6.76 10.76 43.23
N SER E 436 6.27 9.59 43.66
CA SER E 436 4.94 9.09 43.25
C SER E 436 3.80 10.09 43.54
N MET E 437 4.05 11.06 44.41
CA MET E 437 3.03 12.06 44.80
C MET E 437 3.10 13.36 44.03
N ASN E 438 4.04 13.44 43.09
CA ASN E 438 4.28 14.69 42.36
C ASN E 438 3.30 14.84 41.20
N THR E 439 2.08 15.26 41.50
CA THR E 439 1.03 15.43 40.50
C THR E 439 1.19 16.77 39.77
N ALA E 440 1.98 17.66 40.35
CA ALA E 440 2.38 18.91 39.68
C ALA E 440 3.37 18.63 38.55
N HIS E 441 3.87 17.40 38.45
CA HIS E 441 4.90 17.02 37.47
C HIS E 441 6.05 18.00 37.45
N TYR E 442 6.44 18.45 38.64
CA TYR E 442 7.48 19.44 38.82
C TYR E 442 8.82 18.74 38.99
N LYS E 443 9.76 19.01 38.09
CA LYS E 443 11.06 18.35 38.17
C LYS E 443 12.16 19.41 38.13
N SER E 444 12.83 19.61 39.27
CA SER E 444 13.96 20.52 39.37
C SER E 444 15.15 19.86 40.07
N PRO E 445 16.28 19.69 39.35
CA PRO E 445 17.51 19.21 39.99
C PRO E 445 17.94 20.07 41.19
N ALA E 446 17.76 21.38 41.10
CA ALA E 446 18.16 22.29 42.17
C ALA E 446 17.36 22.01 43.43
N PHE E 447 16.03 21.88 43.26
CA PHE E 447 15.15 21.54 44.36
C PHE E 447 15.56 20.22 44.96
N ASP E 448 15.75 19.23 44.11
CA ASP E 448 16.11 17.89 44.58
C ASP E 448 17.41 17.96 45.41
N SER E 449 18.37 18.75 44.96
CA SER E 449 19.67 18.84 45.63
C SER E 449 19.57 19.53 46.99
N ILE E 450 18.74 20.56 47.11
CA ILE E 450 18.50 21.19 48.41
C ILE E 450 17.94 20.16 49.39
N MET E 451 16.93 19.41 48.95
CA MET E 451 16.29 18.42 49.78
C MET E 451 17.25 17.33 50.20
N ALA E 452 18.14 16.92 49.29
CA ALA E 452 19.18 15.96 49.62
C ALA E 452 20.12 16.51 50.69
N GLU E 453 20.35 17.83 50.73
CA GLU E 453 21.19 18.41 51.79
C GLU E 453 20.57 18.28 53.18
N THR E 454 19.24 18.22 53.28
CA THR E 454 18.58 18.26 54.58
C THR E 454 18.97 17.07 55.47
N LEU E 455 19.26 15.93 54.86
CA LEU E 455 19.71 14.77 55.64
C LEU E 455 21.23 14.63 55.73
N LYS E 456 21.95 15.67 55.34
CA LYS E 456 23.42 15.68 55.47
C LYS E 456 23.89 16.68 56.53
N VAL E 457 23.02 17.58 56.99
CA VAL E 457 23.43 18.56 57.98
C VAL E 457 23.37 17.94 59.37
N THR E 458 24.13 18.51 60.30
CA THR E 458 24.30 17.88 61.60
C THR E 458 23.22 18.26 62.61
N ASP E 459 22.53 19.37 62.40
CA ASP E 459 21.54 19.74 63.38
C ASP E 459 20.22 20.30 62.83
N GLU E 460 19.21 20.26 63.70
CA GLU E 460 17.84 20.54 63.32
C GLU E 460 17.62 21.95 62.82
N ALA E 461 18.30 22.94 63.41
CA ALA E 461 18.22 24.32 62.93
C ALA E 461 18.69 24.45 61.47
N GLN E 462 19.73 23.69 61.11
CA GLN E 462 20.22 23.69 59.72
C GLN E 462 19.19 23.06 58.76
N ARG E 463 18.47 22.04 59.22
CA ARG E 463 17.38 21.48 58.43
C ARG E 463 16.31 22.53 58.15
N THR E 464 15.95 23.29 59.19
CA THR E 464 14.94 24.33 59.05
C THR E 464 15.36 25.35 58.01
N ALA E 465 16.63 25.75 58.06
CA ALA E 465 17.14 26.73 57.11
C ALA E 465 17.07 26.18 55.69
N LEU E 466 17.47 24.92 55.48
CA LEU E 466 17.39 24.32 54.14
C LEU E 466 15.95 24.19 53.64
N TYR E 467 15.00 23.93 54.55
CA TYR E 467 13.59 23.85 54.14
C TYR E 467 13.09 25.18 53.62
N THR E 468 13.51 26.27 54.24
CA THR E 468 13.15 27.60 53.73
C THR E 468 13.78 27.82 52.36
N LYS E 469 15.04 27.43 52.17
CA LYS E 469 15.63 27.47 50.83
C LYS E 469 14.81 26.67 49.82
N ALA E 470 14.34 25.48 50.22
CA ALA E 470 13.53 24.64 49.33
C ALA E 470 12.27 25.37 48.85
N GLU E 471 11.53 25.91 49.82
CA GLU E 471 10.31 26.65 49.52
C GLU E 471 10.62 27.80 48.59
N GLN E 472 11.75 28.47 48.80
CA GLN E 472 12.10 29.65 47.99
C GLN E 472 12.30 29.31 46.52
N GLN E 473 12.93 28.17 46.25
CA GLN E 473 13.16 27.73 44.87
C GLN E 473 11.86 27.20 44.22
N LEU E 474 11.01 26.56 45.02
CA LEU E 474 9.69 26.11 44.56
C LEU E 474 8.89 27.33 44.11
N ASP E 475 9.02 28.41 44.89
CA ASP E 475 8.35 29.69 44.56
C ASP E 475 8.95 30.38 43.33
N LYS E 476 10.28 30.46 43.24
CA LYS E 476 10.95 31.09 42.09
C LYS E 476 10.63 30.34 40.80
N ASP E 477 10.30 29.06 40.91
CA ASP E 477 9.85 28.24 39.79
C ASP E 477 8.34 28.22 39.58
N SER E 478 7.60 29.00 40.39
CA SER E 478 6.14 28.92 40.44
C SER E 478 5.59 27.53 40.12
N ALA E 479 5.97 26.54 40.92
CA ALA E 479 5.47 25.18 40.72
C ALA E 479 3.95 25.12 40.84
N ILE E 480 3.41 25.96 41.72
CA ILE E 480 2.00 25.94 42.06
C ILE E 480 1.48 27.35 42.28
N VAL E 481 0.16 27.48 42.42
CA VAL E 481 -0.47 28.74 42.81
C VAL E 481 -1.02 28.56 44.23
N PRO E 482 -0.23 28.93 45.26
CA PRO E 482 -0.76 28.85 46.63
C PRO E 482 -1.98 29.75 46.75
N VAL E 483 -2.99 29.32 47.50
CA VAL E 483 -4.21 30.15 47.69
C VAL E 483 -4.47 30.50 49.16
N TYR E 484 -4.71 29.49 50.00
CA TYR E 484 -4.79 29.70 51.45
C TYR E 484 -4.39 28.46 52.24
N TYR E 485 -4.06 28.66 53.52
CA TYR E 485 -3.81 27.57 54.45
C TYR E 485 -5.14 27.14 55.08
N TYR E 486 -5.31 25.85 55.26
CA TYR E 486 -6.57 25.30 55.78
C TYR E 486 -6.80 25.65 57.24
N VAL E 487 -8.05 25.53 57.67
CA VAL E 487 -8.41 25.28 59.06
C VAL E 487 -9.28 24.02 59.04
N ASN E 488 -9.46 23.39 60.20
CA ASN E 488 -10.28 22.19 60.32
C ASN E 488 -11.59 22.60 60.97
N ALA E 489 -12.58 22.90 60.13
CA ALA E 489 -13.90 23.35 60.56
C ALA E 489 -14.93 22.25 60.25
N ARG E 490 -15.54 21.71 61.30
CA ARG E 490 -16.67 20.79 61.12
C ARG E 490 -17.74 20.97 62.19
N LEU E 491 -18.90 20.40 61.93
CA LEU E 491 -19.98 20.35 62.90
C LEU E 491 -19.94 19.00 63.62
N VAL E 492 -20.16 19.02 64.94
CA VAL E 492 -20.12 17.82 65.76
C VAL E 492 -21.25 17.91 66.79
N LYS E 493 -22.11 16.89 66.83
CA LYS E 493 -23.23 16.90 67.76
C LYS E 493 -22.75 16.89 69.22
N PRO E 494 -23.47 17.58 70.12
CA PRO E 494 -22.96 17.71 71.50
C PRO E 494 -22.83 16.38 72.25
N TRP E 495 -23.53 15.33 71.80
CA TRP E 495 -23.37 13.99 72.38
C TRP E 495 -22.19 13.21 71.87
N VAL E 496 -21.46 13.72 70.87
CA VAL E 496 -20.24 13.05 70.42
C VAL E 496 -19.10 13.49 71.31
N GLY E 497 -18.46 12.52 71.95
CA GLY E 497 -17.34 12.77 72.83
C GLY E 497 -16.09 12.17 72.25
N GLY E 498 -14.94 12.69 72.67
CA GLY E 498 -13.64 12.16 72.28
C GLY E 498 -13.05 12.88 71.07
N TYR E 499 -13.73 13.88 70.55
CA TYR E 499 -13.20 14.71 69.47
C TYR E 499 -12.63 15.99 70.06
N THR E 500 -11.31 16.04 70.23
CA THR E 500 -10.64 17.18 70.87
C THR E 500 -10.25 18.24 69.87
N GLY E 501 -9.92 17.81 68.65
CA GLY E 501 -9.46 18.68 67.58
C GLY E 501 -8.04 19.17 67.72
N LYS E 502 -7.28 18.60 68.66
CA LYS E 502 -5.96 19.13 69.00
C LYS E 502 -4.84 18.55 68.13
N ASP E 503 -5.18 17.59 67.27
CA ASP E 503 -4.23 17.07 66.31
C ASP E 503 -4.22 17.92 65.05
N PRO E 504 -3.12 18.63 64.78
CA PRO E 504 -3.04 19.44 63.57
C PRO E 504 -3.07 18.65 62.26
N LEU E 505 -2.85 17.33 62.31
CA LEU E 505 -3.07 16.48 61.13
C LEU E 505 -4.50 15.88 61.06
N ASP E 506 -5.31 16.13 62.08
CA ASP E 506 -6.70 15.59 62.16
C ASP E 506 -6.78 14.08 61.91
N ASN E 507 -5.83 13.35 62.49
CA ASN E 507 -5.81 11.89 62.42
C ASN E 507 -6.59 11.27 63.59
N THR E 508 -7.91 11.41 63.53
CA THR E 508 -8.81 10.85 64.53
C THR E 508 -9.12 9.36 64.30
N TYR E 509 -9.55 8.69 65.36
CA TYR E 509 -9.85 7.26 65.31
C TYR E 509 -11.20 7.05 65.98
N THR E 510 -12.08 6.26 65.37
CA THR E 510 -13.37 5.96 65.97
C THR E 510 -13.24 5.34 67.37
N ARG E 511 -12.18 4.54 67.59
CA ARG E 511 -11.89 3.93 68.89
C ARG E 511 -11.66 4.92 70.05
N ASN E 512 -11.49 6.20 69.73
CA ASN E 512 -11.33 7.24 70.75
C ASN E 512 -12.61 8.00 71.09
N MET E 513 -13.68 7.73 70.37
CA MET E 513 -14.92 8.46 70.56
C MET E 513 -15.98 7.67 71.33
N TYR E 514 -17.04 8.36 71.77
CA TYR E 514 -18.12 7.75 72.54
C TYR E 514 -19.37 8.63 72.47
N ILE E 515 -20.56 8.04 72.62
CA ILE E 515 -21.79 8.84 72.61
C ILE E 515 -22.35 9.03 74.01
N VAL E 516 -22.50 10.29 74.40
CA VAL E 516 -23.04 10.65 75.70
C VAL E 516 -24.55 10.52 75.63
N LYS E 517 -25.17 10.11 76.73
CA LYS E 517 -26.62 9.97 76.77
C LYS E 517 -27.26 11.32 76.45
N HIS E 518 -28.27 11.28 75.57
CA HIS E 518 -29.00 12.49 75.12
C HIS E 518 -30.44 12.18 74.80
N ALA F 2 49.93 30.16 -37.61
CA ALA F 2 48.55 29.62 -37.72
C ALA F 2 47.79 29.88 -36.44
N ASP F 3 46.49 30.13 -36.56
CA ASP F 3 45.60 30.36 -35.41
C ASP F 3 44.69 29.17 -35.20
N VAL F 4 45.10 28.25 -34.32
CA VAL F 4 44.33 27.04 -34.06
C VAL F 4 43.14 27.38 -33.17
N PRO F 5 41.90 27.15 -33.64
CA PRO F 5 40.73 27.35 -32.78
C PRO F 5 40.78 26.54 -31.49
N ALA F 6 40.23 27.11 -30.41
CA ALA F 6 40.09 26.39 -29.15
C ALA F 6 39.14 25.22 -29.35
N GLY F 7 39.42 24.11 -28.67
CA GLY F 7 38.62 22.90 -28.82
C GLY F 7 39.14 21.96 -29.89
N VAL F 8 39.98 22.46 -30.80
CA VAL F 8 40.69 21.61 -31.74
C VAL F 8 41.85 20.94 -31.01
N THR F 9 42.00 19.64 -31.23
CA THR F 9 43.13 18.87 -30.72
C THR F 9 44.08 18.62 -31.89
N LEU F 10 45.35 18.99 -31.73
CA LEU F 10 46.33 18.87 -32.81
C LEU F 10 46.93 17.46 -32.85
N ALA F 11 47.16 16.94 -34.05
CA ALA F 11 47.86 15.68 -34.22
C ALA F 11 49.30 15.76 -33.70
N GLU F 12 49.82 14.62 -33.23
CA GLU F 12 51.23 14.53 -32.78
C GLU F 12 52.18 14.83 -33.93
N LYS F 13 51.92 14.20 -35.08
CA LYS F 13 52.70 14.40 -36.29
C LYS F 13 52.13 15.59 -37.08
N GLN F 14 52.91 16.64 -37.18
CA GLN F 14 52.52 17.83 -37.91
C GLN F 14 53.31 17.89 -39.21
N THR F 15 52.93 17.03 -40.16
CA THR F 15 53.50 17.02 -41.50
C THR F 15 52.37 17.19 -42.53
N LEU F 16 52.71 17.74 -43.70
CA LEU F 16 51.76 17.97 -44.78
C LEU F 16 52.38 17.51 -46.09
N VAL F 17 51.58 16.86 -46.94
CA VAL F 17 52.00 16.51 -48.29
C VAL F 17 51.07 17.16 -49.32
N ARG F 18 51.63 18.01 -50.17
CA ARG F 18 50.88 18.76 -51.18
C ARG F 18 51.35 18.39 -52.58
N ASN F 19 50.43 18.25 -53.53
CA ASN F 19 50.86 18.19 -54.92
C ASN F 19 50.96 19.60 -55.48
N ASN F 20 52.11 19.89 -56.08
CA ASN F 20 52.39 21.19 -56.63
C ASN F 20 52.19 21.22 -58.14
N GLY F 21 51.94 20.07 -58.74
CA GLY F 21 51.48 19.99 -60.13
C GLY F 21 52.57 19.94 -61.20
N SER F 22 53.76 20.46 -60.91
CA SER F 22 54.90 20.32 -61.81
C SER F 22 56.23 20.55 -61.09
N GLU F 23 57.31 20.13 -61.73
CA GLU F 23 58.67 20.44 -61.26
C GLU F 23 58.88 21.94 -61.44
N VAL F 24 59.29 22.61 -60.37
CA VAL F 24 59.50 24.06 -60.40
C VAL F 24 60.66 24.50 -61.33
N GLN F 25 60.48 25.65 -61.97
CA GLN F 25 61.54 26.33 -62.72
C GLN F 25 62.77 26.53 -61.86
N SER F 26 62.55 26.98 -60.64
CA SER F 26 63.62 27.40 -59.75
C SER F 26 63.07 27.67 -58.36
N LEU F 27 63.98 27.75 -57.40
CA LEU F 27 63.68 28.18 -56.04
C LEU F 27 64.21 29.61 -55.80
N ASP F 28 64.88 30.16 -56.81
CA ASP F 28 65.36 31.54 -56.78
C ASP F 28 64.19 32.47 -57.07
N PRO F 29 63.84 33.34 -56.10
CA PRO F 29 62.77 34.31 -56.32
C PRO F 29 62.83 35.17 -57.59
N HIS F 30 63.99 35.32 -58.20
CA HIS F 30 64.11 36.15 -59.41
C HIS F 30 64.17 35.33 -60.68
N LYS F 31 64.08 34.00 -60.56
CA LYS F 31 64.11 33.12 -61.74
C LYS F 31 62.76 32.41 -61.98
N ILE F 32 61.68 32.99 -61.49
CA ILE F 32 60.40 32.28 -61.47
C ILE F 32 59.22 33.10 -61.98
N GLU F 33 58.24 32.39 -62.54
CA GLU F 33 57.02 33.05 -63.01
C GLU F 33 55.72 32.28 -62.77
N GLY F 34 55.79 31.06 -62.24
CA GLY F 34 54.61 30.22 -62.19
C GLY F 34 53.99 30.01 -60.83
N VAL F 35 52.77 29.49 -60.85
CA VAL F 35 52.07 29.15 -59.63
C VAL F 35 52.85 28.15 -58.78
N PRO F 36 53.30 27.05 -59.40
CA PRO F 36 54.07 26.05 -58.63
C PRO F 36 55.28 26.65 -57.93
N GLU F 37 55.95 27.59 -58.62
CA GLU F 37 57.15 28.26 -58.10
C GLU F 37 56.81 29.15 -56.91
N SER F 38 55.80 29.99 -57.07
CA SER F 38 55.35 30.86 -56.00
C SER F 38 54.77 30.14 -54.77
N ASN F 39 54.23 28.94 -54.96
CA ASN F 39 53.75 28.14 -53.83
C ASN F 39 54.90 27.81 -52.92
N ILE F 40 55.98 27.27 -53.49
CA ILE F 40 57.14 26.95 -52.68
C ILE F 40 57.85 28.21 -52.16
N SER F 41 57.89 29.28 -52.98
CA SER F 41 58.59 30.50 -52.60
C SER F 41 57.99 31.18 -51.37
N ARG F 42 56.66 31.16 -51.28
CA ARG F 42 55.95 31.81 -50.17
C ARG F 42 56.30 31.16 -48.82
N ASP F 43 56.63 29.87 -48.82
CA ASP F 43 57.09 29.22 -47.59
C ASP F 43 58.56 29.57 -47.30
N LEU F 44 59.34 29.77 -48.34
CA LEU F 44 60.78 29.93 -48.18
C LEU F 44 61.23 31.36 -47.97
N PHE F 45 60.54 32.32 -48.60
CA PHE F 45 60.94 33.71 -48.49
C PHE F 45 59.76 34.59 -48.16
N GLU F 46 60.02 35.63 -47.37
CA GLU F 46 58.97 36.55 -46.97
C GLU F 46 59.33 37.98 -47.31
N GLY F 47 58.45 38.63 -48.08
CA GLY F 47 58.64 40.00 -48.49
C GLY F 47 58.17 41.01 -47.45
N LEU F 48 58.03 42.25 -47.89
CA LEU F 48 57.59 43.33 -47.01
C LEU F 48 56.17 43.05 -46.50
N LEU F 49 55.33 42.50 -47.37
CA LEU F 49 53.93 42.21 -47.02
C LEU F 49 53.61 40.75 -47.35
N VAL F 50 52.55 40.23 -46.72
CA VAL F 50 52.01 38.91 -47.04
C VAL F 50 50.49 39.02 -47.26
N SER F 51 49.87 37.98 -47.79
CA SER F 51 48.42 37.96 -47.92
C SER F 51 47.83 37.29 -46.70
N ASP F 52 46.80 37.91 -46.12
CA ASP F 52 46.07 37.28 -45.02
C ASP F 52 45.13 36.21 -45.57
N LEU F 53 44.34 35.58 -44.70
CA LEU F 53 43.46 34.48 -45.13
C LEU F 53 42.37 34.92 -46.13
N ASP F 54 41.97 36.19 -46.09
CA ASP F 54 41.01 36.72 -47.06
C ASP F 54 41.65 37.26 -48.35
N GLY F 55 42.97 37.22 -48.44
CA GLY F 55 43.71 37.74 -49.59
C GLY F 55 44.06 39.21 -49.48
N HIS F 56 43.91 39.79 -48.29
CA HIS F 56 44.26 41.18 -48.09
C HIS F 56 45.72 41.31 -47.67
N PRO F 57 46.42 42.34 -48.18
CA PRO F 57 47.80 42.58 -47.75
C PRO F 57 47.88 42.78 -46.23
N ALA F 58 48.92 42.22 -45.61
CA ALA F 58 49.14 42.33 -44.16
C ALA F 58 50.64 42.27 -43.87
N PRO F 59 51.05 42.58 -42.61
CA PRO F 59 52.47 42.77 -42.30
C PRO F 59 53.31 41.55 -42.59
N GLY F 60 54.43 41.75 -43.29
CA GLY F 60 55.41 40.69 -43.53
C GLY F 60 56.65 41.04 -42.73
N VAL F 61 57.76 41.25 -43.41
CA VAL F 61 58.93 41.87 -42.78
C VAL F 61 58.58 43.30 -42.33
N ALA F 62 57.82 44.02 -43.14
CA ALA F 62 57.31 45.33 -42.72
C ALA F 62 56.20 45.13 -41.70
N GLU F 63 56.36 45.72 -40.53
CA GLU F 63 55.33 45.67 -39.49
C GLU F 63 54.32 46.80 -39.72
N SER F 64 54.77 47.86 -40.38
CA SER F 64 53.87 48.95 -40.79
C SER F 64 54.47 49.68 -41.98
N TRP F 65 53.65 50.51 -42.62
CA TRP F 65 54.09 51.31 -43.76
C TRP F 65 53.17 52.49 -43.95
N ASP F 66 53.62 53.44 -44.75
CA ASP F 66 52.84 54.65 -45.00
C ASP F 66 53.28 55.28 -46.30
N ASN F 67 52.58 56.33 -46.75
CA ASN F 67 52.93 57.00 -47.98
C ASN F 67 52.56 58.47 -48.03
N LYS F 68 53.34 59.24 -48.79
CA LYS F 68 52.95 60.58 -49.22
C LYS F 68 52.51 60.52 -50.67
N ASP F 69 51.22 60.81 -50.92
CA ASP F 69 50.67 60.94 -52.28
C ASP F 69 50.73 59.70 -53.16
N ALA F 70 50.83 58.52 -52.53
CA ALA F 70 50.97 57.24 -53.24
C ALA F 70 52.26 57.17 -54.07
N LYS F 71 53.24 58.01 -53.71
CA LYS F 71 54.43 58.21 -54.52
C LYS F 71 55.72 57.86 -53.76
N VAL F 72 55.81 58.30 -52.50
CA VAL F 72 56.92 57.91 -51.65
C VAL F 72 56.38 56.98 -50.58
N TRP F 73 56.78 55.72 -50.66
CA TRP F 73 56.31 54.67 -49.75
C TRP F 73 57.41 54.30 -48.79
N THR F 74 57.08 54.29 -47.51
CA THR F 74 58.07 54.02 -46.45
C THR F 74 57.70 52.77 -45.65
N PHE F 75 58.61 51.81 -45.56
CA PHE F 75 58.34 50.56 -44.87
C PHE F 75 59.18 50.45 -43.61
N HIS F 76 58.50 50.25 -42.48
CA HIS F 76 59.14 50.08 -41.16
C HIS F 76 59.29 48.62 -40.84
N LEU F 77 60.53 48.14 -40.93
CA LEU F 77 60.81 46.72 -40.82
C LEU F 77 60.86 46.29 -39.37
N ARG F 78 60.20 45.17 -39.06
CA ARG F 78 60.20 44.65 -37.71
C ARG F 78 61.61 44.28 -37.32
N LYS F 79 61.97 44.57 -36.07
CA LYS F 79 63.37 44.49 -35.65
C LYS F 79 63.91 43.09 -35.43
N ASP F 80 63.04 42.08 -35.45
CA ASP F 80 63.45 40.70 -35.19
C ASP F 80 63.33 39.81 -36.44
N ALA F 81 63.19 40.43 -37.60
CA ALA F 81 63.15 39.68 -38.83
C ALA F 81 64.54 39.10 -39.05
N LYS F 82 64.61 37.81 -39.36
CA LYS F 82 65.88 37.10 -39.45
C LYS F 82 65.93 36.10 -40.59
N TRP F 83 67.13 35.96 -41.15
CA TRP F 83 67.45 34.88 -42.07
C TRP F 83 67.66 33.62 -41.29
N SER F 84 67.73 32.51 -42.01
CA SER F 84 67.90 31.20 -41.41
C SER F 84 69.31 30.93 -40.88
N ASP F 85 70.25 31.81 -41.17
CA ASP F 85 71.58 31.75 -40.54
C ASP F 85 71.63 32.59 -39.26
N GLY F 86 70.49 33.11 -38.84
CA GLY F 86 70.42 33.94 -37.64
C GLY F 86 70.70 35.41 -37.82
N THR F 87 71.18 35.82 -39.00
CA THR F 87 71.45 37.24 -39.26
C THR F 87 70.16 38.01 -39.54
N PRO F 88 70.15 39.33 -39.28
CA PRO F 88 68.92 40.10 -39.43
C PRO F 88 68.55 40.41 -40.88
N VAL F 89 67.26 40.52 -41.14
CA VAL F 89 66.81 41.00 -42.43
C VAL F 89 66.80 42.53 -42.30
N THR F 90 67.49 43.21 -43.22
CA THR F 90 67.64 44.66 -43.18
C THR F 90 67.04 45.30 -44.42
N ALA F 91 66.85 46.61 -44.35
CA ALA F 91 66.41 47.40 -45.51
C ALA F 91 67.39 47.22 -46.67
N GLN F 92 68.67 47.09 -46.36
CA GLN F 92 69.71 46.93 -47.36
C GLN F 92 69.55 45.61 -48.12
N ASP F 93 68.98 44.60 -47.48
CA ASP F 93 68.66 43.34 -48.17
C ASP F 93 67.65 43.57 -49.29
N PHE F 94 66.63 44.38 -49.02
CA PHE F 94 65.62 44.71 -50.02
C PHE F 94 66.18 45.58 -51.15
N VAL F 95 67.05 46.51 -50.79
CA VAL F 95 67.71 47.35 -51.79
C VAL F 95 68.49 46.48 -52.76
N TYR F 96 69.32 45.61 -52.20
CA TYR F 96 70.08 44.66 -53.00
C TYR F 96 69.18 43.76 -53.85
N SER F 97 68.07 43.28 -53.29
CA SER F 97 67.26 42.24 -53.92
C SER F 97 66.46 42.79 -55.08
N TRP F 98 65.86 43.96 -54.88
CA TRP F 98 65.09 44.59 -55.93
C TRP F 98 65.99 45.02 -57.07
N GLN F 99 67.21 45.42 -56.74
CA GLN F 99 68.19 45.83 -57.74
C GLN F 99 68.58 44.66 -58.61
N ARG F 100 68.80 43.52 -57.96
CA ARG F 100 69.09 42.29 -58.68
C ARG F 100 67.93 41.94 -59.62
N SER F 101 66.71 42.07 -59.12
N SER F 101 66.71 42.09 -59.15
CA SER F 101 65.50 41.74 -59.87
CA SER F 101 65.53 41.70 -59.90
C SER F 101 65.42 42.44 -61.23
C SER F 101 65.40 42.45 -61.23
N VAL F 102 65.84 43.70 -61.26
CA VAL F 102 65.81 44.51 -62.49
C VAL F 102 67.15 44.57 -63.28
N ASP F 103 68.18 43.87 -62.79
CA ASP F 103 69.46 43.79 -63.51
C ASP F 103 69.26 42.94 -64.77
N PRO F 104 69.51 43.51 -65.96
CA PRO F 104 69.37 42.66 -67.16
C PRO F 104 70.17 41.35 -67.05
N ASN F 105 71.32 41.37 -66.38
CA ASN F 105 72.11 40.15 -66.19
C ASN F 105 71.41 39.05 -65.39
N THR F 106 70.43 39.41 -64.56
CA THR F 106 69.66 38.39 -63.85
C THR F 106 68.66 37.73 -64.80
N ALA F 107 68.18 38.49 -65.77
CA ALA F 107 67.32 37.97 -66.83
C ALA F 107 66.08 37.33 -66.20
N SER F 108 65.48 38.06 -65.26
CA SER F 108 64.32 37.53 -64.55
C SER F 108 63.09 37.58 -65.45
N PRO F 109 62.32 36.48 -65.52
CA PRO F 109 61.06 36.58 -66.23
C PRO F 109 60.10 37.59 -65.61
N TYR F 110 60.40 37.99 -64.36
CA TYR F 110 59.61 38.98 -63.63
C TYR F 110 60.30 40.35 -63.48
N ALA F 111 61.27 40.64 -64.35
CA ALA F 111 62.03 41.89 -64.25
C ALA F 111 61.13 43.11 -64.33
N SER F 112 60.06 42.99 -65.12
CA SER F 112 59.17 44.12 -65.34
C SER F 112 58.22 44.33 -64.15
N TYR F 113 58.20 43.38 -63.21
CA TYR F 113 57.20 43.41 -62.15
C TYR F 113 57.25 44.69 -61.33
N LEU F 114 58.46 45.13 -60.96
CA LEU F 114 58.60 46.35 -60.18
C LEU F 114 58.34 47.59 -61.02
N GLN F 115 58.47 47.46 -62.35
CA GLN F 115 58.09 48.51 -63.28
C GLN F 115 56.58 48.71 -63.28
N TYR F 116 55.82 47.65 -63.02
CA TYR F 116 54.38 47.78 -62.83
C TYR F 116 54.07 48.75 -61.67
N GLY F 117 54.99 48.84 -60.70
CA GLY F 117 54.89 49.83 -59.63
C GLY F 117 55.54 51.16 -59.95
N HIS F 118 56.25 51.22 -61.07
CA HIS F 118 56.88 52.44 -61.58
C HIS F 118 57.85 53.08 -60.61
N ILE F 119 58.66 52.24 -59.99
CA ILE F 119 59.74 52.69 -59.14
C ILE F 119 60.67 53.56 -59.99
N ALA F 120 61.10 54.68 -59.41
CA ALA F 120 61.92 55.66 -60.10
C ALA F 120 63.21 55.04 -60.64
N GLY F 121 63.56 55.42 -61.88
CA GLY F 121 64.78 54.96 -62.53
C GLY F 121 64.61 53.65 -63.28
N ILE F 122 63.52 52.94 -63.03
CA ILE F 122 63.41 51.55 -63.44
C ILE F 122 63.41 51.36 -64.97
N ASP F 123 62.79 52.29 -65.70
CA ASP F 123 62.66 52.17 -67.16
C ASP F 123 64.03 52.04 -67.86
N GLU F 124 64.92 52.99 -67.62
CA GLU F 124 66.26 52.96 -68.19
C GLU F 124 67.13 51.81 -67.64
N ILE F 125 66.93 51.42 -66.40
CA ILE F 125 67.70 50.30 -65.84
C ILE F 125 67.30 48.99 -66.53
N LEU F 126 66.02 48.78 -66.77
CA LEU F 126 65.59 47.56 -67.43
C LEU F 126 66.22 47.46 -68.84
N GLU F 127 66.34 48.60 -69.52
CA GLU F 127 66.91 48.64 -70.87
C GLU F 127 68.43 48.54 -70.90
N GLY F 128 69.08 48.62 -69.74
CA GLY F 128 70.53 48.48 -69.63
C GLY F 128 71.28 49.78 -69.80
N LYS F 129 70.56 50.90 -69.86
CA LYS F 129 71.17 52.21 -70.11
C LYS F 129 71.67 52.90 -68.84
N LYS F 130 71.27 52.38 -67.69
CA LYS F 130 71.62 52.99 -66.40
C LYS F 130 71.86 51.90 -65.37
N PRO F 131 72.76 52.15 -64.41
CA PRO F 131 73.08 51.13 -63.41
C PRO F 131 71.92 50.80 -62.47
N ILE F 132 71.91 49.57 -61.96
CA ILE F 132 70.88 49.11 -61.04
C ILE F 132 70.87 49.90 -59.72
N THR F 133 72.01 50.49 -59.37
CA THR F 133 72.12 51.36 -58.19
C THR F 133 71.36 52.69 -58.30
N ASP F 134 70.77 52.98 -59.46
CA ASP F 134 69.90 54.16 -59.62
C ASP F 134 68.44 53.89 -59.26
N LEU F 135 68.11 52.65 -58.89
CA LEU F 135 66.72 52.30 -58.58
C LEU F 135 66.25 53.09 -57.37
N GLY F 136 65.04 53.68 -57.47
CA GLY F 136 64.48 54.51 -56.41
C GLY F 136 64.06 53.77 -55.15
N VAL F 137 64.97 52.97 -54.60
CA VAL F 137 64.75 52.26 -53.35
C VAL F 137 66.00 52.45 -52.51
N LYS F 138 65.84 52.94 -51.28
CA LYS F 138 66.99 53.19 -50.42
C LYS F 138 66.74 52.79 -48.96
N ALA F 139 67.82 52.36 -48.31
CA ALA F 139 67.81 52.04 -46.90
C ALA F 139 68.08 53.32 -46.12
N ILE F 140 67.05 53.90 -45.52
CA ILE F 140 67.20 55.06 -44.66
C ILE F 140 67.99 54.67 -43.40
N ASP F 141 67.77 53.45 -42.93
CA ASP F 141 68.59 52.83 -41.89
C ASP F 141 68.31 51.32 -41.95
N ASP F 142 68.84 50.55 -41.00
CA ASP F 142 68.74 49.10 -41.07
C ASP F 142 67.31 48.56 -41.13
N HIS F 143 66.34 49.31 -40.62
CA HIS F 143 64.97 48.83 -40.52
C HIS F 143 63.94 49.75 -41.13
N THR F 144 64.39 50.60 -42.06
CA THR F 144 63.50 51.57 -42.73
C THR F 144 63.81 51.60 -44.23
N LEU F 145 62.84 51.18 -45.05
CA LEU F 145 63.01 51.16 -46.50
C LEU F 145 62.11 52.21 -47.13
N GLU F 146 62.68 53.06 -47.97
CA GLU F 146 61.92 54.11 -48.65
C GLU F 146 61.93 53.86 -50.16
N VAL F 147 60.73 53.84 -50.74
CA VAL F 147 60.57 53.60 -52.17
C VAL F 147 59.91 54.80 -52.82
N THR F 148 60.58 55.37 -53.83
CA THR F 148 60.09 56.51 -54.61
C THR F 148 59.61 56.05 -55.99
N LEU F 149 58.34 56.29 -56.27
CA LEU F 149 57.72 55.96 -57.54
C LEU F 149 57.75 57.21 -58.41
N SER F 150 57.76 57.04 -59.73
CA SER F 150 57.76 58.20 -60.65
C SER F 150 56.36 58.76 -60.90
N GLU F 151 55.32 57.99 -60.57
CA GLU F 151 53.95 58.53 -60.53
C GLU F 151 53.21 57.94 -59.33
N PRO F 152 52.03 58.51 -58.99
CA PRO F 152 51.23 57.93 -57.91
C PRO F 152 50.72 56.54 -58.30
N VAL F 153 50.90 55.58 -57.41
CA VAL F 153 50.39 54.23 -57.62
C VAL F 153 49.70 53.80 -56.32
N PRO F 154 48.38 54.08 -56.21
CA PRO F 154 47.68 53.78 -54.96
C PRO F 154 47.76 52.30 -54.56
N TYR F 155 47.97 51.44 -55.55
CA TYR F 155 47.97 50.01 -55.33
C TYR F 155 49.38 49.44 -55.17
N PHE F 156 50.39 50.30 -55.00
CA PHE F 156 51.78 49.82 -54.98
C PHE F 156 51.98 48.72 -53.94
N TYR F 157 51.49 48.96 -52.73
CA TYR F 157 51.68 48.01 -51.64
C TYR F 157 51.14 46.61 -51.96
N LYS F 158 50.08 46.51 -52.77
CA LYS F 158 49.48 45.22 -53.09
C LYS F 158 50.43 44.29 -53.85
N LEU F 159 51.32 44.86 -54.67
CA LEU F 159 52.34 44.09 -55.40
C LEU F 159 53.30 43.34 -54.49
N LEU F 160 53.54 43.89 -53.30
CA LEU F 160 54.68 43.49 -52.48
C LEU F 160 54.51 42.17 -51.72
N VAL F 161 53.38 41.50 -51.93
CA VAL F 161 53.20 40.15 -51.46
C VAL F 161 53.77 39.12 -52.43
N HIS F 162 54.17 39.55 -53.62
CA HIS F 162 54.57 38.59 -54.65
C HIS F 162 56.02 38.21 -54.46
N PRO F 163 56.34 36.91 -54.56
CA PRO F 163 57.68 36.35 -54.33
C PRO F 163 58.86 37.02 -55.03
N SER F 164 58.66 37.53 -56.23
CA SER F 164 59.71 38.25 -56.93
C SER F 164 60.18 39.51 -56.19
N THR F 165 59.41 39.97 -55.22
CA THR F 165 59.76 41.16 -54.42
C THR F 165 60.26 40.76 -53.03
N SER F 166 60.52 39.48 -52.83
CA SER F 166 61.06 39.00 -51.56
C SER F 166 62.55 39.33 -51.51
N PRO F 167 63.14 39.30 -50.31
CA PRO F 167 64.56 39.50 -50.22
C PRO F 167 65.30 38.20 -50.55
N VAL F 168 66.49 38.34 -51.09
CA VAL F 168 67.35 37.20 -51.35
C VAL F 168 68.68 37.49 -50.67
N PRO F 169 69.40 36.43 -50.28
CA PRO F 169 70.61 36.57 -49.50
C PRO F 169 71.88 36.83 -50.32
N LYS F 170 72.34 38.09 -50.33
CA LYS F 170 73.53 38.51 -51.11
C LYS F 170 74.73 37.59 -50.90
N ALA F 171 75.05 37.26 -49.66
CA ALA F 171 76.24 36.46 -49.39
C ALA F 171 76.20 35.08 -50.06
N ALA F 172 75.09 34.36 -49.88
CA ALA F 172 74.93 33.02 -50.46
C ALA F 172 74.91 33.03 -51.98
N ILE F 173 74.30 34.06 -52.57
CA ILE F 173 74.21 34.19 -54.01
C ILE F 173 75.59 34.40 -54.61
N GLU F 174 76.34 35.34 -54.03
CA GLU F 174 77.69 35.65 -54.52
C GLU F 174 78.69 34.54 -54.22
N LYS F 175 78.47 33.81 -53.13
CA LYS F 175 79.34 32.68 -52.78
C LYS F 175 79.10 31.48 -53.68
N PHE F 176 77.85 31.16 -53.95
CA PHE F 176 77.50 29.89 -54.60
C PHE F 176 76.93 30.00 -56.01
N GLY F 177 76.56 31.21 -56.44
CA GLY F 177 76.04 31.41 -57.78
C GLY F 177 74.73 30.69 -57.99
N GLU F 178 74.64 29.95 -59.10
CA GLU F 178 73.41 29.20 -59.42
C GLU F 178 73.13 28.08 -58.43
N LYS F 179 74.15 27.67 -57.67
CA LYS F 179 73.99 26.58 -56.71
C LYS F 179 73.55 27.10 -55.33
N TRP F 180 73.17 28.37 -55.23
CA TRP F 180 72.82 28.94 -53.94
C TRP F 180 71.51 28.42 -53.38
N THR F 181 70.62 27.93 -54.24
CA THR F 181 69.35 27.33 -53.80
C THR F 181 69.42 25.85 -53.42
N GLN F 182 70.62 25.26 -53.44
CA GLN F 182 70.79 23.87 -52.98
C GLN F 182 70.63 23.79 -51.47
N PRO F 183 70.14 22.65 -50.95
CA PRO F 183 69.88 22.51 -49.52
C PRO F 183 71.02 22.90 -48.57
N GLY F 184 72.28 22.70 -48.95
CA GLY F 184 73.38 23.02 -48.03
C GLY F 184 73.73 24.50 -48.04
N ASN F 185 73.30 25.17 -49.09
CA ASN F 185 73.71 26.52 -49.38
C ASN F 185 72.63 27.55 -49.09
N ILE F 186 71.37 27.15 -49.21
CA ILE F 186 70.28 28.12 -49.25
C ILE F 186 70.10 28.85 -47.92
N VAL F 187 69.83 30.14 -47.98
CA VAL F 187 69.52 30.95 -46.81
C VAL F 187 68.19 31.64 -47.06
N THR F 188 67.27 31.51 -46.09
CA THR F 188 65.86 31.88 -46.28
C THR F 188 65.37 32.76 -45.13
N ASN F 189 64.29 33.52 -45.35
CA ASN F 189 63.69 34.28 -44.26
C ASN F 189 62.21 33.97 -44.03
N GLY F 190 61.69 32.95 -44.71
CA GLY F 190 60.31 32.51 -44.57
C GLY F 190 60.12 31.58 -43.37
N ALA F 191 58.89 31.10 -43.18
CA ALA F 191 58.60 30.23 -42.05
C ALA F 191 59.24 28.87 -42.24
N TYR F 192 59.69 28.58 -43.47
CA TYR F 192 60.33 27.31 -43.80
C TYR F 192 61.68 27.46 -44.49
N THR F 193 62.49 26.41 -44.42
CA THR F 193 63.69 26.33 -45.23
C THR F 193 63.72 25.01 -45.98
N LEU F 194 64.70 24.86 -46.85
CA LEU F 194 64.77 23.71 -47.74
C LEU F 194 65.49 22.55 -47.09
N LYS F 195 64.86 21.39 -47.07
CA LYS F 195 65.50 20.19 -46.54
C LYS F 195 66.04 19.32 -47.67
N ASP F 196 65.16 18.93 -48.59
CA ASP F 196 65.50 18.02 -49.69
C ASP F 196 64.92 18.53 -51.00
N TRP F 197 65.67 18.33 -52.09
CA TRP F 197 65.18 18.56 -53.43
C TRP F 197 65.58 17.38 -54.27
N VAL F 198 64.61 16.56 -54.63
CA VAL F 198 64.85 15.48 -55.57
C VAL F 198 64.03 15.82 -56.81
N VAL F 199 64.73 15.99 -57.93
CA VAL F 199 64.10 16.39 -59.18
C VAL F 199 63.10 15.34 -59.63
N ASN F 200 61.90 15.83 -59.97
CA ASN F 200 60.79 15.00 -60.44
C ASN F 200 60.24 14.02 -59.42
N GLU F 201 60.60 14.22 -58.14
CA GLU F 201 60.11 13.36 -57.06
C GLU F 201 59.46 14.16 -55.93
N ARG F 202 60.23 15.05 -55.29
CA ARG F 202 59.71 15.85 -54.16
C ARG F 202 60.61 17.02 -53.79
N ILE F 203 60.00 18.07 -53.28
CA ILE F 203 60.71 19.10 -52.51
C ILE F 203 60.20 19.05 -51.06
N VAL F 204 61.11 18.96 -50.10
CA VAL F 204 60.76 18.81 -48.68
C VAL F 204 61.29 20.04 -47.95
N LEU F 205 60.39 20.76 -47.28
CA LEU F 205 60.73 21.95 -46.51
C LEU F 205 60.59 21.64 -45.04
N GLU F 206 61.47 22.22 -44.23
CA GLU F 206 61.44 22.01 -42.78
C GLU F 206 61.25 23.34 -42.08
N ARG F 207 60.43 23.31 -41.03
CA ARG F 207 60.15 24.47 -40.18
C ARG F 207 61.45 25.19 -39.79
N SER F 208 61.44 26.52 -39.94
CA SER F 208 62.62 27.34 -39.72
C SER F 208 62.49 28.16 -38.42
N PRO F 209 63.22 27.75 -37.38
CA PRO F 209 63.04 28.35 -36.07
C PRO F 209 63.53 29.79 -35.92
N THR F 210 64.30 30.28 -36.89
CA THR F 210 64.74 31.67 -36.92
C THR F 210 63.66 32.62 -37.39
N TYR F 211 62.65 32.08 -38.06
CA TYR F 211 61.51 32.88 -38.52
C TYR F 211 60.92 33.67 -37.37
N TRP F 212 60.72 34.97 -37.58
CA TRP F 212 60.27 35.84 -36.51
C TRP F 212 58.99 35.39 -35.86
N ASN F 213 58.09 34.74 -36.63
CA ASN F 213 56.80 34.30 -36.08
C ASN F 213 56.73 32.77 -35.89
N ASN F 214 57.86 32.12 -35.67
CA ASN F 214 57.92 30.67 -35.60
C ASN F 214 57.10 30.08 -34.46
N ALA F 215 56.96 30.83 -33.37
CA ALA F 215 56.10 30.41 -32.26
C ALA F 215 54.67 30.11 -32.73
N LYS F 216 54.21 30.80 -33.77
CA LYS F 216 52.83 30.57 -34.29
C LYS F 216 52.73 29.49 -35.38
N THR F 217 53.85 29.03 -35.90
CA THR F 217 53.86 27.96 -36.90
C THR F 217 53.57 26.60 -36.26
N VAL F 218 52.76 25.77 -36.94
CA VAL F 218 52.43 24.45 -36.45
C VAL F 218 53.04 23.31 -37.27
N ILE F 219 52.98 23.40 -38.61
CA ILE F 219 53.47 22.30 -39.42
C ILE F 219 54.99 22.31 -39.37
N ASN F 220 55.55 21.15 -39.06
CA ASN F 220 56.99 20.98 -38.95
C ASN F 220 57.68 20.64 -40.28
N GLN F 221 56.95 20.00 -41.18
CA GLN F 221 57.51 19.58 -42.46
C GLN F 221 56.43 19.54 -43.51
N VAL F 222 56.72 20.10 -44.69
CA VAL F 222 55.80 20.04 -45.80
C VAL F 222 56.54 19.54 -47.03
N THR F 223 55.90 18.59 -47.71
CA THR F 223 56.38 18.06 -48.96
C THR F 223 55.56 18.58 -50.14
N TYR F 224 56.25 19.07 -51.17
CA TYR F 224 55.62 19.43 -52.43
C TYR F 224 56.01 18.39 -53.48
N LEU F 225 55.00 17.86 -54.18
CA LEU F 225 55.23 16.86 -55.21
C LEU F 225 55.06 17.49 -56.61
N PRO F 226 55.67 16.88 -57.65
CA PRO F 226 55.66 17.46 -58.98
C PRO F 226 54.78 16.72 -60.00
N ILE F 227 53.62 16.24 -59.56
CA ILE F 227 52.76 15.37 -60.38
C ILE F 227 51.90 16.21 -61.34
N ALA F 228 52.16 16.08 -62.65
CA ALA F 228 51.40 16.82 -63.66
C ALA F 228 50.07 16.14 -64.04
N SER F 229 49.98 14.82 -63.92
CA SER F 229 48.70 14.11 -64.15
C SER F 229 47.74 14.35 -63.00
N GLU F 230 46.66 15.08 -63.26
CA GLU F 230 45.60 15.29 -62.27
C GLU F 230 44.95 13.98 -61.82
N VAL F 231 44.80 13.04 -62.77
CA VAL F 231 44.36 11.66 -62.46
C VAL F 231 45.30 11.03 -61.41
N THR F 232 46.60 11.08 -61.65
CA THR F 232 47.57 10.49 -60.72
C THR F 232 47.56 11.19 -59.35
N ASP F 233 47.36 12.52 -59.36
CA ASP F 233 47.25 13.33 -58.14
C ASP F 233 46.12 12.79 -57.25
N VAL F 234 44.91 12.78 -57.79
CA VAL F 234 43.72 12.28 -57.08
C VAL F 234 43.86 10.82 -56.62
N ASN F 235 44.39 9.94 -57.47
CA ASN F 235 44.64 8.56 -57.04
C ASN F 235 45.50 8.49 -55.79
N ARG F 236 46.60 9.23 -55.81
CA ARG F 236 47.52 9.28 -54.68
C ARG F 236 46.96 10.04 -53.48
N TYR F 237 46.02 10.96 -53.72
CA TYR F 237 45.27 11.58 -52.63
C TYR F 237 44.41 10.49 -51.98
N ARG F 238 43.63 9.81 -52.80
CA ARG F 238 42.65 8.84 -52.29
C ARG F 238 43.30 7.61 -51.68
N SER F 239 44.51 7.26 -52.11
CA SER F 239 45.25 6.15 -51.47
C SER F 239 45.91 6.53 -50.14
N GLY F 240 45.93 7.83 -49.81
CA GLY F 240 46.41 8.28 -48.51
C GLY F 240 47.76 8.99 -48.49
N GLU F 241 48.45 9.07 -49.63
CA GLU F 241 49.78 9.71 -49.66
C GLU F 241 49.71 11.25 -49.59
N ILE F 242 48.72 11.83 -50.27
CA ILE F 242 48.66 13.26 -50.48
C ILE F 242 47.53 13.87 -49.65
N ASP F 243 47.83 14.98 -48.96
CA ASP F 243 46.87 15.65 -48.06
C ASP F 243 46.09 16.75 -48.77
N MET F 244 46.70 17.37 -49.76
CA MET F 244 46.06 18.41 -50.57
C MET F 244 46.52 18.20 -51.99
N THR F 245 45.58 18.05 -52.91
CA THR F 245 45.92 17.96 -54.33
C THR F 245 46.26 19.34 -54.83
N ASN F 246 46.82 19.41 -56.03
CA ASN F 246 46.91 20.67 -56.77
C ASN F 246 45.48 21.10 -57.13
N ASN F 247 45.31 22.40 -57.37
CA ASN F 247 43.99 22.93 -57.77
C ASN F 247 43.72 22.80 -59.28
N SER F 248 43.91 21.59 -59.79
CA SER F 248 43.57 21.23 -61.16
C SER F 248 42.90 19.86 -61.11
N MET F 249 41.63 19.80 -61.48
CA MET F 249 40.85 18.58 -61.35
C MET F 249 40.74 17.80 -62.67
N PRO F 250 40.76 16.47 -62.59
CA PRO F 250 40.47 15.68 -63.79
C PRO F 250 39.00 15.82 -64.21
N ILE F 251 38.77 16.16 -65.47
CA ILE F 251 37.40 16.34 -65.98
C ILE F 251 36.49 15.17 -65.66
N GLU F 252 36.95 13.97 -65.99
CA GLU F 252 36.14 12.77 -65.89
C GLU F 252 36.02 12.22 -64.46
N LEU F 253 36.78 12.76 -63.51
CA LEU F 253 36.71 12.31 -62.10
C LEU F 253 35.94 13.27 -61.18
N PHE F 254 35.84 14.54 -61.54
CA PHE F 254 35.32 15.55 -60.61
C PHE F 254 33.91 15.25 -60.08
N GLN F 255 33.06 14.77 -60.97
CA GLN F 255 31.66 14.47 -60.66
C GLN F 255 31.59 13.35 -59.63
N LYS F 256 32.34 12.30 -59.89
CA LYS F 256 32.52 11.18 -58.97
C LYS F 256 33.06 11.62 -57.60
N LEU F 257 34.07 12.50 -57.60
CA LEU F 257 34.70 12.94 -56.35
C LEU F 257 33.70 13.73 -55.53
N LYS F 258 32.98 14.64 -56.18
CA LYS F 258 31.97 15.45 -55.52
C LYS F 258 30.82 14.59 -54.94
N LYS F 259 30.54 13.46 -55.57
CA LYS F 259 29.55 12.54 -55.06
C LYS F 259 30.07 11.75 -53.85
N GLU F 260 31.31 11.26 -53.94
CA GLU F 260 31.82 10.28 -52.98
C GLU F 260 32.48 10.89 -51.76
N ILE F 261 33.17 12.00 -51.95
CA ILE F 261 33.87 12.68 -50.86
C ILE F 261 33.58 14.20 -50.86
N PRO F 262 32.29 14.59 -50.79
CA PRO F 262 31.86 15.99 -50.92
C PRO F 262 32.47 16.94 -49.89
N ASP F 263 32.73 16.45 -48.68
CA ASP F 263 33.28 17.27 -47.60
C ASP F 263 34.78 17.57 -47.78
N GLU F 264 35.43 16.89 -48.73
CA GLU F 264 36.83 17.12 -49.03
C GLU F 264 37.05 17.91 -50.32
N VAL F 265 35.96 18.22 -51.03
CA VAL F 265 36.00 18.98 -52.27
C VAL F 265 35.79 20.48 -51.99
N HIS F 266 36.77 21.29 -52.36
CA HIS F 266 36.72 22.73 -52.13
C HIS F 266 36.72 23.43 -53.43
N VAL F 267 35.75 24.30 -53.65
CA VAL F 267 35.68 25.12 -54.87
C VAL F 267 35.45 26.56 -54.46
N ASP F 268 36.34 27.44 -54.87
CA ASP F 268 36.25 28.84 -54.48
C ASP F 268 36.59 29.72 -55.66
N PRO F 269 36.24 31.01 -55.57
CA PRO F 269 36.62 31.96 -56.63
C PRO F 269 38.14 32.02 -56.82
N TYR F 270 38.56 32.18 -58.07
CA TYR F 270 39.98 32.21 -58.41
C TYR F 270 40.17 33.19 -59.56
N LEU F 271 41.03 34.19 -59.33
CA LEU F 271 41.24 35.29 -60.27
C LEU F 271 42.28 34.90 -61.33
N CYS F 272 41.90 33.95 -62.20
CA CYS F 272 42.75 33.48 -63.30
C CYS F 272 41.89 33.28 -64.55
N THR F 273 42.51 33.44 -65.71
CA THR F 273 41.84 33.19 -66.98
C THR F 273 42.53 32.08 -67.76
N TYR F 274 41.70 31.20 -68.32
CA TYR F 274 42.13 30.12 -69.19
C TYR F 274 42.01 30.59 -70.62
N TYR F 275 43.11 30.54 -71.36
CA TYR F 275 43.11 31.01 -72.75
C TYR F 275 44.09 30.28 -73.64
N TYR F 276 43.85 30.43 -74.95
CA TYR F 276 44.83 30.05 -75.95
C TYR F 276 45.60 31.29 -76.37
N GLU F 277 46.88 31.28 -76.01
CA GLU F 277 47.80 32.36 -76.29
C GLU F 277 48.30 32.24 -77.73
N ILE F 278 48.12 33.32 -78.49
CA ILE F 278 48.60 33.38 -79.87
C ILE F 278 49.97 34.03 -79.90
N ASN F 279 50.93 33.41 -80.58
CA ASN F 279 52.22 34.04 -80.76
C ASN F 279 52.03 35.11 -81.82
N ASN F 280 51.76 36.33 -81.39
CA ASN F 280 51.42 37.41 -82.32
C ASN F 280 52.53 37.71 -83.33
N GLN F 281 53.75 37.23 -83.07
CA GLN F 281 54.87 37.45 -83.97
C GLN F 281 55.15 36.27 -84.91
N LYS F 282 54.38 35.19 -84.81
CA LYS F 282 54.60 34.02 -85.65
C LYS F 282 53.62 34.02 -86.79
N PRO F 283 54.13 34.12 -88.03
CA PRO F 283 53.22 34.03 -89.17
C PRO F 283 52.45 32.72 -89.20
N PRO F 284 51.15 32.77 -89.54
CA PRO F 284 50.38 33.90 -90.05
C PRO F 284 49.67 34.71 -88.97
N PHE F 285 50.02 34.47 -87.71
CA PHE F 285 49.34 35.10 -86.57
C PHE F 285 49.74 36.53 -86.31
N ASN F 286 50.66 37.06 -87.12
CA ASN F 286 50.89 38.50 -87.20
C ASN F 286 49.77 39.20 -87.97
N ASP F 287 48.89 38.43 -88.60
CA ASP F 287 47.70 38.98 -89.24
C ASP F 287 46.49 38.94 -88.29
N VAL F 288 45.92 40.11 -87.99
CA VAL F 288 44.81 40.23 -87.03
C VAL F 288 43.55 39.49 -87.51
N ARG F 289 43.39 39.39 -88.83
CA ARG F 289 42.27 38.66 -89.42
C ARG F 289 42.30 37.18 -89.03
N VAL F 290 43.49 36.59 -89.07
CA VAL F 290 43.66 35.20 -88.72
C VAL F 290 43.46 35.01 -87.21
N ARG F 291 43.99 35.95 -86.42
CA ARG F 291 43.84 35.88 -84.97
C ARG F 291 42.38 35.95 -84.55
N THR F 292 41.62 36.88 -85.13
CA THR F 292 40.20 37.00 -84.82
C THR F 292 39.42 35.76 -85.26
N ALA F 293 39.78 35.20 -86.41
CA ALA F 293 39.11 33.98 -86.90
C ALA F 293 39.20 32.87 -85.84
N LEU F 294 40.40 32.70 -85.29
CA LEU F 294 40.69 31.69 -84.27
C LEU F 294 39.90 31.96 -82.96
N LYS F 295 39.91 33.23 -82.52
CA LYS F 295 39.12 33.71 -81.39
C LYS F 295 37.64 33.39 -81.53
N LEU F 296 37.08 33.74 -82.68
CA LEU F 296 35.64 33.60 -82.90
C LEU F 296 35.25 32.13 -83.09
N GLY F 297 36.13 31.37 -83.71
CA GLY F 297 35.86 29.95 -84.04
C GLY F 297 35.82 29.03 -82.84
N MET F 298 36.50 29.41 -81.75
CA MET F 298 36.40 28.66 -80.49
C MET F 298 34.96 28.73 -79.96
N ASP F 299 34.42 27.58 -79.54
CA ASP F 299 33.10 27.56 -78.93
C ASP F 299 33.25 27.45 -77.42
N ARG F 300 33.09 28.58 -76.73
CA ARG F 300 33.26 28.62 -75.28
C ARG F 300 32.21 27.82 -74.55
N ASP F 301 31.00 27.79 -75.09
CA ASP F 301 29.90 27.06 -74.47
C ASP F 301 30.14 25.55 -74.49
N ILE F 302 30.79 25.06 -75.54
CA ILE F 302 31.11 23.64 -75.60
C ILE F 302 32.23 23.30 -74.62
N ILE F 303 33.28 24.12 -74.56
CA ILE F 303 34.37 23.83 -73.63
C ILE F 303 33.89 23.89 -72.19
N VAL F 304 33.19 24.97 -71.82
CA VAL F 304 32.75 25.16 -70.43
C VAL F 304 31.82 24.04 -69.95
N ASN F 305 30.91 23.60 -70.79
CA ASN F 305 29.97 22.57 -70.35
C ASN F 305 30.70 21.25 -70.07
N LYS F 306 31.91 21.10 -70.64
CA LYS F 306 32.81 19.99 -70.31
C LYS F 306 33.32 20.05 -68.86
N VAL F 307 33.55 21.26 -68.34
CA VAL F 307 33.88 21.45 -66.90
C VAL F 307 32.69 22.04 -66.11
N LYS F 308 31.48 21.66 -66.51
CA LYS F 308 30.22 22.16 -65.94
C LYS F 308 30.07 21.96 -64.43
N ALA F 309 30.56 20.84 -63.91
CA ALA F 309 30.43 20.53 -62.49
C ALA F 309 31.19 21.52 -61.61
N GLN F 310 32.28 22.08 -62.15
CA GLN F 310 33.15 23.02 -61.43
C GLN F 310 32.62 24.46 -61.47
N GLY F 311 31.83 24.77 -62.50
CA GLY F 311 31.11 26.05 -62.58
C GLY F 311 31.87 27.19 -63.20
N ASN F 312 32.80 26.89 -64.11
CA ASN F 312 33.56 27.93 -64.82
C ASN F 312 32.69 28.70 -65.79
N MET F 313 32.85 30.02 -65.81
CA MET F 313 32.13 30.88 -66.74
C MET F 313 32.95 31.08 -68.02
N PRO F 314 32.29 31.08 -69.19
CA PRO F 314 32.97 31.37 -70.46
C PRO F 314 33.62 32.76 -70.49
N ALA F 315 34.85 32.84 -71.02
CA ALA F 315 35.61 34.10 -71.01
C ALA F 315 35.46 34.91 -72.30
N TYR F 316 35.25 36.21 -72.16
CA TYR F 316 35.18 37.13 -73.29
C TYR F 316 36.37 38.08 -73.36
N GLY F 317 37.28 37.97 -72.40
CA GLY F 317 38.47 38.82 -72.35
C GLY F 317 39.55 38.23 -71.46
N TYR F 318 40.55 39.05 -71.13
CA TYR F 318 41.75 38.58 -70.42
C TYR F 318 41.58 38.78 -68.92
N THR F 319 41.31 40.02 -68.52
CA THR F 319 41.13 40.37 -67.12
C THR F 319 39.85 39.73 -66.60
N PRO F 320 39.93 38.95 -65.51
CA PRO F 320 38.69 38.39 -64.99
C PRO F 320 37.76 39.53 -64.56
N PRO F 321 36.47 39.48 -64.94
CA PRO F 321 35.51 40.55 -64.66
C PRO F 321 35.29 40.87 -63.18
N TYR F 322 35.63 39.92 -62.32
CA TYR F 322 35.42 40.04 -60.88
C TYR F 322 36.70 40.54 -60.18
N THR F 323 37.76 40.81 -60.97
CA THR F 323 38.93 41.54 -60.48
C THR F 323 38.57 42.90 -59.85
N ASP F 324 39.14 43.21 -58.68
CA ASP F 324 38.87 44.47 -58.01
C ASP F 324 39.23 45.64 -58.90
N GLY F 325 38.29 46.55 -59.09
CA GLY F 325 38.50 47.74 -59.93
C GLY F 325 38.12 47.55 -61.40
N ALA F 326 37.61 46.38 -61.77
CA ALA F 326 37.21 46.11 -63.16
C ALA F 326 35.69 46.25 -63.36
N LYS F 327 35.29 47.00 -64.39
CA LYS F 327 33.91 47.05 -64.85
C LYS F 327 33.88 46.82 -66.36
N LEU F 328 34.06 45.55 -66.75
CA LEU F 328 34.32 45.18 -68.14
C LEU F 328 33.05 45.03 -68.96
N THR F 329 33.17 45.26 -70.26
CA THR F 329 32.04 45.10 -71.19
C THR F 329 32.25 43.83 -72.00
N GLN F 330 31.15 43.17 -72.36
CA GLN F 330 31.22 42.02 -73.26
C GLN F 330 31.32 42.53 -74.70
N PRO F 331 32.21 41.93 -75.51
CA PRO F 331 32.22 42.37 -76.90
C PRO F 331 31.02 41.85 -77.69
N GLU F 332 30.68 42.56 -78.75
CA GLU F 332 29.51 42.27 -79.58
C GLU F 332 29.49 40.80 -80.02
N TRP F 333 30.65 40.29 -80.44
CA TRP F 333 30.73 38.91 -80.95
C TRP F 333 30.42 37.84 -79.95
N PHE F 334 30.59 38.17 -78.66
CA PHE F 334 30.33 37.20 -77.59
C PHE F 334 28.83 36.88 -77.53
N GLY F 335 27.99 37.83 -77.95
CA GLY F 335 26.54 37.65 -77.98
C GLY F 335 25.97 37.02 -79.25
N TRP F 336 26.79 36.91 -80.29
CA TRP F 336 26.37 36.21 -81.52
C TRP F 336 26.10 34.77 -81.23
N SER F 337 25.46 34.08 -82.16
CA SER F 337 25.46 32.63 -82.14
C SER F 337 26.84 32.14 -82.59
N GLN F 338 27.19 30.92 -82.22
CA GLN F 338 28.45 30.32 -82.68
C GLN F 338 28.46 30.24 -84.21
N GLU F 339 27.33 29.79 -84.78
CA GLU F 339 27.17 29.72 -86.23
C GLU F 339 27.64 31.01 -86.92
N LYS F 340 27.19 32.16 -86.41
CA LYS F 340 27.60 33.46 -86.96
C LYS F 340 29.09 33.76 -86.71
N ARG F 341 29.60 33.41 -85.53
CA ARG F 341 31.03 33.55 -85.28
C ARG F 341 31.86 32.75 -86.30
N ASN F 342 31.41 31.54 -86.60
CA ASN F 342 32.10 30.66 -87.56
C ASN F 342 32.11 31.23 -88.97
N GLU F 343 30.95 31.65 -89.44
CA GLU F 343 30.81 32.33 -90.73
C GLU F 343 31.78 33.51 -90.83
N GLU F 344 31.83 34.32 -89.78
CA GLU F 344 32.68 35.51 -89.76
C GLU F 344 34.18 35.15 -89.73
N ALA F 345 34.51 34.09 -88.99
CA ALA F 345 35.87 33.58 -88.89
C ALA F 345 36.38 33.07 -90.24
N LYS F 346 35.53 32.34 -90.97
CA LYS F 346 35.93 31.80 -92.28
C LYS F 346 36.14 32.93 -93.31
N LYS F 347 35.33 33.98 -93.22
CA LYS F 347 35.50 35.17 -94.04
C LYS F 347 36.85 35.83 -93.79
N LEU F 348 37.17 36.07 -92.52
CA LEU F 348 38.44 36.70 -92.15
C LEU F 348 39.64 35.85 -92.59
N LEU F 349 39.55 34.54 -92.40
CA LEU F 349 40.60 33.62 -92.84
C LEU F 349 40.82 33.71 -94.35
N ALA F 350 39.73 33.71 -95.12
CA ALA F 350 39.81 33.78 -96.59
C ALA F 350 40.40 35.11 -97.06
N GLU F 351 40.02 36.21 -96.41
CA GLU F 351 40.62 37.53 -96.72
C GLU F 351 42.16 37.50 -96.56
N ALA F 352 42.65 36.69 -95.63
CA ALA F 352 44.09 36.60 -95.40
C ALA F 352 44.77 35.61 -96.34
N GLY F 353 44.00 34.89 -97.17
CA GLY F 353 44.54 33.88 -98.09
C GLY F 353 44.41 32.43 -97.63
N TYR F 354 43.70 32.21 -96.52
CA TYR F 354 43.50 30.88 -95.95
C TYR F 354 42.06 30.49 -96.26
N THR F 355 41.90 29.93 -97.45
CA THR F 355 40.62 29.68 -98.06
C THR F 355 40.23 28.22 -97.79
N ALA F 356 39.05 27.84 -98.26
CA ALA F 356 38.58 26.47 -98.06
C ALA F 356 39.51 25.45 -98.71
N ASP F 357 39.98 25.70 -99.93
CA ASP F 357 40.88 24.71 -100.55
C ASP F 357 42.37 24.98 -100.30
N LYS F 358 42.69 26.10 -99.65
CA LYS F 358 44.06 26.37 -99.17
C LYS F 358 44.04 26.70 -97.67
N PRO F 359 43.65 25.73 -96.82
CA PRO F 359 43.41 25.97 -95.40
C PRO F 359 44.66 26.09 -94.53
N LEU F 360 44.46 26.58 -93.31
CA LEU F 360 45.53 26.78 -92.35
C LEU F 360 45.76 25.53 -91.47
N THR F 361 47.02 25.17 -91.29
CA THR F 361 47.42 24.17 -90.29
C THR F 361 48.28 24.83 -89.22
N ILE F 362 47.98 24.60 -87.96
CA ILE F 362 48.78 25.14 -86.85
C ILE F 362 49.07 24.09 -85.80
N ASN F 363 50.05 24.39 -84.95
CA ASN F 363 50.37 23.58 -83.79
C ASN F 363 49.86 24.21 -82.51
N LEU F 364 49.34 23.38 -81.62
CA LEU F 364 48.85 23.81 -80.31
C LEU F 364 49.74 23.21 -79.24
N LEU F 365 50.52 24.07 -78.60
CA LEU F 365 51.38 23.70 -77.51
C LEU F 365 50.62 23.69 -76.19
N TYR F 366 50.82 22.65 -75.39
CA TYR F 366 50.30 22.68 -74.03
C TYR F 366 51.26 21.99 -73.07
N ASN F 367 51.16 22.33 -71.78
CA ASN F 367 51.94 21.68 -70.73
C ASN F 367 51.27 20.39 -70.26
N THR F 368 52.07 19.32 -70.16
CA THR F 368 51.61 17.98 -69.78
C THR F 368 50.58 18.00 -68.66
N SER F 369 49.41 17.43 -68.94
CA SER F 369 48.22 17.56 -68.10
C SER F 369 47.08 16.76 -68.71
N ASP F 370 46.35 16.03 -67.87
CA ASP F 370 45.14 15.33 -68.27
C ASP F 370 44.06 16.33 -68.66
N LEU F 371 43.95 17.40 -67.87
CA LEU F 371 43.00 18.46 -68.17
C LEU F 371 43.33 19.12 -69.51
N HIS F 372 44.55 19.62 -69.68
CA HIS F 372 44.89 20.38 -70.88
C HIS F 372 44.87 19.53 -72.11
N LYS F 373 45.35 18.29 -72.02
CA LYS F 373 45.26 17.39 -73.15
C LYS F 373 43.80 17.27 -73.62
N LYS F 374 42.88 16.97 -72.70
CA LYS F 374 41.48 16.75 -73.09
C LYS F 374 40.84 18.02 -73.64
N LEU F 375 41.12 19.17 -73.04
CA LEU F 375 40.62 20.42 -73.61
C LEU F 375 41.28 20.71 -74.95
N ALA F 376 42.57 20.38 -75.09
CA ALA F 376 43.26 20.64 -76.36
C ALA F 376 42.66 19.83 -77.50
N ILE F 377 42.35 18.55 -77.21
CA ILE F 377 41.74 17.67 -78.18
C ILE F 377 40.40 18.23 -78.61
N ALA F 378 39.62 18.71 -77.64
CA ALA F 378 38.33 19.34 -77.94
C ALA F 378 38.52 20.63 -78.76
N ALA F 379 39.41 21.50 -78.30
CA ALA F 379 39.75 22.71 -79.07
C ALA F 379 40.13 22.40 -80.53
N SER F 380 41.01 21.41 -80.71
CA SER F 380 41.44 21.01 -82.04
C SER F 380 40.24 20.59 -82.90
N SER F 381 39.40 19.73 -82.34
CA SER F 381 38.20 19.27 -83.02
C SER F 381 37.25 20.42 -83.39
N LEU F 382 37.06 21.36 -82.47
CA LEU F 382 36.16 22.50 -82.70
C LEU F 382 36.67 23.44 -83.78
N TRP F 383 37.97 23.68 -83.79
CA TRP F 383 38.52 24.56 -84.80
C TRP F 383 38.45 23.96 -86.18
N LYS F 384 38.62 22.65 -86.28
CA LYS F 384 38.51 21.93 -87.56
C LYS F 384 37.10 22.04 -88.12
N LYS F 385 36.11 21.63 -87.33
CA LYS F 385 34.72 21.61 -87.78
C LYS F 385 34.16 23.02 -87.97
N ASN F 386 34.50 23.94 -87.08
CA ASN F 386 33.91 25.29 -87.10
C ASN F 386 34.48 26.21 -88.17
N ILE F 387 35.80 26.19 -88.32
CA ILE F 387 36.45 27.08 -89.28
C ILE F 387 37.47 26.40 -90.22
N GLY F 388 37.63 25.08 -90.14
CA GLY F 388 38.45 24.35 -91.12
C GLY F 388 39.95 24.49 -90.91
N VAL F 389 40.34 24.84 -89.69
CA VAL F 389 41.74 25.00 -89.33
C VAL F 389 42.21 23.68 -88.72
N ASN F 390 43.27 23.11 -89.30
CA ASN F 390 43.86 21.86 -88.81
C ASN F 390 44.84 22.16 -87.66
N VAL F 391 44.66 21.47 -86.54
CA VAL F 391 45.45 21.77 -85.33
C VAL F 391 46.12 20.50 -84.85
N LYS F 392 47.45 20.50 -84.80
CA LYS F 392 48.22 19.35 -84.31
C LYS F 392 48.70 19.69 -82.91
N LEU F 393 48.65 18.72 -82.01
CA LEU F 393 48.97 18.98 -80.61
C LEU F 393 50.44 18.72 -80.31
N VAL F 394 51.01 19.56 -79.44
CA VAL F 394 52.38 19.42 -78.95
C VAL F 394 52.34 19.63 -77.44
N ASN F 395 52.92 18.70 -76.70
CA ASN F 395 52.98 18.81 -75.26
C ASN F 395 54.42 18.84 -74.73
N GLN F 396 54.66 19.70 -73.74
CA GLN F 396 55.97 19.83 -73.11
C GLN F 396 55.85 19.90 -71.58
N GLU F 397 56.88 19.44 -70.87
CA GLU F 397 56.96 19.66 -69.41
C GLU F 397 56.83 21.14 -69.10
N TRP F 398 56.30 21.44 -67.92
CA TRP F 398 56.17 22.83 -67.42
C TRP F 398 57.31 23.78 -67.69
N LYS F 399 58.52 23.42 -67.24
CA LYS F 399 59.67 24.32 -67.36
C LYS F 399 59.98 24.65 -68.85
N THR F 400 60.03 23.62 -69.68
CA THR F 400 60.27 23.76 -71.11
C THR F 400 59.17 24.55 -71.80
N PHE F 401 57.93 24.22 -71.48
CA PHE F 401 56.73 24.92 -71.96
C PHE F 401 56.84 26.44 -71.76
N LEU F 402 57.17 26.85 -70.55
CA LEU F 402 57.37 28.28 -70.26
C LEU F 402 58.52 28.88 -71.07
N ASP F 403 59.62 28.13 -71.17
CA ASP F 403 60.78 28.56 -71.97
C ASP F 403 60.41 28.73 -73.45
N THR F 404 59.72 27.74 -74.02
CA THR F 404 59.25 27.80 -75.41
C THR F 404 58.42 29.07 -75.69
N ARG F 405 57.52 29.38 -74.78
CA ARG F 405 56.66 30.55 -74.95
C ARG F 405 57.47 31.85 -74.95
N HIS F 406 58.44 31.98 -74.04
CA HIS F 406 59.34 33.15 -74.05
C HIS F 406 60.18 33.21 -75.31
N GLN F 407 60.68 32.07 -75.78
CA GLN F 407 61.47 32.01 -76.99
C GLN F 407 60.66 32.24 -78.26
N GLY F 408 59.34 32.07 -78.20
CA GLY F 408 58.49 32.31 -79.37
C GLY F 408 58.53 31.20 -80.40
N THR F 409 59.05 30.03 -80.03
CA THR F 409 59.04 28.86 -80.92
C THR F 409 57.72 28.06 -80.82
N PHE F 410 56.59 28.77 -80.97
CA PHE F 410 55.27 28.15 -80.98
C PHE F 410 54.29 28.96 -81.84
N ASP F 411 53.15 28.35 -82.17
CA ASP F 411 52.06 29.05 -82.86
C ASP F 411 51.04 29.54 -81.84
N VAL F 412 50.40 28.58 -81.18
CA VAL F 412 49.36 28.83 -80.21
C VAL F 412 49.63 27.91 -79.02
N ALA F 413 49.38 28.42 -77.81
CA ALA F 413 49.69 27.68 -76.60
C ALA F 413 48.56 27.76 -75.60
N ARG F 414 48.25 26.62 -74.98
CA ARG F 414 47.35 26.61 -73.82
C ARG F 414 48.03 27.50 -72.80
N ALA F 415 47.29 28.43 -72.22
CA ALA F 415 47.83 29.34 -71.23
C ALA F 415 46.87 29.59 -70.07
N GLY F 416 47.45 29.97 -68.94
CA GLY F 416 46.72 30.42 -67.78
C GLY F 416 47.46 31.52 -67.07
N TRP F 417 46.81 32.67 -66.88
CA TRP F 417 47.36 33.75 -66.06
C TRP F 417 46.52 33.94 -64.82
N CYS F 418 47.15 33.87 -63.65
CA CYS F 418 46.54 34.29 -62.37
C CYS F 418 47.08 35.63 -61.89
N ALA F 419 46.21 36.40 -61.26
CA ALA F 419 46.62 37.68 -60.72
C ALA F 419 47.69 37.50 -59.64
N ASP F 420 48.66 38.42 -59.64
CA ASP F 420 49.69 38.51 -58.58
C ASP F 420 49.23 39.47 -57.50
N TYR F 421 48.39 40.41 -57.90
CA TYR F 421 47.70 41.30 -56.99
C TYR F 421 46.34 41.60 -57.60
N ASN F 422 45.34 41.81 -56.75
CA ASN F 422 43.96 41.98 -57.19
C ASN F 422 43.67 43.40 -57.69
N GLU F 423 44.08 43.68 -58.91
CA GLU F 423 43.84 44.97 -59.56
C GLU F 423 44.08 44.70 -61.06
N PRO F 424 43.34 45.39 -61.95
CA PRO F 424 43.41 44.94 -63.35
C PRO F 424 44.79 45.00 -64.07
N THR F 425 45.73 45.83 -63.59
CA THR F 425 47.06 45.93 -64.20
C THR F 425 47.90 44.67 -64.01
N SER F 426 47.61 43.90 -62.98
CA SER F 426 48.23 42.58 -62.81
C SER F 426 48.02 41.68 -64.03
N PHE F 427 46.90 41.91 -64.73
CA PHE F 427 46.66 41.29 -66.03
C PHE F 427 47.19 42.14 -67.17
N LEU F 428 46.67 43.37 -67.25
CA LEU F 428 46.89 44.21 -68.41
C LEU F 428 48.37 44.53 -68.69
N ASN F 429 49.18 44.62 -67.63
CA ASN F 429 50.59 44.99 -67.80
C ASN F 429 51.39 43.91 -68.49
N THR F 430 50.87 42.70 -68.48
CA THR F 430 51.56 41.58 -69.13
C THR F 430 51.51 41.70 -70.65
N MET F 431 50.61 42.55 -71.16
CA MET F 431 50.49 42.79 -72.59
C MET F 431 51.18 44.07 -73.07
N LEU F 432 51.86 44.77 -72.15
CA LEU F 432 52.74 45.90 -72.55
C LEU F 432 53.87 45.40 -73.48
N SER F 433 54.22 46.21 -74.47
CA SER F 433 55.28 45.85 -75.43
C SER F 433 56.57 45.52 -74.72
N ASN F 434 56.88 46.27 -73.66
CA ASN F 434 58.14 46.09 -72.94
C ASN F 434 58.13 45.01 -71.87
N SER F 435 57.00 44.33 -71.65
CA SER F 435 56.86 43.46 -70.48
C SER F 435 57.57 42.13 -70.65
N SER F 436 58.37 41.78 -69.63
CA SER F 436 59.08 40.51 -69.58
C SER F 436 58.13 39.30 -69.48
N MET F 437 56.87 39.54 -69.15
CA MET F 437 55.84 38.50 -69.08
C MET F 437 54.97 38.40 -70.35
N ASN F 438 55.29 39.16 -71.39
CA ASN F 438 54.49 39.18 -72.62
C ASN F 438 54.87 37.98 -73.51
N THR F 439 54.33 36.82 -73.21
CA THR F 439 54.59 35.61 -74.01
C THR F 439 53.69 35.55 -75.25
N ALA F 440 52.70 36.43 -75.34
CA ALA F 440 51.89 36.54 -76.55
C ALA F 440 52.68 37.26 -77.64
N HIS F 441 53.75 37.94 -77.24
CA HIS F 441 54.54 38.78 -78.13
C HIS F 441 53.68 39.81 -78.81
N TYR F 442 52.73 40.34 -78.06
CA TYR F 442 51.78 41.37 -78.53
C TYR F 442 52.34 42.76 -78.26
N LYS F 443 52.49 43.55 -79.31
CA LYS F 443 53.10 44.88 -79.21
C LYS F 443 52.23 45.90 -79.91
N SER F 444 51.57 46.74 -79.12
CA SER F 444 50.63 47.72 -79.63
C SER F 444 50.92 49.03 -78.94
N PRO F 445 51.51 50.01 -79.66
CA PRO F 445 51.68 51.34 -79.09
C PRO F 445 50.36 51.91 -78.58
N ALA F 446 49.27 51.63 -79.29
CA ALA F 446 47.93 52.04 -78.87
C ALA F 446 47.59 51.51 -77.48
N PHE F 447 47.82 50.21 -77.26
CA PHE F 447 47.55 49.59 -75.95
C PHE F 447 48.46 50.15 -74.85
N ASP F 448 49.75 50.27 -75.15
CA ASP F 448 50.71 50.81 -74.19
C ASP F 448 50.29 52.22 -73.76
N SER F 449 49.74 52.96 -74.70
CA SER F 449 49.37 54.36 -74.48
C SER F 449 48.11 54.51 -73.58
N ILE F 450 47.15 53.60 -73.74
CA ILE F 450 45.99 53.58 -72.84
C ILE F 450 46.46 53.27 -71.42
N MET F 451 47.36 52.29 -71.28
CA MET F 451 47.82 51.89 -69.96
C MET F 451 48.57 53.02 -69.26
N ALA F 452 49.42 53.73 -70.01
CA ALA F 452 50.12 54.89 -69.47
C ALA F 452 49.14 55.98 -69.00
N GLU F 453 48.00 56.07 -69.64
CA GLU F 453 46.95 57.02 -69.20
C GLU F 453 46.38 56.64 -67.83
N THR F 454 46.36 55.35 -67.49
CA THR F 454 45.79 54.92 -66.21
C THR F 454 46.61 55.46 -65.04
N LEU F 455 47.86 55.86 -65.29
CA LEU F 455 48.69 56.47 -64.27
C LEU F 455 48.45 57.97 -64.10
N LYS F 456 47.76 58.60 -65.05
CA LYS F 456 47.53 60.04 -65.01
C LYS F 456 46.12 60.42 -64.51
N VAL F 457 45.34 59.43 -64.07
CA VAL F 457 43.96 59.69 -63.63
C VAL F 457 43.91 60.60 -62.41
N THR F 458 42.80 61.32 -62.27
CA THR F 458 42.59 62.21 -61.13
C THR F 458 41.42 61.70 -60.29
N ASP F 459 41.12 60.40 -60.41
CA ASP F 459 39.82 59.85 -60.04
C ASP F 459 39.79 58.36 -60.41
N GLU F 460 39.21 57.52 -59.55
CA GLU F 460 39.24 56.07 -59.75
C GLU F 460 38.29 55.57 -60.84
N ALA F 461 37.16 56.24 -61.00
CA ALA F 461 36.20 55.91 -62.06
C ALA F 461 36.86 56.00 -63.43
N GLN F 462 37.69 57.03 -63.62
CA GLN F 462 38.49 57.22 -64.84
C GLN F 462 39.44 56.05 -65.07
N ARG F 463 40.11 55.64 -64.00
CA ARG F 463 41.07 54.56 -64.09
C ARG F 463 40.37 53.30 -64.58
N THR F 464 39.27 52.95 -63.91
CA THR F 464 38.43 51.78 -64.28
C THR F 464 37.90 51.84 -65.70
N ALA F 465 37.47 53.03 -66.14
CA ALA F 465 37.06 53.24 -67.52
C ALA F 465 38.21 52.96 -68.47
N LEU F 466 39.41 53.40 -68.10
CA LEU F 466 40.60 53.17 -68.94
C LEU F 466 40.93 51.68 -69.04
N TYR F 467 40.74 50.92 -67.97
CA TYR F 467 41.00 49.46 -68.05
C TYR F 467 40.03 48.79 -69.05
N THR F 468 38.78 49.25 -69.07
CA THR F 468 37.81 48.76 -70.06
C THR F 468 38.24 49.13 -71.48
N LYS F 469 38.80 50.32 -71.68
CA LYS F 469 39.35 50.70 -72.98
C LYS F 469 40.51 49.79 -73.38
N ALA F 470 41.33 49.42 -72.40
CA ALA F 470 42.49 48.58 -72.66
C ALA F 470 42.06 47.19 -73.10
N GLU F 471 41.11 46.60 -72.38
CA GLU F 471 40.56 45.29 -72.74
C GLU F 471 39.89 45.28 -74.11
N GLN F 472 39.23 46.39 -74.46
CA GLN F 472 38.54 46.47 -75.74
C GLN F 472 39.54 46.42 -76.89
N GLN F 473 40.61 47.19 -76.72
CA GLN F 473 41.70 47.30 -77.68
C GLN F 473 42.39 45.96 -77.84
N LEU F 474 42.67 45.31 -76.72
CA LEU F 474 43.21 43.96 -76.71
C LEU F 474 42.32 43.02 -77.53
N ASP F 475 41.00 43.13 -77.31
CA ASP F 475 39.99 42.35 -78.05
C ASP F 475 39.86 42.76 -79.53
N LYS F 476 39.82 44.05 -79.82
CA LYS F 476 39.88 44.52 -81.22
C LYS F 476 41.11 43.94 -81.96
N ASP F 477 42.20 43.70 -81.24
CA ASP F 477 43.42 43.16 -81.84
C ASP F 477 43.54 41.63 -81.77
N SER F 478 42.55 41.00 -81.14
CA SER F 478 42.55 39.55 -80.92
C SER F 478 43.94 39.07 -80.51
N ALA F 479 44.50 39.70 -79.47
CA ALA F 479 45.77 39.26 -78.89
C ALA F 479 45.71 37.82 -78.43
N ILE F 480 44.57 37.41 -77.89
CA ILE F 480 44.41 36.04 -77.40
C ILE F 480 43.04 35.47 -77.74
N VAL F 481 42.89 34.18 -77.47
CA VAL F 481 41.61 33.48 -77.54
C VAL F 481 41.18 33.17 -76.09
N PRO F 482 40.40 34.07 -75.48
CA PRO F 482 39.86 33.72 -74.15
C PRO F 482 38.99 32.46 -74.19
N VAL F 483 39.09 31.60 -73.19
CA VAL F 483 38.26 30.39 -73.14
C VAL F 483 37.35 30.39 -71.93
N TYR F 484 37.92 30.37 -70.73
CA TYR F 484 37.10 30.46 -69.51
C TYR F 484 37.83 31.05 -68.32
N TYR F 485 37.07 31.51 -67.33
CA TYR F 485 37.62 32.04 -66.10
C TYR F 485 37.67 30.90 -65.08
N TYR F 486 38.78 30.81 -64.35
CA TYR F 486 39.05 29.69 -63.47
C TYR F 486 38.12 29.67 -62.28
N VAL F 487 38.06 28.51 -61.65
CA VAL F 487 37.68 28.37 -60.25
C VAL F 487 38.85 27.66 -59.56
N ASN F 488 38.88 27.68 -58.23
CA ASN F 488 39.93 27.03 -57.45
C ASN F 488 39.31 25.80 -56.82
N ALA F 489 39.50 24.68 -57.50
CA ALA F 489 38.93 23.41 -57.11
C ALA F 489 40.04 22.45 -56.70
N ARG F 490 40.00 21.96 -55.46
CA ARG F 490 40.92 20.90 -55.04
C ARG F 490 40.35 20.04 -53.92
N LEU F 491 41.05 18.96 -53.63
CA LEU F 491 40.71 18.05 -52.56
C LEU F 491 41.64 18.34 -51.37
N VAL F 492 41.06 18.40 -50.17
CA VAL F 492 41.83 18.64 -48.95
C VAL F 492 41.35 17.66 -47.89
N LYS F 493 42.29 16.94 -47.27
CA LYS F 493 41.90 15.92 -46.29
C LYS F 493 41.17 16.58 -45.12
N PRO F 494 40.25 15.86 -44.46
CA PRO F 494 39.44 16.45 -43.39
C PRO F 494 40.28 16.97 -42.22
N TRP F 495 41.43 16.33 -41.99
CA TRP F 495 42.30 16.72 -40.87
C TRP F 495 43.19 17.91 -41.14
N VAL F 496 43.19 18.43 -42.37
CA VAL F 496 43.99 19.63 -42.70
C VAL F 496 43.24 20.92 -42.34
N GLY F 497 43.76 21.67 -41.37
CA GLY F 497 43.15 22.93 -40.95
C GLY F 497 43.91 24.14 -41.47
N GLY F 498 43.22 25.28 -41.55
CA GLY F 498 43.82 26.52 -42.03
C GLY F 498 43.62 26.88 -43.50
N TYR F 499 43.02 25.98 -44.27
CA TYR F 499 42.64 26.28 -45.67
C TYR F 499 41.21 26.81 -45.70
N THR F 500 41.07 28.12 -45.85
CA THR F 500 39.73 28.72 -45.93
C THR F 500 39.28 28.83 -47.40
N GLY F 501 40.24 28.91 -48.32
CA GLY F 501 39.94 29.14 -49.72
C GLY F 501 39.28 30.49 -50.00
N LYS F 502 39.33 31.43 -49.05
CA LYS F 502 38.70 32.74 -49.24
C LYS F 502 39.58 33.75 -50.00
N ASP F 503 40.82 33.40 -50.33
CA ASP F 503 41.70 34.30 -51.04
C ASP F 503 41.59 34.03 -52.54
N PRO F 504 41.05 34.99 -53.30
CA PRO F 504 40.87 34.75 -54.73
C PRO F 504 42.17 34.64 -55.56
N LEU F 505 43.32 34.84 -54.92
CA LEU F 505 44.61 34.58 -55.57
C LEU F 505 45.24 33.27 -55.09
N ASP F 506 44.61 32.65 -54.08
CA ASP F 506 45.10 31.39 -53.53
C ASP F 506 46.56 31.50 -53.06
N ASN F 507 46.89 32.63 -52.44
CA ASN F 507 48.22 32.82 -51.87
C ASN F 507 48.24 32.27 -50.45
N THR F 508 48.33 30.94 -50.35
CA THR F 508 48.34 30.26 -49.07
C THR F 508 49.77 30.11 -48.53
N TYR F 509 49.85 29.87 -47.23
CA TYR F 509 51.12 29.69 -46.53
C TYR F 509 51.03 28.48 -45.62
N THR F 510 52.00 27.58 -45.70
CA THR F 510 51.99 26.41 -44.82
C THR F 510 52.00 26.87 -43.34
N ARG F 511 52.64 28.00 -43.05
CA ARG F 511 52.66 28.52 -41.68
C ARG F 511 51.25 28.78 -41.10
N ASN F 512 50.23 28.84 -41.95
CA ASN F 512 48.85 29.06 -41.46
C ASN F 512 48.07 27.79 -41.23
N MET F 513 48.64 26.66 -41.59
CA MET F 513 47.91 25.41 -41.54
C MET F 513 48.30 24.55 -40.34
N TYR F 514 47.49 23.54 -40.07
CA TYR F 514 47.68 22.64 -38.93
C TYR F 514 46.94 21.34 -39.18
N ILE F 515 47.41 20.26 -38.57
CA ILE F 515 46.80 18.95 -38.71
C ILE F 515 46.04 18.56 -37.46
N VAL F 516 44.74 18.34 -37.64
CA VAL F 516 43.88 17.93 -36.54
C VAL F 516 44.11 16.45 -36.25
N LYS F 517 44.01 16.06 -34.98
CA LYS F 517 44.17 14.66 -34.61
C LYS F 517 43.09 13.84 -35.30
N HIS F 518 43.46 12.67 -35.81
CA HIS F 518 42.55 11.83 -36.59
C HIS F 518 42.97 10.37 -36.57
N ALA G 2 -31.96 -27.14 40.60
CA ALA G 2 -30.76 -26.71 41.35
C ALA G 2 -30.73 -27.40 42.71
N ASP G 3 -29.52 -27.68 43.19
CA ASP G 3 -29.32 -28.23 44.53
C ASP G 3 -28.55 -27.19 45.32
N VAL G 4 -29.27 -26.36 46.07
CA VAL G 4 -28.66 -25.33 46.91
C VAL G 4 -28.10 -25.96 48.20
N PRO G 5 -26.77 -25.95 48.39
CA PRO G 5 -26.18 -26.60 49.58
C PRO G 5 -26.74 -26.07 50.89
N ALA G 6 -26.80 -26.93 51.91
CA ALA G 6 -27.29 -26.55 53.24
C ALA G 6 -26.49 -25.37 53.78
N GLY G 7 -27.20 -24.45 54.45
CA GLY G 7 -26.55 -23.28 55.05
C GLY G 7 -26.14 -22.17 54.10
N VAL G 8 -26.57 -22.26 52.83
CA VAL G 8 -26.40 -21.16 51.89
C VAL G 8 -27.66 -20.30 51.97
N THR G 9 -27.50 -18.98 52.06
CA THR G 9 -28.66 -18.07 52.07
C THR G 9 -28.89 -17.53 50.69
N LEU G 10 -30.13 -17.63 50.21
CA LEU G 10 -30.48 -17.17 48.86
C LEU G 10 -30.83 -15.68 48.86
N ALA G 11 -30.50 -15.02 47.76
CA ALA G 11 -30.94 -13.66 47.52
C ALA G 11 -32.47 -13.67 47.34
N GLU G 12 -33.11 -12.56 47.68
CA GLU G 12 -34.57 -12.42 47.45
C GLU G 12 -34.86 -12.26 45.95
N LYS G 13 -33.95 -11.61 45.22
CA LYS G 13 -34.01 -11.53 43.75
C LYS G 13 -33.25 -12.69 43.16
N GLN G 14 -33.97 -13.57 42.48
CA GLN G 14 -33.35 -14.68 41.78
C GLN G 14 -33.40 -14.38 40.28
N THR G 15 -32.52 -13.47 39.86
CA THR G 15 -32.33 -13.14 38.46
C THR G 15 -30.86 -13.35 38.06
N LEU G 16 -30.62 -13.61 36.78
CA LEU G 16 -29.28 -13.87 36.24
C LEU G 16 -29.15 -13.13 34.93
N VAL G 17 -28.01 -12.48 34.70
CA VAL G 17 -27.73 -11.86 33.41
C VAL G 17 -26.46 -12.47 32.83
N ARG G 18 -26.58 -13.09 31.65
CA ARG G 18 -25.50 -13.73 30.94
C ARG G 18 -25.26 -13.05 29.60
N ASN G 19 -23.99 -12.89 29.21
CA ASN G 19 -23.68 -12.57 27.81
C ASN G 19 -23.63 -13.84 26.98
N ASN G 20 -24.38 -13.85 25.90
CA ASN G 20 -24.48 -15.02 25.02
C ASN G 20 -23.61 -14.87 23.76
N GLY G 21 -23.05 -13.68 23.56
CA GLY G 21 -21.97 -13.51 22.59
C GLY G 21 -22.38 -13.14 21.18
N SER G 22 -23.66 -13.32 20.83
CA SER G 22 -24.24 -12.85 19.57
C SER G 22 -25.75 -12.98 19.56
N GLU G 23 -26.37 -12.28 18.60
CA GLU G 23 -27.78 -12.41 18.32
C GLU G 23 -28.04 -13.78 17.73
N VAL G 24 -28.93 -14.55 18.35
CA VAL G 24 -29.18 -15.94 17.92
C VAL G 24 -29.73 -16.00 16.50
N GLN G 25 -29.40 -17.07 15.80
CA GLN G 25 -30.03 -17.38 14.52
C GLN G 25 -31.53 -17.50 14.64
N SER G 26 -31.99 -18.16 15.69
CA SER G 26 -33.39 -18.47 15.88
C SER G 26 -33.59 -19.15 17.23
N LEU G 27 -34.86 -19.24 17.64
CA LEU G 27 -35.24 -20.01 18.84
C LEU G 27 -35.93 -21.34 18.50
N ASP G 28 -36.02 -21.63 17.21
CA ASP G 28 -36.55 -22.89 16.75
C ASP G 28 -35.43 -23.93 16.79
N PRO G 29 -35.55 -24.96 17.64
CA PRO G 29 -34.52 -26.00 17.76
C PRO G 29 -34.05 -26.66 16.45
N HIS G 30 -34.87 -26.57 15.40
CA HIS G 30 -34.52 -27.12 14.10
C HIS G 30 -33.90 -26.12 13.15
N LYS G 31 -33.74 -24.87 13.58
CA LYS G 31 -33.12 -23.85 12.74
C LYS G 31 -31.76 -23.37 13.27
N ILE G 32 -31.09 -24.18 14.09
CA ILE G 32 -29.89 -23.68 14.80
C ILE G 32 -28.67 -24.58 14.68
N GLU G 33 -27.49 -23.98 14.81
CA GLU G 33 -26.25 -24.75 14.78
C GLU G 33 -25.15 -24.27 15.72
N GLY G 34 -25.36 -23.14 16.41
CA GLY G 34 -24.30 -22.52 17.18
C GLY G 34 -24.42 -22.69 18.69
N VAL G 35 -23.33 -22.38 19.39
CA VAL G 35 -23.35 -22.34 20.87
C VAL G 35 -24.36 -21.33 21.44
N PRO G 36 -24.34 -20.09 20.94
CA PRO G 36 -25.28 -19.12 21.51
C PRO G 36 -26.71 -19.62 21.43
N GLU G 37 -27.08 -20.15 20.26
CA GLU G 37 -28.42 -20.66 20.04
C GLU G 37 -28.73 -21.77 21.03
N SER G 38 -27.80 -22.68 21.19
CA SER G 38 -28.01 -23.82 22.07
C SER G 38 -28.13 -23.45 23.53
N ASN G 39 -27.44 -22.39 23.97
CA ASN G 39 -27.53 -21.93 25.36
C ASN G 39 -28.98 -21.57 25.71
N ILE G 40 -29.60 -20.76 24.84
CA ILE G 40 -30.98 -20.38 25.05
C ILE G 40 -31.89 -21.61 24.90
N SER G 41 -31.60 -22.46 23.93
CA SER G 41 -32.44 -23.61 23.64
C SER G 41 -32.54 -24.57 24.84
N ARG G 42 -31.42 -24.82 25.51
CA ARG G 42 -31.41 -25.71 26.68
C ARG G 42 -32.32 -25.23 27.82
N ASP G 43 -32.51 -23.91 27.93
CA ASP G 43 -33.45 -23.37 28.91
C ASP G 43 -34.91 -23.50 28.45
N LEU G 44 -35.15 -23.47 27.15
CA LEU G 44 -36.52 -23.43 26.60
C LEU G 44 -37.10 -24.79 26.30
N PHE G 45 -36.27 -25.74 25.88
CA PHE G 45 -36.77 -27.03 25.43
C PHE G 45 -35.91 -28.15 26.01
N GLU G 46 -36.54 -29.21 26.46
CA GLU G 46 -35.84 -30.31 27.08
C GLU G 46 -36.05 -31.57 26.27
N GLY G 47 -34.94 -32.23 25.92
CA GLY G 47 -34.98 -33.47 25.16
C GLY G 47 -35.14 -34.69 26.03
N LEU G 48 -34.92 -35.87 25.44
CA LEU G 48 -35.11 -37.12 26.16
C LEU G 48 -34.14 -37.14 27.33
N LEU G 49 -32.89 -36.72 27.06
CA LEU G 49 -31.82 -36.68 28.03
C LEU G 49 -31.26 -35.27 28.18
N VAL G 50 -30.56 -35.04 29.28
CA VAL G 50 -29.89 -33.78 29.58
C VAL G 50 -28.51 -34.09 30.14
N SER G 51 -27.66 -33.06 30.20
CA SER G 51 -26.31 -33.20 30.74
C SER G 51 -26.32 -32.86 32.22
N ASP G 52 -25.77 -33.73 33.05
CA ASP G 52 -25.63 -33.40 34.47
C ASP G 52 -24.46 -32.43 34.66
N LEU G 53 -24.12 -32.09 35.90
CA LEU G 53 -23.07 -31.10 36.14
C LEU G 53 -21.66 -31.53 35.65
N ASP G 54 -21.42 -32.83 35.60
CA ASP G 54 -20.17 -33.35 35.03
C ASP G 54 -20.25 -33.65 33.52
N GLY G 55 -21.33 -33.22 32.86
CA GLY G 55 -21.53 -33.50 31.43
C GLY G 55 -22.02 -34.90 31.09
N HIS G 56 -22.30 -35.74 32.08
CA HIS G 56 -22.76 -37.11 31.79
C HIS G 56 -24.24 -37.11 31.47
N PRO G 57 -24.66 -37.94 30.50
CA PRO G 57 -26.10 -38.04 30.22
C PRO G 57 -26.93 -38.42 31.44
N ALA G 58 -28.05 -37.73 31.63
CA ALA G 58 -28.93 -37.93 32.77
C ALA G 58 -30.38 -37.82 32.28
N PRO G 59 -31.35 -38.31 33.07
CA PRO G 59 -32.78 -38.21 32.72
C PRO G 59 -33.24 -36.81 32.31
N GLY G 60 -33.91 -36.74 31.16
CA GLY G 60 -34.55 -35.52 30.71
C GLY G 60 -36.04 -35.77 30.77
N VAL G 61 -36.71 -35.67 29.64
CA VAL G 61 -38.10 -36.10 29.57
C VAL G 61 -38.18 -37.62 29.78
N ALA G 62 -37.14 -38.34 29.33
CA ALA G 62 -37.03 -39.77 29.60
C ALA G 62 -36.48 -40.00 31.02
N GLU G 63 -37.27 -40.65 31.87
CA GLU G 63 -36.80 -40.99 33.23
C GLU G 63 -35.87 -42.21 33.24
N SER G 64 -36.06 -43.12 32.28
CA SER G 64 -35.17 -44.28 32.10
C SER G 64 -35.15 -44.77 30.64
N TRP G 65 -34.11 -45.52 30.28
CA TRP G 65 -34.00 -46.08 28.94
C TRP G 65 -33.24 -47.37 28.95
N ASP G 66 -33.32 -48.10 27.85
CA ASP G 66 -32.67 -49.38 27.70
C ASP G 66 -32.56 -49.69 26.22
N ASN G 67 -31.69 -50.63 25.87
CA ASN G 67 -31.51 -51.00 24.49
C ASN G 67 -31.24 -52.48 24.32
N LYS G 68 -31.47 -52.98 23.11
CA LYS G 68 -31.07 -54.34 22.74
C LYS G 68 -30.05 -54.23 21.61
N ASP G 69 -28.84 -54.72 21.89
CA ASP G 69 -27.71 -54.72 20.94
C ASP G 69 -27.29 -53.34 20.41
N ALA G 70 -27.62 -52.29 21.17
CA ALA G 70 -27.35 -50.91 20.77
C ALA G 70 -28.05 -50.54 19.46
N LYS G 71 -29.12 -51.25 19.14
CA LYS G 71 -29.78 -51.12 17.84
C LYS G 71 -31.25 -50.68 17.94
N VAL G 72 -31.96 -51.16 18.95
CA VAL G 72 -33.33 -50.71 19.25
C VAL G 72 -33.36 -50.07 20.63
N TRP G 73 -33.53 -48.75 20.69
CA TRP G 73 -33.52 -47.99 21.95
C TRP G 73 -34.92 -47.61 22.39
N THR G 74 -35.25 -47.91 23.64
CA THR G 74 -36.57 -47.61 24.17
C THR G 74 -36.47 -46.63 25.33
N PHE G 75 -37.21 -45.52 25.21
CA PHE G 75 -37.19 -44.48 26.22
C PHE G 75 -38.51 -44.40 26.92
N HIS G 76 -38.45 -44.49 28.24
CA HIS G 76 -39.62 -44.42 29.09
C HIS G 76 -39.76 -43.02 29.57
N LEU G 77 -40.77 -42.32 29.06
CA LEU G 77 -40.95 -40.91 29.37
C LEU G 77 -41.69 -40.74 30.70
N ARG G 78 -41.26 -39.74 31.48
CA ARG G 78 -41.97 -39.42 32.72
C ARG G 78 -43.38 -38.93 32.41
N LYS G 79 -44.32 -39.28 33.26
CA LYS G 79 -45.74 -39.04 32.99
C LYS G 79 -46.19 -37.61 33.30
N ASP G 80 -45.36 -36.84 34.02
CA ASP G 80 -45.70 -35.46 34.36
C ASP G 80 -44.93 -34.40 33.53
N ALA G 81 -44.26 -34.80 32.47
CA ALA G 81 -43.65 -33.82 31.57
C ALA G 81 -44.76 -33.03 30.87
N LYS G 82 -44.65 -31.70 30.86
CA LYS G 82 -45.67 -30.84 30.28
C LYS G 82 -45.11 -29.67 29.49
N TRP G 83 -45.90 -29.23 28.52
CA TRP G 83 -45.66 -27.99 27.80
C TRP G 83 -46.11 -26.82 28.62
N SER G 84 -45.73 -25.63 28.17
CA SER G 84 -46.10 -24.39 28.85
C SER G 84 -47.57 -24.04 28.74
N ASP G 85 -48.32 -24.71 27.86
CA ASP G 85 -49.77 -24.54 27.79
C ASP G 85 -50.49 -25.53 28.72
N GLY G 86 -49.71 -26.31 29.48
CA GLY G 86 -50.26 -27.31 30.39
C GLY G 86 -50.48 -28.69 29.80
N THR G 87 -50.32 -28.83 28.48
CA THR G 87 -50.58 -30.13 27.83
C THR G 87 -49.37 -31.03 28.04
N PRO G 88 -49.59 -32.34 28.06
CA PRO G 88 -48.48 -33.28 28.25
C PRO G 88 -47.48 -33.38 27.09
N VAL G 89 -46.23 -33.66 27.44
CA VAL G 89 -45.21 -34.01 26.47
C VAL G 89 -45.26 -35.53 26.29
N THR G 90 -45.46 -35.99 25.05
CA THR G 90 -45.68 -37.39 24.76
C THR G 90 -44.63 -37.96 23.84
N ALA G 91 -44.62 -39.28 23.70
CA ALA G 91 -43.77 -39.95 22.70
C ALA G 91 -44.04 -39.39 21.31
N GLN G 92 -45.30 -39.05 21.06
CA GLN G 92 -45.73 -38.52 19.76
C GLN G 92 -45.09 -37.18 19.41
N ASP G 93 -44.83 -36.35 20.41
CA ASP G 93 -44.13 -35.09 20.20
C ASP G 93 -42.74 -35.35 19.64
N PHE G 94 -42.06 -36.35 20.19
CA PHE G 94 -40.75 -36.69 19.70
C PHE G 94 -40.75 -37.29 18.29
N VAL G 95 -41.79 -38.07 17.96
CA VAL G 95 -41.89 -38.64 16.62
C VAL G 95 -42.03 -37.50 15.60
N TYR G 96 -43.01 -36.63 15.85
CA TYR G 96 -43.20 -35.42 15.04
C TYR G 96 -41.94 -34.57 14.92
N SER G 97 -41.28 -34.35 16.06
CA SER G 97 -40.15 -33.40 16.11
C SER G 97 -38.95 -33.90 15.33
N TRP G 98 -38.62 -35.17 15.48
CA TRP G 98 -37.50 -35.75 14.78
C TRP G 98 -37.76 -35.89 13.31
N GLN G 99 -39.00 -36.24 12.96
CA GLN G 99 -39.42 -36.24 11.57
C GLN G 99 -39.26 -34.84 10.94
N ARG G 100 -39.62 -33.78 11.67
CA ARG G 100 -39.45 -32.41 11.18
C ARG G 100 -37.99 -32.01 10.99
N SER G 101 -37.12 -32.45 11.90
N SER G 101 -37.12 -32.45 11.90
CA SER G 101 -35.69 -32.14 11.85
CA SER G 101 -35.69 -32.10 11.83
C SER G 101 -35.03 -32.63 10.56
C SER G 101 -35.04 -32.62 10.54
N VAL G 102 -35.45 -33.80 10.09
CA VAL G 102 -34.86 -34.43 8.89
C VAL G 102 -35.61 -34.11 7.58
N ASP G 103 -36.69 -33.33 7.68
CA ASP G 103 -37.48 -32.93 6.52
C ASP G 103 -36.76 -31.86 5.70
N PRO G 104 -36.46 -32.15 4.41
CA PRO G 104 -35.79 -31.18 3.54
C PRO G 104 -36.42 -29.80 3.57
N ASN G 105 -37.75 -29.75 3.56
CA ASN G 105 -38.49 -28.49 3.67
C ASN G 105 -38.11 -27.65 4.92
N THR G 106 -37.64 -28.29 5.98
CA THR G 106 -37.19 -27.58 7.19
C THR G 106 -35.82 -26.97 6.96
N ALA G 107 -35.02 -27.62 6.11
CA ALA G 107 -33.69 -27.16 5.73
C ALA G 107 -32.90 -26.84 6.99
N SER G 108 -32.87 -27.78 7.91
CA SER G 108 -32.18 -27.59 9.18
C SER G 108 -30.69 -27.74 8.96
N PRO G 109 -29.88 -26.81 9.49
CA PRO G 109 -28.44 -27.00 9.46
C PRO G 109 -27.99 -28.22 10.26
N TYR G 110 -28.85 -28.72 11.16
CA TYR G 110 -28.60 -29.97 11.88
C TYR G 110 -29.39 -31.19 11.36
N ALA G 111 -29.86 -31.10 10.12
CA ALA G 111 -30.61 -32.18 9.50
C ALA G 111 -29.88 -33.52 9.66
N SER G 112 -28.56 -33.51 9.50
CA SER G 112 -27.75 -34.75 9.55
C SER G 112 -27.52 -35.36 10.94
N TYR G 113 -27.83 -34.59 11.99
CA TYR G 113 -27.50 -35.01 13.35
C TYR G 113 -28.05 -36.39 13.69
N LEU G 114 -29.33 -36.62 13.43
CA LEU G 114 -29.95 -37.92 13.75
C LEU G 114 -29.44 -39.04 12.83
N GLN G 115 -28.91 -38.66 11.68
CA GLN G 115 -28.18 -39.58 10.80
C GLN G 115 -26.85 -40.02 11.41
N TYR G 116 -26.23 -39.15 12.22
CA TYR G 116 -25.06 -39.59 12.99
C TYR G 116 -25.45 -40.77 13.89
N GLY G 117 -26.67 -40.78 14.39
CA GLY G 117 -27.19 -41.93 15.15
C GLY G 117 -27.65 -43.10 14.27
N HIS G 118 -27.78 -42.84 12.98
CA HIS G 118 -28.17 -43.86 12.00
C HIS G 118 -29.50 -44.48 12.31
N ILE G 119 -30.48 -43.62 12.52
CA ILE G 119 -31.85 -44.10 12.69
C ILE G 119 -32.26 -44.70 11.33
N ALA G 120 -33.00 -45.80 11.40
CA ALA G 120 -33.45 -46.53 10.23
C ALA G 120 -34.23 -45.63 9.28
N GLY G 121 -34.01 -45.82 7.97
CA GLY G 121 -34.71 -45.06 6.93
C GLY G 121 -34.23 -43.64 6.66
N ILE G 122 -33.32 -43.14 7.49
CA ILE G 122 -32.98 -41.71 7.48
C ILE G 122 -32.26 -41.24 6.21
N ASP G 123 -31.41 -42.09 5.63
CA ASP G 123 -30.61 -41.73 4.45
C ASP G 123 -31.46 -41.25 3.27
N GLU G 124 -32.44 -42.05 2.89
CA GLU G 124 -33.34 -41.71 1.79
C GLU G 124 -34.29 -40.56 2.13
N ILE G 125 -34.66 -40.42 3.41
CA ILE G 125 -35.50 -39.31 3.87
C ILE G 125 -34.76 -37.98 3.72
N LEU G 126 -33.48 -37.95 4.09
CA LEU G 126 -32.67 -36.73 3.96
C LEU G 126 -32.45 -36.34 2.50
N GLU G 127 -32.42 -37.35 1.62
CA GLU G 127 -32.27 -37.12 0.18
C GLU G 127 -33.60 -36.79 -0.50
N GLY G 128 -34.71 -36.87 0.25
CA GLY G 128 -36.02 -36.50 -0.28
C GLY G 128 -36.62 -37.57 -1.18
N LYS G 129 -36.17 -38.80 -1.03
CA LYS G 129 -36.65 -39.94 -1.81
C LYS G 129 -37.73 -40.71 -1.08
N LYS G 130 -37.84 -40.50 0.24
CA LYS G 130 -38.80 -41.21 1.07
C LYS G 130 -39.44 -40.26 2.07
N PRO G 131 -40.72 -40.49 2.39
CA PRO G 131 -41.42 -39.58 3.31
C PRO G 131 -40.87 -39.65 4.74
N ILE G 132 -40.89 -38.54 5.46
CA ILE G 132 -40.34 -38.48 6.82
C ILE G 132 -40.99 -39.48 7.78
N THR G 133 -42.23 -39.87 7.50
CA THR G 133 -42.93 -40.91 8.26
C THR G 133 -42.23 -42.28 8.18
N ASP G 134 -41.27 -42.46 7.26
CA ASP G 134 -40.47 -43.70 7.20
C ASP G 134 -39.41 -43.79 8.28
N LEU G 135 -39.16 -42.70 9.02
CA LEU G 135 -38.09 -42.67 10.01
C LEU G 135 -38.34 -43.66 11.15
N GLY G 136 -37.28 -44.33 11.59
CA GLY G 136 -37.40 -45.43 12.55
C GLY G 136 -37.60 -45.01 13.99
N VAL G 137 -38.53 -44.10 14.21
CA VAL G 137 -38.89 -43.66 15.55
C VAL G 137 -40.39 -43.81 15.70
N LYS G 138 -40.82 -44.52 16.73
CA LYS G 138 -42.26 -44.75 16.93
C LYS G 138 -42.69 -44.61 18.39
N ALA G 139 -43.89 -44.09 18.58
CA ALA G 139 -44.52 -44.02 19.88
C ALA G 139 -45.21 -45.34 20.16
N ILE G 140 -44.61 -46.18 21.00
CA ILE G 140 -45.22 -47.44 21.43
C ILE G 140 -46.50 -47.16 22.22
N ASP G 141 -46.45 -46.12 23.05
CA ASP G 141 -47.66 -45.53 23.61
C ASP G 141 -47.33 -44.06 23.97
N ASP G 142 -48.20 -43.39 24.73
CA ASP G 142 -47.98 -41.97 25.06
C ASP G 142 -46.68 -41.68 25.80
N HIS G 143 -46.15 -42.67 26.52
CA HIS G 143 -44.94 -42.46 27.32
C HIS G 143 -43.84 -43.42 26.98
N THR G 144 -43.86 -43.97 25.77
CA THR G 144 -42.84 -44.93 25.37
C THR G 144 -42.41 -44.71 23.94
N LEU G 145 -41.14 -44.35 23.76
CA LEU G 145 -40.60 -44.03 22.45
C LEU G 145 -39.57 -45.09 22.09
N GLU G 146 -39.76 -45.75 20.95
CA GLU G 146 -38.83 -46.75 20.47
C GLU G 146 -38.11 -46.21 19.25
N VAL G 147 -36.79 -46.31 19.27
CA VAL G 147 -35.95 -45.85 18.19
C VAL G 147 -35.17 -47.03 17.67
N THR G 148 -35.26 -47.29 16.36
CA THR G 148 -34.56 -48.40 15.72
C THR G 148 -33.49 -47.84 14.78
N LEU G 149 -32.25 -48.30 14.98
CA LEU G 149 -31.10 -47.87 14.20
C LEU G 149 -30.70 -48.93 13.19
N SER G 150 -30.14 -48.49 12.06
CA SER G 150 -29.72 -49.42 11.02
C SER G 150 -28.50 -50.26 11.44
N GLU G 151 -27.75 -49.81 12.45
CA GLU G 151 -26.66 -50.63 13.01
C GLU G 151 -26.34 -50.27 14.46
N PRO G 152 -25.54 -51.12 15.15
CA PRO G 152 -25.22 -50.85 16.54
C PRO G 152 -24.46 -49.53 16.74
N VAL G 153 -25.01 -48.68 17.61
CA VAL G 153 -24.41 -47.39 17.96
C VAL G 153 -24.50 -47.21 19.48
N PRO G 154 -23.50 -47.74 20.22
CA PRO G 154 -23.49 -47.70 21.69
C PRO G 154 -23.63 -46.29 22.28
N TYR G 155 -23.08 -45.30 21.58
CA TYR G 155 -23.08 -43.93 22.04
C TYR G 155 -24.32 -43.14 21.60
N PHE G 156 -25.30 -43.82 21.01
CA PHE G 156 -26.49 -43.14 20.49
C PHE G 156 -27.20 -42.27 21.52
N TYR G 157 -27.38 -42.80 22.73
CA TYR G 157 -28.03 -42.04 23.81
C TYR G 157 -27.34 -40.71 24.13
N LYS G 158 -26.02 -40.64 23.96
CA LYS G 158 -25.27 -39.40 24.23
C LYS G 158 -25.64 -38.27 23.27
N LEU G 159 -26.07 -38.59 22.06
CA LEU G 159 -26.53 -37.58 21.11
C LEU G 159 -27.72 -36.79 21.64
N LEU G 160 -28.54 -37.45 22.46
CA LEU G 160 -29.89 -36.98 22.75
C LEU G 160 -29.98 -35.82 23.73
N VAL G 161 -28.85 -35.30 24.18
CA VAL G 161 -28.84 -34.08 24.98
C VAL G 161 -28.85 -32.82 24.12
N HIS G 162 -28.65 -32.98 22.81
CA HIS G 162 -28.50 -31.82 21.95
C HIS G 162 -29.83 -31.23 21.58
N PRO G 163 -29.93 -29.88 21.64
CA PRO G 163 -31.19 -29.18 21.39
C PRO G 163 -31.91 -29.55 20.10
N SER G 164 -31.18 -29.90 19.04
CA SER G 164 -31.84 -30.29 17.80
C SER G 164 -32.71 -31.55 17.93
N THR G 165 -32.48 -32.33 18.98
CA THR G 165 -33.32 -33.47 19.30
C THR G 165 -34.37 -33.15 20.36
N SER G 166 -34.52 -31.87 20.71
CA SER G 166 -35.57 -31.47 21.61
C SER G 166 -36.93 -31.54 20.89
N PRO G 167 -38.01 -31.77 21.66
CA PRO G 167 -39.33 -31.74 21.07
C PRO G 167 -39.76 -30.31 20.74
N VAL G 168 -40.57 -30.15 19.70
CA VAL G 168 -41.17 -28.84 19.37
C VAL G 168 -42.68 -29.00 19.23
N PRO G 169 -43.44 -27.92 19.48
CA PRO G 169 -44.90 -27.98 19.50
C PRO G 169 -45.56 -27.91 18.12
N LYS G 170 -46.01 -29.07 17.63
CA LYS G 170 -46.73 -29.18 16.34
C LYS G 170 -47.82 -28.14 16.15
N ALA G 171 -48.66 -27.97 17.15
CA ALA G 171 -49.85 -27.12 17.02
C ALA G 171 -49.46 -25.66 16.78
N ALA G 172 -48.49 -25.17 17.57
CA ALA G 172 -47.99 -23.80 17.42
C ALA G 172 -47.29 -23.61 16.10
N ILE G 173 -46.45 -24.57 15.73
CA ILE G 173 -45.74 -24.54 14.44
C ILE G 173 -46.75 -24.42 13.29
N GLU G 174 -47.79 -25.23 13.31
CA GLU G 174 -48.77 -25.22 12.22
C GLU G 174 -49.68 -24.01 12.24
N LYS G 175 -49.96 -23.46 13.41
CA LYS G 175 -50.85 -22.32 13.49
C LYS G 175 -50.13 -21.04 13.07
N PHE G 176 -48.87 -20.90 13.50
CA PHE G 176 -48.14 -19.63 13.35
C PHE G 176 -46.98 -19.69 12.36
N GLY G 177 -46.65 -20.87 11.86
CA GLY G 177 -45.55 -21.00 10.90
C GLY G 177 -44.28 -20.45 11.54
N GLU G 178 -43.58 -19.56 10.83
CA GLU G 178 -42.31 -19.03 11.32
C GLU G 178 -42.44 -17.96 12.42
N LYS G 179 -43.66 -17.58 12.79
CA LYS G 179 -43.84 -16.68 13.94
C LYS G 179 -44.19 -17.46 15.22
N TRP G 180 -43.94 -18.77 15.22
CA TRP G 180 -44.30 -19.59 16.36
C TRP G 180 -43.45 -19.31 17.56
N THR G 181 -42.18 -18.96 17.33
CA THR G 181 -41.27 -18.63 18.41
C THR G 181 -41.43 -17.21 18.98
N GLN G 182 -42.39 -16.42 18.47
CA GLN G 182 -42.67 -15.10 19.09
C GLN G 182 -43.24 -15.27 20.50
N PRO G 183 -42.88 -14.36 21.43
CA PRO G 183 -43.33 -14.43 22.82
C PRO G 183 -44.82 -14.75 23.01
N GLY G 184 -45.69 -14.26 22.14
CA GLY G 184 -47.12 -14.57 22.27
C GLY G 184 -47.50 -16.01 21.92
N ASN G 185 -46.69 -16.65 21.08
CA ASN G 185 -47.04 -17.89 20.39
C ASN G 185 -46.27 -19.11 20.81
N ILE G 186 -45.09 -18.93 21.40
CA ILE G 186 -44.19 -20.04 21.68
C ILE G 186 -44.77 -20.93 22.76
N VAL G 187 -44.55 -22.23 22.61
CA VAL G 187 -44.93 -23.21 23.61
C VAL G 187 -43.65 -24.01 23.88
N THR G 188 -43.26 -24.12 25.15
CA THR G 188 -41.97 -24.68 25.54
C THR G 188 -42.15 -25.80 26.59
N ASN G 189 -41.18 -26.70 26.68
CA ASN G 189 -41.20 -27.74 27.71
C ASN G 189 -39.98 -27.71 28.67
N GLY G 190 -39.09 -26.75 28.50
CA GLY G 190 -37.94 -26.58 29.39
C GLY G 190 -38.29 -25.82 30.68
N ALA G 191 -37.27 -25.53 31.47
CA ALA G 191 -37.46 -24.86 32.76
C ALA G 191 -37.94 -23.41 32.62
N TYR G 192 -37.78 -22.83 31.43
CA TYR G 192 -38.12 -21.43 31.21
C TYR G 192 -38.95 -21.30 29.94
N THR G 193 -39.70 -20.21 29.84
CA THR G 193 -40.34 -19.86 28.58
C THR G 193 -39.88 -18.46 28.25
N LEU G 194 -40.32 -17.97 27.09
CA LEU G 194 -39.85 -16.71 26.54
C LEU G 194 -40.74 -15.57 26.94
N LYS G 195 -40.16 -14.52 27.53
CA LYS G 195 -40.91 -13.32 27.88
C LYS G 195 -40.74 -12.22 26.84
N ASP G 196 -39.49 -11.90 26.52
CA ASP G 196 -39.16 -10.80 25.62
C ASP G 196 -37.98 -11.16 24.72
N TRP G 197 -38.00 -10.61 23.52
CA TRP G 197 -36.92 -10.77 22.56
C TRP G 197 -36.81 -9.47 21.85
N VAL G 198 -35.86 -8.64 22.29
CA VAL G 198 -35.52 -7.40 21.60
C VAL G 198 -34.26 -7.69 20.79
N VAL G 199 -34.38 -7.57 19.46
CA VAL G 199 -33.29 -7.90 18.56
C VAL G 199 -32.11 -7.00 18.84
N ASN G 200 -30.95 -7.64 18.96
CA ASN G 200 -29.68 -6.95 19.22
C ASN G 200 -29.60 -6.30 20.59
N GLU G 201 -30.46 -6.72 21.52
CA GLU G 201 -30.50 -6.11 22.84
C GLU G 201 -30.55 -7.13 23.97
N ARG G 202 -31.61 -7.96 23.98
CA ARG G 202 -31.77 -8.96 25.02
C ARG G 202 -32.82 -10.00 24.68
N ILE G 203 -32.61 -11.19 25.22
CA ILE G 203 -33.64 -12.21 25.25
C ILE G 203 -33.91 -12.49 26.73
N VAL G 204 -35.16 -12.26 27.16
CA VAL G 204 -35.55 -12.45 28.55
C VAL G 204 -36.45 -13.67 28.70
N LEU G 205 -35.99 -14.61 29.52
CA LEU G 205 -36.72 -15.85 29.76
C LEU G 205 -37.28 -15.80 31.16
N GLU G 206 -38.47 -16.34 31.32
CA GLU G 206 -39.09 -16.41 32.64
C GLU G 206 -39.33 -17.84 33.06
N ARG G 207 -39.21 -18.08 34.36
CA ARG G 207 -39.39 -19.41 34.94
C ARG G 207 -40.76 -19.95 34.52
N SER G 208 -40.79 -21.21 34.11
CA SER G 208 -42.00 -21.83 33.58
C SER G 208 -42.60 -22.80 34.60
N PRO G 209 -43.72 -22.41 35.21
CA PRO G 209 -44.30 -23.25 36.28
C PRO G 209 -44.82 -24.63 35.87
N THR G 210 -45.10 -24.84 34.58
CA THR G 210 -45.49 -26.14 34.08
C THR G 210 -44.34 -27.16 34.03
N TYR G 211 -43.10 -26.69 34.08
CA TYR G 211 -41.95 -27.60 33.97
C TYR G 211 -42.00 -28.65 35.05
N TRP G 212 -41.71 -29.90 34.70
CA TRP G 212 -41.88 -31.00 35.65
C TRP G 212 -41.02 -30.89 36.88
N ASN G 213 -39.83 -30.32 36.76
CA ASN G 213 -38.94 -30.15 37.93
C ASN G 213 -38.94 -28.70 38.49
N ASN G 214 -39.98 -27.91 38.18
CA ASN G 214 -40.04 -26.49 38.58
C ASN G 214 -39.80 -26.18 40.06
N ALA G 215 -40.25 -27.06 40.95
CA ALA G 215 -40.01 -26.89 42.39
C ALA G 215 -38.53 -26.86 42.73
N LYS G 216 -37.69 -27.55 41.97
CA LYS G 216 -36.24 -27.49 42.17
C LYS G 216 -35.55 -26.36 41.41
N THR G 217 -36.28 -25.62 40.58
CA THR G 217 -35.72 -24.44 39.90
C THR G 217 -35.64 -23.27 40.88
N VAL G 218 -34.57 -22.48 40.80
CA VAL G 218 -34.40 -21.33 41.70
C VAL G 218 -34.47 -19.99 40.95
N ILE G 219 -33.75 -19.87 39.84
CA ILE G 219 -33.67 -18.59 39.15
C ILE G 219 -34.99 -18.29 38.45
N ASN G 220 -35.54 -17.11 38.71
CA ASN G 220 -36.86 -16.74 38.19
C ASN G 220 -36.84 -16.09 36.83
N GLN G 221 -35.76 -15.37 36.53
CA GLN G 221 -35.63 -14.72 35.25
C GLN G 221 -34.17 -14.73 34.84
N VAL G 222 -33.91 -15.14 33.60
CA VAL G 222 -32.57 -15.03 33.03
C VAL G 222 -32.65 -14.24 31.76
N THR G 223 -31.70 -13.33 31.62
CA THR G 223 -31.54 -12.51 30.42
C THR G 223 -30.24 -12.87 29.71
N TYR G 224 -30.34 -13.13 28.42
CA TYR G 224 -29.16 -13.40 27.60
C TYR G 224 -28.89 -12.16 26.77
N LEU G 225 -27.63 -11.73 26.72
CA LEU G 225 -27.27 -10.55 25.93
C LEU G 225 -26.53 -10.97 24.66
N PRO G 226 -26.61 -10.14 23.60
CA PRO G 226 -25.95 -10.46 22.34
C PRO G 226 -24.65 -9.66 22.05
N ILE G 227 -23.74 -9.55 23.02
CA ILE G 227 -22.54 -8.71 22.88
C ILE G 227 -21.35 -9.47 22.27
N ALA G 228 -20.99 -9.10 21.05
CA ALA G 228 -19.93 -9.79 20.30
C ALA G 228 -18.54 -9.32 20.71
N SER G 229 -18.45 -8.10 21.23
CA SER G 229 -17.19 -7.56 21.74
C SER G 229 -16.87 -8.12 23.13
N GLU G 230 -15.84 -8.96 23.20
CA GLU G 230 -15.36 -9.50 24.47
C GLU G 230 -14.93 -8.39 25.46
N VAL G 231 -14.39 -7.29 24.93
CA VAL G 231 -14.02 -6.16 25.78
C VAL G 231 -15.26 -5.54 26.42
N THR G 232 -16.30 -5.32 25.62
CA THR G 232 -17.52 -4.69 26.15
C THR G 232 -18.23 -5.61 27.16
N ASP G 233 -18.21 -6.90 26.86
CA ASP G 233 -18.74 -7.94 27.77
C ASP G 233 -18.04 -7.82 29.13
N VAL G 234 -16.71 -7.88 29.12
CA VAL G 234 -15.95 -7.74 30.35
C VAL G 234 -16.23 -6.40 31.07
N ASN G 235 -16.33 -5.31 30.30
CA ASN G 235 -16.61 -4.00 30.89
C ASN G 235 -17.93 -3.96 31.60
N ARG G 236 -18.96 -4.49 30.97
CA ARG G 236 -20.29 -4.53 31.58
C ARG G 236 -20.42 -5.55 32.71
N TYR G 237 -19.59 -6.59 32.71
CA TYR G 237 -19.45 -7.49 33.85
C TYR G 237 -18.86 -6.69 35.01
N ARG G 238 -17.74 -6.02 34.76
CA ARG G 238 -17.06 -5.20 35.77
C ARG G 238 -17.93 -4.07 36.36
N SER G 239 -18.76 -3.45 35.54
CA SER G 239 -19.60 -2.33 36.01
C SER G 239 -20.86 -2.81 36.74
N GLY G 240 -21.13 -4.11 36.74
CA GLY G 240 -22.20 -4.68 37.58
C GLY G 240 -23.48 -5.13 36.89
N GLU G 241 -23.53 -5.02 35.57
CA GLU G 241 -24.72 -5.43 34.82
C GLU G 241 -24.76 -6.95 34.55
N ILE G 242 -23.62 -7.53 34.20
CA ILE G 242 -23.55 -8.92 33.76
C ILE G 242 -22.98 -9.81 34.89
N ASP G 243 -23.68 -10.92 35.16
CA ASP G 243 -23.28 -11.90 36.17
C ASP G 243 -22.30 -12.96 35.66
N MET G 244 -22.46 -13.35 34.38
CA MET G 244 -21.58 -14.31 33.72
C MET G 244 -21.24 -13.80 32.32
N THR G 245 -19.95 -13.70 32.01
CA THR G 245 -19.55 -13.29 30.67
C THR G 245 -19.75 -14.46 29.76
N ASN G 246 -19.66 -14.21 28.46
CA ASN G 246 -19.53 -15.29 27.49
C ASN G 246 -18.16 -15.94 27.70
N ASN G 247 -17.99 -17.17 27.24
CA ASN G 247 -16.66 -17.79 27.37
C ASN G 247 -15.70 -17.43 26.24
N SER G 248 -15.64 -16.14 25.91
CA SER G 248 -14.65 -15.64 24.97
C SER G 248 -13.95 -14.47 25.63
N MET G 249 -12.63 -14.58 25.76
CA MET G 249 -11.87 -13.60 26.54
C MET G 249 -11.06 -12.69 25.64
N PRO G 250 -11.09 -11.38 25.92
CA PRO G 250 -10.23 -10.48 25.17
C PRO G 250 -8.76 -10.68 25.55
N ILE G 251 -7.92 -10.87 24.55
CA ILE G 251 -6.47 -11.06 24.70
C ILE G 251 -5.83 -9.93 25.48
N GLU G 252 -6.24 -8.70 25.16
CA GLU G 252 -5.79 -7.51 25.89
C GLU G 252 -5.81 -7.77 27.39
N LEU G 253 -7.01 -8.09 27.87
CA LEU G 253 -7.39 -7.92 29.28
C LEU G 253 -7.25 -9.16 30.16
N PHE G 254 -7.20 -10.35 29.59
CA PHE G 254 -7.24 -11.55 30.42
C PHE G 254 -6.15 -11.63 31.49
N GLN G 255 -4.96 -11.16 31.17
CA GLN G 255 -3.85 -11.17 32.12
C GLN G 255 -4.17 -10.26 33.30
N LYS G 256 -4.70 -9.08 32.97
CA LYS G 256 -5.13 -8.08 33.95
C LYS G 256 -6.29 -8.58 34.84
N LEU G 257 -7.22 -9.32 34.25
CA LEU G 257 -8.37 -9.84 34.96
C LEU G 257 -7.94 -10.89 35.96
N LYS G 258 -6.98 -11.71 35.54
CA LYS G 258 -6.49 -12.78 36.39
C LYS G 258 -5.82 -12.16 37.62
N LYS G 259 -5.21 -10.99 37.43
CA LYS G 259 -4.56 -10.24 38.51
C LYS G 259 -5.59 -9.57 39.45
N GLU G 260 -6.64 -9.02 38.87
CA GLU G 260 -7.53 -8.13 39.64
C GLU G 260 -8.70 -8.85 40.32
N ILE G 261 -9.28 -9.83 39.62
CA ILE G 261 -10.42 -10.58 40.15
C ILE G 261 -10.19 -12.09 40.01
N PRO G 262 -9.05 -12.59 40.53
CA PRO G 262 -8.65 -13.99 40.35
C PRO G 262 -9.71 -15.02 40.74
N ASP G 263 -10.51 -14.71 41.76
CA ASP G 263 -11.50 -15.67 42.27
C ASP G 263 -12.76 -15.78 41.40
N GLU G 264 -12.89 -14.87 40.43
CA GLU G 264 -14.01 -14.83 39.49
C GLU G 264 -13.64 -15.32 38.10
N VAL G 265 -12.37 -15.64 37.88
CA VAL G 265 -11.93 -16.21 36.61
C VAL G 265 -12.00 -17.73 36.67
N HIS G 266 -12.81 -18.30 35.79
CA HIS G 266 -12.93 -19.76 35.69
C HIS G 266 -12.35 -20.16 34.38
N VAL G 267 -11.43 -21.12 34.43
CA VAL G 267 -10.87 -21.71 33.22
C VAL G 267 -10.97 -23.23 33.36
N ASP G 268 -11.65 -23.86 32.41
CA ASP G 268 -11.86 -25.31 32.48
C ASP G 268 -11.67 -25.94 31.09
N PRO G 269 -11.39 -27.26 31.06
CA PRO G 269 -11.34 -28.00 29.80
C PRO G 269 -12.59 -27.83 28.93
N TYR G 270 -12.40 -27.77 27.62
CA TYR G 270 -13.49 -27.49 26.68
C TYR G 270 -13.20 -28.16 25.35
N LEU G 271 -14.02 -29.14 24.98
CA LEU G 271 -13.79 -29.95 23.79
C LEU G 271 -14.20 -29.20 22.53
N CYS G 272 -13.48 -28.12 22.22
CA CYS G 272 -13.66 -27.40 20.97
C CYS G 272 -12.30 -27.16 20.33
N THR G 273 -12.30 -26.93 19.02
CA THR G 273 -11.07 -26.69 18.29
C THR G 273 -11.23 -25.38 17.50
N TYR G 274 -10.23 -24.52 17.63
CA TYR G 274 -10.13 -23.29 16.86
C TYR G 274 -9.32 -23.60 15.60
N TYR G 275 -9.90 -23.26 14.44
CA TYR G 275 -9.27 -23.53 13.15
C TYR G 275 -9.66 -22.53 12.06
N TYR G 276 -8.85 -22.50 11.00
CA TYR G 276 -9.26 -21.78 9.80
C TYR G 276 -9.79 -22.78 8.81
N GLU G 277 -11.09 -22.69 8.59
CA GLU G 277 -11.82 -23.57 7.69
C GLU G 277 -11.55 -23.10 6.27
N ILE G 278 -11.02 -24.01 5.48
CA ILE G 278 -10.79 -23.79 4.05
C ILE G 278 -12.04 -24.21 3.26
N ASN G 279 -12.58 -23.33 2.43
CA ASN G 279 -13.61 -23.75 1.46
C ASN G 279 -13.00 -24.61 0.38
N ASN G 280 -13.07 -25.93 0.56
CA ASN G 280 -12.45 -26.90 -0.34
C ASN G 280 -12.97 -26.86 -1.78
N GLN G 281 -14.10 -26.20 -1.99
CA GLN G 281 -14.68 -26.09 -3.33
C GLN G 281 -14.43 -24.74 -4.01
N LYS G 282 -13.75 -23.81 -3.34
CA LYS G 282 -13.49 -22.49 -3.92
C LYS G 282 -12.04 -22.44 -4.43
N PRO G 283 -11.85 -22.31 -5.76
CA PRO G 283 -10.49 -22.20 -6.29
C PRO G 283 -9.75 -21.04 -5.63
N PRO G 284 -8.46 -21.23 -5.32
CA PRO G 284 -7.59 -22.37 -5.59
C PRO G 284 -7.55 -23.46 -4.50
N PHE G 285 -8.47 -23.41 -3.56
CA PHE G 285 -8.45 -24.34 -2.42
C PHE G 285 -9.05 -25.69 -2.73
N ASN G 286 -9.37 -25.93 -4.00
CA ASN G 286 -9.68 -27.27 -4.48
C ASN G 286 -8.40 -28.05 -4.76
N ASP G 287 -7.26 -27.38 -4.62
CA ASP G 287 -5.97 -27.99 -4.80
C ASP G 287 -5.36 -28.34 -3.43
N VAL G 288 -5.15 -29.63 -3.19
CA VAL G 288 -4.63 -30.09 -1.90
C VAL G 288 -3.28 -29.48 -1.56
N ARG G 289 -2.48 -29.15 -2.57
CA ARG G 289 -1.18 -28.56 -2.35
C ARG G 289 -1.29 -27.16 -1.77
N VAL G 290 -2.24 -26.40 -2.28
CA VAL G 290 -2.50 -25.06 -1.78
C VAL G 290 -3.05 -25.11 -0.34
N ARG G 291 -3.95 -26.06 -0.08
CA ARG G 291 -4.53 -26.19 1.26
C ARG G 291 -3.45 -26.57 2.26
N THR G 292 -2.53 -27.43 1.83
CA THR G 292 -1.47 -27.92 2.69
C THR G 292 -0.49 -26.77 3.00
N ALA G 293 -0.27 -25.90 2.02
CA ALA G 293 0.63 -24.77 2.21
C ALA G 293 0.05 -23.83 3.27
N LEU G 294 -1.24 -23.57 3.19
CA LEU G 294 -1.90 -22.71 4.18
C LEU G 294 -1.83 -23.31 5.60
N LYS G 295 -1.99 -24.64 5.68
CA LYS G 295 -1.92 -25.38 6.94
C LYS G 295 -0.52 -25.31 7.54
N LEU G 296 0.49 -25.59 6.73
CA LEU G 296 1.89 -25.56 7.16
C LEU G 296 2.38 -24.14 7.49
N GLY G 297 1.87 -23.14 6.77
CA GLY G 297 2.35 -21.77 6.89
C GLY G 297 1.86 -21.03 8.12
N MET G 298 0.76 -21.47 8.69
CA MET G 298 0.28 -20.96 9.97
C MET G 298 1.30 -21.32 11.08
N ASP G 299 1.66 -20.33 11.92
CA ASP G 299 2.57 -20.60 13.07
C ASP G 299 1.76 -20.65 14.36
N ARG G 300 1.48 -21.88 14.81
CA ARG G 300 0.60 -22.11 15.94
C ARG G 300 1.21 -21.68 17.26
N ASP G 301 2.53 -21.73 17.35
CA ASP G 301 3.23 -21.25 18.54
C ASP G 301 3.08 -19.74 18.70
N ILE G 302 3.23 -18.98 17.62
CA ILE G 302 3.05 -17.53 17.72
C ILE G 302 1.63 -17.21 18.19
N ILE G 303 0.64 -17.84 17.58
CA ILE G 303 -0.75 -17.61 17.95
C ILE G 303 -1.07 -18.05 19.39
N VAL G 304 -0.67 -19.26 19.74
CA VAL G 304 -0.99 -19.82 21.06
C VAL G 304 -0.32 -19.00 22.16
N ASN G 305 0.87 -18.48 21.88
CA ASN G 305 1.56 -17.63 22.84
C ASN G 305 0.85 -16.28 23.07
N LYS G 306 0.08 -15.84 22.08
CA LYS G 306 -0.73 -14.63 22.19
C LYS G 306 -1.97 -14.81 23.11
N VAL G 307 -2.32 -16.06 23.41
CA VAL G 307 -3.35 -16.38 24.41
C VAL G 307 -2.78 -17.33 25.48
N LYS G 308 -1.47 -17.28 25.71
CA LYS G 308 -0.80 -18.25 26.59
C LYS G 308 -1.32 -18.25 28.04
N ALA G 309 -1.73 -17.07 28.52
CA ALA G 309 -2.27 -16.96 29.88
C ALA G 309 -3.62 -17.70 30.05
N GLN G 310 -4.31 -17.99 28.96
CA GLN G 310 -5.46 -18.88 29.00
C GLN G 310 -4.99 -20.33 28.91
N GLY G 311 -3.87 -20.56 28.25
CA GLY G 311 -3.17 -21.85 28.30
C GLY G 311 -3.63 -22.84 27.24
N ASN G 312 -4.04 -22.34 26.08
CA ASN G 312 -4.50 -23.21 25.00
C ASN G 312 -3.31 -23.96 24.42
N MET G 313 -3.56 -25.18 23.96
CA MET G 313 -2.53 -25.99 23.33
C MET G 313 -2.65 -25.91 21.82
N PRO G 314 -1.49 -25.91 21.12
CA PRO G 314 -1.47 -25.88 19.66
C PRO G 314 -2.11 -27.12 19.04
N ALA G 315 -2.91 -26.91 18.00
CA ALA G 315 -3.72 -27.98 17.40
C ALA G 315 -3.07 -28.57 16.16
N TYR G 316 -2.96 -29.90 16.13
CA TYR G 316 -2.43 -30.65 14.97
C TYR G 316 -3.54 -31.37 14.19
N GLY G 317 -4.79 -31.23 14.63
CA GLY G 317 -5.93 -31.92 14.03
C GLY G 317 -7.27 -31.26 14.38
N TYR G 318 -8.36 -31.98 14.08
CA TYR G 318 -9.72 -31.47 14.21
C TYR G 318 -10.34 -31.94 15.53
N THR G 319 -10.39 -33.26 15.70
CA THR G 319 -10.89 -33.87 16.93
C THR G 319 -9.96 -33.53 18.10
N PRO G 320 -10.49 -32.93 19.17
CA PRO G 320 -9.61 -32.63 20.31
C PRO G 320 -9.03 -33.93 20.88
N PRO G 321 -7.70 -34.00 21.11
CA PRO G 321 -7.07 -35.26 21.55
C PRO G 321 -7.66 -35.84 22.82
N TYR G 322 -8.33 -35.02 23.61
CA TYR G 322 -8.82 -35.44 24.91
C TYR G 322 -10.31 -35.84 24.86
N THR G 323 -10.85 -35.97 23.65
CA THR G 323 -12.20 -36.51 23.47
C THR G 323 -12.21 -37.98 23.90
N ASP G 324 -13.30 -38.41 24.55
CA ASP G 324 -13.48 -39.81 24.93
C ASP G 324 -13.54 -40.68 23.70
N GLY G 325 -12.63 -41.64 23.59
CA GLY G 325 -12.55 -42.51 22.43
C GLY G 325 -11.39 -42.16 21.51
N ALA G 326 -10.80 -40.98 21.69
CA ALA G 326 -9.68 -40.54 20.86
C ALA G 326 -8.32 -41.02 21.39
N LYS G 327 -7.53 -41.62 20.51
CA LYS G 327 -6.10 -41.86 20.75
C LYS G 327 -5.34 -41.39 19.50
N LEU G 328 -5.19 -40.07 19.38
CA LEU G 328 -4.75 -39.44 18.14
C LEU G 328 -3.23 -39.32 18.05
N THR G 329 -2.73 -39.40 16.82
CA THR G 329 -1.30 -39.28 16.54
C THR G 329 -1.01 -37.89 16.02
N GLN G 330 0.13 -37.34 16.41
CA GLN G 330 0.60 -36.08 15.81
C GLN G 330 1.26 -36.39 14.46
N PRO G 331 0.89 -35.64 13.41
CA PRO G 331 1.53 -35.82 12.11
C PRO G 331 2.96 -35.26 12.09
N GLU G 332 3.79 -35.81 11.22
CA GLU G 332 5.22 -35.46 11.18
C GLU G 332 5.46 -33.96 11.02
N TRP G 333 4.68 -33.31 10.16
CA TRP G 333 4.84 -31.86 9.92
C TRP G 333 4.73 -31.03 11.18
N PHE G 334 3.94 -31.49 12.14
CA PHE G 334 3.72 -30.78 13.38
C PHE G 334 5.02 -30.69 14.21
N GLY G 335 5.86 -31.71 14.11
CA GLY G 335 7.16 -31.73 14.78
C GLY G 335 8.35 -31.11 14.03
N TRP G 336 8.11 -30.46 12.89
CA TRP G 336 9.16 -29.69 12.20
C TRP G 336 9.30 -28.31 12.79
N SER G 337 10.42 -27.65 12.45
CA SER G 337 10.52 -26.21 12.70
C SER G 337 9.58 -25.49 11.74
N GLN G 338 9.22 -24.26 12.10
CA GLN G 338 8.37 -23.46 11.25
C GLN G 338 9.05 -23.12 9.94
N GLU G 339 10.35 -22.81 10.01
CA GLU G 339 11.16 -22.53 8.82
C GLU G 339 11.01 -23.66 7.81
N LYS G 340 11.16 -24.92 8.26
CA LYS G 340 10.94 -26.07 7.38
C LYS G 340 9.48 -26.13 6.88
N ARG G 341 8.51 -25.87 7.75
CA ARG G 341 7.12 -25.79 7.32
C ARG G 341 6.91 -24.72 6.24
N ASN G 342 7.51 -23.54 6.41
CA ASN G 342 7.40 -22.44 5.43
C ASN G 342 7.98 -22.84 4.07
N GLU G 343 9.18 -23.41 4.09
CA GLU G 343 9.83 -23.85 2.86
C GLU G 343 8.96 -24.85 2.10
N GLU G 344 8.49 -25.88 2.78
CA GLU G 344 7.68 -26.90 2.15
C GLU G 344 6.36 -26.31 1.62
N ALA G 345 5.79 -25.34 2.35
CA ALA G 345 4.60 -24.62 1.92
C ALA G 345 4.81 -23.86 0.61
N LYS G 346 5.87 -23.03 0.57
CA LYS G 346 6.15 -22.23 -0.64
C LYS G 346 6.37 -23.12 -1.86
N LYS G 347 7.00 -24.26 -1.64
CA LYS G 347 7.23 -25.27 -2.67
C LYS G 347 5.91 -25.78 -3.21
N LEU G 348 5.00 -26.17 -2.30
CA LEU G 348 3.69 -26.66 -2.68
C LEU G 348 2.93 -25.57 -3.44
N LEU G 349 3.03 -24.32 -2.99
CA LEU G 349 2.41 -23.22 -3.70
C LEU G 349 2.96 -23.07 -5.12
N ALA G 350 4.28 -23.03 -5.26
CA ALA G 350 4.88 -22.89 -6.59
C ALA G 350 4.49 -24.02 -7.56
N GLU G 351 4.30 -25.23 -7.04
CA GLU G 351 3.84 -26.37 -7.87
C GLU G 351 2.42 -26.13 -8.43
N ALA G 352 1.58 -25.48 -7.64
CA ALA G 352 0.23 -25.12 -8.05
C ALA G 352 0.19 -23.84 -8.91
N GLY G 353 1.32 -23.14 -8.99
CA GLY G 353 1.46 -21.94 -9.83
C GLY G 353 1.47 -20.59 -9.11
N TYR G 354 1.61 -20.60 -7.80
CA TYR G 354 1.57 -19.36 -7.00
C TYR G 354 2.93 -19.10 -6.36
N THR G 355 3.47 -17.92 -6.65
CA THR G 355 4.84 -17.51 -6.30
C THR G 355 4.83 -16.07 -5.79
N ALA G 356 5.99 -15.57 -5.37
CA ALA G 356 6.16 -14.16 -5.01
C ALA G 356 5.76 -13.25 -6.15
N ASP G 357 6.25 -13.53 -7.34
CA ASP G 357 5.94 -12.67 -8.48
C ASP G 357 4.54 -12.94 -9.06
N LYS G 358 3.97 -14.10 -8.76
CA LYS G 358 2.62 -14.44 -9.22
C LYS G 358 1.81 -14.91 -8.02
N PRO G 359 1.46 -13.95 -7.14
CA PRO G 359 1.00 -14.27 -5.79
C PRO G 359 -0.48 -14.60 -5.69
N LEU G 360 -0.80 -15.31 -4.61
CA LEU G 360 -2.16 -15.66 -4.27
C LEU G 360 -2.70 -14.62 -3.26
N THR G 361 -3.90 -14.13 -3.53
CA THR G 361 -4.59 -13.24 -2.61
C THR G 361 -5.91 -13.89 -2.23
N ILE G 362 -6.21 -13.93 -0.93
CA ILE G 362 -7.46 -14.51 -0.46
C ILE G 362 -8.17 -13.58 0.52
N ASN G 363 -9.43 -13.89 0.81
CA ASN G 363 -10.16 -13.23 1.87
C ASN G 363 -10.28 -14.17 3.06
N LEU G 364 -10.05 -13.65 4.26
CA LEU G 364 -10.25 -14.39 5.48
C LEU G 364 -11.51 -13.86 6.14
N LEU G 365 -12.52 -14.71 6.24
CA LEU G 365 -13.80 -14.34 6.84
C LEU G 365 -13.79 -14.66 8.33
N TYR G 366 -14.22 -13.72 9.16
CA TYR G 366 -14.40 -14.01 10.58
C TYR G 366 -15.66 -13.36 11.11
N ASN G 367 -16.22 -13.94 12.18
CA ASN G 367 -17.38 -13.29 12.83
C ASN G 367 -16.96 -12.16 13.75
N THR G 368 -17.70 -11.05 13.74
CA THR G 368 -17.35 -9.89 14.54
C THR G 368 -17.00 -10.30 15.97
N SER G 369 -15.77 -9.97 16.38
CA SER G 369 -15.25 -10.32 17.70
C SER G 369 -13.92 -9.62 17.91
N ASP G 370 -13.66 -9.17 19.14
CA ASP G 370 -12.38 -8.56 19.45
C ASP G 370 -11.27 -9.59 19.36
N LEU G 371 -11.55 -10.79 19.83
CA LEU G 371 -10.55 -11.86 19.83
C LEU G 371 -10.25 -12.34 18.40
N HIS G 372 -11.28 -12.69 17.64
CA HIS G 372 -11.06 -13.21 16.28
C HIS G 372 -10.39 -12.21 15.36
N LYS G 373 -10.73 -10.94 15.49
CA LYS G 373 -10.09 -9.91 14.66
C LYS G 373 -8.58 -9.84 14.94
N LYS G 374 -8.22 -9.82 16.22
CA LYS G 374 -6.81 -9.78 16.61
C LYS G 374 -6.06 -10.99 16.10
N LEU G 375 -6.67 -12.16 16.23
CA LEU G 375 -6.03 -13.37 15.73
C LEU G 375 -6.01 -13.42 14.20
N ALA G 376 -7.01 -12.82 13.55
CA ALA G 376 -7.09 -12.81 12.10
C ALA G 376 -6.02 -11.90 11.51
N ILE G 377 -5.80 -10.74 12.17
CA ILE G 377 -4.71 -9.83 11.81
C ILE G 377 -3.35 -10.52 11.92
N ALA G 378 -3.14 -11.23 13.03
CA ALA G 378 -1.92 -12.02 13.21
C ALA G 378 -1.77 -13.10 12.14
N ALA G 379 -2.87 -13.80 11.85
CA ALA G 379 -2.85 -14.87 10.86
C ALA G 379 -2.53 -14.31 9.49
N SER G 380 -3.12 -13.16 9.18
CA SER G 380 -2.87 -12.53 7.89
C SER G 380 -1.38 -12.24 7.73
N SER G 381 -0.80 -11.60 8.75
N SER G 381 -0.79 -11.61 8.75
CA SER G 381 0.61 -11.24 8.74
CA SER G 381 0.62 -11.23 8.73
C SER G 381 1.51 -12.47 8.60
C SER G 381 1.52 -12.46 8.60
N LEU G 382 1.20 -13.51 9.36
CA LEU G 382 2.00 -14.74 9.34
C LEU G 382 1.99 -15.39 7.95
N TRP G 383 0.82 -15.50 7.34
CA TRP G 383 0.72 -16.08 6.00
C TRP G 383 1.45 -15.27 4.95
N LYS G 384 1.42 -13.95 5.07
CA LYS G 384 2.14 -13.06 4.17
C LYS G 384 3.65 -13.27 4.30
N LYS G 385 4.13 -13.20 5.54
CA LYS G 385 5.56 -13.28 5.83
C LYS G 385 6.12 -14.70 5.63
N ASN G 386 5.36 -15.72 6.03
CA ASN G 386 5.82 -17.11 5.97
C ASN G 386 5.69 -17.78 4.60
N ILE G 387 4.58 -17.51 3.88
CA ILE G 387 4.37 -18.17 2.57
C ILE G 387 3.95 -17.24 1.42
N GLY G 388 4.02 -15.92 1.61
CA GLY G 388 3.80 -14.97 0.52
C GLY G 388 2.36 -14.80 0.05
N VAL G 389 1.41 -15.23 0.87
CA VAL G 389 -0.01 -15.15 0.52
C VAL G 389 -0.64 -13.89 1.12
N ASN G 390 -1.21 -13.05 0.26
CA ASN G 390 -1.89 -11.85 0.73
C ASN G 390 -3.26 -12.24 1.25
N VAL G 391 -3.58 -11.83 2.48
CA VAL G 391 -4.84 -12.18 3.13
C VAL G 391 -5.58 -10.90 3.52
N LYS G 392 -6.76 -10.68 2.95
CA LYS G 392 -7.61 -9.54 3.29
C LYS G 392 -8.73 -9.99 4.22
N LEU G 393 -9.03 -9.19 5.23
CA LEU G 393 -10.00 -9.55 6.26
C LEU G 393 -11.43 -9.15 5.89
N VAL G 394 -12.39 -10.06 6.12
CA VAL G 394 -13.82 -9.72 6.00
C VAL G 394 -14.56 -10.13 7.28
N ASN G 395 -15.35 -9.23 7.84
CA ASN G 395 -16.05 -9.56 9.07
C ASN G 395 -17.56 -9.44 8.91
N GLN G 396 -18.28 -10.37 9.51
CA GLN G 396 -19.75 -10.38 9.43
C GLN G 396 -20.34 -10.75 10.78
N GLU G 397 -21.55 -10.29 11.04
CA GLU G 397 -22.33 -10.74 12.19
C GLU G 397 -22.53 -12.24 12.14
N TRP G 398 -22.64 -12.81 13.34
CA TRP G 398 -22.81 -14.23 13.57
C TRP G 398 -23.76 -14.94 12.64
N LYS G 399 -25.02 -14.50 12.59
CA LYS G 399 -26.05 -15.14 11.76
C LYS G 399 -25.68 -15.14 10.26
N THR G 400 -25.29 -13.98 9.74
CA THR G 400 -24.84 -13.85 8.33
C THR G 400 -23.57 -14.66 8.01
N PHE G 401 -22.66 -14.69 8.97
CA PHE G 401 -21.40 -15.41 8.89
C PHE G 401 -21.62 -16.92 8.70
N LEU G 402 -22.50 -17.49 9.52
CA LEU G 402 -22.84 -18.90 9.40
C LEU G 402 -23.48 -19.18 8.03
N ASP G 403 -24.37 -18.29 7.61
CA ASP G 403 -25.03 -18.43 6.34
C ASP G 403 -24.05 -18.42 5.16
N THR G 404 -23.15 -17.45 5.17
CA THR G 404 -22.06 -17.35 4.20
C THR G 404 -21.29 -18.66 4.08
N ARG G 405 -20.97 -19.26 5.21
CA ARG G 405 -20.19 -20.48 5.19
C ARG G 405 -20.97 -21.65 4.58
N HIS G 406 -22.28 -21.71 4.85
CA HIS G 406 -23.14 -22.71 4.22
C HIS G 406 -23.32 -22.44 2.74
N GLN G 407 -23.34 -21.17 2.35
CA GLN G 407 -23.49 -20.80 0.93
C GLN G 407 -22.21 -20.97 0.15
N GLY G 408 -21.06 -21.00 0.82
CA GLY G 408 -19.79 -21.19 0.16
C GLY G 408 -19.24 -19.95 -0.51
N THR G 409 -19.77 -18.78 -0.15
CA THR G 409 -19.28 -17.50 -0.66
C THR G 409 -18.09 -16.98 0.19
N PHE G 410 -17.05 -17.79 0.32
CA PHE G 410 -15.89 -17.41 1.11
C PHE G 410 -14.72 -18.28 0.68
N ASP G 411 -13.50 -17.80 0.96
CA ASP G 411 -12.28 -18.55 0.67
C ASP G 411 -11.91 -19.35 1.91
N VAL G 412 -11.52 -18.63 2.95
CA VAL G 412 -11.14 -19.21 4.22
C VAL G 412 -11.93 -18.51 5.32
N ALA G 413 -12.25 -19.23 6.38
CA ALA G 413 -13.04 -18.67 7.47
C ALA G 413 -12.49 -19.04 8.84
N ARG G 414 -12.47 -18.07 9.74
CA ARG G 414 -12.30 -18.36 11.17
C ARG G 414 -13.42 -19.32 11.55
N ALA G 415 -13.08 -20.42 12.23
CA ALA G 415 -14.10 -21.33 12.73
C ALA G 415 -13.77 -21.88 14.11
N GLY G 416 -14.83 -22.30 14.80
CA GLY G 416 -14.74 -23.09 16.00
C GLY G 416 -15.82 -24.16 16.01
N TRP G 417 -15.44 -25.39 16.32
CA TRP G 417 -16.40 -26.45 16.51
C TRP G 417 -16.28 -27.06 17.90
N CYS G 418 -17.41 -27.11 18.60
CA CYS G 418 -17.54 -27.75 19.91
C CYS G 418 -18.33 -29.07 19.83
N ALA G 419 -17.86 -30.07 20.55
CA ALA G 419 -18.52 -31.38 20.56
C ALA G 419 -19.96 -31.23 20.99
N ASP G 420 -20.87 -31.92 20.30
CA ASP G 420 -22.28 -32.00 20.71
C ASP G 420 -22.49 -33.14 21.71
N TYR G 421 -21.64 -34.15 21.59
CA TYR G 421 -21.59 -35.27 22.51
C TYR G 421 -20.13 -35.72 22.56
N ASN G 422 -19.72 -36.35 23.66
CA ASN G 422 -18.29 -36.60 23.88
C ASN G 422 -17.87 -37.93 23.29
N GLU G 423 -17.63 -37.93 21.99
CA GLU G 423 -17.22 -39.11 21.25
C GLU G 423 -16.68 -38.58 19.91
N PRO G 424 -15.64 -39.21 19.34
CA PRO G 424 -14.99 -38.58 18.18
C PRO G 424 -15.89 -38.28 16.99
N THR G 425 -16.94 -39.08 16.77
CA THR G 425 -17.81 -38.85 15.61
C THR G 425 -18.52 -37.48 15.65
N SER G 426 -18.66 -36.89 16.83
CA SER G 426 -19.28 -35.57 16.95
C SER G 426 -18.52 -34.51 16.16
N PHE G 427 -17.21 -34.71 16.02
CA PHE G 427 -16.38 -33.91 15.13
C PHE G 427 -16.36 -34.50 13.73
N LEU G 428 -15.87 -35.73 13.64
CA LEU G 428 -15.57 -36.36 12.38
C LEU G 428 -16.76 -36.48 11.43
N ASN G 429 -17.96 -36.68 11.95
CA ASN G 429 -19.14 -36.76 11.08
C ASN G 429 -19.46 -35.44 10.34
N THR G 430 -18.94 -34.33 10.83
CA THR G 430 -19.20 -33.04 10.17
C THR G 430 -18.40 -32.88 8.88
N MET G 431 -17.47 -33.80 8.63
CA MET G 431 -16.65 -33.77 7.41
C MET G 431 -17.11 -34.83 6.40
N LEU G 432 -18.17 -35.58 6.72
CA LEU G 432 -18.81 -36.48 5.74
C LEU G 432 -19.36 -35.68 4.56
N SER G 433 -19.21 -36.23 3.36
CA SER G 433 -19.65 -35.55 2.13
C SER G 433 -21.07 -35.08 2.25
N ASN G 434 -21.91 -35.92 2.86
CA ASN G 434 -23.34 -35.66 2.95
C ASN G 434 -23.80 -34.83 4.15
N SER G 435 -22.87 -34.34 4.96
CA SER G 435 -23.25 -33.69 6.22
C SER G 435 -23.78 -32.29 6.00
N SER G 436 -24.89 -32.00 6.68
CA SER G 436 -25.45 -30.65 6.71
C SER G 436 -24.53 -29.69 7.44
N MET G 437 -23.58 -30.20 8.22
CA MET G 437 -22.65 -29.34 8.99
C MET G 437 -21.30 -29.09 8.30
N ASN G 438 -21.16 -29.63 7.10
CA ASN G 438 -19.89 -29.61 6.38
C ASN G 438 -19.71 -28.29 5.65
N THR G 439 -19.32 -27.27 6.41
CA THR G 439 -19.08 -25.96 5.83
C THR G 439 -17.68 -25.88 5.22
N ALA G 440 -16.84 -26.89 5.45
CA ALA G 440 -15.59 -27.01 4.73
C ALA G 440 -15.84 -27.34 3.24
N HIS G 441 -17.00 -27.94 2.95
CA HIS G 441 -17.34 -28.44 1.62
C HIS G 441 -16.29 -29.46 1.21
N TYR G 442 -15.85 -30.22 2.20
CA TYR G 442 -14.84 -31.26 2.03
C TYR G 442 -15.57 -32.53 1.67
N LYS G 443 -15.12 -33.18 0.58
CA LYS G 443 -15.78 -34.38 0.08
C LYS G 443 -14.72 -35.40 -0.31
N SER G 444 -14.51 -36.39 0.56
CA SER G 444 -13.59 -37.48 0.29
C SER G 444 -14.35 -38.81 0.45
N PRO G 445 -14.55 -39.55 -0.66
CA PRO G 445 -15.10 -40.91 -0.55
C PRO G 445 -14.26 -41.78 0.39
N ALA G 446 -12.94 -41.59 0.34
CA ALA G 446 -12.03 -42.26 1.25
C ALA G 446 -12.35 -41.97 2.73
N PHE G 447 -12.56 -40.71 3.07
CA PHE G 447 -12.92 -40.33 4.43
C PHE G 447 -14.24 -41.01 4.82
N ASP G 448 -15.23 -40.90 3.94
CA ASP G 448 -16.55 -41.44 4.22
C ASP G 448 -16.51 -42.95 4.46
N SER G 449 -15.71 -43.65 3.66
CA SER G 449 -15.59 -45.11 3.82
C SER G 449 -14.96 -45.49 5.16
N ILE G 450 -14.00 -44.71 5.63
CA ILE G 450 -13.40 -44.94 6.96
C ILE G 450 -14.49 -44.81 8.03
N MET G 451 -15.25 -43.71 8.00
CA MET G 451 -16.30 -43.51 8.98
C MET G 451 -17.38 -44.60 8.94
N ALA G 452 -17.70 -45.08 7.73
CA ALA G 452 -18.64 -46.20 7.57
C ALA G 452 -18.10 -47.48 8.22
N GLU G 453 -16.77 -47.63 8.20
CA GLU G 453 -16.11 -48.76 8.88
C GLU G 453 -16.21 -48.71 10.42
N THR G 454 -16.30 -47.51 11.01
CA THR G 454 -16.32 -47.40 12.48
C THR G 454 -17.57 -48.05 13.07
N LEU G 455 -18.66 -48.03 12.32
CA LEU G 455 -19.91 -48.65 12.74
C LEU G 455 -19.90 -50.18 12.61
N LYS G 456 -18.95 -50.75 11.88
CA LYS G 456 -18.88 -52.20 11.67
C LYS G 456 -17.89 -52.92 12.58
N VAL G 457 -17.31 -52.22 13.56
CA VAL G 457 -16.29 -52.83 14.43
C VAL G 457 -16.91 -53.86 15.35
N THR G 458 -16.11 -54.85 15.75
CA THR G 458 -16.51 -55.82 16.77
C THR G 458 -15.87 -55.49 18.13
N ASP G 459 -15.32 -54.28 18.26
CA ASP G 459 -14.47 -53.93 19.40
C ASP G 459 -14.22 -52.41 19.42
N GLU G 460 -14.14 -51.85 20.63
CA GLU G 460 -13.94 -50.41 20.82
C GLU G 460 -12.51 -49.94 20.51
N ALA G 461 -11.54 -50.82 20.68
CA ALA G 461 -10.17 -50.53 20.28
C ALA G 461 -10.06 -50.29 18.77
N GLN G 462 -10.76 -51.12 17.97
CA GLN G 462 -10.79 -50.99 16.50
C GLN G 462 -11.43 -49.68 16.11
N ARG G 463 -12.50 -49.34 16.82
CA ARG G 463 -13.22 -48.10 16.57
C ARG G 463 -12.29 -46.90 16.76
N THR G 464 -11.68 -46.81 17.95
CA THR G 464 -10.68 -45.79 18.26
C THR G 464 -9.58 -45.69 17.21
N ALA G 465 -9.06 -46.83 16.78
CA ALA G 465 -8.02 -46.86 15.74
C ALA G 465 -8.50 -46.28 14.42
N LEU G 466 -9.75 -46.56 14.04
CA LEU G 466 -10.31 -46.03 12.79
C LEU G 466 -10.47 -44.51 12.85
N TYR G 467 -10.82 -43.98 14.02
CA TYR G 467 -10.90 -42.54 14.21
C TYR G 467 -9.52 -41.88 14.01
N THR G 468 -8.46 -42.54 14.45
CA THR G 468 -7.11 -42.06 14.17
C THR G 468 -6.78 -42.14 12.66
N LYS G 469 -7.26 -43.19 11.98
CA LYS G 469 -7.13 -43.26 10.51
C LYS G 469 -7.92 -42.14 9.84
N ALA G 470 -9.11 -41.85 10.37
CA ALA G 470 -9.96 -40.79 9.82
C ALA G 470 -9.37 -39.39 9.97
N GLU G 471 -8.64 -39.13 11.06
CA GLU G 471 -8.00 -37.85 11.27
C GLU G 471 -6.76 -37.75 10.41
N GLN G 472 -6.07 -38.86 10.23
CA GLN G 472 -4.89 -38.88 9.37
C GLN G 472 -5.25 -38.55 7.93
N GLN G 473 -6.40 -39.04 7.45
CA GLN G 473 -6.81 -38.79 6.07
C GLN G 473 -7.22 -37.35 5.90
N LEU G 474 -7.94 -36.85 6.89
CA LEU G 474 -8.33 -35.42 6.93
C LEU G 474 -7.10 -34.50 6.86
N ASP G 475 -6.06 -34.86 7.61
CA ASP G 475 -4.78 -34.15 7.63
C ASP G 475 -4.01 -34.29 6.30
N LYS G 476 -3.95 -35.51 5.77
CA LYS G 476 -3.31 -35.73 4.46
C LYS G 476 -4.01 -34.97 3.32
N ASP G 477 -5.30 -34.69 3.49
CA ASP G 477 -6.07 -33.89 2.53
C ASP G 477 -6.06 -32.40 2.89
N SER G 478 -5.48 -32.05 4.04
CA SER G 478 -5.47 -30.66 4.52
C SER G 478 -6.83 -29.96 4.35
N ALA G 479 -7.87 -30.59 4.88
CA ALA G 479 -9.24 -30.07 4.81
C ALA G 479 -9.38 -28.76 5.56
N ILE G 480 -8.63 -28.59 6.64
CA ILE G 480 -8.68 -27.36 7.46
C ILE G 480 -7.27 -26.94 7.91
N VAL G 481 -7.18 -25.78 8.54
CA VAL G 481 -5.96 -25.30 9.19
C VAL G 481 -6.17 -25.30 10.71
N PRO G 482 -5.82 -26.38 11.40
CA PRO G 482 -6.03 -26.39 12.85
C PRO G 482 -5.14 -25.36 13.53
N VAL G 483 -5.63 -24.71 14.58
CA VAL G 483 -4.86 -23.68 15.22
C VAL G 483 -4.58 -24.01 16.68
N TYR G 484 -5.64 -24.09 17.48
CA TYR G 484 -5.53 -24.46 18.90
C TYR G 484 -6.80 -25.09 19.45
N TYR G 485 -6.65 -25.87 20.52
CA TYR G 485 -7.76 -26.48 21.22
C TYR G 485 -8.22 -25.51 22.29
N TYR G 486 -9.52 -25.31 22.39
CA TYR G 486 -10.08 -24.31 23.28
C TYR G 486 -9.84 -24.64 24.73
N VAL G 487 -10.06 -23.63 25.57
CA VAL G 487 -10.42 -23.83 26.98
C VAL G 487 -11.75 -23.08 27.20
N ASN G 488 -12.38 -23.34 28.33
CA ASN G 488 -13.62 -22.67 28.72
C ASN G 488 -13.30 -21.59 29.73
N ALA G 489 -13.07 -20.37 29.23
CA ALA G 489 -12.65 -19.26 30.08
C ALA G 489 -13.73 -18.20 30.18
N ARG G 490 -14.20 -17.94 31.41
CA ARG G 490 -15.17 -16.87 31.62
C ARG G 490 -15.11 -16.33 33.02
N LEU G 491 -15.69 -15.14 33.18
CA LEU G 491 -15.86 -14.50 34.46
C LEU G 491 -17.25 -14.81 35.02
N VAL G 492 -17.30 -15.14 36.32
CA VAL G 492 -18.53 -15.49 37.02
C VAL G 492 -18.52 -14.82 38.39
N LYS G 493 -19.55 -14.03 38.69
CA LYS G 493 -19.64 -13.30 39.96
C LYS G 493 -19.70 -14.24 41.16
N PRO G 494 -19.16 -13.79 42.32
CA PRO G 494 -19.09 -14.62 43.52
C PRO G 494 -20.40 -15.22 43.96
N TRP G 495 -21.49 -14.50 43.75
CA TRP G 495 -22.82 -14.90 44.22
C TRP G 495 -23.61 -15.80 43.28
N VAL G 496 -23.09 -16.08 42.08
CA VAL G 496 -23.72 -17.01 41.17
C VAL G 496 -23.32 -18.44 41.56
N GLY G 497 -24.30 -19.25 41.96
CA GLY G 497 -24.06 -20.64 42.34
C GLY G 497 -24.51 -21.62 41.26
N GLY G 498 -23.95 -22.83 41.31
CA GLY G 498 -24.30 -23.89 40.38
C GLY G 498 -23.46 -23.97 39.11
N TYR G 499 -22.46 -23.10 38.96
CA TYR G 499 -21.48 -23.23 37.87
C TYR G 499 -20.23 -23.93 38.38
N THR G 500 -20.00 -25.17 37.95
CA THR G 500 -18.84 -25.96 38.37
C THR G 500 -17.73 -25.98 37.32
N GLY G 501 -18.10 -25.82 36.05
CA GLY G 501 -17.15 -25.88 34.96
C GLY G 501 -16.61 -27.28 34.68
N LYS G 502 -17.22 -28.31 35.26
CA LYS G 502 -16.74 -29.67 35.08
C LYS G 502 -17.33 -30.42 33.86
N ASP G 503 -18.30 -29.83 33.17
CA ASP G 503 -18.78 -30.39 31.90
C ASP G 503 -17.92 -29.88 30.73
N PRO G 504 -17.14 -30.77 30.10
CA PRO G 504 -16.25 -30.35 29.02
C PRO G 504 -16.96 -29.89 27.72
N LEU G 505 -18.27 -30.09 27.64
CA LEU G 505 -19.06 -29.55 26.54
C LEU G 505 -19.74 -28.22 26.90
N ASP G 506 -19.60 -27.78 28.15
CA ASP G 506 -20.24 -26.56 28.68
C ASP G 506 -21.77 -26.47 28.46
N ASN G 507 -22.44 -27.62 28.55
CA ASN G 507 -23.89 -27.64 28.44
C ASN G 507 -24.54 -27.36 29.78
N THR G 508 -24.57 -26.07 30.15
CA THR G 508 -25.17 -25.64 31.40
C THR G 508 -26.65 -25.31 31.23
N TYR G 509 -27.34 -25.29 32.36
CA TYR G 509 -28.76 -24.98 32.39
C TYR G 509 -29.00 -23.98 33.48
N THR G 510 -29.75 -22.93 33.16
CA THR G 510 -30.12 -21.96 34.18
C THR G 510 -30.85 -22.60 35.39
N ARG G 511 -31.62 -23.67 35.14
CA ARG G 511 -32.35 -24.37 36.19
C ARG G 511 -31.42 -24.97 37.29
N ASN G 512 -30.14 -25.12 36.96
CA ASN G 512 -29.18 -25.62 37.92
C ASN G 512 -28.52 -24.54 38.77
N MET G 513 -28.83 -23.28 38.50
CA MET G 513 -28.11 -22.20 39.15
C MET G 513 -28.94 -21.48 40.21
N TYR G 514 -28.28 -20.59 40.94
CA TYR G 514 -28.93 -19.89 42.05
C TYR G 514 -28.12 -18.69 42.50
N ILE G 515 -28.80 -17.67 43.01
CA ILE G 515 -28.13 -16.47 43.50
C ILE G 515 -27.93 -16.53 44.99
N VAL G 516 -26.67 -16.41 45.42
CA VAL G 516 -26.37 -16.27 46.84
C VAL G 516 -26.64 -14.83 47.31
N LYS G 517 -27.17 -14.70 48.53
CA LYS G 517 -27.40 -13.38 49.13
C LYS G 517 -26.08 -12.62 49.18
N HIS G 518 -26.12 -11.35 48.80
CA HIS G 518 -24.92 -10.51 48.77
C HIS G 518 -25.29 -9.04 48.88
N ALA H 2 23.97 15.07 -17.51
CA ALA H 2 25.18 15.95 -17.56
C ALA H 2 25.23 16.70 -18.88
N ASP H 3 25.68 17.97 -18.82
CA ASP H 3 25.87 18.80 -20.03
C ASP H 3 27.34 19.16 -20.19
N VAL H 4 28.05 18.37 -20.98
CA VAL H 4 29.48 18.58 -21.18
C VAL H 4 29.62 19.74 -22.16
N PRO H 5 30.24 20.85 -21.73
CA PRO H 5 30.37 21.99 -22.65
C PRO H 5 31.12 21.62 -23.93
N ALA H 6 30.85 22.35 -25.01
CA ALA H 6 31.50 22.13 -26.28
C ALA H 6 33.02 22.21 -26.11
N GLY H 7 33.73 21.30 -26.76
CA GLY H 7 35.19 21.31 -26.73
C GLY H 7 35.80 21.03 -25.36
N VAL H 8 35.10 20.31 -24.50
CA VAL H 8 35.75 19.69 -23.35
C VAL H 8 36.01 18.25 -23.76
N THR H 9 37.22 17.75 -23.47
CA THR H 9 37.56 16.34 -23.72
C THR H 9 37.33 15.48 -22.46
N LEU H 10 36.44 14.50 -22.57
CA LEU H 10 36.13 13.60 -21.45
C LEU H 10 37.18 12.53 -21.28
N ALA H 11 37.42 12.14 -20.03
CA ALA H 11 38.35 11.07 -19.72
C ALA H 11 37.81 9.72 -20.18
N GLU H 12 38.71 8.79 -20.46
CA GLU H 12 38.32 7.41 -20.78
C GLU H 12 37.62 6.77 -19.59
N LYS H 13 38.17 6.95 -18.38
CA LYS H 13 37.54 6.42 -17.15
C LYS H 13 36.70 7.47 -16.45
N GLN H 14 35.39 7.24 -16.43
CA GLN H 14 34.47 8.13 -15.76
C GLN H 14 34.09 7.55 -14.40
N THR H 15 35.00 7.71 -13.45
CA THR H 15 34.76 7.32 -12.07
C THR H 15 34.90 8.53 -11.16
N LEU H 16 34.21 8.49 -10.02
CA LEU H 16 34.22 9.57 -9.06
C LEU H 16 34.28 8.99 -7.66
N VAL H 17 35.08 9.59 -6.79
CA VAL H 17 35.12 9.17 -5.39
C VAL H 17 34.84 10.39 -4.54
N ARG H 18 33.77 10.32 -3.76
CA ARG H 18 33.35 11.39 -2.89
C ARG H 18 33.42 10.96 -1.44
N ASN H 19 33.91 11.82 -0.55
CA ASN H 19 33.66 11.60 0.86
C ASN H 19 32.27 12.08 1.24
N ASN H 20 31.54 11.21 1.94
CA ASN H 20 30.18 11.47 2.36
C ASN H 20 30.06 11.81 3.85
N GLY H 21 31.16 11.70 4.59
CA GLY H 21 31.24 12.25 5.92
C GLY H 21 30.95 11.30 7.07
N SER H 22 30.12 10.28 6.81
CA SER H 22 29.81 9.27 7.81
C SER H 22 29.16 8.06 7.16
N GLU H 23 29.15 6.94 7.89
CA GLU H 23 28.37 5.77 7.51
C GLU H 23 26.90 6.17 7.58
N VAL H 24 26.14 5.94 6.51
CA VAL H 24 24.75 6.37 6.45
C VAL H 24 23.84 5.63 7.46
N GLN H 25 22.71 6.25 7.81
CA GLN H 25 21.67 5.61 8.60
C GLN H 25 21.14 4.40 7.87
N SER H 26 20.86 4.60 6.59
CA SER H 26 20.10 3.67 5.79
C SER H 26 20.18 4.11 4.32
N LEU H 27 19.93 3.17 3.42
CA LEU H 27 19.67 3.49 2.02
C LEU H 27 18.16 3.49 1.72
N ASP H 28 17.33 3.31 2.75
CA ASP H 28 15.87 3.33 2.65
C ASP H 28 15.35 4.78 2.79
N PRO H 29 14.74 5.35 1.71
CA PRO H 29 14.27 6.74 1.69
C PRO H 29 13.34 7.17 2.82
N HIS H 30 12.75 6.21 3.52
CA HIS H 30 11.83 6.47 4.62
C HIS H 30 12.47 6.28 5.96
N LYS H 31 13.73 5.85 5.98
CA LYS H 31 14.46 5.65 7.21
C LYS H 31 15.64 6.63 7.37
N ILE H 32 15.53 7.83 6.77
CA ILE H 32 16.66 8.77 6.71
C ILE H 32 16.30 10.23 7.03
N GLU H 33 17.26 10.95 7.61
CA GLU H 33 17.05 12.38 7.89
C GLU H 33 18.23 13.30 7.59
N GLY H 34 19.39 12.73 7.25
CA GLY H 34 20.61 13.50 7.20
C GLY H 34 21.13 13.78 5.82
N VAL H 35 22.09 14.70 5.77
CA VAL H 35 22.72 15.10 4.50
C VAL H 35 23.43 13.92 3.83
N PRO H 36 24.21 13.13 4.60
CA PRO H 36 24.90 12.01 3.97
C PRO H 36 23.95 11.01 3.31
N GLU H 37 22.82 10.76 3.99
CA GLU H 37 21.80 9.85 3.50
C GLU H 37 21.20 10.34 2.19
N SER H 38 20.88 11.64 2.13
CA SER H 38 20.28 12.23 0.93
C SER H 38 21.22 12.23 -0.27
N ASN H 39 22.51 12.51 -0.02
CA ASN H 39 23.50 12.51 -1.08
C ASN H 39 23.46 11.19 -1.85
N ILE H 40 23.52 10.07 -1.14
CA ILE H 40 23.51 8.78 -1.80
C ILE H 40 22.12 8.50 -2.35
N SER H 41 21.08 8.94 -1.64
CA SER H 41 19.70 8.71 -2.08
C SER H 41 19.35 9.38 -3.42
N ARG H 42 19.82 10.60 -3.64
CA ARG H 42 19.53 11.31 -4.89
C ARG H 42 20.10 10.63 -6.14
N ASP H 43 21.16 9.83 -5.97
CA ASP H 43 21.73 9.01 -7.06
C ASP H 43 20.97 7.68 -7.26
N LEU H 44 20.40 7.13 -6.18
CA LEU H 44 19.73 5.82 -6.22
C LEU H 44 18.22 5.90 -6.50
N PHE H 45 17.55 6.91 -5.98
CA PHE H 45 16.11 7.04 -6.18
C PHE H 45 15.76 8.42 -6.69
N GLU H 46 14.84 8.47 -7.65
CA GLU H 46 14.37 9.72 -8.21
C GLU H 46 12.90 9.97 -7.97
N GLY H 47 12.62 11.12 -7.37
CA GLY H 47 11.24 11.50 -7.05
C GLY H 47 10.48 12.06 -8.23
N LEU H 48 9.38 12.75 -7.93
CA LEU H 48 8.57 13.40 -8.96
C LEU H 48 9.38 14.51 -9.62
N LEU H 49 10.01 15.32 -8.77
CA LEU H 49 10.83 16.45 -9.20
C LEU H 49 12.28 16.29 -8.73
N VAL H 50 13.19 17.00 -9.39
CA VAL H 50 14.60 17.11 -8.98
C VAL H 50 15.03 18.57 -8.97
N SER H 51 16.18 18.86 -8.35
CA SER H 51 16.76 20.21 -8.35
C SER H 51 17.69 20.36 -9.53
N ASP H 52 17.61 21.48 -10.23
CA ASP H 52 18.56 21.77 -11.31
C ASP H 52 19.85 22.38 -10.71
N LEU H 53 20.81 22.76 -11.57
CA LEU H 53 22.13 23.23 -11.12
C LEU H 53 22.09 24.50 -10.25
N ASP H 54 21.06 25.32 -10.43
CA ASP H 54 20.87 26.51 -9.62
C ASP H 54 19.93 26.27 -8.42
N GLY H 55 19.56 25.00 -8.18
CA GLY H 55 18.68 24.65 -7.06
C GLY H 55 17.20 24.77 -7.35
N HIS H 56 16.82 25.16 -8.57
CA HIS H 56 15.40 25.36 -8.89
C HIS H 56 14.74 24.06 -9.24
N PRO H 57 13.46 23.88 -8.83
CA PRO H 57 12.76 22.62 -9.12
C PRO H 57 12.61 22.38 -10.63
N ALA H 58 12.90 21.15 -11.06
CA ALA H 58 12.84 20.76 -12.48
C ALA H 58 12.30 19.33 -12.57
N PRO H 59 11.86 18.92 -13.78
CA PRO H 59 11.24 17.62 -13.96
C PRO H 59 12.05 16.43 -13.44
N GLY H 60 11.36 15.49 -12.80
CA GLY H 60 11.96 14.19 -12.42
C GLY H 60 11.23 13.06 -13.13
N VAL H 61 10.65 12.14 -12.35
CA VAL H 61 9.78 11.12 -12.92
C VAL H 61 8.57 11.84 -13.55
N ALA H 62 8.16 12.94 -12.91
CA ALA H 62 7.15 13.83 -13.47
C ALA H 62 7.75 14.73 -14.56
N GLU H 63 7.29 14.57 -15.80
CA GLU H 63 7.75 15.41 -16.92
C GLU H 63 7.11 16.80 -16.91
N SER H 64 5.93 16.89 -16.29
CA SER H 64 5.21 18.16 -16.15
C SER H 64 4.13 18.01 -15.08
N TRP H 65 3.59 19.13 -14.64
CA TRP H 65 2.67 19.15 -13.52
C TRP H 65 1.92 20.43 -13.51
N ASP H 66 0.80 20.44 -12.80
CA ASP H 66 -0.07 21.60 -12.71
C ASP H 66 -0.90 21.51 -11.44
N ASN H 67 -1.52 22.62 -11.05
CA ASN H 67 -2.39 22.62 -9.89
C ASN H 67 -3.64 23.49 -10.06
N LYS H 68 -4.57 23.35 -9.11
CA LYS H 68 -5.73 24.22 -9.01
C LYS H 68 -5.82 24.72 -7.56
N ASP H 69 -5.85 26.05 -7.39
CA ASP H 69 -5.90 26.72 -6.07
C ASP H 69 -4.72 26.39 -5.13
N ALA H 70 -3.67 25.76 -5.66
CA ALA H 70 -2.56 25.23 -4.86
C ALA H 70 -3.02 24.20 -3.82
N LYS H 71 -4.14 23.52 -4.10
CA LYS H 71 -4.70 22.49 -3.22
C LYS H 71 -4.77 21.11 -3.88
N VAL H 72 -4.97 21.06 -5.20
CA VAL H 72 -5.00 19.81 -5.95
C VAL H 72 -3.88 19.81 -6.99
N TRP H 73 -2.94 18.89 -6.83
CA TRP H 73 -1.74 18.85 -7.68
C TRP H 73 -1.71 17.60 -8.53
N THR H 74 -1.60 17.78 -9.84
CA THR H 74 -1.52 16.66 -10.75
C THR H 74 -0.14 16.57 -11.39
N PHE H 75 0.43 15.37 -11.37
CA PHE H 75 1.76 15.13 -11.90
C PHE H 75 1.71 14.18 -13.07
N HIS H 76 2.12 14.69 -14.23
CA HIS H 76 2.14 13.92 -15.46
C HIS H 76 3.47 13.25 -15.60
N LEU H 77 3.47 11.94 -15.46
CA LEU H 77 4.68 11.14 -15.36
C LEU H 77 5.14 10.66 -16.74
N ARG H 78 6.44 10.70 -16.97
CA ARG H 78 7.01 10.22 -18.24
C ARG H 78 6.85 8.72 -18.33
N LYS H 79 6.42 8.26 -19.52
CA LYS H 79 6.14 6.85 -19.78
C LYS H 79 7.38 5.94 -19.72
N ASP H 80 8.54 6.48 -20.04
CA ASP H 80 9.76 5.68 -20.10
C ASP H 80 10.55 5.61 -18.79
N ALA H 81 9.95 6.08 -17.68
CA ALA H 81 10.55 5.96 -16.35
C ALA H 81 10.50 4.50 -15.88
N LYS H 82 11.64 3.97 -15.43
CA LYS H 82 11.78 2.55 -15.12
C LYS H 82 12.66 2.28 -13.89
N TRP H 83 12.44 1.12 -13.28
CA TRP H 83 13.26 0.62 -12.19
C TRP H 83 14.44 -0.15 -12.72
N SER H 84 15.43 -0.39 -11.85
CA SER H 84 16.65 -1.11 -12.24
C SER H 84 16.42 -2.57 -12.68
N ASP H 85 15.28 -3.14 -12.30
CA ASP H 85 14.90 -4.48 -12.80
C ASP H 85 14.17 -4.43 -14.16
N GLY H 86 13.96 -3.24 -14.72
CA GLY H 86 13.30 -3.08 -16.02
C GLY H 86 11.82 -2.73 -15.96
N THR H 87 11.16 -2.98 -14.83
CA THR H 87 9.74 -2.64 -14.68
C THR H 87 9.54 -1.13 -14.69
N PRO H 88 8.37 -0.65 -15.16
CA PRO H 88 8.11 0.77 -15.23
C PRO H 88 7.85 1.39 -13.86
N VAL H 89 8.14 2.67 -13.75
CA VAL H 89 7.82 3.43 -12.54
C VAL H 89 6.43 4.00 -12.74
N THR H 90 5.50 3.54 -11.90
CA THR H 90 4.09 3.90 -12.02
C THR H 90 3.68 4.87 -10.91
N ALA H 91 2.55 5.54 -11.11
CA ALA H 91 1.94 6.37 -10.08
C ALA H 91 1.54 5.54 -8.87
N GLN H 92 1.31 4.23 -9.08
CA GLN H 92 1.01 3.32 -7.96
C GLN H 92 2.22 3.11 -7.06
N ASP H 93 3.42 3.09 -7.63
CA ASP H 93 4.65 3.06 -6.84
C ASP H 93 4.69 4.26 -5.86
N PHE H 94 4.23 5.42 -6.33
CA PHE H 94 4.22 6.64 -5.52
C PHE H 94 3.17 6.60 -4.42
N VAL H 95 1.96 6.18 -4.77
CA VAL H 95 0.90 5.98 -3.79
C VAL H 95 1.43 5.05 -2.70
N TYR H 96 1.93 3.88 -3.10
CA TYR H 96 2.49 2.91 -2.16
C TYR H 96 3.56 3.53 -1.24
N SER H 97 4.48 4.27 -1.85
CA SER H 97 5.65 4.79 -1.13
C SER H 97 5.31 5.91 -0.15
N TRP H 98 4.48 6.86 -0.58
CA TRP H 98 4.06 7.96 0.30
C TRP H 98 3.29 7.44 1.50
N GLN H 99 2.40 6.46 1.26
CA GLN H 99 1.64 5.79 2.35
C GLN H 99 2.57 5.10 3.35
N ARG H 100 3.62 4.45 2.84
CA ARG H 100 4.63 3.78 3.66
C ARG H 100 5.32 4.80 4.55
N SER H 101 5.48 6.07 3.88
N SER H 101 5.56 5.99 3.99
CA SER H 101 6.20 7.14 4.53
CA SER H 101 6.30 7.05 4.69
C SER H 101 5.47 7.68 5.76
C SER H 101 5.52 7.66 5.86
N VAL H 102 4.19 7.60 5.79
CA VAL H 102 3.35 8.14 6.86
C VAL H 102 2.84 7.05 7.81
N ASP H 103 2.93 5.78 7.41
CA ASP H 103 2.55 4.66 8.28
C ASP H 103 3.35 4.67 9.61
N PRO H 104 2.65 4.72 10.77
CA PRO H 104 3.40 4.71 12.04
C PRO H 104 4.38 3.54 12.15
N ASN H 105 4.05 2.39 11.55
CA ASN H 105 4.92 1.20 11.58
C ASN H 105 6.26 1.37 10.85
N THR H 106 6.36 2.33 9.94
CA THR H 106 7.63 2.63 9.28
C THR H 106 8.55 3.47 10.16
N ALA H 107 7.96 4.18 11.12
CA ALA H 107 8.71 4.96 12.12
C ALA H 107 9.74 5.86 11.42
N SER H 108 9.25 6.63 10.46
CA SER H 108 10.10 7.47 9.62
C SER H 108 10.45 8.78 10.32
N PRO H 109 11.74 9.14 10.35
CA PRO H 109 12.09 10.47 10.86
C PRO H 109 11.49 11.59 10.00
N TYR H 110 11.23 11.29 8.73
CA TYR H 110 10.57 12.24 7.83
C TYR H 110 9.07 11.92 7.66
N ALA H 111 8.48 11.27 8.66
CA ALA H 111 7.04 11.02 8.68
C ALA H 111 6.24 12.31 8.48
N SER H 112 6.68 13.37 9.14
CA SER H 112 5.97 14.66 9.13
C SER H 112 6.15 15.47 7.86
N TYR H 113 7.09 15.08 6.99
CA TYR H 113 7.43 15.91 5.83
C TYR H 113 6.23 16.19 4.91
N LEU H 114 5.54 15.14 4.48
CA LEU H 114 4.36 15.32 3.63
C LEU H 114 3.26 16.13 4.32
N GLN H 115 3.23 16.07 5.65
CA GLN H 115 2.34 16.93 6.46
C GLN H 115 2.74 18.42 6.39
N TYR H 116 3.98 18.72 6.02
CA TYR H 116 4.41 20.12 5.82
C TYR H 116 3.73 20.75 4.60
N GLY H 117 3.34 19.92 3.64
CA GLY H 117 2.57 20.35 2.48
C GLY H 117 1.08 20.11 2.63
N HIS H 118 0.70 19.49 3.75
CA HIS H 118 -0.70 19.33 4.17
C HIS H 118 -1.56 18.53 3.22
N ILE H 119 -1.04 17.37 2.82
CA ILE H 119 -1.79 16.36 2.06
C ILE H 119 -2.96 15.87 2.90
N ALA H 120 -4.16 15.78 2.30
CA ALA H 120 -5.39 15.48 3.02
C ALA H 120 -5.37 14.13 3.72
N GLY H 121 -5.90 14.10 4.95
CA GLY H 121 -5.99 12.87 5.74
C GLY H 121 -4.76 12.53 6.57
N ILE H 122 -3.66 13.24 6.37
CA ILE H 122 -2.38 12.86 6.99
C ILE H 122 -2.35 13.07 8.51
N ASP H 123 -2.98 14.12 9.00
CA ASP H 123 -3.04 14.37 10.45
C ASP H 123 -3.48 13.12 11.22
N GLU H 124 -4.66 12.61 10.88
CA GLU H 124 -5.21 11.44 11.56
C GLU H 124 -4.41 10.16 11.27
N ILE H 125 -3.80 10.11 10.09
CA ILE H 125 -3.00 8.95 9.67
C ILE H 125 -1.69 8.84 10.46
N LEU H 126 -1.05 9.99 10.70
CA LEU H 126 0.20 10.04 11.47
C LEU H 126 -0.02 9.70 12.94
N GLU H 127 -1.19 10.07 13.46
CA GLU H 127 -1.58 9.75 14.84
C GLU H 127 -2.08 8.31 14.98
N GLY H 128 -2.34 7.64 13.85
CA GLY H 128 -2.69 6.22 13.83
C GLY H 128 -4.17 5.94 14.00
N LYS H 129 -4.99 6.98 13.86
CA LYS H 129 -6.44 6.85 14.03
C LYS H 129 -7.15 6.61 12.70
N LYS H 130 -6.40 6.64 11.60
CA LYS H 130 -6.93 6.33 10.28
C LYS H 130 -5.89 5.52 9.49
N PRO H 131 -6.34 4.59 8.63
CA PRO H 131 -5.39 3.81 7.84
C PRO H 131 -4.64 4.65 6.80
N ILE H 132 -3.49 4.14 6.36
CA ILE H 132 -2.65 4.87 5.40
C ILE H 132 -3.30 5.04 4.02
N THR H 133 -4.27 4.18 3.67
CA THR H 133 -4.99 4.29 2.40
C THR H 133 -5.94 5.49 2.30
N ASP H 134 -6.12 6.22 3.40
CA ASP H 134 -6.89 7.47 3.39
C ASP H 134 -6.09 8.69 2.97
N LEU H 135 -4.79 8.52 2.72
CA LEU H 135 -3.94 9.62 2.27
C LEU H 135 -4.48 10.15 0.93
N GLY H 136 -4.54 11.48 0.83
CA GLY H 136 -5.07 12.17 -0.34
C GLY H 136 -4.10 12.22 -1.52
N VAL H 137 -3.65 11.04 -1.96
CA VAL H 137 -2.89 10.92 -3.19
C VAL H 137 -3.31 9.63 -3.91
N LYS H 138 -3.63 9.74 -5.20
CA LYS H 138 -4.19 8.62 -5.96
C LYS H 138 -3.65 8.55 -7.40
N ALA H 139 -3.60 7.34 -7.93
CA ALA H 139 -3.22 7.10 -9.31
C ALA H 139 -4.46 7.20 -10.21
N ILE H 140 -4.60 8.32 -10.92
CA ILE H 140 -5.69 8.51 -11.87
C ILE H 140 -5.51 7.47 -12.99
N ASP H 141 -4.26 7.25 -13.39
CA ASP H 141 -3.87 6.08 -14.17
C ASP H 141 -2.38 5.77 -13.91
N ASP H 142 -1.75 5.02 -14.81
CA ASP H 142 -0.33 4.67 -14.67
C ASP H 142 0.63 5.87 -14.63
N HIS H 143 0.29 6.92 -15.36
CA HIS H 143 1.20 8.06 -15.59
C HIS H 143 0.62 9.36 -15.12
N THR H 144 -0.36 9.30 -14.22
CA THR H 144 -0.98 10.50 -13.65
C THR H 144 -1.20 10.33 -12.15
N LEU H 145 -0.47 11.13 -11.36
CA LEU H 145 -0.64 11.18 -9.92
C LEU H 145 -1.41 12.43 -9.52
N GLU H 146 -2.45 12.26 -8.71
CA GLU H 146 -3.20 13.37 -8.13
C GLU H 146 -2.95 13.44 -6.62
N VAL H 147 -2.50 14.61 -6.16
CA VAL H 147 -2.23 14.86 -4.76
C VAL H 147 -3.21 15.96 -4.31
N THR H 148 -3.99 15.69 -3.29
CA THR H 148 -4.99 16.64 -2.79
C THR H 148 -4.62 17.11 -1.39
N LEU H 149 -4.54 18.43 -1.21
CA LEU H 149 -4.11 19.03 0.06
C LEU H 149 -5.30 19.63 0.81
N SER H 150 -5.15 19.79 2.13
CA SER H 150 -6.22 20.33 2.99
C SER H 150 -6.20 21.86 3.15
N GLU H 151 -5.30 22.54 2.43
CA GLU H 151 -5.37 24.00 2.21
C GLU H 151 -4.27 24.46 1.23
N PRO H 152 -4.31 25.74 0.80
CA PRO H 152 -3.41 26.14 -0.26
C PRO H 152 -1.95 26.17 0.18
N VAL H 153 -1.12 25.35 -0.47
CA VAL H 153 0.33 25.36 -0.24
C VAL H 153 1.03 25.66 -1.58
N PRO H 154 1.28 26.96 -1.86
CA PRO H 154 1.89 27.36 -3.14
C PRO H 154 3.25 26.70 -3.40
N TYR H 155 4.01 26.42 -2.34
CA TYR H 155 5.35 25.86 -2.48
C TYR H 155 5.40 24.32 -2.48
N PHE H 156 4.25 23.65 -2.59
CA PHE H 156 4.17 22.18 -2.44
C PHE H 156 5.17 21.39 -3.32
N TYR H 157 5.28 21.79 -4.58
CA TYR H 157 6.19 21.12 -5.52
C TYR H 157 7.66 21.20 -5.10
N LYS H 158 8.04 22.27 -4.41
CA LYS H 158 9.39 22.46 -3.91
C LYS H 158 9.80 21.31 -2.99
N LEU H 159 8.85 20.78 -2.22
CA LEU H 159 9.13 19.68 -1.30
C LEU H 159 9.55 18.39 -2.00
N LEU H 160 9.08 18.18 -3.23
CA LEU H 160 9.12 16.87 -3.87
C LEU H 160 10.49 16.51 -4.49
N VAL H 161 11.47 17.39 -4.35
CA VAL H 161 12.85 17.03 -4.69
C VAL H 161 13.52 16.23 -3.57
N HIS H 162 12.94 16.27 -2.37
CA HIS H 162 13.53 15.60 -1.21
C HIS H 162 13.38 14.09 -1.30
N PRO H 163 14.46 13.33 -1.00
CA PRO H 163 14.42 11.86 -1.07
C PRO H 163 13.30 11.10 -0.32
N SER H 164 12.81 11.62 0.81
CA SER H 164 11.72 10.96 1.51
C SER H 164 10.41 10.92 0.72
N THR H 165 10.36 11.63 -0.41
CA THR H 165 9.20 11.56 -1.32
C THR H 165 9.48 10.76 -2.60
N SER H 166 10.65 10.13 -2.66
CA SER H 166 11.02 9.25 -3.77
C SER H 166 10.24 7.92 -3.67
N PRO H 167 10.03 7.26 -4.83
CA PRO H 167 9.37 5.95 -4.82
C PRO H 167 10.30 4.87 -4.29
N VAL H 168 9.72 3.84 -3.70
CA VAL H 168 10.46 2.67 -3.25
C VAL H 168 9.77 1.39 -3.78
N PRO H 169 10.54 0.32 -4.02
CA PRO H 169 10.04 -0.90 -4.67
C PRO H 169 9.35 -1.87 -3.71
N LYS H 170 8.05 -2.06 -3.89
CA LYS H 170 7.28 -2.98 -3.06
C LYS H 170 7.90 -4.39 -3.00
N ALA H 171 8.14 -4.99 -4.15
CA ALA H 171 8.52 -6.42 -4.23
C ALA H 171 9.78 -6.74 -3.44
N ALA H 172 10.76 -5.84 -3.54
CA ALA H 172 12.03 -6.01 -2.83
C ALA H 172 11.84 -5.90 -1.32
N ILE H 173 11.05 -4.91 -0.89
CA ILE H 173 10.79 -4.69 0.53
C ILE H 173 10.02 -5.89 1.14
N GLU H 174 8.97 -6.35 0.45
CA GLU H 174 8.18 -7.50 0.90
C GLU H 174 8.99 -8.80 0.94
N LYS H 175 9.85 -9.00 -0.06
CA LYS H 175 10.67 -10.20 -0.17
C LYS H 175 11.81 -10.27 0.86
N PHE H 176 12.51 -9.15 1.05
CA PHE H 176 13.75 -9.15 1.83
C PHE H 176 13.67 -8.37 3.16
N GLY H 177 12.53 -7.73 3.43
CA GLY H 177 12.41 -6.87 4.62
C GLY H 177 13.49 -5.81 4.67
N GLU H 178 14.10 -5.64 5.85
CA GLU H 178 15.16 -4.65 6.05
C GLU H 178 16.47 -4.93 5.29
N LYS H 179 16.63 -6.12 4.70
CA LYS H 179 17.79 -6.43 3.84
C LYS H 179 17.55 -6.08 2.37
N TRP H 180 16.46 -5.37 2.06
CA TRP H 180 16.13 -5.01 0.67
C TRP H 180 17.11 -4.05 0.04
N THR H 181 17.83 -3.29 0.87
CA THR H 181 18.78 -2.30 0.38
C THR H 181 20.19 -2.89 0.22
N GLN H 182 20.33 -4.20 0.44
CA GLN H 182 21.59 -4.88 0.18
C GLN H 182 21.87 -4.92 -1.33
N PRO H 183 23.16 -4.92 -1.72
CA PRO H 183 23.65 -4.88 -3.10
C PRO H 183 22.93 -5.74 -4.13
N GLY H 184 22.62 -6.99 -3.79
CA GLY H 184 21.97 -7.91 -4.73
C GLY H 184 20.45 -7.89 -4.65
N ASN H 185 19.91 -7.25 -3.61
CA ASN H 185 18.47 -7.23 -3.36
C ASN H 185 17.79 -5.95 -3.83
N ILE H 186 18.55 -4.86 -3.88
CA ILE H 186 18.00 -3.52 -4.03
C ILE H 186 17.48 -3.28 -5.45
N VAL H 187 16.36 -2.55 -5.56
CA VAL H 187 15.77 -2.17 -6.86
C VAL H 187 15.62 -0.65 -6.92
N THR H 188 16.38 0.00 -7.82
CA THR H 188 16.48 1.47 -7.83
C THR H 188 15.90 2.10 -9.11
N ASN H 189 15.62 3.41 -9.06
CA ASN H 189 15.16 4.15 -10.25
C ASN H 189 15.90 5.47 -10.54
N GLY H 190 16.98 5.76 -9.80
CA GLY H 190 17.84 6.91 -10.08
C GLY H 190 18.81 6.61 -11.21
N ALA H 191 19.78 7.49 -11.43
CA ALA H 191 20.79 7.24 -12.48
C ALA H 191 21.74 6.10 -12.13
N TYR H 192 21.77 5.72 -10.86
CA TYR H 192 22.71 4.73 -10.37
C TYR H 192 22.00 3.65 -9.56
N THR H 193 22.65 2.49 -9.46
CA THR H 193 22.20 1.45 -8.55
C THR H 193 23.41 0.99 -7.74
N LEU H 194 23.14 0.22 -6.69
CA LEU H 194 24.16 -0.13 -5.73
C LEU H 194 24.96 -1.35 -6.18
N LYS H 195 26.28 -1.23 -6.16
CA LYS H 195 27.18 -2.32 -6.54
C LYS H 195 27.81 -2.96 -5.28
N ASP H 196 28.41 -2.13 -4.41
CA ASP H 196 29.06 -2.63 -3.18
C ASP H 196 28.66 -1.80 -1.98
N TRP H 197 28.71 -2.43 -0.81
CA TRP H 197 28.46 -1.74 0.46
C TRP H 197 29.21 -2.42 1.56
N VAL H 198 30.43 -1.95 1.82
CA VAL H 198 31.23 -2.42 2.94
C VAL H 198 31.09 -1.36 4.04
N VAL H 199 30.46 -1.76 5.15
CA VAL H 199 30.12 -0.85 6.24
C VAL H 199 31.40 -0.22 6.81
N ASN H 200 31.35 1.10 6.99
CA ASN H 200 32.50 1.89 7.46
C ASN H 200 33.73 1.87 6.54
N GLU H 201 33.55 1.48 5.27
CA GLU H 201 34.65 1.51 4.29
C GLU H 201 34.26 2.23 3.00
N ARG H 202 33.22 1.73 2.33
CA ARG H 202 32.75 2.33 1.08
C ARG H 202 31.34 1.90 0.68
N ILE H 203 30.68 2.77 -0.08
CA ILE H 203 29.49 2.43 -0.85
C ILE H 203 29.83 2.75 -2.30
N VAL H 204 29.74 1.74 -3.17
CA VAL H 204 29.99 1.91 -4.60
C VAL H 204 28.69 1.75 -5.39
N LEU H 205 28.35 2.78 -6.16
CA LEU H 205 27.20 2.76 -7.07
C LEU H 205 27.67 2.66 -8.51
N GLU H 206 26.90 2.00 -9.36
CA GLU H 206 27.22 1.95 -10.79
C GLU H 206 26.07 2.49 -11.63
N ARG H 207 26.45 3.19 -12.70
CA ARG H 207 25.51 3.80 -13.65
C ARG H 207 24.44 2.80 -14.06
N SER H 208 23.19 3.28 -14.13
CA SER H 208 22.02 2.45 -14.38
C SER H 208 21.41 2.67 -15.78
N PRO H 209 21.58 1.69 -16.68
CA PRO H 209 21.06 1.82 -18.05
C PRO H 209 19.54 1.93 -18.16
N THR H 210 18.82 1.46 -17.15
CA THR H 210 17.35 1.52 -17.13
C THR H 210 16.84 2.94 -16.85
N TYR H 211 17.70 3.81 -16.29
CA TYR H 211 17.32 5.19 -16.00
C TYR H 211 16.92 5.93 -17.28
N TRP H 212 15.79 6.62 -17.22
CA TRP H 212 15.19 7.20 -18.42
C TRP H 212 16.05 8.20 -19.13
N ASN H 213 16.95 8.85 -18.41
CA ASN H 213 17.87 9.83 -19.00
C ASN H 213 19.32 9.34 -18.95
N ASN H 214 19.53 8.02 -19.02
CA ASN H 214 20.86 7.44 -18.96
C ASN H 214 21.80 7.91 -20.10
N ALA H 215 21.23 8.23 -21.26
CA ALA H 215 22.02 8.78 -22.38
C ALA H 215 22.74 10.09 -22.01
N LYS H 216 22.20 10.83 -21.04
CA LYS H 216 22.81 12.09 -20.60
C LYS H 216 23.78 11.90 -19.42
N THR H 217 23.75 10.74 -18.79
CA THR H 217 24.69 10.42 -17.72
C THR H 217 26.09 10.18 -18.29
N VAL H 218 27.10 10.57 -17.53
CA VAL H 218 28.51 10.45 -17.94
C VAL H 218 29.34 9.60 -16.99
N ILE H 219 29.23 9.84 -15.68
CA ILE H 219 30.02 9.09 -14.73
C ILE H 219 29.49 7.65 -14.67
N ASN H 220 30.40 6.69 -14.80
CA ASN H 220 30.04 5.27 -14.82
C ASN H 220 29.99 4.63 -13.44
N GLN H 221 30.85 5.09 -12.54
CA GLN H 221 30.87 4.59 -11.17
C GLN H 221 31.18 5.72 -10.19
N VAL H 222 30.41 5.79 -9.10
CA VAL H 222 30.65 6.75 -8.01
C VAL H 222 30.79 6.01 -6.66
N THR H 223 31.84 6.33 -5.92
CA THR H 223 32.13 5.73 -4.63
C THR H 223 32.00 6.75 -3.51
N TYR H 224 31.09 6.48 -2.56
CA TYR H 224 30.90 7.31 -1.37
C TYR H 224 31.69 6.73 -0.21
N LEU H 225 32.52 7.56 0.42
CA LEU H 225 33.28 7.14 1.60
C LEU H 225 32.65 7.72 2.88
N PRO H 226 32.82 7.04 4.03
CA PRO H 226 32.20 7.46 5.29
C PRO H 226 33.23 8.01 6.28
N ILE H 227 34.03 8.98 5.84
CA ILE H 227 35.15 9.47 6.65
C ILE H 227 34.67 10.67 7.47
N ALA H 228 34.58 10.47 8.79
CA ALA H 228 34.04 11.50 9.68
C ALA H 228 35.13 12.47 10.08
N SER H 229 36.38 12.00 10.03
CA SER H 229 37.52 12.88 10.27
C SER H 229 37.78 13.75 9.05
N GLU H 230 37.54 15.04 9.20
CA GLU H 230 37.80 16.01 8.14
C GLU H 230 39.29 16.04 7.78
N VAL H 231 40.16 15.87 8.78
CA VAL H 231 41.61 15.87 8.51
C VAL H 231 41.98 14.72 7.57
N THR H 232 41.46 13.53 7.86
CA THR H 232 41.77 12.34 7.08
C THR H 232 41.21 12.42 5.66
N ASP H 233 39.97 12.90 5.57
CA ASP H 233 39.36 13.25 4.29
C ASP H 233 40.34 14.07 3.42
N VAL H 234 40.69 15.26 3.89
CA VAL H 234 41.64 16.10 3.19
C VAL H 234 42.95 15.36 2.87
N ASN H 235 43.46 14.56 3.80
CA ASN H 235 44.67 13.77 3.56
C ASN H 235 44.50 12.81 2.38
N ARG H 236 43.34 12.16 2.30
CA ARG H 236 43.05 11.21 1.23
C ARG H 236 42.69 11.85 -0.11
N TYR H 237 42.22 13.08 -0.07
CA TYR H 237 42.06 13.90 -1.26
C TYR H 237 43.45 14.24 -1.80
N ARG H 238 44.28 14.85 -0.95
CA ARG H 238 45.61 15.31 -1.37
C ARG H 238 46.54 14.18 -1.82
N SER H 239 46.35 12.97 -1.28
CA SER H 239 47.13 11.80 -1.68
C SER H 239 46.64 11.21 -3.00
N GLY H 240 45.44 11.58 -3.43
CA GLY H 240 44.93 11.22 -4.76
C GLY H 240 43.72 10.32 -4.80
N GLU H 241 43.28 9.80 -3.65
CA GLU H 241 42.15 8.84 -3.64
C GLU H 241 40.77 9.50 -3.81
N ILE H 242 40.58 10.66 -3.18
CA ILE H 242 39.24 11.28 -3.16
C ILE H 242 39.14 12.45 -4.14
N ASP H 243 38.11 12.42 -4.99
CA ASP H 243 37.89 13.46 -6.00
C ASP H 243 37.19 14.70 -5.42
N MET H 244 36.31 14.47 -4.44
CA MET H 244 35.62 15.58 -3.77
C MET H 244 35.50 15.31 -2.27
N THR H 245 36.00 16.22 -1.44
CA THR H 245 35.81 16.09 0.00
C THR H 245 34.34 16.27 0.34
N ASN H 246 33.99 15.92 1.57
CA ASN H 246 32.73 16.32 2.14
C ASN H 246 32.82 17.84 2.40
N ASN H 247 31.69 18.51 2.60
CA ASN H 247 31.73 19.95 2.87
C ASN H 247 31.86 20.29 4.36
N SER H 248 32.84 19.66 5.01
CA SER H 248 33.22 19.98 6.36
C SER H 248 34.74 20.11 6.37
N MET H 249 35.22 21.32 6.64
CA MET H 249 36.67 21.57 6.59
C MET H 249 37.31 21.45 7.98
N PRO H 250 38.53 20.89 8.02
CA PRO H 250 39.29 20.95 9.26
C PRO H 250 39.71 22.41 9.53
N ILE H 251 39.44 22.89 10.74
CA ILE H 251 39.71 24.28 11.12
C ILE H 251 41.16 24.70 10.90
N GLU H 252 42.09 23.87 11.36
CA GLU H 252 43.52 24.22 11.29
C GLU H 252 43.98 24.32 9.83
N LEU H 253 43.54 23.34 9.04
CA LEU H 253 44.11 23.05 7.72
C LEU H 253 43.57 23.94 6.60
N PHE H 254 42.39 24.53 6.79
CA PHE H 254 41.77 25.31 5.73
C PHE H 254 42.62 26.46 5.20
N GLN H 255 43.19 27.25 6.10
CA GLN H 255 44.07 28.35 5.70
C GLN H 255 45.19 27.82 4.83
N LYS H 256 45.80 26.73 5.30
CA LYS H 256 46.85 26.03 4.57
C LYS H 256 46.40 25.55 3.17
N LEU H 257 45.19 24.99 3.09
CA LEU H 257 44.64 24.50 1.83
C LEU H 257 44.42 25.62 0.82
N LYS H 258 43.91 26.74 1.32
CA LYS H 258 43.68 27.91 0.49
C LYS H 258 44.99 28.50 -0.05
N LYS H 259 46.11 28.31 0.66
CA LYS H 259 47.41 28.72 0.12
C LYS H 259 47.92 27.72 -0.91
N GLU H 260 47.78 26.42 -0.61
CA GLU H 260 48.41 25.36 -1.40
C GLU H 260 47.66 24.95 -2.66
N ILE H 261 46.34 24.77 -2.54
CA ILE H 261 45.51 24.39 -3.68
C ILE H 261 44.33 25.36 -3.84
N PRO H 262 44.64 26.64 -4.08
CA PRO H 262 43.60 27.67 -4.16
C PRO H 262 42.53 27.40 -5.21
N ASP H 263 42.92 26.88 -6.37
CA ASP H 263 41.95 26.69 -7.44
C ASP H 263 41.03 25.47 -7.23
N GLU H 264 41.31 24.66 -6.22
CA GLU H 264 40.50 23.50 -5.89
C GLU H 264 39.61 23.73 -4.67
N VAL H 265 39.72 24.91 -4.06
CA VAL H 265 38.93 25.24 -2.88
C VAL H 265 37.66 25.95 -3.35
N HIS H 266 36.51 25.37 -2.97
CA HIS H 266 35.20 25.89 -3.31
C HIS H 266 34.51 26.27 -2.05
N VAL H 267 34.05 27.52 -1.99
CA VAL H 267 33.31 28.01 -0.87
C VAL H 267 32.09 28.74 -1.43
N ASP H 268 30.90 28.20 -1.18
CA ASP H 268 29.66 28.75 -1.72
C ASP H 268 28.60 28.90 -0.61
N PRO H 269 27.58 29.74 -0.85
CA PRO H 269 26.50 29.90 0.13
C PRO H 269 25.75 28.59 0.39
N TYR H 270 25.29 28.42 1.64
CA TYR H 270 24.68 27.17 2.08
C TYR H 270 23.62 27.50 3.13
N LEU H 271 22.36 27.17 2.84
CA LEU H 271 21.22 27.45 3.73
C LEU H 271 21.16 26.47 4.90
N CYS H 272 22.13 26.62 5.81
CA CYS H 272 22.19 25.75 6.98
C CYS H 272 22.62 26.55 8.19
N THR H 273 22.21 26.07 9.37
CA THR H 273 22.56 26.72 10.63
C THR H 273 23.21 25.74 11.61
N TYR H 274 24.33 26.17 12.16
CA TYR H 274 25.06 25.42 13.16
C TYR H 274 24.55 25.91 14.49
N TYR H 275 24.08 25.00 15.34
CA TYR H 275 23.56 25.41 16.63
C TYR H 275 23.73 24.33 17.68
N TYR H 276 23.62 24.74 18.94
CA TYR H 276 23.58 23.80 20.03
C TYR H 276 22.13 23.66 20.37
N GLU H 277 21.64 22.45 20.16
CA GLU H 277 20.26 22.07 20.38
C GLU H 277 20.09 21.74 21.86
N ILE H 278 19.10 22.38 22.48
CA ILE H 278 18.74 22.12 23.87
C ILE H 278 17.59 21.10 23.91
N ASN H 279 17.72 20.06 24.72
CA ASN H 279 16.61 19.17 24.97
C ASN H 279 15.64 19.86 25.91
N ASN H 280 14.61 20.48 25.35
CA ASN H 280 13.70 21.34 26.10
C ASN H 280 12.84 20.59 27.14
N GLN H 281 12.79 19.25 27.05
CA GLN H 281 12.04 18.45 28.01
C GLN H 281 12.91 17.74 29.07
N LYS H 282 14.23 17.90 28.99
CA LYS H 282 15.11 17.37 30.03
C LYS H 282 15.43 18.43 31.08
N PRO H 283 15.07 18.17 32.36
CA PRO H 283 15.48 19.08 33.43
C PRO H 283 16.99 19.21 33.50
N PRO H 284 17.49 20.43 33.73
CA PRO H 284 16.80 21.69 34.01
C PRO H 284 16.52 22.56 32.79
N PHE H 285 16.62 21.97 31.60
CA PHE H 285 16.47 22.71 30.35
C PHE H 285 15.00 22.91 29.99
N ASN H 286 14.11 22.37 30.83
CA ASN H 286 12.68 22.73 30.78
C ASN H 286 12.43 24.13 31.34
N ASP H 287 13.44 24.73 31.97
CA ASP H 287 13.37 26.10 32.47
C ASP H 287 13.93 27.06 31.43
N VAL H 288 13.10 28.00 30.99
CA VAL H 288 13.54 28.91 29.94
C VAL H 288 14.71 29.80 30.38
N ARG H 289 14.84 30.07 31.67
CA ARG H 289 15.93 30.93 32.15
C ARG H 289 17.29 30.24 31.97
N VAL H 290 17.32 28.94 32.23
CA VAL H 290 18.51 28.13 32.01
C VAL H 290 18.85 28.08 30.51
N ARG H 291 17.85 27.83 29.67
CA ARG H 291 18.05 27.84 28.22
C ARG H 291 18.59 29.18 27.75
N THR H 292 18.01 30.25 28.26
CA THR H 292 18.39 31.59 27.85
C THR H 292 19.84 31.87 28.26
N ALA H 293 20.21 31.45 29.46
CA ALA H 293 21.56 31.64 29.94
C ALA H 293 22.57 30.98 29.01
N LEU H 294 22.29 29.74 28.62
CA LEU H 294 23.18 29.02 27.69
C LEU H 294 23.25 29.73 26.34
N LYS H 295 22.12 30.28 25.87
CA LYS H 295 22.09 30.99 24.60
C LYS H 295 22.94 32.26 24.66
N LEU H 296 22.77 33.04 25.72
CA LEU H 296 23.49 34.30 25.90
C LEU H 296 24.97 34.09 26.16
N GLY H 297 25.29 33.07 26.96
CA GLY H 297 26.66 32.87 27.43
C GLY H 297 27.63 32.34 26.39
N MET H 298 27.10 31.83 25.27
CA MET H 298 27.93 31.39 24.16
C MET H 298 28.46 32.63 23.44
N ASP H 299 29.75 32.61 23.12
CA ASP H 299 30.38 33.74 22.44
C ASP H 299 30.59 33.39 20.98
N ARG H 300 29.70 33.91 20.14
CA ARG H 300 29.68 33.59 18.72
C ARG H 300 30.88 34.18 17.95
N ASP H 301 31.32 35.36 18.35
CA ASP H 301 32.48 35.99 17.72
C ASP H 301 33.74 35.13 17.88
N ILE H 302 33.98 34.64 19.09
CA ILE H 302 35.15 33.79 19.31
C ILE H 302 35.06 32.53 18.44
N ILE H 303 33.90 31.89 18.43
CA ILE H 303 33.72 30.70 17.61
C ILE H 303 33.90 31.00 16.11
N VAL H 304 33.19 32.00 15.59
CA VAL H 304 33.31 32.43 14.19
C VAL H 304 34.75 32.84 13.83
N ASN H 305 35.44 33.53 14.74
CA ASN H 305 36.85 33.87 14.51
C ASN H 305 37.73 32.65 14.24
N LYS H 306 37.36 31.52 14.84
CA LYS H 306 38.10 30.27 14.68
C LYS H 306 37.92 29.67 13.27
N VAL H 307 36.82 30.03 12.61
CA VAL H 307 36.55 29.60 11.23
C VAL H 307 36.40 30.84 10.32
N LYS H 308 37.07 31.92 10.68
CA LYS H 308 36.94 33.19 9.96
C LYS H 308 37.32 33.07 8.48
N ALA H 309 38.42 32.36 8.20
CA ALA H 309 38.90 32.17 6.83
C ALA H 309 37.82 31.59 5.90
N GLN H 310 36.90 30.82 6.47
CA GLN H 310 35.78 30.29 5.70
C GLN H 310 34.67 31.32 5.54
N GLY H 311 34.60 32.26 6.47
CA GLY H 311 33.69 33.41 6.38
C GLY H 311 32.28 33.11 6.83
N ASN H 312 32.14 32.29 7.87
CA ASN H 312 30.84 32.06 8.48
C ASN H 312 30.40 33.31 9.22
N MET H 313 29.09 33.59 9.18
CA MET H 313 28.50 34.68 9.94
C MET H 313 27.91 34.17 11.25
N PRO H 314 28.04 34.94 12.36
CA PRO H 314 27.42 34.54 13.63
C PRO H 314 25.89 34.52 13.55
N ALA H 315 25.27 33.56 14.22
CA ALA H 315 23.84 33.34 14.10
C ALA H 315 23.06 33.91 15.28
N TYR H 316 21.92 34.51 14.96
CA TYR H 316 21.03 35.08 15.95
C TYR H 316 19.65 34.39 15.95
N GLY H 317 19.53 33.30 15.19
CA GLY H 317 18.27 32.59 15.04
C GLY H 317 18.42 31.27 14.31
N TYR H 318 17.31 30.60 14.07
CA TYR H 318 17.29 29.27 13.49
C TYR H 318 17.30 29.35 11.95
N THR H 319 16.29 30.02 11.40
CA THR H 319 16.19 30.21 9.95
C THR H 319 17.34 31.08 9.45
N PRO H 320 18.04 30.60 8.42
CA PRO H 320 19.08 31.49 7.91
C PRO H 320 18.44 32.69 7.24
N PRO H 321 18.96 33.90 7.51
CA PRO H 321 18.37 35.15 6.98
C PRO H 321 18.24 35.21 5.46
N TYR H 322 19.19 34.57 4.77
N TYR H 322 19.17 34.59 4.73
CA TYR H 322 19.22 34.53 3.30
CA TYR H 322 19.12 34.61 3.27
C TYR H 322 18.27 33.48 2.68
C TYR H 322 18.27 33.47 2.67
N THR H 323 17.45 32.81 3.49
CA THR H 323 16.42 31.88 2.99
C THR H 323 15.37 32.65 2.17
N ASP H 324 14.92 32.07 1.06
CA ASP H 324 13.90 32.69 0.21
C ASP H 324 12.59 32.94 0.97
N GLY H 325 12.10 34.18 0.94
CA GLY H 325 10.87 34.53 1.63
C GLY H 325 11.07 34.89 3.09
N ALA H 326 12.32 35.11 3.50
CA ALA H 326 12.63 35.49 4.87
C ALA H 326 13.11 36.95 4.93
N LYS H 327 12.49 37.72 5.81
CA LYS H 327 13.02 39.02 6.22
C LYS H 327 13.15 38.98 7.74
N LEU H 328 14.26 38.43 8.23
CA LEU H 328 14.49 38.30 9.67
C LEU H 328 14.92 39.62 10.28
N THR H 329 14.73 39.73 11.59
CA THR H 329 15.26 40.85 12.36
C THR H 329 16.05 40.29 13.53
N GLN H 330 17.14 40.98 13.89
CA GLN H 330 18.05 40.51 14.94
C GLN H 330 17.49 40.86 16.31
N PRO H 331 17.52 39.92 17.27
CA PRO H 331 17.03 40.21 18.61
C PRO H 331 17.95 41.18 19.35
N GLU H 332 17.38 41.89 20.31
CA GLU H 332 18.10 42.93 21.06
C GLU H 332 19.39 42.39 21.69
N TRP H 333 19.32 41.22 22.30
CA TRP H 333 20.48 40.66 23.01
C TRP H 333 21.70 40.44 22.14
N PHE H 334 21.49 40.33 20.83
CA PHE H 334 22.58 40.13 19.85
C PHE H 334 23.47 41.37 19.72
N GLY H 335 22.86 42.55 19.88
CA GLY H 335 23.58 43.81 19.87
C GLY H 335 24.25 44.20 21.17
N TRP H 336 24.10 43.37 22.21
CA TRP H 336 24.80 43.59 23.47
C TRP H 336 26.23 43.19 23.36
N SER H 337 27.06 43.65 24.29
CA SER H 337 28.41 43.13 24.44
C SER H 337 28.32 41.75 25.06
N GLN H 338 29.40 40.98 24.94
CA GLN H 338 29.41 39.62 25.50
C GLN H 338 29.35 39.67 27.02
N GLU H 339 30.04 40.66 27.60
CA GLU H 339 30.05 40.85 29.05
C GLU H 339 28.62 41.07 29.58
N LYS H 340 27.84 41.87 28.85
CA LYS H 340 26.46 42.13 29.21
C LYS H 340 25.61 40.87 29.09
N ARG H 341 25.86 40.07 28.06
CA ARG H 341 25.20 38.76 27.92
C ARG H 341 25.55 37.81 29.08
N ASN H 342 26.82 37.80 29.49
CA ASN H 342 27.28 36.93 30.57
C ASN H 342 26.61 37.27 31.90
N GLU H 343 26.52 38.57 32.20
CA GLU H 343 25.93 39.04 33.43
C GLU H 343 24.46 38.64 33.52
N GLU H 344 23.74 38.82 32.43
CA GLU H 344 22.33 38.45 32.36
C GLU H 344 22.18 36.93 32.54
N ALA H 345 23.08 36.18 31.89
CA ALA H 345 23.05 34.73 31.93
C ALA H 345 23.30 34.16 33.33
N LYS H 346 24.30 34.68 34.02
CA LYS H 346 24.57 34.24 35.38
C LYS H 346 23.37 34.56 36.30
N LYS H 347 22.76 35.72 36.07
CA LYS H 347 21.59 36.14 36.81
C LYS H 347 20.43 35.17 36.59
N LEU H 348 20.15 34.86 35.33
CA LEU H 348 19.07 33.93 34.98
C LEU H 348 19.33 32.55 35.60
N LEU H 349 20.59 32.09 35.55
CA LEU H 349 20.92 30.81 36.18
C LEU H 349 20.62 30.82 37.68
N ALA H 350 21.03 31.89 38.37
CA ALA H 350 20.83 31.99 39.82
C ALA H 350 19.36 31.98 40.22
N GLU H 351 18.52 32.67 39.45
CA GLU H 351 17.07 32.71 39.64
C GLU H 351 16.46 31.31 39.62
N ALA H 352 16.97 30.45 38.75
CA ALA H 352 16.49 29.07 38.65
C ALA H 352 17.18 28.12 39.63
N GLY H 353 18.14 28.63 40.42
CA GLY H 353 18.80 27.87 41.49
C GLY H 353 20.21 27.36 41.22
N TYR H 354 20.80 27.74 40.09
CA TYR H 354 22.14 27.29 39.72
C TYR H 354 23.13 28.45 39.95
N THR H 355 23.73 28.43 41.14
CA THR H 355 24.48 29.56 41.70
C THR H 355 25.98 29.35 41.59
N ALA H 356 26.75 30.33 42.06
CA ALA H 356 28.20 30.23 42.12
C ALA H 356 28.66 29.01 42.91
N ASP H 357 28.03 28.73 44.06
CA ASP H 357 28.45 27.55 44.85
C ASP H 357 27.65 26.27 44.57
N LYS H 358 26.58 26.37 43.77
CA LYS H 358 25.81 25.19 43.32
C LYS H 358 25.61 25.25 41.79
N PRO H 359 26.71 25.20 41.02
CA PRO H 359 26.64 25.46 39.58
C PRO H 359 26.02 24.34 38.75
N LEU H 360 25.66 24.65 37.51
CA LEU H 360 25.08 23.70 36.58
C LEU H 360 26.16 22.86 35.89
N THR H 361 25.96 21.54 35.86
CA THR H 361 26.79 20.64 35.06
C THR H 361 25.93 20.03 33.95
N ILE H 362 26.32 20.21 32.69
CA ILE H 362 25.59 19.62 31.57
C ILE H 362 26.49 18.69 30.74
N ASN H 363 25.87 17.81 29.96
CA ASN H 363 26.56 17.03 28.94
C ASN H 363 26.32 17.60 27.55
N LEU H 364 27.40 17.74 26.77
CA LEU H 364 27.30 18.18 25.39
C LEU H 364 27.60 17.01 24.46
N LEU H 365 26.56 16.56 23.77
CA LEU H 365 26.65 15.52 22.76
C LEU H 365 27.04 16.14 21.41
N TYR H 366 27.96 15.48 20.71
CA TYR H 366 28.25 15.84 19.31
C TYR H 366 28.55 14.58 18.50
N ASN H 367 28.43 14.68 17.17
CA ASN H 367 28.82 13.57 16.31
C ASN H 367 30.29 13.61 15.96
N THR H 368 30.90 12.45 15.94
CA THR H 368 32.33 12.33 15.76
C THR H 368 32.79 13.14 14.55
N SER H 369 33.79 13.98 14.77
CA SER H 369 34.23 14.95 13.79
C SER H 369 35.34 15.74 14.45
N ASP H 370 36.40 15.99 13.69
CA ASP H 370 37.46 16.87 14.13
C ASP H 370 36.91 18.28 14.31
N LEU H 371 36.03 18.71 13.41
CA LEU H 371 35.48 20.06 13.46
C LEU H 371 34.61 20.25 14.70
N HIS H 372 33.64 19.39 14.90
CA HIS H 372 32.73 19.55 16.03
C HIS H 372 33.42 19.38 17.37
N LYS H 373 34.44 18.53 17.42
CA LYS H 373 35.16 18.33 18.66
C LYS H 373 35.85 19.62 19.09
N LYS H 374 36.60 20.24 18.18
CA LYS H 374 37.30 21.50 18.47
C LYS H 374 36.32 22.57 18.90
N LEU H 375 35.20 22.66 18.20
CA LEU H 375 34.22 23.68 18.55
C LEU H 375 33.49 23.31 19.84
N ALA H 376 33.35 22.02 20.14
CA ALA H 376 32.70 21.61 21.41
C ALA H 376 33.64 21.89 22.59
N ILE H 377 34.94 21.64 22.40
CA ILE H 377 35.95 22.03 23.38
C ILE H 377 35.89 23.53 23.64
N ALA H 378 35.88 24.33 22.57
CA ALA H 378 35.83 25.77 22.71
C ALA H 378 34.55 26.21 23.42
N ALA H 379 33.41 25.65 23.00
CA ALA H 379 32.12 25.95 23.63
C ALA H 379 32.12 25.65 25.14
N SER H 380 32.67 24.50 25.50
CA SER H 380 32.77 24.10 26.91
C SER H 380 33.58 25.15 27.72
N SER H 381 34.75 25.51 27.21
CA SER H 381 35.62 26.50 27.83
C SER H 381 34.94 27.87 27.99
N LEU H 382 34.17 28.25 26.98
CA LEU H 382 33.48 29.54 26.99
C LEU H 382 32.35 29.54 28.02
N TRP H 383 31.55 28.47 28.03
CA TRP H 383 30.47 28.39 28.99
C TRP H 383 30.99 28.40 30.42
N LYS H 384 32.12 27.75 30.66
CA LYS H 384 32.78 27.74 31.96
C LYS H 384 33.18 29.14 32.39
N LYS H 385 33.94 29.81 31.53
CA LYS H 385 34.51 31.13 31.85
C LYS H 385 33.46 32.21 31.86
N ASN H 386 32.53 32.17 30.93
CA ASN H 386 31.55 33.23 30.79
C ASN H 386 30.41 33.12 31.79
N ILE H 387 29.92 31.89 32.01
CA ILE H 387 28.75 31.71 32.88
C ILE H 387 28.87 30.63 33.97
N GLY H 388 30.03 30.02 34.13
CA GLY H 388 30.26 29.11 35.28
C GLY H 388 29.53 27.78 35.16
N VAL H 389 29.24 27.36 33.93
CA VAL H 389 28.58 26.10 33.68
C VAL H 389 29.64 25.08 33.33
N ASN H 390 29.58 23.91 33.97
CA ASN H 390 30.50 22.83 33.67
C ASN H 390 29.91 21.97 32.56
N VAL H 391 30.66 21.78 31.48
CA VAL H 391 30.13 21.08 30.32
C VAL H 391 31.04 19.89 30.07
N LYS H 392 30.50 18.67 30.17
CA LYS H 392 31.23 17.45 29.80
C LYS H 392 30.85 17.06 28.36
N LEU H 393 31.82 16.57 27.59
CA LEU H 393 31.60 16.18 26.19
C LEU H 393 31.25 14.70 26.02
N VAL H 394 30.25 14.40 25.20
CA VAL H 394 29.99 13.04 24.76
C VAL H 394 29.96 13.01 23.22
N ASN H 395 30.63 12.02 22.66
CA ASN H 395 30.73 11.88 21.22
C ASN H 395 30.23 10.52 20.76
N GLN H 396 29.48 10.52 19.65
CA GLN H 396 28.87 9.31 19.12
C GLN H 396 28.94 9.34 17.60
N GLU H 397 29.05 8.16 17.01
CA GLU H 397 28.95 8.00 15.57
C GLU H 397 27.58 8.55 15.06
N TRP H 398 27.60 9.09 13.85
CA TRP H 398 26.44 9.75 13.21
C TRP H 398 25.11 9.07 13.42
N LYS H 399 25.05 7.77 13.13
CA LYS H 399 23.82 6.99 13.26
C LYS H 399 23.25 7.03 14.69
N THR H 400 24.07 6.60 15.65
CA THR H 400 23.71 6.60 17.08
C THR H 400 23.30 8.00 17.54
N PHE H 401 24.15 8.97 17.25
CA PHE H 401 23.89 10.38 17.52
C PHE H 401 22.45 10.82 17.18
N LEU H 402 21.99 10.54 15.96
CA LEU H 402 20.65 11.00 15.57
C LEU H 402 19.57 10.22 16.33
N ASP H 403 19.85 8.94 16.57
CA ASP H 403 19.01 8.09 17.41
C ASP H 403 18.91 8.69 18.83
N THR H 404 20.06 8.93 19.45
CA THR H 404 20.10 9.50 20.79
C THR H 404 19.22 10.74 20.88
N ARG H 405 19.32 11.61 19.87
CA ARG H 405 18.60 12.89 19.88
C ARG H 405 17.09 12.73 19.76
N HIS H 406 16.60 11.73 19.01
CA HIS H 406 15.14 11.50 18.93
C HIS H 406 14.61 10.92 20.21
N GLN H 407 15.40 10.06 20.84
CA GLN H 407 15.04 9.46 22.13
C GLN H 407 15.09 10.46 23.30
N GLY H 408 15.74 11.61 23.12
CA GLY H 408 15.85 12.63 24.16
C GLY H 408 16.83 12.28 25.25
N THR H 409 17.69 11.30 25.00
CA THR H 409 18.69 10.89 25.98
C THR H 409 19.93 11.77 25.87
N PHE H 410 19.71 13.08 26.00
CA PHE H 410 20.77 14.09 25.92
C PHE H 410 20.33 15.39 26.59
N ASP H 411 21.32 16.22 26.95
CA ASP H 411 21.10 17.52 27.55
C ASP H 411 21.12 18.61 26.49
N VAL H 412 22.30 18.81 25.90
CA VAL H 412 22.51 19.72 24.79
C VAL H 412 23.29 18.96 23.73
N ALA H 413 22.99 19.24 22.47
CA ALA H 413 23.62 18.54 21.36
C ALA H 413 24.09 19.54 20.30
N ARG H 414 25.29 19.30 19.79
CA ARG H 414 25.73 19.95 18.56
C ARG H 414 24.73 19.57 17.46
N ALA H 415 24.30 20.54 16.68
CA ALA H 415 23.34 20.27 15.62
C ALA H 415 23.60 21.14 14.40
N GLY H 416 23.05 20.71 13.27
CA GLY H 416 23.06 21.48 12.06
C GLY H 416 21.82 21.11 11.28
N TRP H 417 21.07 22.12 10.85
CA TRP H 417 19.91 21.89 10.01
C TRP H 417 20.09 22.54 8.69
N CYS H 418 19.92 21.79 7.60
CA CYS H 418 19.91 22.37 6.25
C CYS H 418 18.50 22.30 5.67
N ALA H 419 18.16 23.28 4.87
CA ALA H 419 16.86 23.35 4.21
C ALA H 419 16.67 22.15 3.26
N ASP H 420 15.45 21.63 3.20
CA ASP H 420 15.08 20.55 2.27
C ASP H 420 14.48 21.17 1.00
N TYR H 421 13.92 22.34 1.19
CA TYR H 421 13.47 23.21 0.12
C TYR H 421 13.70 24.63 0.62
N ASN H 422 13.83 25.59 -0.30
CA ASN H 422 14.23 26.95 0.04
C ASN H 422 13.04 27.82 0.39
N GLU H 423 12.54 27.61 1.61
CA GLU H 423 11.44 28.43 2.15
C GLU H 423 11.47 28.24 3.67
N PRO H 424 11.16 29.31 4.45
CA PRO H 424 11.38 29.22 5.91
C PRO H 424 10.74 28.02 6.62
N THR H 425 9.55 27.61 6.19
CA THR H 425 8.91 26.44 6.84
C THR H 425 9.79 25.20 6.82
N SER H 426 10.75 25.12 5.90
CA SER H 426 11.69 24.00 5.88
C SER H 426 12.46 23.94 7.19
N PHE H 427 12.63 25.11 7.81
CA PHE H 427 13.19 25.23 9.16
C PHE H 427 12.13 25.28 10.27
N LEU H 428 11.19 26.21 10.16
CA LEU H 428 10.27 26.47 11.27
C LEU H 428 9.35 25.28 11.57
N ASN H 429 9.02 24.47 10.57
CA ASN H 429 8.18 23.29 10.77
C ASN H 429 8.81 22.19 11.64
N THR H 430 10.14 22.16 11.72
CA THR H 430 10.83 21.20 12.58
C THR H 430 10.62 21.52 14.07
N MET H 431 10.15 22.73 14.38
CA MET H 431 9.91 23.15 15.76
C MET H 431 8.44 23.12 16.19
N LEU H 432 7.57 22.65 15.30
CA LEU H 432 6.17 22.44 15.65
C LEU H 432 6.11 21.29 16.65
N SER H 433 5.15 21.35 17.57
CA SER H 433 5.03 20.34 18.62
C SER H 433 4.95 18.92 18.10
N ASN H 434 4.24 18.71 16.99
CA ASN H 434 3.98 17.38 16.43
C ASN H 434 4.98 16.88 15.37
N SER H 435 5.99 17.68 15.05
CA SER H 435 6.95 17.27 14.02
C SER H 435 7.82 16.07 14.40
N SER H 436 7.92 15.13 13.47
CA SER H 436 8.84 14.01 13.59
C SER H 436 10.30 14.48 13.66
N MET H 437 10.57 15.72 13.26
CA MET H 437 11.95 16.26 13.20
C MET H 437 12.32 17.15 14.40
N ASN H 438 11.42 17.25 15.38
CA ASN H 438 11.62 18.11 16.54
C ASN H 438 12.46 17.40 17.60
N THR H 439 13.75 17.29 17.34
CA THR H 439 14.68 16.69 18.29
C THR H 439 15.02 17.68 19.44
N ALA H 440 14.65 18.96 19.29
CA ALA H 440 14.73 19.88 20.43
C ALA H 440 13.65 19.58 21.50
N HIS H 441 12.67 18.76 21.14
CA HIS H 441 11.50 18.54 21.98
C HIS H 441 10.93 19.84 22.46
N TYR H 442 10.88 20.78 21.55
CA TYR H 442 10.31 22.10 21.83
C TYR H 442 8.82 22.06 21.51
N LYS H 443 8.00 22.49 22.47
CA LYS H 443 6.55 22.45 22.30
C LYS H 443 5.91 23.73 22.83
N SER H 444 5.49 24.60 21.91
CA SER H 444 4.84 25.87 22.25
C SER H 444 3.59 26.09 21.38
N PRO H 445 2.39 26.00 21.97
CA PRO H 445 1.13 26.35 21.27
C PRO H 445 1.16 27.72 20.59
N ALA H 446 1.81 28.69 21.21
CA ALA H 446 2.01 30.01 20.61
C ALA H 446 2.75 29.91 19.29
N PHE H 447 3.79 29.07 19.25
CA PHE H 447 4.57 28.88 18.04
C PHE H 447 3.75 28.15 16.98
N ASP H 448 3.11 27.05 17.37
CA ASP H 448 2.32 26.27 16.42
C ASP H 448 1.16 27.09 15.81
N SER H 449 0.60 27.98 16.62
CA SER H 449 -0.48 28.83 16.19
C SER H 449 -0.03 29.82 15.12
N ILE H 450 1.16 30.40 15.31
CA ILE H 450 1.73 31.32 14.32
C ILE H 450 1.96 30.60 12.98
N MET H 451 2.50 29.39 13.05
CA MET H 451 2.72 28.60 11.85
C MET H 451 1.42 28.20 11.14
N ALA H 452 0.34 28.01 11.89
CA ALA H 452 -0.98 27.74 11.29
C ALA H 452 -1.52 28.98 10.58
N GLU H 453 -1.24 30.17 11.12
CA GLU H 453 -1.61 31.44 10.49
C GLU H 453 -1.01 31.62 9.09
N THR H 454 0.17 31.06 8.85
CA THR H 454 0.88 31.24 7.59
C THR H 454 0.19 30.57 6.40
N LEU H 455 -0.58 29.52 6.65
CA LEU H 455 -1.32 28.83 5.60
C LEU H 455 -2.68 29.50 5.28
N LYS H 456 -3.04 30.49 6.09
CA LYS H 456 -4.32 31.18 5.99
C LYS H 456 -4.18 32.58 5.40
N VAL H 457 -2.96 32.95 5.00
CA VAL H 457 -2.69 34.30 4.51
C VAL H 457 -3.33 34.52 3.14
N THR H 458 -3.57 35.78 2.81
CA THR H 458 -4.11 36.18 1.51
C THR H 458 -3.04 36.77 0.60
N ASP H 459 -1.80 36.85 1.11
CA ASP H 459 -0.72 37.60 0.47
C ASP H 459 0.61 37.01 0.93
N GLU H 460 1.63 37.13 0.08
CA GLU H 460 2.97 36.60 0.39
C GLU H 460 3.75 37.47 1.39
N ALA H 461 3.46 38.77 1.45
CA ALA H 461 4.06 39.67 2.42
C ALA H 461 3.69 39.27 3.86
N GLN H 462 2.40 39.03 4.10
CA GLN H 462 1.92 38.55 5.41
C GLN H 462 2.59 37.26 5.83
N ARG H 463 2.73 36.34 4.87
CA ARG H 463 3.42 35.07 5.08
C ARG H 463 4.80 35.31 5.67
N THR H 464 5.56 36.22 5.06
CA THR H 464 6.92 36.52 5.50
C THR H 464 6.95 37.20 6.88
N ALA H 465 6.01 38.13 7.11
CA ALA H 465 5.85 38.76 8.42
C ALA H 465 5.63 37.72 9.52
N LEU H 466 4.71 36.79 9.29
CA LEU H 466 4.43 35.73 10.28
C LEU H 466 5.64 34.82 10.52
N TYR H 467 6.47 34.62 9.50
CA TYR H 467 7.70 33.85 9.67
C TYR H 467 8.67 34.51 10.67
N THR H 468 8.76 35.84 10.63
CA THR H 468 9.58 36.59 11.57
C THR H 468 8.99 36.57 12.99
N LYS H 469 7.66 36.52 13.10
CA LYS H 469 7.00 36.36 14.41
C LYS H 469 7.42 35.02 15.01
N ALA H 470 7.39 33.98 14.17
CA ALA H 470 7.78 32.64 14.58
C ALA H 470 9.20 32.60 15.14
N GLU H 471 10.13 33.28 14.48
CA GLU H 471 11.54 33.25 14.88
C GLU H 471 11.73 33.98 16.20
N GLN H 472 11.03 35.08 16.37
CA GLN H 472 11.09 35.85 17.60
C GLN H 472 10.54 35.06 18.79
N GLN H 473 9.49 34.29 18.54
CA GLN H 473 8.87 33.47 19.58
C GLN H 473 9.81 32.35 19.95
N LEU H 474 10.42 31.76 18.92
CA LEU H 474 11.42 30.72 19.11
C LEU H 474 12.61 31.28 19.90
N ASP H 475 12.95 32.55 19.65
CA ASP H 475 14.06 33.22 20.33
C ASP H 475 13.76 33.60 21.78
N LYS H 476 12.60 34.21 22.00
CA LYS H 476 12.17 34.59 23.34
C LYS H 476 12.00 33.36 24.25
N ASP H 477 11.75 32.21 23.65
CA ASP H 477 11.68 30.92 24.34
C ASP H 477 13.07 30.24 24.48
N SER H 478 14.08 30.79 23.81
CA SER H 478 15.42 30.17 23.72
C SER H 478 15.35 28.66 23.48
N ALA H 479 14.65 28.26 22.43
CA ALA H 479 14.57 26.84 22.06
C ALA H 479 15.94 26.25 21.76
N ILE H 480 16.85 27.06 21.23
CA ILE H 480 18.19 26.58 20.84
C ILE H 480 19.26 27.64 21.09
N VAL H 481 20.53 27.23 20.97
CA VAL H 481 21.68 28.11 21.04
C VAL H 481 22.27 28.29 19.64
N PRO H 482 21.83 29.32 18.89
CA PRO H 482 22.40 29.45 17.55
C PRO H 482 23.87 29.85 17.64
N VAL H 483 24.69 29.40 16.68
CA VAL H 483 26.13 29.65 16.71
C VAL H 483 26.55 30.39 15.43
N TYR H 484 26.48 29.71 14.29
CA TYR H 484 26.76 30.38 13.02
C TYR H 484 25.95 29.81 11.86
N TYR H 485 25.86 30.61 10.81
CA TYR H 485 25.31 30.15 9.54
C TYR H 485 26.43 29.52 8.73
N TYR H 486 26.12 28.41 8.09
CA TYR H 486 27.10 27.63 7.35
C TYR H 486 27.52 28.31 6.06
N VAL H 487 28.64 27.85 5.52
CA VAL H 487 28.96 28.00 4.12
C VAL H 487 29.23 26.58 3.62
N ASN H 488 29.23 26.40 2.31
CA ASN H 488 29.47 25.13 1.65
C ASN H 488 30.91 25.16 1.14
N ALA H 489 31.85 24.64 1.95
CA ALA H 489 33.28 24.67 1.66
C ALA H 489 33.76 23.25 1.42
N ARG H 490 34.35 22.98 0.28
CA ARG H 490 34.96 21.68 0.01
C ARG H 490 36.03 21.75 -1.05
N LEU H 491 36.80 20.67 -1.14
CA LEU H 491 37.83 20.54 -2.14
C LEU H 491 37.26 19.70 -3.28
N VAL H 492 37.56 20.12 -4.51
CA VAL H 492 37.12 19.41 -5.71
C VAL H 492 38.28 19.42 -6.71
N LYS H 493 38.68 18.22 -7.14
CA LYS H 493 39.79 18.08 -8.08
C LYS H 493 39.47 18.82 -9.38
N PRO H 494 40.51 19.36 -10.05
CA PRO H 494 40.28 20.18 -11.24
C PRO H 494 39.58 19.46 -12.40
N TRP H 495 39.74 18.14 -12.49
CA TRP H 495 39.11 17.38 -13.56
C TRP H 495 37.66 17.03 -13.31
N VAL H 496 37.13 17.30 -12.11
CA VAL H 496 35.70 17.09 -11.85
C VAL H 496 34.87 18.24 -12.41
N GLY H 497 34.07 17.94 -13.43
CA GLY H 497 33.19 18.94 -14.05
C GLY H 497 31.76 18.81 -13.54
N GLY H 498 31.01 19.90 -13.61
CA GLY H 498 29.58 19.88 -13.29
C GLY H 498 29.19 20.30 -11.88
N TYR H 499 30.19 20.55 -11.03
CA TYR H 499 29.96 21.17 -9.73
C TYR H 499 30.03 22.68 -9.91
N THR H 500 28.88 23.35 -9.86
CA THR H 500 28.82 24.81 -10.01
C THR H 500 28.79 25.56 -8.69
N GLY H 501 28.45 24.87 -7.61
CA GLY H 501 28.23 25.50 -6.31
C GLY H 501 27.15 26.59 -6.29
N LYS H 502 26.21 26.56 -7.24
CA LYS H 502 25.17 27.59 -7.30
C LYS H 502 23.87 27.18 -6.60
N ASP H 503 23.77 25.93 -6.17
CA ASP H 503 22.61 25.46 -5.42
C ASP H 503 22.84 25.68 -3.93
N PRO H 504 22.12 26.65 -3.32
CA PRO H 504 22.33 26.92 -1.90
C PRO H 504 21.86 25.82 -0.92
N LEU H 505 21.19 24.79 -1.43
CA LEU H 505 20.87 23.60 -0.64
C LEU H 505 21.83 22.45 -0.92
N ASP H 506 22.75 22.67 -1.88
CA ASP H 506 23.78 21.70 -2.24
C ASP H 506 23.21 20.32 -2.64
N ASN H 507 22.07 20.32 -3.32
CA ASN H 507 21.49 19.08 -3.82
C ASN H 507 22.06 18.77 -5.20
N THR H 508 23.19 18.07 -5.20
CA THR H 508 23.90 17.75 -6.42
C THR H 508 23.59 16.30 -6.82
N TYR H 509 23.72 16.03 -8.11
CA TYR H 509 23.54 14.68 -8.63
C TYR H 509 24.77 14.24 -9.40
N THR H 510 25.25 13.04 -9.13
CA THR H 510 26.37 12.46 -9.89
C THR H 510 26.09 12.41 -11.40
N ARG H 511 24.81 12.26 -11.77
CA ARG H 511 24.39 12.26 -13.18
C ARG H 511 24.65 13.60 -13.90
N ASN H 512 24.81 14.68 -13.13
CA ASN H 512 25.15 16.00 -13.68
C ASN H 512 26.66 16.25 -13.82
N MET H 513 27.47 15.29 -13.40
CA MET H 513 28.91 15.48 -13.36
C MET H 513 29.69 14.73 -14.47
N TYR H 514 30.96 15.04 -14.62
CA TYR H 514 31.80 14.45 -15.66
C TYR H 514 33.27 14.65 -15.36
N ILE H 515 34.08 13.67 -15.75
CA ILE H 515 35.53 13.75 -15.60
C ILE H 515 36.17 14.27 -16.88
N VAL H 516 36.80 15.44 -16.77
CA VAL H 516 37.59 16.00 -17.86
C VAL H 516 38.89 15.21 -18.00
N LYS H 517 39.34 15.02 -19.24
CA LYS H 517 40.58 14.31 -19.48
C LYS H 517 41.72 15.03 -18.76
N HIS H 518 42.62 14.26 -18.16
CA HIS H 518 43.73 14.83 -17.41
C HIS H 518 44.84 13.83 -17.28
N LYS I 1 16.95 26.59 85.57
CA LYS I 1 17.97 27.53 86.10
C LYS I 1 17.31 28.77 86.68
N GLY I 2 17.92 29.34 87.73
CA GLY I 2 17.40 30.54 88.40
C GLY I 2 17.75 31.81 87.67
N GLU I 3 16.80 32.73 87.60
CA GLU I 3 16.94 33.95 86.80
C GLU I 3 16.54 35.18 87.60
N LYS J 1 -13.53 -27.29 -31.30
CA LYS J 1 -14.80 -28.06 -31.31
C LYS J 1 -14.60 -29.54 -31.03
N GLY J 2 -15.67 -30.16 -30.53
CA GLY J 2 -15.58 -31.52 -29.99
C GLY J 2 -15.59 -32.55 -31.09
N GLU J 3 -14.70 -33.53 -30.99
CA GLU J 3 -14.61 -34.63 -31.96
C GLU J 3 -14.92 -35.95 -31.28
N LYS K 1 -71.06 -24.76 -19.93
CA LYS K 1 -70.37 -26.09 -19.79
C LYS K 1 -69.19 -26.03 -18.79
N GLY K 2 -69.02 -27.12 -18.05
CA GLY K 2 -67.95 -27.19 -17.05
C GLY K 2 -66.64 -27.41 -17.74
N GLU K 3 -65.56 -26.81 -17.25
CA GLU K 3 -64.27 -27.01 -17.90
C GLU K 3 -63.18 -27.37 -16.88
N LYS L 1 19.06 -12.32 -49.27
CA LYS L 1 20.34 -12.31 -48.52
C LYS L 1 21.30 -13.31 -49.17
N GLY L 2 22.41 -12.83 -49.71
CA GLY L 2 23.45 -13.69 -50.31
C GLY L 2 24.29 -14.36 -49.24
N GLU L 3 24.56 -15.66 -49.39
CA GLU L 3 25.34 -16.43 -48.42
C GLU L 3 26.61 -16.97 -49.06
N LYS M 1 -1.10 13.57 52.13
CA LYS M 1 -2.53 13.16 52.03
C LYS M 1 -3.32 14.17 51.19
N GLY M 2 -4.04 13.73 50.16
CA GLY M 2 -4.84 14.64 49.34
C GLY M 2 -6.16 14.99 50.00
N GLU M 3 -6.50 16.28 49.96
CA GLU M 3 -7.68 16.80 50.64
C GLU M 3 -8.58 17.48 49.61
N LYS N 1 51.29 35.53 -62.47
CA LYS N 1 51.65 34.11 -62.23
C LYS N 1 51.11 33.23 -63.34
N GLY N 2 51.99 32.44 -63.95
CA GLY N 2 51.58 31.48 -64.98
C GLY N 2 50.96 30.27 -64.30
N GLU N 3 49.83 29.79 -64.80
CA GLU N 3 49.07 28.73 -64.12
C GLU N 3 49.01 27.45 -64.95
N LYS O 1 -21.42 -28.34 17.64
CA LYS O 1 -22.04 -27.02 17.43
C LYS O 1 -20.99 -25.95 17.14
N GLY O 2 -21.39 -24.92 16.37
CA GLY O 2 -20.46 -23.87 15.96
C GLY O 2 -20.20 -22.88 17.08
N GLU O 3 -18.94 -22.54 17.33
CA GLU O 3 -18.55 -21.63 18.41
C GLU O 3 -18.26 -20.23 17.89
N LYS P 1 17.09 18.81 6.44
CA LYS P 1 17.87 17.58 6.73
C LYS P 1 19.01 17.93 7.66
N GLY P 2 19.49 16.93 8.39
CA GLY P 2 20.50 17.12 9.44
C GLY P 2 21.91 17.10 8.86
N GLU P 3 22.72 18.08 9.28
CA GLU P 3 24.12 18.21 8.83
C GLU P 3 25.03 17.73 9.96
#